data_6NPF
#
_entry.id   6NPF
#
_cell.length_a   104.180
_cell.length_b   143.110
_cell.length_c   206.679
_cell.angle_alpha   90.00
_cell.angle_beta   90.00
_cell.angle_gamma   90.00
#
_symmetry.space_group_name_H-M   'P 21 21 21'
#
loop_
_entity.id
_entity.type
_entity.pdbx_description
1 polymer Enolase
2 non-polymer 'L(+)-TARTARIC ACID'
3 non-polymer 'SULFATE ION'
4 non-polymer 'MAGNESIUM ION'
5 non-polymer GLYCEROL
6 non-polymer '[(3S)-1-hydroxy-2,5-dioxopyrrolidin-3-yl]phosphonic acid'
7 water water
#
_entity_poly.entity_id   1
_entity_poly.type   'polypeptide(L)'
_entity_poly.pdbx_seq_one_letter_code
;GSHMASMTGGQQMGRGSMSKIVKIIGREIIDSRGNPTVEAEVHLEGGFVGMAAAPSGASTGSREALELRDGDKSRFLGKG
VTKAVAAVNGPIAQALIGKDAKDQAGIDKIMIDLDGTENKSKFGANAILAVSLANAKAAAAAKGMPLYEHIAELNGTPGK
YSMPVPMMNIINGGEHADNNVDIQEFMIQPVGAKTVKEAIRMGSEVFHHLAKVLKAKGMNTAVGDEGGYAPNLGSNAEAL
AVIAEAVKAAGYELGKDITLAMDCAASEFYKDGKYVLAGEGNKAFTSEEFTHFLEELTKQYPIVSIEDGLDESDWDGFAY
QTKVLGDKIQLVGDDLFVTNTKILKEGIEKGIANSILIKFNQIGSLTETLAAIKMAKDAGYTAVISHRSGETEDATIADL
AVGTAAGQIKTGSMSRSDRVAKYNQLIRIEEALGEKAPYNGRKEIKGQA
;
_entity_poly.pdbx_strand_id   A,B,C,D,F,E
#
loop_
_chem_comp.id
_chem_comp.type
_chem_comp.name
_chem_comp.formula
GOL non-polymer GLYCEROL 'C3 H8 O3'
KVM non-polymer '[(3S)-1-hydroxy-2,5-dioxopyrrolidin-3-yl]phosphonic acid' 'C4 H6 N O6 P'
MG non-polymer 'MAGNESIUM ION' 'Mg 2'
SO4 non-polymer 'SULFATE ION' 'O4 S -2'
TLA non-polymer 'L(+)-TARTARIC ACID' 'C4 H6 O6'
#
# COMPACT_ATOMS: atom_id res chain seq x y z
N GLN A 11 -0.94 1.59 15.55
CA GLN A 11 0.36 2.24 15.22
C GLN A 11 0.35 2.59 13.73
N GLN A 12 -0.11 1.72 12.82
CA GLN A 12 -0.31 2.09 11.39
C GLN A 12 -1.79 2.11 10.94
N MET A 13 -2.23 3.21 10.32
CA MET A 13 -3.58 3.42 9.71
C MET A 13 -3.68 2.70 8.35
N GLY A 14 -4.64 1.79 8.17
CA GLY A 14 -5.04 1.22 6.86
C GLY A 14 -5.54 2.29 5.88
N ARG A 15 -5.56 1.97 4.58
CA ARG A 15 -6.11 2.88 3.54
C ARG A 15 -7.61 3.01 3.80
N GLY A 16 -8.23 1.89 4.17
CA GLY A 16 -9.67 1.80 4.46
C GLY A 16 -10.13 2.94 5.36
N SER A 17 -9.28 3.44 6.26
CA SER A 17 -9.64 4.46 7.28
C SER A 17 -9.62 5.88 6.71
N MET A 18 -9.06 6.08 5.51
CA MET A 18 -9.04 7.39 4.82
C MET A 18 -10.24 7.44 3.87
N SER A 19 -11.43 7.58 4.44
CA SER A 19 -12.71 7.47 3.72
C SER A 19 -13.37 8.84 3.60
N LYS A 20 -12.61 9.93 3.68
CA LYS A 20 -13.13 11.31 3.45
C LYS A 20 -13.21 11.56 1.94
N ILE A 21 -14.33 12.17 1.52
CA ILE A 21 -14.63 12.53 0.10
C ILE A 21 -13.59 13.57 -0.33
N VAL A 22 -12.88 13.34 -1.44
CA VAL A 22 -11.84 14.29 -1.95
C VAL A 22 -12.31 14.87 -3.29
N LYS A 23 -13.12 14.15 -4.07
CA LYS A 23 -13.61 14.68 -5.37
C LYS A 23 -14.93 14.04 -5.74
N ILE A 24 -15.85 14.83 -6.30
CA ILE A 24 -17.15 14.36 -6.86
C ILE A 24 -17.30 14.92 -8.29
N ILE A 25 -17.53 14.02 -9.23
CA ILE A 25 -17.69 14.36 -10.68
C ILE A 25 -19.07 13.84 -11.10
N GLY A 26 -19.84 14.73 -11.73
CA GLY A 26 -21.09 14.39 -12.40
C GLY A 26 -20.86 14.45 -13.88
N ARG A 27 -21.50 13.54 -14.62
CA ARG A 27 -21.57 13.64 -16.09
C ARG A 27 -22.96 13.19 -16.59
N GLU A 28 -23.24 13.58 -17.83
CA GLU A 28 -24.43 13.23 -18.65
C GLU A 28 -24.07 11.98 -19.45
N ILE A 29 -24.77 10.88 -19.18
CA ILE A 29 -24.69 9.62 -20.00
C ILE A 29 -26.08 9.41 -20.61
N ILE A 30 -26.25 8.24 -21.24
CA ILE A 30 -27.43 7.87 -22.06
C ILE A 30 -28.05 6.64 -21.44
N ASP A 31 -29.37 6.67 -21.24
CA ASP A 31 -30.13 5.50 -20.71
C ASP A 31 -30.56 4.60 -21.87
N SER A 32 -31.23 3.49 -21.51
CA SER A 32 -31.65 2.39 -22.40
C SER A 32 -32.66 2.84 -23.47
N ARG A 33 -33.23 4.05 -23.34
CA ARG A 33 -34.24 4.60 -24.28
C ARG A 33 -33.60 5.68 -25.17
N GLY A 34 -32.34 6.02 -24.92
CA GLY A 34 -31.61 7.02 -25.71
C GLY A 34 -31.64 8.39 -25.04
N ASN A 35 -32.10 8.51 -23.80
CA ASN A 35 -32.24 9.83 -23.16
C ASN A 35 -31.16 10.03 -22.11
N PRO A 36 -30.64 11.28 -21.97
CA PRO A 36 -29.68 11.60 -20.93
C PRO A 36 -30.17 11.21 -19.53
N THR A 37 -29.25 10.72 -18.70
CA THR A 37 -29.41 10.70 -17.25
C THR A 37 -28.08 11.15 -16.69
N VAL A 38 -27.98 11.17 -15.36
CA VAL A 38 -26.83 11.67 -14.57
C VAL A 38 -26.06 10.46 -14.06
N GLU A 39 -24.74 10.54 -14.16
CA GLU A 39 -23.77 9.61 -13.55
C GLU A 39 -22.86 10.44 -12.65
N ALA A 40 -22.52 9.92 -11.46
CA ALA A 40 -21.67 10.60 -10.45
C ALA A 40 -20.53 9.67 -10.06
N GLU A 41 -19.33 10.23 -9.89
CA GLU A 41 -18.18 9.53 -9.27
C GLU A 41 -17.92 10.15 -7.89
N VAL A 42 -17.68 9.33 -6.88
CA VAL A 42 -17.19 9.78 -5.54
C VAL A 42 -15.82 9.16 -5.30
N HIS A 43 -14.87 10.00 -4.94
CA HIS A 43 -13.44 9.69 -4.72
C HIS A 43 -13.13 9.98 -3.25
N LEU A 44 -12.53 9.00 -2.58
CA LEU A 44 -12.12 9.09 -1.18
C LEU A 44 -10.61 9.32 -1.14
N GLU A 45 -10.14 9.97 -0.07
CA GLU A 45 -8.71 10.24 0.16
C GLU A 45 -7.87 9.00 -0.12
N GLY A 46 -8.29 7.81 0.32
CA GLY A 46 -7.48 6.57 0.25
C GLY A 46 -7.40 5.98 -1.16
N GLY A 47 -7.96 6.67 -2.15
CA GLY A 47 -8.00 6.23 -3.57
C GLY A 47 -9.11 5.22 -3.85
N PHE A 48 -10.26 5.39 -3.18
CA PHE A 48 -11.49 4.57 -3.37
C PHE A 48 -12.44 5.37 -4.23
N VAL A 49 -13.05 4.71 -5.22
CA VAL A 49 -13.99 5.35 -6.17
C VAL A 49 -15.24 4.50 -6.29
N GLY A 50 -16.37 5.19 -6.36
CA GLY A 50 -17.69 4.63 -6.63
C GLY A 50 -18.38 5.43 -7.70
N MET A 51 -19.06 4.74 -8.60
CA MET A 51 -19.74 5.34 -9.76
C MET A 51 -21.17 4.79 -9.76
N ALA A 52 -22.16 5.63 -10.03
CA ALA A 52 -23.57 5.22 -10.10
C ALA A 52 -24.35 6.11 -11.06
N ALA A 53 -25.50 5.62 -11.53
CA ALA A 53 -26.37 6.34 -12.48
C ALA A 53 -27.80 6.34 -11.94
N ALA A 54 -28.50 7.43 -12.23
CA ALA A 54 -29.95 7.59 -12.00
C ALA A 54 -30.68 6.89 -13.13
N PRO A 55 -31.70 6.06 -12.85
CA PRO A 55 -32.61 5.59 -13.89
C PRO A 55 -33.73 6.60 -14.12
N SER A 56 -34.57 6.38 -15.13
CA SER A 56 -35.67 7.31 -15.51
C SER A 56 -36.95 6.52 -15.78
N GLY A 57 -38.05 6.92 -15.13
CA GLY A 57 -39.40 6.40 -15.39
C GLY A 57 -39.88 6.87 -16.74
N ALA A 58 -40.61 6.03 -17.46
CA ALA A 58 -41.29 6.41 -18.71
C ALA A 58 -42.56 7.22 -18.36
N SER A 59 -43.39 6.77 -17.41
CA SER A 59 -44.45 7.60 -16.78
C SER A 59 -44.30 7.52 -15.26
N THR A 60 -44.10 8.68 -14.65
CA THR A 60 -43.76 8.85 -13.21
C THR A 60 -45.04 9.07 -12.43
N GLY A 61 -45.07 8.66 -11.17
CA GLY A 61 -46.14 9.05 -10.24
C GLY A 61 -46.14 10.56 -10.04
N SER A 62 -47.31 11.14 -9.83
CA SER A 62 -47.46 12.57 -9.50
C SER A 62 -46.49 12.93 -8.38
N ARG A 63 -46.35 12.12 -7.33
CA ARG A 63 -45.64 12.57 -6.10
C ARG A 63 -44.16 12.12 -6.06
N GLU A 64 -43.62 11.60 -7.17
CA GLU A 64 -42.16 11.30 -7.25
C GLU A 64 -41.32 12.58 -6.98
N ALA A 65 -40.23 12.46 -6.21
CA ALA A 65 -39.19 13.51 -6.13
C ALA A 65 -38.81 13.95 -7.56
N LEU A 66 -38.48 15.24 -7.79
CA LEU A 66 -38.40 15.83 -9.16
C LEU A 66 -37.18 15.30 -9.92
N GLU A 67 -37.40 14.77 -11.12
CA GLU A 67 -36.31 14.46 -12.09
C GLU A 67 -36.03 15.75 -12.87
N LEU A 68 -34.93 16.45 -12.60
CA LEU A 68 -34.62 17.79 -13.19
C LEU A 68 -34.03 17.63 -14.59
N ARG A 69 -34.75 18.14 -15.59
CA ARG A 69 -34.37 18.14 -17.02
C ARG A 69 -34.12 19.60 -17.44
N ASP A 70 -33.52 19.85 -18.62
CA ASP A 70 -33.01 21.19 -19.03
C ASP A 70 -34.14 22.01 -19.69
N GLY A 71 -35.05 21.35 -20.43
CA GLY A 71 -36.14 22.02 -21.17
C GLY A 71 -35.63 22.76 -22.39
N ASP A 72 -34.44 22.39 -22.89
CA ASP A 72 -33.70 23.06 -23.99
C ASP A 72 -33.87 22.21 -25.25
N LYS A 73 -34.80 22.62 -26.12
CA LYS A 73 -35.23 21.94 -27.38
C LYS A 73 -34.04 21.60 -28.29
N SER A 74 -33.01 22.44 -28.34
CA SER A 74 -31.84 22.25 -29.25
C SER A 74 -30.96 21.06 -28.81
N ARG A 75 -31.23 20.45 -27.65
CA ARG A 75 -30.42 19.32 -27.11
C ARG A 75 -31.35 18.18 -26.65
N PHE A 76 -31.20 16.99 -27.23
CA PHE A 76 -31.89 15.76 -26.78
C PHE A 76 -33.40 16.02 -26.64
N LEU A 77 -33.97 16.78 -27.57
CA LEU A 77 -35.43 17.11 -27.55
C LEU A 77 -35.87 17.59 -26.16
N GLY A 78 -35.01 18.33 -25.45
CA GLY A 78 -35.33 18.98 -24.16
C GLY A 78 -34.97 18.13 -22.95
N LYS A 79 -34.43 16.93 -23.16
CA LYS A 79 -34.31 15.91 -22.09
C LYS A 79 -32.90 15.85 -21.50
N GLY A 80 -32.06 16.85 -21.77
CA GLY A 80 -30.69 16.90 -21.23
C GLY A 80 -30.76 17.14 -19.74
N VAL A 81 -29.68 16.87 -19.03
CA VAL A 81 -29.65 16.92 -17.53
C VAL A 81 -28.39 17.66 -17.07
N THR A 82 -27.90 18.60 -17.86
CA THR A 82 -26.66 19.39 -17.59
C THR A 82 -26.86 20.22 -16.31
N LYS A 83 -28.07 20.74 -16.11
CA LYS A 83 -28.44 21.50 -14.90
C LYS A 83 -28.16 20.61 -13.69
N ALA A 84 -28.66 19.36 -13.74
CA ALA A 84 -28.56 18.39 -12.64
C ALA A 84 -27.08 18.03 -12.38
N VAL A 85 -26.32 17.78 -13.45
CA VAL A 85 -24.85 17.52 -13.44
C VAL A 85 -24.12 18.73 -12.83
N ALA A 86 -24.47 19.96 -13.22
CA ALA A 86 -23.84 21.17 -12.66
C ALA A 86 -23.97 21.15 -11.14
N ALA A 87 -25.13 20.72 -10.63
CA ALA A 87 -25.42 20.69 -9.18
C ALA A 87 -24.49 19.67 -8.54
N VAL A 88 -24.19 18.59 -9.27
CA VAL A 88 -23.27 17.53 -8.76
C VAL A 88 -21.86 18.12 -8.66
N ASN A 89 -21.37 18.74 -9.75
CA ASN A 89 -19.97 19.21 -9.93
C ASN A 89 -19.65 20.44 -9.08
N GLY A 90 -20.66 21.18 -8.60
CA GLY A 90 -20.50 22.43 -7.83
C GLY A 90 -20.99 22.32 -6.38
N PRO A 91 -22.25 22.73 -6.08
CA PRO A 91 -22.74 22.85 -4.69
C PRO A 91 -22.69 21.55 -3.86
N ILE A 92 -23.05 20.42 -4.50
CA ILE A 92 -23.11 19.06 -3.85
C ILE A 92 -21.67 18.62 -3.57
N ALA A 93 -20.83 18.64 -4.62
CA ALA A 93 -19.38 18.37 -4.53
C ALA A 93 -18.80 19.17 -3.37
N GLN A 94 -19.02 20.49 -3.38
CA GLN A 94 -18.39 21.44 -2.43
C GLN A 94 -18.90 21.19 -1.02
N ALA A 95 -20.13 20.73 -0.86
CA ALA A 95 -20.76 20.49 0.45
C ALA A 95 -20.35 19.13 1.02
N LEU A 96 -19.75 18.22 0.23
CA LEU A 96 -19.44 16.82 0.65
C LEU A 96 -17.92 16.61 0.78
N ILE A 97 -17.10 17.30 0.00
CA ILE A 97 -15.62 17.25 0.23
C ILE A 97 -15.37 17.33 1.74
N GLY A 98 -14.55 16.43 2.27
CA GLY A 98 -14.13 16.49 3.68
C GLY A 98 -14.98 15.61 4.56
N LYS A 99 -16.16 15.17 4.11
CA LYS A 99 -17.08 14.34 4.92
C LYS A 99 -16.82 12.86 4.65
N ASP A 100 -17.18 12.01 5.62
CA ASP A 100 -16.87 10.56 5.65
C ASP A 100 -17.98 9.81 4.88
N ALA A 101 -17.61 9.16 3.78
CA ALA A 101 -18.49 8.40 2.86
C ALA A 101 -19.25 7.34 3.65
N LYS A 102 -18.63 6.82 4.71
CA LYS A 102 -19.10 5.64 5.48
C LYS A 102 -20.36 6.01 6.24
N ASP A 103 -20.55 7.30 6.48
CA ASP A 103 -21.74 7.88 7.14
C ASP A 103 -22.79 8.21 6.05
N GLN A 104 -23.40 7.18 5.45
CA GLN A 104 -24.41 7.32 4.37
C GLN A 104 -25.48 8.34 4.77
N ALA A 105 -26.05 8.22 5.97
CA ALA A 105 -27.21 9.02 6.44
C ALA A 105 -26.78 10.48 6.64
N GLY A 106 -25.60 10.70 7.25
CA GLY A 106 -24.88 12.00 7.27
C GLY A 106 -24.78 12.63 5.88
N ILE A 107 -24.26 11.89 4.89
CA ILE A 107 -24.09 12.34 3.48
C ILE A 107 -25.45 12.69 2.86
N ASP A 108 -26.42 11.77 2.97
CA ASP A 108 -27.76 12.00 2.36
C ASP A 108 -28.38 13.29 2.98
N LYS A 109 -28.39 13.41 4.30
CA LYS A 109 -28.90 14.60 5.04
C LYS A 109 -28.29 15.89 4.48
N ILE A 110 -26.96 15.97 4.28
CA ILE A 110 -26.28 17.22 3.82
C ILE A 110 -26.82 17.65 2.45
N MET A 111 -27.16 16.70 1.56
CA MET A 111 -27.71 16.95 0.19
C MET A 111 -29.21 17.34 0.28
N ILE A 112 -29.96 16.66 1.12
CA ILE A 112 -31.40 16.95 1.42
C ILE A 112 -31.54 18.39 1.97
N ASP A 113 -30.82 18.74 3.05
CA ASP A 113 -30.80 20.07 3.71
C ASP A 113 -30.24 21.15 2.76
N LEU A 114 -29.19 20.89 1.99
CA LEU A 114 -28.62 21.88 1.04
C LEU A 114 -29.61 22.13 -0.10
N ASP A 115 -30.28 21.09 -0.59
CA ASP A 115 -31.30 21.26 -1.67
C ASP A 115 -32.44 22.11 -1.10
N GLY A 116 -32.95 21.69 0.07
CA GLY A 116 -33.86 22.47 0.94
C GLY A 116 -35.33 22.31 0.60
N THR A 117 -35.67 21.77 -0.57
CA THR A 117 -37.07 21.63 -1.04
C THR A 117 -37.60 20.24 -0.66
N GLU A 118 -38.92 20.10 -0.61
CA GLU A 118 -39.62 18.85 -0.23
C GLU A 118 -39.29 17.79 -1.28
N ASN A 119 -39.29 18.14 -2.57
CA ASN A 119 -39.24 17.15 -3.68
C ASN A 119 -37.89 17.17 -4.41
N LYS A 120 -36.85 17.76 -3.82
CA LYS A 120 -35.50 17.84 -4.43
C LYS A 120 -35.60 18.57 -5.79
N SER A 121 -36.38 19.64 -5.85
CA SER A 121 -36.65 20.44 -7.07
C SER A 121 -35.49 21.41 -7.39
N LYS A 122 -34.57 21.67 -6.46
CA LYS A 122 -33.43 22.62 -6.66
C LYS A 122 -32.32 21.89 -7.43
N PHE A 123 -31.73 20.82 -6.88
CA PHE A 123 -30.60 20.09 -7.52
C PHE A 123 -31.11 19.01 -8.48
N GLY A 124 -32.30 18.46 -8.25
CA GLY A 124 -32.80 17.26 -8.93
C GLY A 124 -32.60 15.99 -8.07
N ALA A 125 -33.66 15.20 -7.89
CA ALA A 125 -33.55 13.83 -7.35
C ALA A 125 -32.49 13.04 -8.14
N ASN A 126 -32.34 13.32 -9.44
CA ASN A 126 -31.40 12.57 -10.33
C ASN A 126 -29.94 12.91 -9.97
N ALA A 127 -29.64 14.15 -9.56
CA ALA A 127 -28.28 14.55 -9.13
C ALA A 127 -27.98 13.91 -7.77
N ILE A 128 -28.91 14.06 -6.83
CA ILE A 128 -28.73 13.64 -5.41
C ILE A 128 -28.63 12.11 -5.37
N LEU A 129 -29.42 11.40 -6.17
CA LEU A 129 -29.42 9.91 -6.08
C LEU A 129 -28.08 9.39 -6.62
N ALA A 130 -27.65 9.90 -7.77
CA ALA A 130 -26.38 9.49 -8.41
C ALA A 130 -25.22 9.61 -7.41
N VAL A 131 -25.13 10.72 -6.67
CA VAL A 131 -24.07 10.92 -5.64
C VAL A 131 -24.35 9.98 -4.47
N SER A 132 -25.58 9.90 -3.99
CA SER A 132 -25.98 8.99 -2.89
C SER A 132 -25.45 7.55 -3.15
N LEU A 133 -25.78 6.98 -4.31
CA LEU A 133 -25.42 5.59 -4.66
C LEU A 133 -23.91 5.47 -4.87
N ALA A 134 -23.27 6.46 -5.50
CA ALA A 134 -21.81 6.47 -5.81
C ALA A 134 -21.00 6.56 -4.51
N ASN A 135 -21.44 7.41 -3.58
CA ASN A 135 -20.92 7.48 -2.20
C ASN A 135 -20.97 6.09 -1.57
N ALA A 136 -22.09 5.36 -1.67
CA ALA A 136 -22.31 4.03 -1.03
C ALA A 136 -21.27 3.02 -1.54
N LYS A 137 -21.02 3.00 -2.83
CA LYS A 137 -20.06 2.12 -3.51
C LYS A 137 -18.65 2.47 -3.06
N ALA A 138 -18.34 3.76 -2.94
CA ALA A 138 -17.02 4.23 -2.44
C ALA A 138 -16.81 3.70 -1.01
N ALA A 139 -17.79 3.87 -0.15
CA ALA A 139 -17.70 3.51 1.28
C ALA A 139 -17.49 1.98 1.39
N ALA A 140 -18.24 1.18 0.62
CA ALA A 140 -18.12 -0.31 0.54
C ALA A 140 -16.66 -0.69 0.22
N ALA A 141 -16.09 -0.08 -0.84
CA ALA A 141 -14.66 -0.24 -1.20
C ALA A 141 -13.76 0.12 0.00
N ALA A 142 -13.93 1.28 0.63
CA ALA A 142 -13.11 1.71 1.79
C ALA A 142 -13.25 0.68 2.93
N LYS A 143 -14.40 0.02 3.06
CA LYS A 143 -14.69 -0.92 4.19
C LYS A 143 -14.25 -2.34 3.83
N GLY A 144 -13.74 -2.54 2.61
CA GLY A 144 -13.21 -3.82 2.13
C GLY A 144 -14.32 -4.82 1.86
N MET A 145 -15.51 -4.38 1.48
CA MET A 145 -16.64 -5.33 1.26
C MET A 145 -17.37 -4.98 -0.02
N PRO A 146 -18.06 -5.97 -0.61
CA PRO A 146 -18.95 -5.73 -1.74
C PRO A 146 -20.18 -4.92 -1.31
N LEU A 147 -20.88 -4.33 -2.27
CA LEU A 147 -21.96 -3.35 -1.96
C LEU A 147 -23.10 -4.02 -1.17
N TYR A 148 -23.51 -5.24 -1.52
CA TYR A 148 -24.62 -5.94 -0.82
C TYR A 148 -24.28 -6.08 0.67
N GLU A 149 -23.01 -6.27 1.00
CA GLU A 149 -22.55 -6.48 2.39
C GLU A 149 -22.63 -5.16 3.16
N HIS A 150 -22.20 -4.05 2.54
CA HIS A 150 -22.24 -2.67 3.10
C HIS A 150 -23.69 -2.22 3.31
N ILE A 151 -24.56 -2.48 2.33
CA ILE A 151 -26.00 -2.14 2.39
C ILE A 151 -26.63 -2.84 3.60
N ALA A 152 -26.38 -4.13 3.81
CA ALA A 152 -26.91 -4.91 4.96
C ALA A 152 -26.55 -4.18 6.26
N GLU A 153 -25.32 -3.69 6.35
CA GLU A 153 -24.85 -2.97 7.54
C GLU A 153 -25.55 -1.62 7.64
N LEU A 154 -25.62 -0.86 6.54
CA LEU A 154 -26.33 0.44 6.49
C LEU A 154 -27.80 0.25 6.86
N ASN A 155 -28.32 -0.95 6.64
CA ASN A 155 -29.77 -1.27 6.73
C ASN A 155 -30.08 -1.74 8.17
N GLY A 156 -29.05 -1.90 9.01
CA GLY A 156 -29.19 -2.42 10.38
C GLY A 156 -29.48 -3.91 10.43
N THR A 157 -29.24 -4.66 9.35
CA THR A 157 -29.40 -6.14 9.33
C THR A 157 -28.13 -6.81 8.83
N PRO A 158 -27.02 -6.79 9.62
CA PRO A 158 -25.71 -7.26 9.17
C PRO A 158 -25.70 -8.75 8.82
N GLY A 159 -25.17 -9.13 7.67
CA GLY A 159 -24.93 -10.54 7.25
C GLY A 159 -26.21 -11.29 6.94
N LYS A 160 -27.34 -10.58 6.90
CA LYS A 160 -28.67 -11.14 6.64
C LYS A 160 -28.99 -10.91 5.16
N TYR A 161 -29.00 -11.98 4.37
CA TYR A 161 -29.10 -11.93 2.89
C TYR A 161 -30.16 -12.91 2.40
N SER A 162 -30.87 -12.55 1.36
CA SER A 162 -31.60 -13.52 0.51
C SER A 162 -31.32 -13.14 -0.94
N MET A 163 -31.54 -14.07 -1.87
CA MET A 163 -31.63 -13.85 -3.33
C MET A 163 -33.10 -13.64 -3.67
N PRO A 164 -33.45 -12.48 -4.28
CA PRO A 164 -34.84 -12.13 -4.54
C PRO A 164 -35.49 -12.99 -5.62
N VAL A 165 -36.76 -13.35 -5.41
CA VAL A 165 -37.64 -13.97 -6.44
C VAL A 165 -37.99 -12.90 -7.45
N PRO A 166 -37.57 -13.05 -8.73
CA PRO A 166 -37.87 -12.05 -9.75
C PRO A 166 -39.26 -12.22 -10.38
N MET A 167 -39.90 -11.09 -10.68
CA MET A 167 -41.07 -11.00 -11.61
C MET A 167 -40.59 -10.35 -12.90
N MET A 168 -40.69 -11.07 -14.00
CA MET A 168 -40.04 -10.68 -15.29
C MET A 168 -41.12 -10.30 -16.29
N ASN A 169 -41.13 -9.03 -16.71
CA ASN A 169 -42.13 -8.41 -17.64
C ASN A 169 -41.89 -8.90 -19.06
N ILE A 170 -42.59 -9.95 -19.52
CA ILE A 170 -42.35 -10.57 -20.87
C ILE A 170 -43.46 -10.25 -21.90
N ILE A 171 -44.64 -9.75 -21.54
CA ILE A 171 -45.64 -9.17 -22.49
C ILE A 171 -45.96 -7.71 -22.11
N ASN A 172 -45.33 -6.72 -22.76
CA ASN A 172 -45.49 -5.26 -22.47
C ASN A 172 -46.91 -4.86 -22.94
N GLY A 173 -47.44 -3.75 -22.43
CA GLY A 173 -48.83 -3.31 -22.72
C GLY A 173 -49.08 -1.85 -22.43
N GLY A 174 -50.29 -1.39 -22.76
CA GLY A 174 -50.91 -0.12 -22.29
C GLY A 174 -50.36 1.11 -22.97
N GLU A 175 -49.56 1.91 -22.23
CA GLU A 175 -48.93 3.15 -22.75
C GLU A 175 -47.66 2.74 -23.49
N HIS A 176 -46.69 2.12 -22.78
CA HIS A 176 -45.29 1.98 -23.23
C HIS A 176 -45.05 0.57 -23.81
N ALA A 177 -46.05 0.09 -24.56
CA ALA A 177 -45.97 -0.92 -25.65
C ALA A 177 -46.68 -0.33 -26.89
N ASP A 178 -47.43 -1.13 -27.67
CA ASP A 178 -48.09 -0.71 -28.93
C ASP A 178 -49.52 -1.23 -28.94
N ASN A 179 -50.27 -0.94 -27.89
CA ASN A 179 -51.76 -0.90 -27.85
C ASN A 179 -52.34 -2.28 -28.21
N ASN A 180 -53.66 -2.40 -28.01
CA ASN A 180 -54.47 -3.64 -28.01
C ASN A 180 -54.59 -4.18 -26.58
N VAL A 181 -53.49 -4.03 -25.82
CA VAL A 181 -53.28 -4.49 -24.41
C VAL A 181 -53.28 -3.24 -23.51
N ASP A 182 -54.12 -3.21 -22.46
CA ASP A 182 -54.29 -2.05 -21.56
C ASP A 182 -53.36 -2.16 -20.35
N ILE A 183 -53.37 -3.31 -19.66
CA ILE A 183 -52.47 -3.67 -18.53
C ILE A 183 -51.03 -3.47 -19.00
N GLN A 184 -50.20 -2.71 -18.27
CA GLN A 184 -48.88 -2.28 -18.78
C GLN A 184 -47.88 -3.46 -18.82
N GLU A 185 -47.85 -4.35 -17.83
CA GLU A 185 -46.84 -5.43 -17.72
C GLU A 185 -47.50 -6.72 -17.23
N PHE A 186 -47.32 -7.84 -17.96
CA PHE A 186 -47.54 -9.25 -17.52
C PHE A 186 -46.18 -9.91 -17.29
N MET A 187 -46.03 -10.53 -16.14
CA MET A 187 -44.74 -11.02 -15.65
C MET A 187 -44.89 -12.46 -15.22
N ILE A 188 -43.84 -13.26 -15.42
CA ILE A 188 -43.69 -14.60 -14.79
C ILE A 188 -42.74 -14.50 -13.59
N GLN A 189 -43.03 -15.28 -12.55
CA GLN A 189 -42.20 -15.46 -11.34
C GLN A 189 -41.80 -16.93 -11.21
N PRO A 190 -40.52 -17.29 -11.46
CA PRO A 190 -40.06 -18.66 -11.25
C PRO A 190 -39.84 -19.00 -9.76
N VAL A 191 -40.94 -19.28 -9.08
CA VAL A 191 -41.00 -19.63 -7.63
C VAL A 191 -40.49 -21.06 -7.39
N GLY A 192 -40.60 -21.92 -8.42
CA GLY A 192 -40.17 -23.33 -8.41
C GLY A 192 -38.67 -23.51 -8.37
N ALA A 193 -37.87 -22.48 -8.68
CA ALA A 193 -36.39 -22.60 -8.67
C ALA A 193 -35.90 -22.69 -7.21
N LYS A 194 -34.75 -23.32 -6.99
CA LYS A 194 -34.08 -23.49 -5.67
C LYS A 194 -32.88 -22.53 -5.56
N THR A 195 -32.46 -21.94 -6.68
CA THR A 195 -31.46 -20.84 -6.77
C THR A 195 -31.97 -19.76 -7.74
N VAL A 196 -31.36 -18.57 -7.68
CA VAL A 196 -31.69 -17.45 -8.60
C VAL A 196 -31.07 -17.73 -9.96
N LYS A 197 -29.95 -18.46 -10.01
CA LYS A 197 -29.36 -18.89 -11.30
C LYS A 197 -30.38 -19.73 -12.09
N GLU A 198 -31.00 -20.72 -11.42
CA GLU A 198 -32.03 -21.62 -11.98
C GLU A 198 -33.23 -20.77 -12.39
N ALA A 199 -33.64 -19.84 -11.52
CA ALA A 199 -34.78 -18.94 -11.78
C ALA A 199 -34.52 -18.21 -13.11
N ILE A 200 -33.31 -17.67 -13.24
CA ILE A 200 -32.86 -16.88 -14.42
C ILE A 200 -32.90 -17.78 -15.64
N ARG A 201 -32.48 -19.04 -15.52
CA ARG A 201 -32.53 -19.99 -16.66
C ARG A 201 -33.98 -20.23 -17.08
N MET A 202 -34.83 -20.58 -16.12
CA MET A 202 -36.29 -20.81 -16.34
C MET A 202 -36.88 -19.57 -17.03
N GLY A 203 -36.50 -18.37 -16.58
CA GLY A 203 -36.91 -17.11 -17.21
C GLY A 203 -36.53 -17.07 -18.70
N SER A 204 -35.27 -17.39 -19.01
CA SER A 204 -34.74 -17.32 -20.40
C SER A 204 -35.55 -18.26 -21.30
N GLU A 205 -35.77 -19.49 -20.84
CA GLU A 205 -36.42 -20.62 -21.56
C GLU A 205 -37.84 -20.19 -21.91
N VAL A 206 -38.62 -19.76 -20.93
CA VAL A 206 -40.04 -19.39 -21.20
C VAL A 206 -40.05 -18.17 -22.12
N PHE A 207 -39.09 -17.27 -21.95
CA PHE A 207 -38.98 -16.06 -22.80
C PHE A 207 -38.74 -16.45 -24.27
N HIS A 208 -37.84 -17.42 -24.48
CA HIS A 208 -37.53 -17.96 -25.84
C HIS A 208 -38.71 -18.78 -26.38
N HIS A 209 -39.39 -19.57 -25.55
CA HIS A 209 -40.53 -20.40 -26.01
C HIS A 209 -41.70 -19.51 -26.44
N LEU A 210 -41.84 -18.33 -25.83
CA LEU A 210 -42.94 -17.37 -26.10
C LEU A 210 -42.73 -16.77 -27.49
N ALA A 211 -41.46 -16.54 -27.87
CA ALA A 211 -41.09 -16.07 -29.22
C ALA A 211 -41.64 -17.07 -30.26
N LYS A 212 -41.37 -18.36 -30.07
CA LYS A 212 -41.84 -19.46 -30.96
C LYS A 212 -43.37 -19.40 -31.12
N VAL A 213 -44.07 -19.33 -29.99
CA VAL A 213 -45.56 -19.21 -29.89
C VAL A 213 -46.06 -17.99 -30.68
N LEU A 214 -45.51 -16.80 -30.43
CA LEU A 214 -45.92 -15.55 -31.12
C LEU A 214 -45.59 -15.63 -32.61
N LYS A 215 -44.45 -16.24 -32.98
CA LYS A 215 -44.09 -16.49 -34.40
C LYS A 215 -45.19 -17.37 -35.00
N ALA A 216 -45.58 -18.45 -34.33
CA ALA A 216 -46.58 -19.44 -34.80
C ALA A 216 -47.90 -18.73 -35.16
N LYS A 217 -48.25 -17.66 -34.44
CA LYS A 217 -49.53 -16.94 -34.61
C LYS A 217 -49.35 -15.73 -35.56
N GLY A 218 -48.16 -15.56 -36.14
CA GLY A 218 -47.85 -14.40 -37.00
C GLY A 218 -47.84 -13.09 -36.24
N MET A 219 -47.29 -13.07 -35.02
CA MET A 219 -47.24 -11.86 -34.17
C MET A 219 -45.80 -11.38 -34.04
N ASN A 220 -45.68 -10.08 -33.75
CA ASN A 220 -44.38 -9.38 -33.77
C ASN A 220 -43.62 -9.75 -32.50
N THR A 221 -42.31 -10.05 -32.64
CA THR A 221 -41.43 -10.49 -31.54
C THR A 221 -40.28 -9.52 -31.33
N ALA A 222 -40.39 -8.29 -31.85
CA ALA A 222 -39.61 -7.12 -31.40
C ALA A 222 -40.00 -6.84 -29.93
N VAL A 223 -39.24 -5.98 -29.22
CA VAL A 223 -39.36 -5.82 -27.74
C VAL A 223 -39.50 -4.34 -27.33
N GLY A 224 -40.22 -4.09 -26.23
CA GLY A 224 -40.38 -2.77 -25.57
C GLY A 224 -39.22 -2.40 -24.67
N ASP A 225 -39.37 -1.32 -23.92
CA ASP A 225 -38.30 -0.76 -23.04
C ASP A 225 -37.69 -1.80 -22.11
N GLU A 226 -38.48 -2.74 -21.58
CA GLU A 226 -38.05 -3.70 -20.52
C GLU A 226 -37.72 -5.08 -21.11
N GLY A 227 -37.53 -5.15 -22.44
CA GLY A 227 -36.99 -6.33 -23.14
C GLY A 227 -38.03 -7.43 -23.32
N GLY A 228 -39.31 -7.10 -23.07
CA GLY A 228 -40.45 -8.01 -23.32
C GLY A 228 -41.13 -7.71 -24.65
N TYR A 229 -42.01 -8.62 -25.12
CA TYR A 229 -42.68 -8.56 -26.44
C TYR A 229 -43.93 -7.71 -26.29
N ALA A 230 -44.28 -6.97 -27.35
CA ALA A 230 -45.41 -6.04 -27.45
C ALA A 230 -46.26 -6.41 -28.67
N PRO A 231 -46.70 -7.69 -28.77
CA PRO A 231 -47.52 -8.13 -29.90
C PRO A 231 -48.93 -7.54 -29.81
N ASN A 232 -49.67 -7.66 -30.90
CA ASN A 232 -51.04 -7.11 -31.03
C ASN A 232 -51.96 -8.27 -30.66
N LEU A 233 -52.70 -8.13 -29.55
CA LEU A 233 -53.55 -9.22 -28.96
C LEU A 233 -55.01 -8.76 -28.82
N GLY A 234 -55.96 -9.69 -28.94
CA GLY A 234 -57.41 -9.41 -28.96
C GLY A 234 -57.90 -8.71 -27.69
N SER A 235 -57.39 -9.12 -26.54
CA SER A 235 -57.86 -8.73 -25.19
C SER A 235 -56.69 -8.77 -24.20
N ASN A 236 -56.82 -8.09 -23.06
CA ASN A 236 -55.83 -8.15 -21.94
C ASN A 236 -55.64 -9.63 -21.55
N ALA A 237 -56.72 -10.39 -21.41
CA ALA A 237 -56.73 -11.84 -21.11
C ALA A 237 -55.72 -12.62 -21.96
N GLU A 238 -55.80 -12.52 -23.30
CA GLU A 238 -55.04 -13.36 -24.26
C GLU A 238 -53.53 -13.27 -24.00
N ALA A 239 -53.06 -12.15 -23.44
CA ALA A 239 -51.66 -11.97 -22.98
C ALA A 239 -51.28 -13.10 -22.00
N LEU A 240 -52.19 -13.41 -21.07
CA LEU A 240 -52.01 -14.49 -20.06
C LEU A 240 -52.02 -15.84 -20.77
N ALA A 241 -53.00 -16.02 -21.66
CA ALA A 241 -53.16 -17.19 -22.57
C ALA A 241 -51.82 -17.53 -23.23
N VAL A 242 -51.22 -16.57 -23.96
CA VAL A 242 -49.98 -16.85 -24.73
C VAL A 242 -48.85 -17.17 -23.74
N ILE A 243 -48.85 -16.55 -22.55
CA ILE A 243 -47.82 -16.81 -21.51
C ILE A 243 -47.97 -18.25 -21.00
N ALA A 244 -49.20 -18.72 -20.82
CA ALA A 244 -49.49 -20.10 -20.38
C ALA A 244 -48.96 -21.11 -21.40
N GLU A 245 -49.17 -20.81 -22.70
CA GLU A 245 -48.68 -21.65 -23.83
C GLU A 245 -47.16 -21.80 -23.75
N ALA A 246 -46.45 -20.68 -23.57
CA ALA A 246 -44.96 -20.63 -23.49
C ALA A 246 -44.46 -21.42 -22.28
N VAL A 247 -45.12 -21.30 -21.11
CA VAL A 247 -44.70 -22.00 -19.86
C VAL A 247 -44.79 -23.51 -20.08
N LYS A 248 -45.82 -23.97 -20.79
CA LYS A 248 -46.10 -25.40 -21.05
C LYS A 248 -45.08 -25.90 -22.09
N ALA A 249 -44.85 -25.09 -23.12
CA ALA A 249 -43.91 -25.36 -24.23
C ALA A 249 -42.46 -25.42 -23.69
N ALA A 250 -42.12 -24.71 -22.62
CA ALA A 250 -40.78 -24.82 -21.96
C ALA A 250 -40.74 -26.05 -21.02
N GLY A 251 -41.89 -26.69 -20.77
CA GLY A 251 -42.00 -27.86 -19.88
C GLY A 251 -42.04 -27.47 -18.42
N TYR A 252 -42.60 -26.31 -18.12
CA TYR A 252 -42.84 -25.86 -16.72
C TYR A 252 -44.35 -25.93 -16.50
N GLU A 253 -44.74 -26.03 -15.23
CA GLU A 253 -46.14 -26.25 -14.82
C GLU A 253 -46.65 -24.96 -14.20
N LEU A 254 -47.59 -24.29 -14.83
CA LEU A 254 -48.23 -23.04 -14.32
C LEU A 254 -48.88 -23.33 -12.95
N GLY A 255 -48.68 -22.46 -11.94
CA GLY A 255 -49.04 -22.70 -10.52
C GLY A 255 -47.84 -23.12 -9.70
N LYS A 256 -47.29 -24.31 -9.96
CA LYS A 256 -46.21 -24.96 -9.18
C LYS A 256 -44.84 -24.32 -9.49
N ASP A 257 -44.42 -24.35 -10.75
CA ASP A 257 -43.07 -23.90 -11.17
C ASP A 257 -43.06 -22.38 -11.41
N ILE A 258 -44.13 -21.83 -11.99
CA ILE A 258 -44.22 -20.39 -12.40
C ILE A 258 -45.59 -19.81 -12.06
N THR A 259 -45.61 -18.74 -11.28
CA THR A 259 -46.85 -17.94 -10.97
C THR A 259 -46.79 -16.65 -11.79
N LEU A 260 -47.88 -15.90 -11.87
CA LEU A 260 -48.00 -14.69 -12.73
C LEU A 260 -48.15 -13.43 -11.87
N ALA A 261 -47.73 -12.28 -12.40
CA ALA A 261 -47.88 -10.96 -11.75
C ALA A 261 -48.18 -9.92 -12.81
N MET A 262 -48.80 -8.82 -12.42
CA MET A 262 -49.15 -7.74 -13.38
C MET A 262 -48.84 -6.41 -12.73
N ASP A 263 -48.57 -5.41 -13.59
CA ASP A 263 -48.65 -3.97 -13.26
C ASP A 263 -49.70 -3.42 -14.23
N CYS A 264 -50.88 -3.09 -13.71
CA CYS A 264 -52.00 -2.46 -14.45
C CYS A 264 -51.62 -1.03 -14.85
N ALA A 265 -50.80 -0.36 -14.07
CA ALA A 265 -50.53 1.09 -14.17
C ALA A 265 -51.87 1.81 -14.40
N ALA A 266 -52.88 1.46 -13.59
CA ALA A 266 -54.29 1.83 -13.80
C ALA A 266 -54.46 3.34 -13.83
N SER A 267 -53.57 4.12 -13.19
CA SER A 267 -53.42 5.59 -13.37
C SER A 267 -53.49 5.98 -14.86
N GLU A 268 -52.87 5.22 -15.76
CA GLU A 268 -52.79 5.61 -17.20
C GLU A 268 -54.15 5.57 -17.91
N PHE A 269 -55.08 4.73 -17.49
CA PHE A 269 -56.37 4.59 -18.20
C PHE A 269 -57.53 4.99 -17.27
N TYR A 270 -57.29 5.94 -16.37
CA TYR A 270 -58.27 6.52 -15.43
C TYR A 270 -58.71 7.89 -15.94
N LYS A 271 -60.01 8.06 -16.27
CA LYS A 271 -60.60 9.35 -16.73
C LYS A 271 -62.02 9.50 -16.16
N ASP A 272 -62.31 10.65 -15.55
CA ASP A 272 -63.61 10.97 -14.93
C ASP A 272 -64.04 9.82 -14.04
N GLY A 273 -63.29 9.57 -12.96
CA GLY A 273 -63.60 8.56 -11.93
C GLY A 273 -63.93 7.18 -12.49
N LYS A 274 -63.48 6.86 -13.71
CA LYS A 274 -63.78 5.56 -14.39
C LYS A 274 -62.51 5.05 -15.07
N TYR A 275 -62.37 3.72 -15.15
CA TYR A 275 -61.20 3.00 -15.70
C TYR A 275 -61.60 2.48 -17.09
N VAL A 276 -60.93 2.97 -18.15
CA VAL A 276 -61.33 2.78 -19.58
C VAL A 276 -60.30 1.87 -20.28
N LEU A 277 -60.76 0.74 -20.80
CA LEU A 277 -59.91 -0.28 -21.47
C LEU A 277 -60.10 -0.22 -22.99
N ALA A 278 -59.10 0.26 -23.76
CA ALA A 278 -59.08 0.21 -25.25
C ALA A 278 -59.39 -1.23 -25.74
N GLY A 279 -58.52 -2.20 -25.45
CA GLY A 279 -58.82 -3.65 -25.54
C GLY A 279 -60.22 -3.99 -25.03
N GLU A 280 -60.40 -5.12 -24.35
CA GLU A 280 -61.71 -5.63 -23.81
C GLU A 280 -62.87 -4.64 -24.08
N GLY A 281 -63.61 -4.84 -25.19
CA GLY A 281 -64.67 -3.94 -25.70
C GLY A 281 -64.10 -2.55 -25.97
N ASN A 282 -64.62 -1.53 -25.27
CA ASN A 282 -63.98 -0.20 -25.08
C ASN A 282 -64.50 0.41 -23.76
N LYS A 283 -64.95 -0.46 -22.86
CA LYS A 283 -65.93 -0.18 -21.77
C LYS A 283 -65.26 0.62 -20.63
N ALA A 284 -66.07 1.35 -19.86
CA ALA A 284 -65.69 2.08 -18.63
C ALA A 284 -66.12 1.27 -17.39
N PHE A 285 -65.21 1.13 -16.41
CA PHE A 285 -65.41 0.40 -15.14
C PHE A 285 -65.25 1.36 -13.94
N THR A 286 -66.07 1.18 -12.90
CA THR A 286 -65.90 1.77 -11.55
C THR A 286 -64.69 1.10 -10.87
N SER A 287 -64.09 1.73 -9.85
CA SER A 287 -63.03 1.10 -9.01
C SER A 287 -63.48 -0.33 -8.69
N GLU A 288 -64.76 -0.49 -8.35
CA GLU A 288 -65.35 -1.77 -7.89
C GLU A 288 -65.41 -2.70 -9.10
N GLU A 289 -66.00 -2.25 -10.20
CA GLU A 289 -66.13 -3.07 -11.42
C GLU A 289 -64.73 -3.50 -11.86
N PHE A 290 -63.75 -2.58 -11.92
CA PHE A 290 -62.35 -2.89 -12.30
C PHE A 290 -61.75 -3.92 -11.33
N THR A 291 -61.97 -3.76 -10.02
CA THR A 291 -61.52 -4.75 -8.99
C THR A 291 -62.07 -6.12 -9.35
N HIS A 292 -63.33 -6.22 -9.78
CA HIS A 292 -64.02 -7.51 -10.09
C HIS A 292 -63.44 -8.12 -11.38
N PHE A 293 -63.09 -7.28 -12.36
CA PHE A 293 -62.38 -7.67 -13.59
C PHE A 293 -61.05 -8.33 -13.20
N LEU A 294 -60.27 -7.66 -12.37
CA LEU A 294 -58.96 -8.24 -11.97
C LEU A 294 -59.24 -9.58 -11.26
N GLU A 295 -60.25 -9.61 -10.41
CA GLU A 295 -60.61 -10.77 -9.54
C GLU A 295 -60.81 -12.00 -10.43
N GLU A 296 -61.59 -11.80 -11.50
CA GLU A 296 -61.92 -12.85 -12.51
C GLU A 296 -60.59 -13.40 -13.07
N LEU A 297 -59.65 -12.53 -13.47
CA LEU A 297 -58.37 -13.00 -14.06
C LEU A 297 -57.65 -13.91 -13.05
N THR A 298 -57.75 -13.63 -11.75
CA THR A 298 -57.02 -14.40 -10.68
C THR A 298 -57.73 -15.74 -10.42
N LYS A 299 -58.98 -15.93 -10.87
CA LYS A 299 -59.68 -17.24 -10.85
C LYS A 299 -59.24 -18.09 -12.07
N GLN A 300 -58.97 -17.50 -13.24
CA GLN A 300 -58.64 -18.25 -14.50
C GLN A 300 -57.15 -18.58 -14.59
N TYR A 301 -56.29 -17.76 -13.98
CA TYR A 301 -54.82 -17.88 -14.06
C TYR A 301 -54.24 -17.71 -12.65
N PRO A 302 -53.07 -18.31 -12.34
CA PRO A 302 -52.40 -18.11 -11.06
C PRO A 302 -51.63 -16.77 -10.98
N ILE A 303 -52.36 -15.66 -11.08
CA ILE A 303 -51.90 -14.27 -10.79
C ILE A 303 -51.85 -14.10 -9.27
N VAL A 304 -50.67 -13.95 -8.66
CA VAL A 304 -50.48 -13.88 -7.17
C VAL A 304 -50.02 -12.47 -6.75
N SER A 305 -49.86 -11.53 -7.68
CA SER A 305 -49.38 -10.14 -7.41
C SER A 305 -49.93 -9.20 -8.49
N ILE A 306 -50.59 -8.13 -8.06
CA ILE A 306 -51.22 -7.10 -8.93
C ILE A 306 -50.76 -5.74 -8.40
N GLU A 307 -50.22 -4.90 -9.28
CA GLU A 307 -49.52 -3.63 -8.96
C GLU A 307 -50.28 -2.46 -9.59
N ASP A 308 -50.49 -1.39 -8.82
CA ASP A 308 -51.23 -0.16 -9.26
C ASP A 308 -52.53 -0.60 -9.95
N GLY A 309 -53.31 -1.50 -9.33
CA GLY A 309 -54.63 -1.98 -9.80
C GLY A 309 -55.65 -0.85 -9.94
N LEU A 310 -55.37 0.33 -9.38
CA LEU A 310 -56.20 1.57 -9.46
C LEU A 310 -55.30 2.83 -9.48
N ASP A 311 -55.90 3.99 -9.76
CA ASP A 311 -55.21 5.31 -9.89
C ASP A 311 -54.54 5.64 -8.56
N GLU A 312 -53.41 6.36 -8.63
CA GLU A 312 -52.56 6.73 -7.46
C GLU A 312 -53.39 7.54 -6.45
N SER A 313 -54.41 8.25 -6.91
CA SER A 313 -55.21 9.18 -6.08
C SER A 313 -56.54 8.54 -5.65
N ASP A 314 -56.82 7.29 -6.03
CA ASP A 314 -58.08 6.54 -5.70
C ASP A 314 -57.87 5.69 -4.44
N TRP A 315 -57.65 6.35 -3.31
CA TRP A 315 -57.35 5.70 -1.99
C TRP A 315 -58.57 4.93 -1.47
N ASP A 316 -59.81 5.42 -1.70
CA ASP A 316 -61.07 4.68 -1.38
C ASP A 316 -61.08 3.35 -2.15
N GLY A 317 -60.84 3.44 -3.47
CA GLY A 317 -60.65 2.29 -4.37
C GLY A 317 -59.70 1.26 -3.81
N PHE A 318 -58.50 1.68 -3.42
CA PHE A 318 -57.39 0.79 -2.97
C PHE A 318 -57.78 0.11 -1.66
N ALA A 319 -58.39 0.85 -0.73
CA ALA A 319 -58.99 0.32 0.51
C ALA A 319 -59.96 -0.81 0.17
N TYR A 320 -60.85 -0.63 -0.81
CA TYR A 320 -61.85 -1.66 -1.24
C TYR A 320 -61.11 -2.88 -1.81
N GLN A 321 -60.22 -2.64 -2.78
CA GLN A 321 -59.41 -3.70 -3.45
C GLN A 321 -58.63 -4.51 -2.42
N THR A 322 -58.16 -3.87 -1.36
CA THR A 322 -57.33 -4.51 -0.31
C THR A 322 -58.18 -5.42 0.58
N LYS A 323 -59.40 -4.99 0.98
CA LYS A 323 -60.38 -5.82 1.75
C LYS A 323 -60.71 -7.07 0.94
N VAL A 324 -61.10 -6.86 -0.34
CA VAL A 324 -61.58 -7.93 -1.26
C VAL A 324 -60.44 -8.92 -1.56
N LEU A 325 -59.39 -8.49 -2.26
CA LEU A 325 -58.29 -9.37 -2.79
C LEU A 325 -57.17 -9.58 -1.76
N GLY A 326 -56.88 -8.58 -0.92
CA GLY A 326 -55.63 -8.49 -0.14
C GLY A 326 -55.28 -9.72 0.69
N ASP A 327 -56.23 -10.58 0.98
CA ASP A 327 -56.05 -11.78 1.86
C ASP A 327 -55.40 -12.90 1.06
N LYS A 328 -55.68 -12.96 -0.25
CA LYS A 328 -55.22 -14.04 -1.17
C LYS A 328 -54.06 -13.56 -2.07
N ILE A 329 -53.95 -12.26 -2.39
CA ILE A 329 -53.12 -11.69 -3.49
C ILE A 329 -52.18 -10.62 -2.92
N GLN A 330 -50.88 -10.64 -3.28
CA GLN A 330 -49.95 -9.49 -3.08
C GLN A 330 -50.43 -8.30 -3.94
N LEU A 331 -50.71 -7.15 -3.33
CA LEU A 331 -51.16 -5.88 -3.99
C LEU A 331 -50.06 -4.82 -3.85
N VAL A 332 -49.48 -4.35 -4.95
CA VAL A 332 -48.21 -3.55 -4.88
C VAL A 332 -48.46 -2.07 -5.18
N GLY A 333 -48.18 -1.21 -4.20
CA GLY A 333 -48.11 0.24 -4.44
C GLY A 333 -46.85 0.60 -5.19
N ASP A 334 -46.98 1.33 -6.30
CA ASP A 334 -45.89 1.96 -7.10
C ASP A 334 -46.18 3.46 -7.13
N ASP A 335 -46.98 3.93 -8.10
CA ASP A 335 -47.39 5.37 -8.24
C ASP A 335 -48.10 5.81 -6.95
N LEU A 336 -48.71 4.84 -6.26
CA LEU A 336 -49.51 5.00 -5.02
C LEU A 336 -48.63 5.52 -3.86
N PHE A 337 -47.43 4.95 -3.71
CA PHE A 337 -46.57 5.14 -2.52
C PHE A 337 -45.31 5.91 -2.86
N VAL A 338 -44.93 5.88 -4.16
CA VAL A 338 -43.69 6.45 -4.74
C VAL A 338 -42.54 6.39 -3.71
N THR A 339 -42.26 5.20 -3.18
CA THR A 339 -41.05 4.91 -2.35
C THR A 339 -40.89 5.99 -1.28
N ASN A 340 -42.00 6.50 -0.73
CA ASN A 340 -42.07 7.68 0.18
C ASN A 340 -42.71 7.25 1.52
N THR A 341 -41.95 7.34 2.61
CA THR A 341 -42.34 6.85 3.95
C THR A 341 -43.55 7.64 4.46
N LYS A 342 -43.67 8.91 4.08
CA LYS A 342 -44.81 9.76 4.49
C LYS A 342 -46.08 9.19 3.88
N ILE A 343 -46.05 8.86 2.59
CA ILE A 343 -47.24 8.32 1.90
C ILE A 343 -47.46 6.87 2.32
N LEU A 344 -46.40 6.06 2.46
CA LEU A 344 -46.54 4.62 2.82
C LEU A 344 -47.16 4.53 4.23
N LYS A 345 -46.82 5.47 5.12
CA LYS A 345 -47.30 5.51 6.53
C LYS A 345 -48.81 5.74 6.57
N GLU A 346 -49.29 6.76 5.86
CA GLU A 346 -50.74 7.03 5.65
C GLU A 346 -51.41 5.76 5.12
N GLY A 347 -50.81 5.10 4.12
CA GLY A 347 -51.30 3.85 3.49
C GLY A 347 -51.45 2.70 4.50
N ILE A 348 -50.42 2.43 5.30
CA ILE A 348 -50.43 1.29 6.27
C ILE A 348 -51.64 1.50 7.17
N GLU A 349 -51.73 2.70 7.73
CA GLU A 349 -52.79 3.13 8.69
C GLU A 349 -54.19 3.00 8.07
N LYS A 350 -54.36 3.07 6.75
CA LYS A 350 -55.73 2.98 6.13
C LYS A 350 -55.99 1.61 5.48
N GLY A 351 -55.20 0.58 5.82
CA GLY A 351 -55.30 -0.74 5.16
C GLY A 351 -55.33 -0.62 3.65
N ILE A 352 -54.30 0.02 3.09
CA ILE A 352 -54.11 0.25 1.62
C ILE A 352 -52.88 -0.55 1.15
N ALA A 353 -53.10 -1.52 0.26
CA ALA A 353 -52.10 -2.46 -0.30
C ALA A 353 -51.54 -3.36 0.81
N ASN A 354 -50.57 -4.21 0.46
CA ASN A 354 -49.77 -5.03 1.42
C ASN A 354 -48.34 -5.18 0.91
N SER A 355 -47.90 -4.28 0.02
CA SER A 355 -46.59 -4.37 -0.70
C SER A 355 -46.24 -3.03 -1.34
N ILE A 356 -44.93 -2.79 -1.51
CA ILE A 356 -44.44 -1.53 -2.12
C ILE A 356 -43.31 -1.84 -3.10
N LEU A 357 -43.36 -1.18 -4.25
CA LEU A 357 -42.29 -1.18 -5.26
C LEU A 357 -41.26 -0.11 -4.89
N ILE A 358 -40.03 -0.56 -4.62
CA ILE A 358 -38.89 0.27 -4.15
C ILE A 358 -38.07 0.72 -5.37
N LYS A 359 -38.15 2.02 -5.66
CA LYS A 359 -37.36 2.73 -6.66
C LYS A 359 -36.64 3.89 -5.96
N PHE A 360 -35.33 3.79 -5.72
CA PHE A 360 -34.57 4.87 -5.02
C PHE A 360 -34.76 6.23 -5.72
N ASN A 361 -35.06 6.27 -7.04
CA ASN A 361 -35.09 7.59 -7.71
C ASN A 361 -36.51 8.21 -7.59
N GLN A 362 -37.47 7.53 -6.95
CA GLN A 362 -38.82 8.10 -6.65
C GLN A 362 -38.73 9.00 -5.43
N ILE A 363 -37.70 8.79 -4.60
CA ILE A 363 -37.51 9.59 -3.36
C ILE A 363 -36.14 10.27 -3.41
N GLY A 364 -35.11 9.58 -3.90
CA GLY A 364 -33.86 10.22 -4.38
C GLY A 364 -32.67 10.11 -3.44
N SER A 365 -32.71 9.26 -2.42
CA SER A 365 -31.52 8.94 -1.60
C SER A 365 -31.64 7.50 -1.10
N LEU A 366 -30.50 6.83 -0.90
CA LEU A 366 -30.40 5.45 -0.38
C LEU A 366 -30.93 5.38 1.06
N THR A 367 -30.54 6.31 1.93
CA THR A 367 -31.05 6.39 3.33
C THR A 367 -32.59 6.33 3.33
N GLU A 368 -33.26 7.23 2.57
CA GLU A 368 -34.75 7.36 2.49
C GLU A 368 -35.38 6.14 1.81
N THR A 369 -34.60 5.42 0.99
CA THR A 369 -34.99 4.16 0.32
C THR A 369 -35.02 3.05 1.38
N LEU A 370 -34.00 2.97 2.24
CA LEU A 370 -33.89 1.87 3.25
C LEU A 370 -34.95 2.06 4.34
N ALA A 371 -35.34 3.31 4.56
CA ALA A 371 -36.43 3.69 5.49
C ALA A 371 -37.71 3.04 4.99
N ALA A 372 -37.98 3.19 3.69
CA ALA A 372 -39.19 2.67 3.02
C ALA A 372 -39.25 1.14 3.14
N ILE A 373 -38.14 0.45 2.91
CA ILE A 373 -38.13 -1.03 3.02
C ILE A 373 -38.46 -1.40 4.47
N LYS A 374 -37.87 -0.70 5.45
CA LYS A 374 -38.02 -0.98 6.91
C LYS A 374 -39.48 -0.73 7.34
N MET A 375 -40.08 0.39 6.91
CA MET A 375 -41.50 0.72 7.20
C MET A 375 -42.38 -0.43 6.71
N ALA A 376 -42.19 -0.84 5.45
CA ALA A 376 -42.91 -1.94 4.78
C ALA A 376 -42.79 -3.21 5.64
N LYS A 377 -41.57 -3.71 5.83
CA LYS A 377 -41.32 -5.02 6.49
C LYS A 377 -41.87 -5.00 7.92
N ASP A 378 -41.80 -3.85 8.62
CA ASP A 378 -42.22 -3.76 10.05
C ASP A 378 -43.76 -3.81 10.15
N ALA A 379 -44.46 -3.47 9.05
CA ALA A 379 -45.94 -3.46 8.91
C ALA A 379 -46.42 -4.78 8.28
N GLY A 380 -45.49 -5.68 7.95
CA GLY A 380 -45.76 -6.96 7.28
C GLY A 380 -46.12 -6.79 5.80
N TYR A 381 -45.84 -5.63 5.20
CA TYR A 381 -45.87 -5.42 3.72
C TYR A 381 -44.58 -6.02 3.15
N THR A 382 -44.63 -6.48 1.89
CA THR A 382 -43.43 -6.92 1.13
C THR A 382 -42.83 -5.68 0.44
N ALA A 383 -41.53 -5.76 0.17
CA ALA A 383 -40.78 -4.78 -0.63
C ALA A 383 -40.21 -5.50 -1.85
N VAL A 384 -40.58 -5.04 -3.05
CA VAL A 384 -40.06 -5.50 -4.36
C VAL A 384 -39.07 -4.45 -4.84
N ILE A 385 -37.77 -4.78 -4.93
CA ILE A 385 -36.74 -3.84 -5.48
C ILE A 385 -36.94 -3.75 -7.00
N SER A 386 -37.07 -2.54 -7.57
CA SER A 386 -37.56 -2.31 -8.95
C SER A 386 -36.62 -1.42 -9.78
N HIS A 387 -36.56 -1.71 -11.08
CA HIS A 387 -35.92 -0.88 -12.13
C HIS A 387 -36.87 0.26 -12.48
N ARG A 388 -36.44 1.13 -13.39
CA ARG A 388 -37.31 2.06 -14.16
C ARG A 388 -37.28 1.63 -15.63
N SER A 389 -38.30 1.98 -16.42
CA SER A 389 -38.31 1.73 -17.90
C SER A 389 -37.00 2.23 -18.51
N GLY A 390 -36.55 3.42 -18.11
CA GLY A 390 -35.23 3.98 -18.49
C GLY A 390 -34.16 3.49 -17.54
N GLU A 391 -33.31 2.56 -18.00
CA GLU A 391 -32.24 1.94 -17.16
C GLU A 391 -30.85 2.26 -17.72
N THR A 392 -29.81 1.76 -17.07
CA THR A 392 -28.40 1.83 -17.50
C THR A 392 -27.77 0.46 -17.28
N GLU A 393 -26.46 0.35 -17.52
CA GLU A 393 -25.63 -0.85 -17.25
C GLU A 393 -25.41 -0.98 -15.72
N ASP A 394 -25.74 0.06 -14.94
CA ASP A 394 -25.76 0.10 -13.45
C ASP A 394 -26.61 -1.06 -12.93
N ALA A 395 -26.04 -1.83 -12.00
CA ALA A 395 -26.68 -3.05 -11.45
C ALA A 395 -26.91 -2.89 -9.94
N THR A 396 -27.02 -1.66 -9.45
CA THR A 396 -27.13 -1.36 -8.00
C THR A 396 -28.29 -2.12 -7.33
N ILE A 397 -29.45 -2.22 -7.99
CA ILE A 397 -30.68 -2.83 -7.41
C ILE A 397 -30.44 -4.31 -7.11
N ALA A 398 -29.51 -4.96 -7.81
CA ALA A 398 -29.16 -6.37 -7.53
C ALA A 398 -28.68 -6.47 -6.08
N ASP A 399 -27.69 -5.65 -5.74
CA ASP A 399 -27.02 -5.63 -4.41
C ASP A 399 -27.99 -5.17 -3.33
N LEU A 400 -28.85 -4.22 -3.68
CA LEU A 400 -29.85 -3.66 -2.76
C LEU A 400 -30.84 -4.75 -2.36
N ALA A 401 -31.29 -5.56 -3.33
CA ALA A 401 -32.27 -6.63 -3.12
C ALA A 401 -31.66 -7.65 -2.19
N VAL A 402 -30.35 -7.89 -2.31
CA VAL A 402 -29.64 -8.95 -1.55
C VAL A 402 -29.32 -8.42 -0.16
N GLY A 403 -28.77 -7.19 -0.08
CA GLY A 403 -28.36 -6.52 1.18
C GLY A 403 -29.52 -6.24 2.14
N THR A 404 -30.75 -6.08 1.63
CA THR A 404 -31.97 -5.79 2.45
C THR A 404 -32.83 -7.05 2.65
N ALA A 405 -32.42 -8.17 2.09
CA ALA A 405 -33.21 -9.42 2.04
C ALA A 405 -34.66 -9.08 1.70
N ALA A 406 -34.89 -8.19 0.71
CA ALA A 406 -36.21 -7.75 0.24
C ALA A 406 -37.10 -8.96 -0.08
N GLY A 407 -36.53 -9.93 -0.80
CA GLY A 407 -37.19 -11.20 -1.15
C GLY A 407 -37.75 -11.19 -2.57
N GLN A 408 -37.95 -10.02 -3.19
CA GLN A 408 -38.53 -9.91 -4.55
C GLN A 408 -37.76 -8.84 -5.33
N ILE A 409 -37.60 -9.01 -6.64
CA ILE A 409 -37.05 -7.95 -7.53
C ILE A 409 -37.89 -7.90 -8.82
N LYS A 410 -38.13 -6.70 -9.32
CA LYS A 410 -38.66 -6.46 -10.69
C LYS A 410 -37.58 -5.75 -11.53
N THR A 411 -36.79 -6.46 -12.33
CA THR A 411 -35.72 -5.85 -13.16
C THR A 411 -35.81 -6.31 -14.64
N GLY A 412 -37.01 -6.66 -15.11
CA GLY A 412 -37.33 -6.75 -16.55
C GLY A 412 -37.46 -8.17 -17.06
N SER A 413 -37.77 -8.28 -18.35
CA SER A 413 -37.67 -9.50 -19.20
C SER A 413 -36.23 -10.02 -19.21
N MET A 414 -36.02 -11.15 -19.89
CA MET A 414 -34.67 -11.77 -20.03
C MET A 414 -34.06 -11.36 -21.37
N SER A 415 -34.11 -10.06 -21.68
CA SER A 415 -33.60 -9.45 -22.94
C SER A 415 -33.18 -8.01 -22.62
N ARG A 416 -32.20 -7.48 -23.34
CA ARG A 416 -31.62 -6.13 -23.09
C ARG A 416 -30.74 -6.19 -21.83
N SER A 417 -29.49 -5.73 -21.94
CA SER A 417 -28.46 -5.71 -20.85
C SER A 417 -28.83 -4.69 -19.75
N ASP A 418 -29.61 -3.66 -20.09
CA ASP A 418 -30.31 -2.74 -19.16
C ASP A 418 -31.15 -3.57 -18.15
N ARG A 419 -31.69 -4.73 -18.57
CA ARG A 419 -32.30 -5.71 -17.65
C ARG A 419 -31.28 -6.78 -17.22
N VAL A 420 -30.52 -7.34 -18.15
CA VAL A 420 -29.78 -8.61 -17.89
C VAL A 420 -28.54 -8.36 -17.03
N ALA A 421 -27.96 -7.15 -17.02
CA ALA A 421 -26.84 -6.77 -16.10
C ALA A 421 -27.23 -7.06 -14.63
N LYS A 422 -28.48 -6.87 -14.26
CA LYS A 422 -28.98 -7.12 -12.89
C LYS A 422 -29.01 -8.64 -12.65
N TYR A 423 -29.52 -9.42 -13.61
CA TYR A 423 -29.58 -10.91 -13.54
C TYR A 423 -28.15 -11.45 -13.45
N ASN A 424 -27.22 -10.87 -14.20
CA ASN A 424 -25.79 -11.29 -14.17
C ASN A 424 -25.20 -11.01 -12.76
N GLN A 425 -25.47 -9.82 -12.22
CA GLN A 425 -24.99 -9.40 -10.89
C GLN A 425 -25.56 -10.35 -9.82
N LEU A 426 -26.84 -10.73 -9.91
CA LEU A 426 -27.49 -11.67 -8.97
C LEU A 426 -26.80 -13.04 -9.00
N ILE A 427 -26.39 -13.49 -10.19
CA ILE A 427 -25.66 -14.78 -10.40
C ILE A 427 -24.27 -14.66 -9.74
N ARG A 428 -23.57 -13.54 -9.93
CA ARG A 428 -22.22 -13.32 -9.33
C ARG A 428 -22.36 -13.37 -7.81
N ILE A 429 -23.38 -12.68 -7.29
CA ILE A 429 -23.59 -12.53 -5.82
C ILE A 429 -23.91 -13.90 -5.22
N GLU A 430 -24.82 -14.67 -5.83
CA GLU A 430 -25.22 -16.02 -5.36
C GLU A 430 -24.03 -16.98 -5.42
N GLU A 431 -23.18 -16.83 -6.44
CA GLU A 431 -21.90 -17.58 -6.57
C GLU A 431 -21.04 -17.36 -5.32
N ALA A 432 -20.94 -16.15 -4.80
CA ALA A 432 -20.16 -15.84 -3.58
C ALA A 432 -20.87 -16.44 -2.35
N LEU A 433 -22.18 -16.30 -2.23
CA LEU A 433 -22.88 -16.47 -0.94
C LEU A 433 -23.46 -17.88 -0.81
N GLY A 434 -23.79 -18.56 -1.91
CA GLY A 434 -24.49 -19.85 -1.84
C GLY A 434 -25.70 -19.78 -0.94
N GLU A 435 -25.86 -20.71 0.02
CA GLU A 435 -27.06 -20.79 0.91
C GLU A 435 -27.01 -19.75 2.04
N LYS A 436 -25.93 -18.97 2.18
CA LYS A 436 -25.89 -17.76 3.03
C LYS A 436 -26.87 -16.73 2.45
N ALA A 437 -27.31 -16.89 1.20
CA ALA A 437 -28.42 -16.12 0.62
C ALA A 437 -29.43 -17.07 -0.01
N PRO A 438 -30.35 -17.68 0.77
CA PRO A 438 -31.29 -18.65 0.20
C PRO A 438 -32.25 -18.00 -0.80
N TYR A 439 -32.57 -18.71 -1.88
CA TYR A 439 -33.75 -18.41 -2.73
C TYR A 439 -35.00 -19.04 -2.10
N ASN A 440 -35.88 -18.26 -1.48
CA ASN A 440 -36.99 -18.74 -0.61
C ASN A 440 -38.25 -19.05 -1.42
N GLY A 441 -38.27 -18.72 -2.71
CA GLY A 441 -39.40 -19.03 -3.62
C GLY A 441 -40.72 -18.40 -3.19
N ARG A 442 -41.80 -19.13 -3.47
CA ARG A 442 -43.23 -18.68 -3.44
C ARG A 442 -43.54 -17.96 -2.11
N LYS A 443 -42.87 -18.33 -1.01
CA LYS A 443 -43.23 -17.87 0.37
C LYS A 443 -42.86 -16.39 0.54
N GLU A 444 -42.05 -15.82 -0.36
CA GLU A 444 -41.66 -14.39 -0.34
C GLU A 444 -42.87 -13.51 -0.68
N ILE A 445 -43.80 -14.04 -1.47
CA ILE A 445 -44.96 -13.28 -2.06
C ILE A 445 -46.07 -13.19 -1.01
N LYS A 446 -46.62 -11.98 -0.84
CA LYS A 446 -47.65 -11.65 0.19
C LYS A 446 -48.92 -12.43 -0.16
N GLY A 447 -49.42 -13.24 0.78
CA GLY A 447 -50.64 -14.05 0.61
C GLY A 447 -50.38 -15.51 0.29
N GLN A 448 -49.14 -16.02 0.45
CA GLN A 448 -48.72 -17.43 0.18
C GLN A 448 -48.24 -18.08 1.48
N GLN B 11 14.26 0.31 -3.96
CA GLN B 11 14.55 -0.60 -2.82
C GLN B 11 13.25 -1.33 -2.41
N GLN B 12 12.04 -0.71 -2.47
CA GLN B 12 10.72 -1.43 -2.41
C GLN B 12 10.15 -1.71 -3.82
N MET B 13 9.75 -2.97 -4.07
CA MET B 13 8.99 -3.43 -5.27
C MET B 13 7.49 -3.11 -5.11
N GLY B 14 6.96 -2.16 -5.90
CA GLY B 14 5.50 -1.90 -6.06
C GLY B 14 4.71 -3.14 -6.44
N ARG B 15 3.40 -3.16 -6.16
CA ARG B 15 2.53 -4.33 -6.44
C ARG B 15 2.29 -4.43 -7.94
N GLY B 16 2.39 -3.29 -8.63
CA GLY B 16 2.30 -3.22 -10.10
C GLY B 16 3.18 -4.28 -10.72
N SER B 17 4.32 -4.61 -10.10
CA SER B 17 5.33 -5.54 -10.65
C SER B 17 4.94 -7.01 -10.41
N MET B 18 3.98 -7.27 -9.53
CA MET B 18 3.56 -8.67 -9.23
C MET B 18 2.34 -8.97 -10.07
N SER B 19 2.59 -9.27 -11.35
CA SER B 19 1.58 -9.35 -12.43
C SER B 19 1.51 -10.78 -12.96
N LYS B 20 2.05 -11.74 -12.18
CA LYS B 20 1.85 -13.20 -12.41
C LYS B 20 0.39 -13.55 -12.10
N ILE B 21 -0.20 -14.41 -12.91
CA ILE B 21 -1.61 -14.86 -12.79
C ILE B 21 -1.67 -15.92 -11.70
N VAL B 22 -2.48 -15.71 -10.65
CA VAL B 22 -2.62 -16.64 -9.49
C VAL B 22 -3.97 -17.36 -9.53
N LYS B 23 -4.99 -16.79 -10.17
CA LYS B 23 -6.32 -17.46 -10.31
C LYS B 23 -7.02 -16.96 -11.56
N ILE B 24 -7.78 -17.84 -12.22
CA ILE B 24 -8.69 -17.47 -13.32
C ILE B 24 -10.00 -18.20 -13.08
N ILE B 25 -11.12 -17.49 -13.09
CA ILE B 25 -12.48 -18.04 -12.83
C ILE B 25 -13.33 -17.84 -14.07
N GLY B 26 -14.03 -18.89 -14.51
CA GLY B 26 -14.99 -18.86 -15.62
C GLY B 26 -16.40 -19.02 -15.08
N ARG B 27 -17.38 -18.37 -15.72
CA ARG B 27 -18.80 -18.48 -15.29
C ARG B 27 -19.72 -18.19 -16.48
N GLU B 28 -20.92 -18.77 -16.39
CA GLU B 28 -22.02 -18.62 -17.35
C GLU B 28 -22.91 -17.47 -16.89
N ILE B 29 -22.88 -16.35 -17.63
CA ILE B 29 -23.80 -15.18 -17.49
C ILE B 29 -24.73 -15.19 -18.73
N ILE B 30 -25.54 -14.14 -18.89
CA ILE B 30 -26.58 -14.05 -19.96
C ILE B 30 -26.33 -12.81 -20.82
N ASP B 31 -26.53 -12.94 -22.13
CA ASP B 31 -26.34 -11.85 -23.14
C ASP B 31 -27.66 -11.10 -23.32
N SER B 32 -27.64 -10.08 -24.17
CA SER B 32 -28.76 -9.15 -24.41
C SER B 32 -29.92 -9.87 -25.13
N ARG B 33 -29.73 -11.12 -25.55
CA ARG B 33 -30.80 -11.91 -26.19
C ARG B 33 -31.32 -12.96 -25.21
N GLY B 34 -30.73 -13.04 -24.01
CA GLY B 34 -31.10 -14.04 -22.99
C GLY B 34 -30.38 -15.37 -23.15
N ASN B 35 -29.34 -15.44 -23.99
CA ASN B 35 -28.57 -16.70 -24.23
C ASN B 35 -27.33 -16.66 -23.37
N PRO B 36 -26.92 -17.82 -22.80
CA PRO B 36 -25.72 -17.87 -21.96
C PRO B 36 -24.51 -17.42 -22.77
N THR B 37 -23.57 -16.73 -22.14
CA THR B 37 -22.19 -16.54 -22.67
C THR B 37 -21.16 -16.64 -21.55
N VAL B 38 -19.90 -16.65 -21.93
CA VAL B 38 -18.78 -16.88 -21.00
C VAL B 38 -18.35 -15.53 -20.42
N GLU B 39 -18.15 -15.50 -19.09
CA GLU B 39 -17.46 -14.42 -18.37
C GLU B 39 -16.25 -15.04 -17.70
N ALA B 40 -15.14 -14.32 -17.69
CA ALA B 40 -13.85 -14.74 -17.10
C ALA B 40 -13.35 -13.64 -16.19
N GLU B 41 -12.76 -14.03 -15.05
CA GLU B 41 -11.95 -13.16 -14.17
C GLU B 41 -10.50 -13.60 -14.17
N VAL B 42 -9.55 -12.69 -14.29
CA VAL B 42 -8.10 -12.99 -14.17
C VAL B 42 -7.59 -12.21 -12.97
N HIS B 43 -6.90 -12.90 -12.08
CA HIS B 43 -6.43 -12.36 -10.78
C HIS B 43 -4.91 -12.40 -10.73
N LEU B 44 -4.26 -11.26 -10.52
CA LEU B 44 -2.78 -11.23 -10.45
C LEU B 44 -2.33 -11.30 -8.99
N GLU B 45 -1.11 -11.80 -8.79
CA GLU B 45 -0.43 -11.91 -7.48
C GLU B 45 -0.56 -10.58 -6.75
N GLY B 46 -0.38 -9.44 -7.42
CA GLY B 46 -0.39 -8.11 -6.77
C GLY B 46 -1.79 -7.62 -6.45
N GLY B 47 -2.78 -8.50 -6.58
CA GLY B 47 -4.19 -8.26 -6.18
C GLY B 47 -4.95 -7.44 -7.19
N PHE B 48 -4.61 -7.55 -8.47
CA PHE B 48 -5.31 -6.90 -9.61
C PHE B 48 -6.30 -7.89 -10.25
N VAL B 49 -7.44 -7.37 -10.68
CA VAL B 49 -8.52 -8.21 -11.30
C VAL B 49 -8.95 -7.56 -12.61
N GLY B 50 -9.20 -8.38 -13.61
CA GLY B 50 -9.97 -7.99 -14.79
C GLY B 50 -11.06 -9.01 -15.04
N MET B 51 -12.15 -8.55 -15.62
CA MET B 51 -13.35 -9.39 -15.85
C MET B 51 -13.89 -9.01 -17.22
N ALA B 52 -14.29 -9.97 -18.06
CA ALA B 52 -14.81 -9.68 -19.41
C ALA B 52 -15.73 -10.81 -19.85
N ALA B 53 -16.59 -10.52 -20.84
CA ALA B 53 -17.53 -11.48 -21.44
C ALA B 53 -17.31 -11.58 -22.96
N ALA B 54 -17.57 -12.75 -23.51
CA ALA B 54 -17.71 -12.98 -24.96
C ALA B 54 -19.08 -12.48 -25.41
N PRO B 55 -19.14 -11.80 -26.57
CA PRO B 55 -20.40 -11.56 -27.27
C PRO B 55 -20.75 -12.79 -28.09
N SER B 56 -21.92 -12.80 -28.74
CA SER B 56 -22.41 -13.89 -29.64
C SER B 56 -23.14 -13.28 -30.84
N GLY B 57 -22.83 -13.73 -32.06
CA GLY B 57 -23.44 -13.26 -33.31
C GLY B 57 -24.70 -14.05 -33.65
N ALA B 58 -25.72 -13.41 -34.26
CA ALA B 58 -27.04 -14.00 -34.59
C ALA B 58 -26.90 -14.91 -35.83
N SER B 59 -26.31 -14.39 -36.90
CA SER B 59 -25.71 -15.20 -37.99
C SER B 59 -24.22 -14.91 -38.00
N THR B 60 -23.43 -15.98 -37.94
CA THR B 60 -21.95 -16.01 -37.97
C THR B 60 -21.54 -16.23 -39.43
N GLY B 61 -20.37 -15.72 -39.86
CA GLY B 61 -19.68 -16.19 -41.08
C GLY B 61 -19.29 -17.66 -40.95
N SER B 62 -19.17 -18.40 -42.07
CA SER B 62 -18.87 -19.87 -42.05
C SER B 62 -17.45 -20.13 -41.50
N ARG B 63 -16.54 -19.16 -41.55
CA ARG B 63 -15.10 -19.36 -41.22
C ARG B 63 -14.77 -18.79 -39.81
N GLU B 64 -15.75 -18.29 -39.05
CA GLU B 64 -15.53 -17.79 -37.67
C GLU B 64 -14.97 -18.89 -36.76
N ALA B 65 -14.09 -18.51 -35.83
CA ALA B 65 -13.58 -19.42 -34.77
C ALA B 65 -14.78 -19.93 -33.95
N LEU B 66 -14.86 -21.24 -33.72
CA LEU B 66 -16.07 -21.90 -33.13
C LEU B 66 -16.45 -21.24 -31.79
N GLU B 67 -17.72 -20.86 -31.68
CA GLU B 67 -18.43 -20.62 -30.39
C GLU B 67 -18.86 -21.98 -29.84
N LEU B 68 -18.27 -22.43 -28.75
CA LEU B 68 -18.59 -23.73 -28.11
C LEU B 68 -19.87 -23.65 -27.25
N ARG B 69 -20.93 -24.31 -27.69
CA ARG B 69 -22.21 -24.48 -26.93
C ARG B 69 -22.34 -25.93 -26.45
N ASP B 70 -23.12 -26.20 -25.41
CA ASP B 70 -23.23 -27.56 -24.80
C ASP B 70 -24.11 -28.44 -25.69
N GLY B 71 -25.14 -27.87 -26.31
CA GLY B 71 -26.19 -28.61 -27.05
C GLY B 71 -27.07 -29.43 -26.13
N ASP B 72 -27.16 -29.11 -24.83
CA ASP B 72 -27.98 -29.85 -23.83
C ASP B 72 -29.44 -29.34 -23.86
N LYS B 73 -30.32 -30.00 -24.64
CA LYS B 73 -31.72 -29.58 -24.97
C LYS B 73 -32.57 -29.28 -23.72
N SER B 74 -32.19 -29.77 -22.54
CA SER B 74 -32.92 -29.58 -21.26
C SER B 74 -32.51 -28.27 -20.58
N ARG B 75 -31.67 -27.44 -21.22
CA ARG B 75 -31.07 -26.23 -20.59
C ARG B 75 -30.88 -25.14 -21.63
N PHE B 76 -31.47 -23.98 -21.43
CA PHE B 76 -31.30 -22.83 -22.35
C PHE B 76 -31.47 -23.30 -23.81
N LEU B 77 -32.33 -24.28 -24.09
CA LEU B 77 -32.62 -24.78 -25.47
C LEU B 77 -31.30 -25.18 -26.17
N GLY B 78 -30.39 -25.79 -25.41
CA GLY B 78 -29.11 -26.37 -25.88
C GLY B 78 -28.01 -25.33 -25.98
N LYS B 79 -28.23 -24.11 -25.46
CA LYS B 79 -27.29 -22.99 -25.70
C LYS B 79 -26.46 -22.72 -24.44
N GLY B 80 -26.39 -23.68 -23.51
CA GLY B 80 -25.52 -23.58 -22.31
C GLY B 80 -24.08 -23.45 -22.76
N VAL B 81 -23.16 -22.95 -21.90
CA VAL B 81 -21.70 -22.81 -22.23
C VAL B 81 -20.87 -23.33 -21.05
N THR B 82 -21.40 -24.33 -20.34
CA THR B 82 -20.74 -25.01 -19.19
C THR B 82 -19.44 -25.69 -19.68
N LYS B 83 -19.39 -26.12 -20.94
CA LYS B 83 -18.18 -26.80 -21.48
C LYS B 83 -17.05 -25.78 -21.58
N ALA B 84 -17.31 -24.63 -22.22
CA ALA B 84 -16.35 -23.52 -22.43
C ALA B 84 -15.85 -22.95 -21.08
N VAL B 85 -16.76 -22.83 -20.10
CA VAL B 85 -16.47 -22.34 -18.72
C VAL B 85 -15.53 -23.34 -18.05
N ALA B 86 -15.80 -24.64 -18.22
CA ALA B 86 -14.99 -25.74 -17.65
C ALA B 86 -13.57 -25.59 -18.18
N ALA B 87 -13.45 -25.31 -19.49
CA ALA B 87 -12.15 -25.01 -20.16
C ALA B 87 -11.46 -23.85 -19.45
N VAL B 88 -12.19 -22.80 -19.12
CA VAL B 88 -11.58 -21.62 -18.46
C VAL B 88 -11.06 -22.03 -17.08
N ASN B 89 -11.91 -22.63 -16.24
CA ASN B 89 -11.59 -22.97 -14.82
C ASN B 89 -10.52 -24.06 -14.71
N GLY B 90 -10.41 -24.99 -15.66
CA GLY B 90 -9.48 -26.13 -15.59
C GLY B 90 -8.20 -25.92 -16.40
N PRO B 91 -8.17 -26.41 -17.65
CA PRO B 91 -6.96 -26.40 -18.47
C PRO B 91 -6.34 -25.00 -18.69
N ILE B 92 -7.17 -24.01 -19.02
CA ILE B 92 -6.68 -22.63 -19.34
C ILE B 92 -6.11 -21.98 -18.07
N ALA B 93 -6.83 -22.07 -16.95
CA ALA B 93 -6.32 -21.57 -15.66
C ALA B 93 -4.98 -22.26 -15.38
N GLN B 94 -4.93 -23.58 -15.53
CA GLN B 94 -3.80 -24.43 -15.07
C GLN B 94 -2.54 -24.06 -15.87
N ALA B 95 -2.70 -23.80 -17.18
CA ALA B 95 -1.59 -23.46 -18.10
C ALA B 95 -1.13 -22.03 -17.89
N LEU B 96 -1.96 -21.16 -17.33
CA LEU B 96 -1.70 -19.69 -17.30
C LEU B 96 -1.21 -19.26 -15.92
N ILE B 97 -1.57 -19.98 -14.84
CA ILE B 97 -1.05 -19.69 -13.47
C ILE B 97 0.46 -19.41 -13.61
N GLY B 98 0.93 -18.33 -12.99
CA GLY B 98 2.36 -18.00 -12.89
C GLY B 98 2.92 -17.30 -14.12
N LYS B 99 2.12 -17.09 -15.15
CA LYS B 99 2.51 -16.37 -16.40
C LYS B 99 2.19 -14.88 -16.26
N ASP B 100 3.00 -14.01 -16.87
CA ASP B 100 2.89 -12.54 -16.76
C ASP B 100 1.72 -12.03 -17.61
N ALA B 101 0.69 -11.42 -17.00
CA ALA B 101 -0.50 -10.90 -17.72
C ALA B 101 -0.08 -9.79 -18.68
N LYS B 102 0.97 -9.02 -18.33
CA LYS B 102 1.45 -7.84 -19.09
C LYS B 102 1.90 -8.24 -20.51
N ASP B 103 2.25 -9.51 -20.70
CA ASP B 103 2.70 -10.10 -21.98
C ASP B 103 1.47 -10.69 -22.66
N GLN B 104 0.64 -9.84 -23.30
CA GLN B 104 -0.69 -10.23 -23.84
C GLN B 104 -0.49 -11.32 -24.89
N ALA B 105 0.56 -11.16 -25.71
CA ALA B 105 0.91 -12.04 -26.85
C ALA B 105 1.33 -13.43 -26.34
N GLY B 106 2.13 -13.50 -25.27
CA GLY B 106 2.55 -14.75 -24.60
C GLY B 106 1.37 -15.54 -24.05
N ILE B 107 0.49 -14.85 -23.30
CA ILE B 107 -0.78 -15.40 -22.75
C ILE B 107 -1.64 -15.96 -23.92
N ASP B 108 -1.96 -15.13 -24.91
CA ASP B 108 -2.86 -15.55 -26.02
C ASP B 108 -2.23 -16.75 -26.72
N LYS B 109 -0.91 -16.74 -26.91
CA LYS B 109 -0.12 -17.86 -27.53
C LYS B 109 -0.30 -19.16 -26.73
N ILE B 110 -0.16 -19.14 -25.40
CA ILE B 110 -0.30 -20.37 -24.55
C ILE B 110 -1.68 -21.00 -24.78
N MET B 111 -2.74 -20.19 -24.90
CA MET B 111 -4.13 -20.72 -25.00
C MET B 111 -4.35 -21.26 -26.41
N ILE B 112 -3.87 -20.55 -27.44
CA ILE B 112 -4.07 -20.98 -28.85
C ILE B 112 -3.36 -22.33 -29.05
N ASP B 113 -2.14 -22.47 -28.52
CA ASP B 113 -1.31 -23.69 -28.64
C ASP B 113 -2.00 -24.81 -27.85
N LEU B 114 -2.39 -24.54 -26.59
CA LEU B 114 -3.00 -25.59 -25.75
C LEU B 114 -4.30 -26.10 -26.39
N ASP B 115 -5.07 -25.23 -27.03
CA ASP B 115 -6.32 -25.65 -27.72
C ASP B 115 -5.91 -26.48 -28.93
N GLY B 116 -4.89 -26.00 -29.65
CA GLY B 116 -4.19 -26.77 -30.69
C GLY B 116 -5.00 -26.92 -31.98
N THR B 117 -6.28 -26.55 -32.03
CA THR B 117 -7.08 -26.59 -33.29
C THR B 117 -6.99 -25.24 -34.00
N GLU B 118 -7.42 -25.25 -35.27
CA GLU B 118 -7.35 -24.12 -36.23
C GLU B 118 -8.37 -23.06 -35.81
N ASN B 119 -9.56 -23.47 -35.37
CA ASN B 119 -10.73 -22.60 -35.10
C ASN B 119 -11.10 -22.64 -33.61
N LYS B 120 -10.14 -23.01 -32.75
CA LYS B 120 -10.34 -22.98 -31.28
C LYS B 120 -11.55 -23.84 -30.95
N SER B 121 -11.66 -25.03 -31.57
CA SER B 121 -12.82 -25.96 -31.48
C SER B 121 -12.72 -26.87 -30.24
N LYS B 122 -11.66 -26.78 -29.43
CA LYS B 122 -11.51 -27.64 -28.23
C LYS B 122 -12.11 -26.92 -27.02
N PHE B 123 -11.62 -25.72 -26.70
CA PHE B 123 -12.05 -24.95 -25.52
C PHE B 123 -13.17 -23.99 -25.94
N GLY B 124 -13.14 -23.57 -27.20
CA GLY B 124 -14.09 -22.57 -27.74
C GLY B 124 -13.51 -21.18 -27.74
N ALA B 125 -13.81 -20.40 -28.79
CA ALA B 125 -13.36 -19.01 -28.98
C ALA B 125 -14.00 -18.11 -27.92
N ASN B 126 -15.15 -18.50 -27.37
CA ASN B 126 -15.82 -17.71 -26.32
C ASN B 126 -14.98 -17.86 -25.03
N ALA B 127 -14.42 -19.04 -24.76
CA ALA B 127 -13.60 -19.30 -23.55
C ALA B 127 -12.29 -18.53 -23.65
N ILE B 128 -11.59 -18.71 -24.77
CA ILE B 128 -10.23 -18.14 -24.99
C ILE B 128 -10.35 -16.61 -25.04
N LEU B 129 -11.41 -16.07 -25.67
CA LEU B 129 -11.55 -14.59 -25.81
C LEU B 129 -11.80 -13.97 -24.43
N ALA B 130 -12.76 -14.49 -23.67
CA ALA B 130 -13.10 -13.96 -22.33
C ALA B 130 -11.83 -13.88 -21.48
N VAL B 131 -11.02 -14.94 -21.44
CA VAL B 131 -9.73 -14.89 -20.69
C VAL B 131 -8.81 -13.85 -21.36
N SER B 132 -8.79 -13.77 -22.70
CA SER B 132 -7.87 -12.89 -23.42
C SER B 132 -8.15 -11.45 -22.95
N LEU B 133 -9.43 -11.11 -22.81
CA LEU B 133 -9.88 -9.71 -22.59
C LEU B 133 -9.74 -9.36 -21.11
N ALA B 134 -10.07 -10.32 -20.22
CA ALA B 134 -9.91 -10.19 -18.75
C ALA B 134 -8.44 -10.08 -18.38
N ASN B 135 -7.58 -10.88 -19.06
CA ASN B 135 -6.11 -10.80 -18.92
C ASN B 135 -5.68 -9.36 -19.19
N ALA B 136 -6.07 -8.80 -20.35
CA ALA B 136 -5.68 -7.44 -20.79
C ALA B 136 -6.01 -6.41 -19.70
N LYS B 137 -7.25 -6.43 -19.19
CA LYS B 137 -7.79 -5.48 -18.21
C LYS B 137 -6.98 -5.55 -16.90
N ALA B 138 -6.62 -6.76 -16.48
CA ALA B 138 -5.87 -7.02 -15.24
C ALA B 138 -4.46 -6.44 -15.35
N ALA B 139 -3.80 -6.63 -16.50
CA ALA B 139 -2.47 -6.05 -16.83
C ALA B 139 -2.58 -4.53 -16.82
N ALA B 140 -3.63 -3.99 -17.43
CA ALA B 140 -3.90 -2.54 -17.47
C ALA B 140 -3.90 -2.02 -16.03
N ALA B 141 -4.59 -2.74 -15.14
CA ALA B 141 -4.67 -2.38 -13.71
C ALA B 141 -3.25 -2.42 -13.10
N ALA B 142 -2.52 -3.51 -13.32
CA ALA B 142 -1.14 -3.70 -12.83
C ALA B 142 -0.29 -2.52 -13.31
N LYS B 143 -0.50 -2.05 -14.53
CA LYS B 143 0.33 -0.98 -15.13
C LYS B 143 -0.17 0.39 -14.69
N GLY B 144 -1.29 0.44 -13.97
CA GLY B 144 -1.84 1.70 -13.41
C GLY B 144 -2.42 2.57 -14.51
N MET B 145 -3.06 1.98 -15.50
CA MET B 145 -3.58 2.76 -16.65
C MET B 145 -4.93 2.20 -17.08
N PRO B 146 -5.77 3.07 -17.66
CA PRO B 146 -7.02 2.64 -18.27
C PRO B 146 -6.80 1.74 -19.48
N LEU B 147 -7.79 0.96 -19.85
CA LEU B 147 -7.62 -0.10 -20.87
C LEU B 147 -7.18 0.50 -22.22
N TYR B 148 -7.74 1.62 -22.66
CA TYR B 148 -7.40 2.23 -23.97
C TYR B 148 -5.90 2.54 -24.01
N GLU B 149 -5.35 2.96 -22.89
CA GLU B 149 -3.91 3.28 -22.77
C GLU B 149 -3.07 2.01 -22.90
N HIS B 150 -3.41 0.94 -22.20
CA HIS B 150 -2.73 -0.37 -22.29
C HIS B 150 -2.81 -0.87 -23.76
N ILE B 151 -3.99 -0.83 -24.38
CA ILE B 151 -4.18 -1.37 -25.77
C ILE B 151 -3.28 -0.59 -26.74
N ALA B 152 -3.23 0.74 -26.65
CA ALA B 152 -2.34 1.60 -27.48
C ALA B 152 -0.87 1.14 -27.33
N GLU B 153 -0.46 0.63 -26.15
CA GLU B 153 0.92 0.14 -25.86
C GLU B 153 1.12 -1.29 -26.41
N LEU B 154 0.15 -2.19 -26.19
CA LEU B 154 0.13 -3.55 -26.80
C LEU B 154 0.15 -3.41 -28.33
N ASN B 155 -0.32 -2.31 -28.91
CA ASN B 155 -0.62 -2.19 -30.36
C ASN B 155 0.57 -1.53 -31.06
N GLY B 156 1.60 -1.18 -30.28
CA GLY B 156 2.81 -0.54 -30.80
C GLY B 156 2.55 0.89 -31.26
N THR B 157 1.58 1.58 -30.65
CA THR B 157 1.14 2.95 -31.01
C THR B 157 0.89 3.79 -29.76
N PRO B 158 1.93 3.98 -28.91
CA PRO B 158 1.78 4.61 -27.58
C PRO B 158 1.21 6.04 -27.61
N GLY B 159 0.13 6.27 -26.88
CA GLY B 159 -0.46 7.61 -26.73
C GLY B 159 -1.16 8.08 -27.98
N LYS B 160 -1.37 7.20 -28.96
CA LYS B 160 -2.01 7.56 -30.25
C LYS B 160 -3.47 7.09 -30.23
N TYR B 161 -4.38 8.07 -30.05
CA TYR B 161 -5.84 7.87 -29.84
C TYR B 161 -6.68 8.62 -30.87
N SER B 162 -7.88 8.10 -31.15
CA SER B 162 -9.02 8.87 -31.70
C SER B 162 -10.34 8.36 -31.10
N MET B 163 -11.33 9.23 -31.04
CA MET B 163 -12.73 8.86 -30.79
C MET B 163 -13.35 8.40 -32.11
N PRO B 164 -13.91 7.18 -32.17
CA PRO B 164 -14.39 6.61 -33.43
C PRO B 164 -15.70 7.22 -33.92
N VAL B 165 -15.85 7.34 -35.23
CA VAL B 165 -17.13 7.79 -35.86
C VAL B 165 -18.05 6.58 -35.87
N PRO B 166 -19.16 6.66 -35.14
CA PRO B 166 -20.08 5.54 -35.04
C PRO B 166 -21.06 5.45 -36.23
N MET B 167 -21.35 4.22 -36.64
CA MET B 167 -22.42 3.92 -37.62
C MET B 167 -23.51 3.16 -36.85
N MET B 168 -24.68 3.80 -36.70
CA MET B 168 -25.74 3.38 -35.74
C MET B 168 -26.90 2.74 -36.50
N ASN B 169 -27.16 1.45 -36.23
CA ASN B 169 -28.20 0.62 -36.89
C ASN B 169 -29.58 1.02 -36.38
N ILE B 170 -30.26 1.96 -37.04
CA ILE B 170 -31.60 2.45 -36.60
C ILE B 170 -32.75 1.91 -37.46
N ILE B 171 -32.54 1.20 -38.57
CA ILE B 171 -33.64 0.44 -39.23
C ILE B 171 -33.15 -0.98 -39.50
N ASN B 172 -33.71 -1.96 -38.78
CA ASN B 172 -33.32 -3.39 -38.84
C ASN B 172 -34.07 -3.98 -40.07
N GLY B 173 -33.68 -5.18 -40.52
CA GLY B 173 -34.20 -5.84 -41.75
C GLY B 173 -33.65 -7.26 -41.95
N GLY B 174 -34.03 -7.92 -43.07
CA GLY B 174 -33.56 -9.26 -43.45
C GLY B 174 -34.06 -10.34 -42.52
N GLU B 175 -33.19 -10.94 -41.70
CA GLU B 175 -33.58 -11.91 -40.63
C GLU B 175 -33.82 -11.15 -39.32
N ASP B 178 -37.94 -8.40 -40.51
CA ASP B 178 -39.21 -9.19 -40.35
C ASP B 178 -40.34 -8.47 -41.08
N ASN B 179 -40.13 -8.17 -42.36
CA ASN B 179 -40.78 -7.05 -43.11
C ASN B 179 -40.49 -7.27 -44.60
N ASN B 180 -40.71 -6.28 -45.46
CA ASN B 180 -40.26 -6.35 -46.89
C ASN B 180 -38.82 -5.83 -47.08
N VAL B 181 -37.99 -5.87 -46.03
CA VAL B 181 -36.61 -5.26 -46.01
C VAL B 181 -35.57 -6.39 -45.98
N ASP B 182 -34.90 -6.62 -47.12
CA ASP B 182 -33.85 -7.65 -47.33
C ASP B 182 -32.54 -7.22 -46.65
N ILE B 183 -32.12 -5.97 -46.90
CA ILE B 183 -30.93 -5.33 -46.29
C ILE B 183 -31.06 -5.49 -44.78
N GLN B 184 -30.04 -6.03 -44.13
CA GLN B 184 -30.04 -6.34 -42.67
C GLN B 184 -30.02 -5.03 -41.85
N GLU B 185 -29.16 -4.07 -42.16
CA GLU B 185 -28.97 -2.86 -41.30
C GLU B 185 -28.85 -1.61 -42.18
N PHE B 186 -29.62 -0.58 -41.85
CA PHE B 186 -29.46 0.82 -42.29
C PHE B 186 -28.95 1.63 -41.11
N MET B 187 -27.87 2.37 -41.33
CA MET B 187 -27.13 3.06 -40.26
C MET B 187 -26.95 4.53 -40.63
N ILE B 188 -26.94 5.41 -39.63
CA ILE B 188 -26.55 6.85 -39.75
C ILE B 188 -25.17 7.02 -39.11
N GLN B 189 -24.40 7.98 -39.64
CA GLN B 189 -23.03 8.36 -39.19
C GLN B 189 -22.98 9.87 -39.00
N PRO B 190 -22.95 10.36 -37.75
CA PRO B 190 -22.88 11.79 -37.48
C PRO B 190 -21.48 12.38 -37.74
N VAL B 191 -21.09 12.39 -39.01
CA VAL B 191 -19.75 12.86 -39.47
C VAL B 191 -19.60 14.37 -39.22
N GLY B 192 -20.70 15.11 -39.10
CA GLY B 192 -20.70 16.57 -38.96
C GLY B 192 -20.41 17.02 -37.54
N ALA B 193 -20.40 16.11 -36.57
CA ALA B 193 -20.05 16.36 -35.16
C ALA B 193 -18.54 16.66 -35.00
N LYS B 194 -18.19 17.49 -34.01
CA LYS B 194 -16.81 17.87 -33.61
C LYS B 194 -16.27 16.91 -32.56
N THR B 195 -17.15 16.27 -31.78
CA THR B 195 -16.81 15.35 -30.68
C THR B 195 -17.71 14.12 -30.74
N VAL B 196 -17.35 13.06 -30.03
CA VAL B 196 -18.15 11.80 -29.99
C VAL B 196 -19.37 12.02 -29.08
N LYS B 197 -19.28 12.95 -28.13
CA LYS B 197 -20.42 13.33 -27.27
C LYS B 197 -21.51 13.92 -28.17
N GLU B 198 -21.13 14.80 -29.10
CA GLU B 198 -22.08 15.50 -30.02
C GLU B 198 -22.67 14.47 -30.98
N ALA B 199 -21.81 13.59 -31.49
CA ALA B 199 -22.17 12.52 -32.44
C ALA B 199 -23.25 11.67 -31.80
N ILE B 200 -23.06 11.33 -30.53
CA ILE B 200 -24.00 10.46 -29.76
C ILE B 200 -25.29 11.23 -29.56
N ARG B 201 -25.21 12.53 -29.27
CA ARG B 201 -26.42 13.36 -29.10
C ARG B 201 -27.20 13.38 -30.42
N MET B 202 -26.51 13.59 -31.53
CA MET B 202 -27.16 13.71 -32.86
C MET B 202 -27.89 12.40 -33.16
N GLY B 203 -27.28 11.25 -32.84
CA GLY B 203 -27.88 9.93 -33.10
C GLY B 203 -29.10 9.70 -32.23
N SER B 204 -29.05 10.10 -30.97
CA SER B 204 -30.22 10.10 -30.04
C SER B 204 -31.38 10.89 -30.69
N GLU B 205 -31.08 12.10 -31.14
CA GLU B 205 -32.07 13.05 -31.68
C GLU B 205 -32.71 12.41 -32.92
N VAL B 206 -31.92 11.87 -33.84
CA VAL B 206 -32.47 11.31 -35.10
C VAL B 206 -33.30 10.07 -34.76
N PHE B 207 -32.81 9.23 -33.84
CA PHE B 207 -33.48 7.98 -33.40
C PHE B 207 -34.89 8.33 -32.86
N HIS B 208 -35.00 9.42 -32.09
CA HIS B 208 -36.28 9.80 -31.43
C HIS B 208 -37.22 10.40 -32.48
N HIS B 209 -36.70 11.19 -33.41
CA HIS B 209 -37.54 11.78 -34.49
C HIS B 209 -38.04 10.65 -35.38
N LEU B 210 -37.25 9.60 -35.57
CA LEU B 210 -37.65 8.49 -36.45
C LEU B 210 -38.88 7.82 -35.84
N ALA B 211 -38.88 7.62 -34.53
CA ALA B 211 -40.03 7.05 -33.79
C ALA B 211 -41.31 7.81 -34.16
N LYS B 212 -41.31 9.13 -34.00
CA LYS B 212 -42.46 10.02 -34.35
C LYS B 212 -42.86 9.76 -35.82
N VAL B 213 -41.87 9.62 -36.71
CA VAL B 213 -42.10 9.45 -38.17
C VAL B 213 -42.82 8.12 -38.41
N LEU B 214 -42.44 7.09 -37.68
CA LEU B 214 -42.97 5.72 -37.85
C LEU B 214 -44.36 5.66 -37.22
N LYS B 215 -44.59 6.41 -36.13
CA LYS B 215 -45.91 6.47 -35.45
C LYS B 215 -46.88 7.18 -36.39
N ALA B 216 -46.51 8.37 -36.89
CA ALA B 216 -47.28 9.16 -37.88
C ALA B 216 -47.71 8.29 -39.08
N LYS B 217 -46.88 7.33 -39.53
CA LYS B 217 -47.20 6.40 -40.65
C LYS B 217 -47.88 5.12 -40.15
N GLY B 218 -48.10 4.96 -38.84
CA GLY B 218 -48.76 3.80 -38.21
C GLY B 218 -47.91 2.53 -38.21
N MET B 219 -46.59 2.65 -38.15
CA MET B 219 -45.66 1.49 -38.17
C MET B 219 -45.23 1.19 -36.73
N ASN B 220 -44.67 0.01 -36.52
CA ASN B 220 -44.31 -0.49 -35.18
C ASN B 220 -42.98 0.16 -34.74
N THR B 221 -42.91 0.68 -33.49
CA THR B 221 -41.67 1.28 -32.91
C THR B 221 -41.05 0.40 -31.82
N ALA B 222 -41.39 -0.88 -31.71
CA ALA B 222 -40.60 -1.86 -30.92
C ALA B 222 -39.23 -2.07 -31.59
N VAL B 223 -38.22 -2.57 -30.88
CA VAL B 223 -36.83 -2.65 -31.41
C VAL B 223 -36.35 -4.11 -31.52
N GLY B 224 -35.39 -4.36 -32.44
CA GLY B 224 -34.65 -5.63 -32.54
C GLY B 224 -33.47 -5.71 -31.58
N ASP B 225 -32.56 -6.63 -31.85
CA ASP B 225 -31.37 -6.98 -31.04
C ASP B 225 -30.48 -5.75 -30.80
N GLU B 226 -30.34 -4.87 -31.80
CA GLU B 226 -29.33 -3.78 -31.81
C GLU B 226 -30.02 -2.46 -31.44
N GLY B 227 -31.29 -2.52 -31.01
CA GLY B 227 -32.02 -1.35 -30.49
C GLY B 227 -32.58 -0.47 -31.59
N GLY B 228 -32.60 -0.96 -32.84
CA GLY B 228 -33.20 -0.21 -33.96
C GLY B 228 -34.61 -0.65 -34.18
N TYR B 229 -35.34 0.09 -35.02
CA TYR B 229 -36.75 -0.19 -35.36
C TYR B 229 -36.81 -1.30 -36.41
N ALA B 230 -37.87 -2.10 -36.39
CA ALA B 230 -38.07 -3.27 -37.27
C ALA B 230 -39.43 -3.19 -37.96
N PRO B 231 -39.81 -2.03 -38.52
CA PRO B 231 -41.17 -1.87 -39.06
C PRO B 231 -41.36 -2.62 -40.38
N ASN B 232 -42.61 -2.86 -40.81
CA ASN B 232 -42.88 -3.48 -42.14
C ASN B 232 -42.97 -2.34 -43.17
N LEU B 233 -41.95 -2.20 -44.00
CA LEU B 233 -41.82 -1.18 -45.07
C LEU B 233 -42.13 -1.79 -46.44
N GLY B 234 -42.53 -0.96 -47.39
CA GLY B 234 -42.84 -1.36 -48.77
C GLY B 234 -41.62 -1.95 -49.46
N SER B 235 -40.53 -1.18 -49.53
CA SER B 235 -39.30 -1.56 -50.26
C SER B 235 -38.09 -1.35 -49.36
N ASN B 236 -36.95 -1.98 -49.69
CA ASN B 236 -35.62 -1.67 -49.11
C ASN B 236 -35.41 -0.14 -49.11
N ALA B 237 -35.84 0.54 -50.17
CA ALA B 237 -35.55 1.96 -50.45
C ALA B 237 -36.25 2.88 -49.45
N GLU B 238 -37.47 2.54 -49.03
CA GLU B 238 -38.31 3.36 -48.09
C GLU B 238 -37.62 3.45 -46.70
N ALA B 239 -36.89 2.39 -46.29
CA ALA B 239 -35.97 2.41 -45.12
C ALA B 239 -35.15 3.69 -45.12
N LEU B 240 -34.56 4.03 -46.27
CA LEU B 240 -33.69 5.22 -46.46
C LEU B 240 -34.56 6.47 -46.41
N ALA B 241 -35.72 6.45 -47.07
CA ALA B 241 -36.65 7.59 -47.13
C ALA B 241 -37.10 8.02 -45.72
N VAL B 242 -37.45 7.07 -44.86
CA VAL B 242 -37.92 7.40 -43.48
C VAL B 242 -36.73 7.93 -42.67
N ILE B 243 -35.52 7.41 -42.91
CA ILE B 243 -34.27 7.86 -42.22
C ILE B 243 -33.99 9.32 -42.60
N ALA B 244 -34.10 9.69 -43.88
CA ALA B 244 -34.03 11.09 -44.37
C ALA B 244 -35.09 11.96 -43.66
N GLU B 245 -36.35 11.50 -43.62
CA GLU B 245 -37.45 12.25 -42.94
C GLU B 245 -37.07 12.54 -41.48
N ALA B 246 -36.49 11.55 -40.76
CA ALA B 246 -36.06 11.69 -39.35
C ALA B 246 -34.92 12.72 -39.25
N VAL B 247 -33.92 12.62 -40.14
CA VAL B 247 -32.74 13.53 -40.13
C VAL B 247 -33.23 14.97 -40.34
N LYS B 248 -34.16 15.20 -41.27
CA LYS B 248 -34.69 16.56 -41.58
C LYS B 248 -35.48 17.09 -40.40
N ALA B 249 -36.28 16.25 -39.74
CA ALA B 249 -37.09 16.58 -38.55
C ALA B 249 -36.20 16.94 -37.34
N ALA B 250 -35.01 16.32 -37.21
CA ALA B 250 -34.10 16.56 -36.08
C ALA B 250 -33.30 17.84 -36.31
N GLY B 251 -33.53 18.48 -37.47
CA GLY B 251 -32.90 19.76 -37.87
C GLY B 251 -31.49 19.57 -38.42
N TYR B 252 -31.12 18.37 -38.90
CA TYR B 252 -29.77 18.08 -39.45
C TYR B 252 -29.88 17.91 -40.98
N GLU B 253 -28.80 18.20 -41.70
CA GLU B 253 -28.77 18.18 -43.19
C GLU B 253 -28.14 16.87 -43.65
N LEU B 254 -28.92 16.00 -44.29
CA LEU B 254 -28.42 14.77 -44.97
C LEU B 254 -27.23 15.16 -45.88
N GLY B 255 -26.22 14.31 -46.01
CA GLY B 255 -24.98 14.63 -46.77
C GLY B 255 -23.90 15.27 -45.90
N LYS B 256 -24.14 16.47 -45.38
CA LYS B 256 -23.15 17.29 -44.62
C LYS B 256 -23.03 16.76 -43.17
N ASP B 257 -24.14 16.74 -42.43
CA ASP B 257 -24.18 16.45 -40.98
C ASP B 257 -24.26 14.95 -40.72
N ILE B 258 -24.94 14.21 -41.59
CA ILE B 258 -25.21 12.76 -41.36
C ILE B 258 -25.07 12.05 -42.70
N THR B 259 -24.17 11.05 -42.77
CA THR B 259 -24.01 10.17 -43.96
C THR B 259 -24.71 8.87 -43.58
N LEU B 260 -24.81 7.91 -44.50
CA LEU B 260 -25.57 6.65 -44.30
C LEU B 260 -24.66 5.46 -44.62
N ALA B 261 -24.88 4.34 -43.93
CA ALA B 261 -24.13 3.07 -44.08
C ALA B 261 -25.13 1.92 -44.11
N MET B 262 -24.82 0.85 -44.84
CA MET B 262 -25.66 -0.38 -44.83
C MET B 262 -24.78 -1.58 -44.51
N ASP B 263 -25.44 -2.63 -44.02
CA ASP B 263 -24.93 -4.02 -43.97
C ASP B 263 -25.98 -4.85 -44.72
N CYS B 264 -25.66 -5.25 -45.95
CA CYS B 264 -26.50 -6.10 -46.82
C CYS B 264 -26.61 -7.50 -46.19
N ALA B 265 -25.57 -7.96 -45.51
CA ALA B 265 -25.49 -9.37 -45.07
C ALA B 265 -26.01 -10.21 -46.24
N ALA B 266 -25.48 -9.93 -47.44
CA ALA B 266 -25.97 -10.46 -48.73
C ALA B 266 -25.86 -11.98 -48.78
N SER B 267 -24.98 -12.61 -47.99
CA SER B 267 -24.88 -14.07 -47.78
C SER B 267 -26.29 -14.62 -47.46
N GLU B 268 -27.08 -13.90 -46.67
CA GLU B 268 -28.43 -14.33 -46.19
C GLU B 268 -29.42 -14.52 -47.34
N PHE B 269 -29.35 -13.76 -48.43
CA PHE B 269 -30.35 -13.87 -49.54
C PHE B 269 -29.69 -14.36 -50.85
N TYR B 270 -28.64 -15.20 -50.75
CA TYR B 270 -27.85 -15.74 -51.89
C TYR B 270 -28.21 -17.20 -52.12
N LYS B 271 -28.87 -17.53 -53.24
CA LYS B 271 -29.25 -18.92 -53.58
C LYS B 271 -29.11 -19.15 -55.09
N ASP B 272 -28.46 -20.26 -55.47
CA ASP B 272 -28.14 -20.67 -56.87
C ASP B 272 -27.50 -19.49 -57.59
N GLY B 273 -26.36 -19.02 -57.06
CA GLY B 273 -25.52 -17.95 -57.63
C GLY B 273 -26.30 -16.68 -57.97
N LYS B 274 -27.48 -16.46 -57.39
CA LYS B 274 -28.28 -15.23 -57.63
C LYS B 274 -28.65 -14.62 -56.28
N TYR B 275 -28.90 -13.31 -56.26
CA TYR B 275 -29.23 -12.52 -55.05
C TYR B 275 -30.72 -12.16 -55.11
N VAL B 276 -31.53 -12.77 -54.22
CA VAL B 276 -33.01 -12.80 -54.28
C VAL B 276 -33.58 -11.89 -53.20
N LEU B 277 -34.16 -10.76 -53.58
CA LEU B 277 -34.71 -9.77 -52.62
C LEU B 277 -36.22 -10.00 -52.41
N ALA B 278 -36.61 -10.79 -51.38
CA ALA B 278 -38.02 -11.05 -50.99
C ALA B 278 -38.70 -9.74 -50.57
N GLY B 279 -39.18 -8.96 -51.55
CA GLY B 279 -39.70 -7.59 -51.32
C GLY B 279 -38.88 -6.59 -52.10
N GLU B 280 -39.51 -6.02 -53.14
CA GLU B 280 -38.89 -5.54 -54.42
C GLU B 280 -39.28 -6.55 -55.53
N GLY B 281 -40.40 -7.25 -55.35
CA GLY B 281 -41.00 -8.16 -56.34
C GLY B 281 -40.50 -9.59 -56.20
N ASN B 282 -39.64 -9.88 -55.21
CA ASN B 282 -38.94 -11.17 -55.02
C ASN B 282 -38.05 -11.46 -56.24
N LYS B 283 -37.42 -10.43 -56.83
CA LYS B 283 -36.64 -10.52 -58.10
C LYS B 283 -35.24 -11.09 -57.81
N ALA B 284 -34.58 -11.64 -58.84
CA ALA B 284 -33.26 -12.32 -58.74
C ALA B 284 -32.19 -11.54 -59.52
N PHE B 285 -31.06 -11.24 -58.88
CA PHE B 285 -29.93 -10.41 -59.40
C PHE B 285 -28.65 -11.26 -59.48
N THR B 286 -27.83 -10.96 -60.49
CA THR B 286 -26.44 -11.43 -60.63
C THR B 286 -25.55 -10.52 -59.77
N SER B 287 -24.32 -10.94 -59.46
CA SER B 287 -23.35 -10.14 -58.66
C SER B 287 -23.34 -8.71 -59.19
N GLU B 288 -23.26 -8.59 -60.52
CA GLU B 288 -23.14 -7.29 -61.25
C GLU B 288 -24.44 -6.50 -61.09
N GLU B 289 -25.58 -7.16 -61.33
CA GLU B 289 -26.93 -6.55 -61.24
C GLU B 289 -27.10 -6.03 -59.80
N PHE B 290 -26.79 -6.87 -58.79
CA PHE B 290 -26.91 -6.48 -57.35
C PHE B 290 -25.94 -5.36 -57.01
N THR B 291 -24.70 -5.38 -57.51
CA THR B 291 -23.76 -4.23 -57.43
C THR B 291 -24.44 -2.99 -58.05
N HIS B 292 -25.10 -3.08 -59.20
CA HIS B 292 -25.69 -1.88 -59.86
C HIS B 292 -26.87 -1.37 -59.06
N PHE B 293 -27.65 -2.25 -58.44
CA PHE B 293 -28.76 -1.89 -57.51
C PHE B 293 -28.20 -1.04 -56.35
N LEU B 294 -27.13 -1.50 -55.71
CA LEU B 294 -26.46 -0.79 -54.59
C LEU B 294 -25.92 0.57 -55.08
N GLU B 295 -25.40 0.61 -56.30
CA GLU B 295 -24.89 1.82 -57.00
C GLU B 295 -26.02 2.85 -57.14
N GLU B 296 -27.20 2.40 -57.58
CA GLU B 296 -28.38 3.28 -57.78
C GLU B 296 -28.64 3.97 -56.44
N LEU B 297 -28.66 3.19 -55.35
CA LEU B 297 -29.02 3.70 -54.01
C LEU B 297 -28.05 4.80 -53.59
N THR B 298 -26.78 4.71 -54.02
CA THR B 298 -25.71 5.68 -53.60
C THR B 298 -25.83 6.95 -54.43
N LYS B 299 -26.64 6.94 -55.48
CA LYS B 299 -26.97 8.13 -56.32
C LYS B 299 -28.13 8.88 -55.67
N GLN B 300 -29.12 8.16 -55.12
CA GLN B 300 -30.34 8.74 -54.48
C GLN B 300 -30.05 9.18 -53.03
N TYR B 301 -29.18 8.52 -52.29
CA TYR B 301 -28.93 8.85 -50.86
C TYR B 301 -27.43 8.86 -50.60
N PRO B 302 -26.93 9.70 -49.68
CA PRO B 302 -25.50 9.77 -49.36
C PRO B 302 -24.96 8.53 -48.61
N ILE B 303 -25.14 7.34 -49.19
CA ILE B 303 -24.61 6.05 -48.67
C ILE B 303 -23.11 6.04 -48.99
N VAL B 304 -22.26 6.04 -47.97
CA VAL B 304 -20.78 6.17 -48.07
C VAL B 304 -20.08 4.85 -47.67
N SER B 305 -20.78 3.85 -47.11
CA SER B 305 -20.16 2.55 -46.68
C SER B 305 -21.15 1.39 -46.85
N ILE B 306 -20.73 0.34 -47.54
CA ILE B 306 -21.61 -0.85 -47.73
C ILE B 306 -20.85 -2.07 -47.28
N GLU B 307 -21.49 -2.85 -46.42
CA GLU B 307 -20.87 -4.00 -45.72
C GLU B 307 -21.47 -5.27 -46.34
N ASP B 308 -20.65 -6.33 -46.53
CA ASP B 308 -21.08 -7.66 -47.07
C ASP B 308 -22.11 -7.42 -48.17
N GLY B 309 -21.80 -6.51 -49.12
CA GLY B 309 -22.60 -6.20 -50.31
C GLY B 309 -22.84 -7.42 -51.20
N LEU B 310 -22.10 -8.52 -50.98
CA LEU B 310 -22.21 -9.84 -51.69
C LEU B 310 -21.86 -11.00 -50.75
N ASP B 311 -22.13 -12.23 -51.19
CA ASP B 311 -21.96 -13.48 -50.39
C ASP B 311 -20.49 -13.61 -49.96
N GLU B 312 -20.23 -14.26 -48.82
CA GLU B 312 -18.87 -14.40 -48.24
C GLU B 312 -17.99 -15.26 -49.16
N SER B 313 -18.60 -16.04 -50.06
CA SER B 313 -17.90 -16.99 -50.96
C SER B 313 -17.84 -16.47 -52.40
N ASP B 314 -18.47 -15.33 -52.73
CA ASP B 314 -18.43 -14.69 -54.08
C ASP B 314 -17.25 -13.70 -54.13
N TRP B 315 -16.02 -14.22 -54.21
CA TRP B 315 -14.78 -13.40 -54.26
C TRP B 315 -14.67 -12.71 -55.63
N ASP B 316 -15.07 -13.40 -56.72
CA ASP B 316 -15.24 -12.83 -58.09
C ASP B 316 -16.07 -11.54 -57.99
N GLY B 317 -17.32 -11.68 -57.53
CA GLY B 317 -18.29 -10.59 -57.30
C GLY B 317 -17.68 -9.41 -56.56
N PHE B 318 -16.96 -9.67 -55.46
CA PHE B 318 -16.38 -8.63 -54.59
C PHE B 318 -15.26 -7.87 -55.32
N ALA B 319 -14.51 -8.58 -56.16
CA ALA B 319 -13.45 -8.01 -57.03
C ALA B 319 -14.09 -6.99 -57.99
N TYR B 320 -15.22 -7.35 -58.58
CA TYR B 320 -16.03 -6.48 -59.46
C TYR B 320 -16.59 -5.28 -58.66
N GLN B 321 -17.23 -5.54 -57.52
CA GLN B 321 -17.87 -4.47 -56.70
C GLN B 321 -16.79 -3.48 -56.26
N THR B 322 -15.58 -3.95 -56.03
CA THR B 322 -14.45 -3.13 -55.51
C THR B 322 -13.89 -2.25 -56.63
N LYS B 323 -13.85 -2.78 -57.86
CA LYS B 323 -13.48 -2.03 -59.10
C LYS B 323 -14.49 -0.91 -59.34
N VAL B 324 -15.77 -1.27 -59.40
CA VAL B 324 -16.90 -0.34 -59.71
C VAL B 324 -17.00 0.77 -58.66
N LEU B 325 -17.13 0.40 -57.37
CA LEU B 325 -17.57 1.30 -56.26
C LEU B 325 -16.44 1.71 -55.31
N GLY B 326 -15.32 0.97 -55.26
CA GLY B 326 -14.22 1.12 -54.27
C GLY B 326 -13.69 2.55 -54.13
N ASP B 327 -13.46 3.24 -55.25
CA ASP B 327 -12.90 4.62 -55.32
C ASP B 327 -13.78 5.59 -54.52
N LYS B 328 -15.12 5.49 -54.64
CA LYS B 328 -16.13 6.46 -54.11
C LYS B 328 -16.70 6.02 -52.74
N ILE B 329 -16.69 4.70 -52.43
CA ILE B 329 -17.48 4.02 -51.36
C ILE B 329 -16.58 3.10 -50.52
N GLN B 330 -16.73 3.13 -49.19
CA GLN B 330 -16.13 2.15 -48.24
C GLN B 330 -16.86 0.82 -48.42
N LEU B 331 -16.15 -0.26 -48.74
CA LEU B 331 -16.74 -1.63 -48.88
C LEU B 331 -16.23 -2.55 -47.77
N VAL B 332 -17.10 -3.03 -46.87
CA VAL B 332 -16.69 -3.60 -45.55
C VAL B 332 -16.91 -5.11 -45.58
N GLY B 333 -15.82 -5.87 -45.42
CA GLY B 333 -15.83 -7.33 -45.22
C GLY B 333 -16.13 -7.66 -43.77
N ASP B 334 -17.25 -8.34 -43.52
CA ASP B 334 -17.68 -8.90 -42.22
C ASP B 334 -17.58 -10.43 -42.34
N ASP B 335 -18.61 -11.10 -42.89
CA ASP B 335 -18.60 -12.58 -43.14
C ASP B 335 -17.49 -12.96 -44.15
N LEU B 336 -17.04 -12.00 -44.96
CA LEU B 336 -15.98 -12.15 -46.00
C LEU B 336 -14.61 -12.46 -45.35
N PHE B 337 -14.26 -11.80 -44.24
CA PHE B 337 -12.91 -11.76 -43.64
C PHE B 337 -12.87 -12.41 -42.24
N VAL B 338 -13.98 -12.31 -41.49
CA VAL B 338 -14.19 -12.77 -40.08
C VAL B 338 -12.94 -12.45 -39.25
N THR B 339 -12.45 -11.21 -39.29
CA THR B 339 -11.38 -10.66 -38.42
C THR B 339 -10.16 -11.59 -38.42
N ASN B 340 -9.86 -12.22 -39.55
CA ASN B 340 -8.88 -13.33 -39.70
C ASN B 340 -7.79 -12.95 -40.73
N THR B 341 -6.54 -12.69 -40.27
CA THR B 341 -5.41 -12.15 -41.09
C THR B 341 -5.06 -13.07 -42.28
N LYS B 342 -5.18 -14.39 -42.15
CA LYS B 342 -4.99 -15.32 -43.30
C LYS B 342 -5.97 -14.95 -44.43
N ILE B 343 -7.25 -14.71 -44.12
CA ILE B 343 -8.27 -14.39 -45.16
C ILE B 343 -8.09 -12.95 -45.62
N LEU B 344 -7.97 -11.99 -44.71
CA LEU B 344 -7.81 -10.56 -45.08
C LEU B 344 -6.60 -10.41 -46.00
N LYS B 345 -5.51 -11.15 -45.73
CA LYS B 345 -4.25 -11.10 -46.54
C LYS B 345 -4.57 -11.52 -47.98
N GLU B 346 -5.33 -12.60 -48.17
CA GLU B 346 -5.75 -13.05 -49.53
C GLU B 346 -6.66 -11.97 -50.15
N GLY B 347 -7.52 -11.35 -49.36
CA GLY B 347 -8.42 -10.26 -49.81
C GLY B 347 -7.64 -9.04 -50.32
N ILE B 348 -6.71 -8.53 -49.53
CA ILE B 348 -5.83 -7.38 -49.89
C ILE B 348 -5.12 -7.66 -51.21
N GLU B 349 -4.59 -8.88 -51.39
CA GLU B 349 -3.77 -9.26 -52.56
C GLU B 349 -4.65 -9.18 -53.82
N LYS B 350 -5.94 -9.54 -53.71
CA LYS B 350 -6.86 -9.65 -54.87
C LYS B 350 -7.75 -8.40 -55.04
N GLY B 351 -7.39 -7.26 -54.46
CA GLY B 351 -8.16 -6.00 -54.59
C GLY B 351 -9.62 -6.20 -54.23
N ILE B 352 -9.87 -6.88 -53.11
CA ILE B 352 -11.21 -7.29 -52.59
C ILE B 352 -11.53 -6.47 -51.34
N ALA B 353 -12.52 -5.57 -51.45
CA ALA B 353 -13.00 -4.66 -50.39
C ALA B 353 -11.92 -3.64 -50.09
N ASN B 354 -12.23 -2.71 -49.19
CA ASN B 354 -11.29 -1.63 -48.78
C ASN B 354 -11.46 -1.35 -47.29
N SER B 355 -12.08 -2.28 -46.55
CA SER B 355 -12.53 -2.08 -45.15
C SER B 355 -12.91 -3.40 -44.50
N ILE B 356 -12.56 -3.58 -43.21
CA ILE B 356 -12.87 -4.82 -42.42
C ILE B 356 -13.60 -4.45 -41.13
N LEU B 357 -14.67 -5.18 -40.86
CA LEU B 357 -15.39 -5.13 -39.57
C LEU B 357 -14.70 -6.08 -38.60
N ILE B 358 -14.17 -5.54 -37.49
CA ILE B 358 -13.30 -6.19 -36.46
C ILE B 358 -14.16 -6.68 -35.28
N LYS B 359 -14.37 -8.00 -35.22
CA LYS B 359 -15.05 -8.67 -34.10
C LYS B 359 -14.03 -9.58 -33.43
N PHE B 360 -13.55 -9.23 -32.23
CA PHE B 360 -12.50 -10.05 -31.55
C PHE B 360 -13.00 -11.49 -31.35
N ASN B 361 -14.33 -11.80 -31.33
CA ASN B 361 -14.79 -13.20 -31.08
C ASN B 361 -14.84 -14.00 -32.38
N GLN B 362 -14.71 -13.34 -33.53
CA GLN B 362 -14.56 -14.03 -34.85
C GLN B 362 -13.24 -14.80 -34.94
N ILE B 363 -12.17 -14.29 -34.32
CA ILE B 363 -10.81 -14.92 -34.29
C ILE B 363 -10.47 -15.39 -32.86
N GLY B 364 -10.97 -14.68 -31.83
CA GLY B 364 -11.05 -15.21 -30.46
C GLY B 364 -9.86 -14.88 -29.58
N SER B 365 -9.05 -13.88 -29.92
CA SER B 365 -7.99 -13.38 -29.00
C SER B 365 -7.71 -11.92 -29.32
N LEU B 366 -7.28 -11.15 -28.32
CA LEU B 366 -6.93 -9.72 -28.50
C LEU B 366 -5.72 -9.58 -29.43
N THR B 367 -4.70 -10.42 -29.27
CA THR B 367 -3.46 -10.35 -30.08
C THR B 367 -3.82 -10.53 -31.57
N GLU B 368 -4.54 -11.60 -31.93
CA GLU B 368 -4.98 -11.88 -33.33
C GLU B 368 -5.84 -10.72 -33.87
N THR B 369 -6.66 -10.09 -33.02
CA THR B 369 -7.53 -8.92 -33.37
C THR B 369 -6.66 -7.71 -33.70
N LEU B 370 -5.61 -7.47 -32.91
CA LEU B 370 -4.68 -6.33 -33.13
C LEU B 370 -3.93 -6.56 -34.44
N ALA B 371 -3.62 -7.82 -34.76
CA ALA B 371 -2.91 -8.19 -36.00
C ALA B 371 -3.80 -7.79 -37.19
N ALA B 372 -5.10 -8.10 -37.13
CA ALA B 372 -6.10 -7.83 -38.19
C ALA B 372 -6.23 -6.30 -38.43
N ILE B 373 -6.19 -5.50 -37.37
CA ILE B 373 -6.30 -4.03 -37.47
C ILE B 373 -5.05 -3.49 -38.17
N LYS B 374 -3.88 -4.08 -37.88
CA LYS B 374 -2.55 -3.66 -38.41
C LYS B 374 -2.44 -4.06 -39.89
N MET B 375 -2.74 -5.32 -40.23
CA MET B 375 -2.76 -5.79 -41.63
C MET B 375 -3.57 -4.81 -42.47
N ALA B 376 -4.76 -4.45 -41.99
CA ALA B 376 -5.71 -3.54 -42.68
C ALA B 376 -5.09 -2.13 -42.80
N LYS B 377 -4.74 -1.47 -41.70
CA LYS B 377 -4.24 -0.08 -41.76
C LYS B 377 -3.08 0.04 -42.76
N ASP B 378 -2.14 -0.94 -42.75
CA ASP B 378 -0.91 -1.02 -43.60
C ASP B 378 -1.26 -1.15 -45.10
N ALA B 379 -2.42 -1.74 -45.40
CA ALA B 379 -2.96 -1.99 -46.75
C ALA B 379 -3.79 -0.80 -47.24
N GLY B 380 -3.92 0.27 -46.43
CA GLY B 380 -4.87 1.39 -46.64
C GLY B 380 -6.34 1.00 -46.46
N TYR B 381 -6.66 -0.17 -45.87
CA TYR B 381 -8.05 -0.58 -45.52
C TYR B 381 -8.42 0.11 -44.21
N THR B 382 -9.71 0.37 -44.02
CA THR B 382 -10.25 0.96 -42.78
C THR B 382 -10.64 -0.21 -41.88
N ALA B 383 -10.60 0.03 -40.57
CA ALA B 383 -11.07 -0.95 -39.57
C ALA B 383 -12.26 -0.34 -38.84
N VAL B 384 -13.33 -1.11 -38.75
CA VAL B 384 -14.55 -0.72 -38.00
C VAL B 384 -14.74 -1.71 -36.86
N ILE B 385 -14.43 -1.32 -35.62
CA ILE B 385 -14.64 -2.14 -34.39
C ILE B 385 -16.16 -2.33 -34.22
N SER B 386 -16.63 -3.57 -34.21
CA SER B 386 -18.09 -3.91 -34.18
C SER B 386 -18.44 -4.63 -32.88
N HIS B 387 -19.70 -4.50 -32.47
CA HIS B 387 -20.39 -5.42 -31.54
C HIS B 387 -20.74 -6.72 -32.28
N ARG B 388 -21.45 -7.63 -31.58
CA ARG B 388 -22.31 -8.70 -32.17
C ARG B 388 -23.77 -8.48 -31.73
N SER B 389 -24.72 -9.18 -32.35
CA SER B 389 -26.17 -9.08 -32.04
C SER B 389 -26.40 -9.43 -30.57
N GLY B 390 -25.76 -10.51 -30.11
CA GLY B 390 -25.64 -10.87 -28.70
C GLY B 390 -24.53 -10.07 -28.02
N GLU B 391 -24.90 -9.16 -27.13
CA GLU B 391 -23.94 -8.30 -26.39
C GLU B 391 -24.14 -8.51 -24.89
N THR B 392 -23.35 -7.78 -24.09
CA THR B 392 -23.41 -7.72 -22.61
C THR B 392 -23.16 -6.28 -22.18
N GLU B 393 -23.08 -6.06 -20.87
CA GLU B 393 -22.83 -4.73 -20.23
C GLU B 393 -21.35 -4.34 -20.45
N ASP B 394 -20.53 -5.32 -20.83
CA ASP B 394 -19.09 -5.19 -21.19
C ASP B 394 -18.91 -4.10 -22.25
N ALA B 395 -17.96 -3.19 -22.05
CA ALA B 395 -17.75 -2.02 -22.93
C ALA B 395 -16.33 -2.03 -23.55
N THR B 396 -15.69 -3.19 -23.70
CA THR B 396 -14.30 -3.34 -24.24
C THR B 396 -14.11 -2.68 -25.62
N ILE B 397 -14.99 -2.91 -26.59
CA ILE B 397 -14.85 -2.38 -27.99
C ILE B 397 -14.72 -0.84 -27.95
N ALA B 398 -15.20 -0.15 -26.93
CA ALA B 398 -14.96 1.31 -26.78
C ALA B 398 -13.46 1.57 -26.62
N ASP B 399 -12.84 0.89 -25.65
CA ASP B 399 -11.40 1.06 -25.31
C ASP B 399 -10.58 0.56 -26.50
N LEU B 400 -11.00 -0.56 -27.09
CA LEU B 400 -10.28 -1.15 -28.25
C LEU B 400 -10.24 -0.10 -29.36
N ALA B 401 -11.37 0.53 -29.67
CA ALA B 401 -11.56 1.46 -30.79
C ALA B 401 -10.68 2.70 -30.59
N VAL B 402 -10.54 3.17 -29.36
CA VAL B 402 -9.73 4.38 -29.04
C VAL B 402 -8.24 4.00 -29.03
N GLY B 403 -7.90 2.87 -28.41
CA GLY B 403 -6.51 2.41 -28.22
C GLY B 403 -5.80 2.14 -29.53
N THR B 404 -6.53 1.68 -30.53
CA THR B 404 -5.98 1.35 -31.87
C THR B 404 -6.17 2.50 -32.86
N ALA B 405 -6.71 3.64 -32.41
CA ALA B 405 -7.15 4.80 -33.23
C ALA B 405 -7.85 4.33 -34.50
N ALA B 406 -8.70 3.30 -34.39
CA ALA B 406 -9.36 2.57 -35.49
C ALA B 406 -10.08 3.60 -36.38
N GLY B 407 -10.82 4.54 -35.80
CA GLY B 407 -11.47 5.66 -36.52
C GLY B 407 -12.97 5.46 -36.67
N GLN B 408 -13.46 4.22 -36.64
CA GLN B 408 -14.91 3.91 -36.79
C GLN B 408 -15.34 2.81 -35.80
N ILE B 409 -16.60 2.86 -35.36
CA ILE B 409 -17.24 1.82 -34.50
C ILE B 409 -18.67 1.56 -34.98
N LYS B 410 -19.07 0.29 -35.05
CA LYS B 410 -20.49 -0.13 -35.15
C LYS B 410 -20.90 -0.78 -33.81
N THR B 411 -21.52 -0.03 -32.91
CA THR B 411 -21.97 -0.60 -31.61
C THR B 411 -23.46 -0.36 -31.36
N GLY B 412 -24.27 -0.10 -32.40
CA GLY B 412 -25.75 -0.24 -32.35
C GLY B 412 -26.52 1.06 -32.54
N SER B 413 -27.87 0.96 -32.52
CA SER B 413 -28.79 2.11 -32.36
C SER B 413 -28.47 2.80 -31.04
N MET B 414 -29.18 3.91 -30.75
CA MET B 414 -29.07 4.65 -29.47
C MET B 414 -30.18 4.19 -28.50
N SER B 415 -30.30 2.87 -28.34
CA SER B 415 -31.31 2.19 -27.50
C SER B 415 -30.71 0.84 -27.10
N ARG B 416 -31.08 0.36 -25.91
CA ARG B 416 -30.58 -0.88 -25.22
C ARG B 416 -29.15 -0.66 -24.72
N SER B 417 -28.93 -0.88 -23.43
CA SER B 417 -27.66 -0.58 -22.72
C SER B 417 -26.55 -1.51 -23.23
N ASP B 418 -26.92 -2.70 -23.75
CA ASP B 418 -26.01 -3.60 -24.51
C ASP B 418 -25.30 -2.78 -25.58
N ARG B 419 -25.95 -1.74 -26.12
CA ARG B 419 -25.35 -0.80 -27.09
C ARG B 419 -24.83 0.41 -26.33
N VAL B 420 -25.69 1.02 -25.52
CA VAL B 420 -25.46 2.41 -25.03
C VAL B 420 -24.31 2.42 -24.01
N ALA B 421 -23.99 1.29 -23.37
CA ALA B 421 -22.84 1.22 -22.43
C ALA B 421 -21.54 1.49 -23.23
N LYS B 422 -21.53 1.24 -24.53
CA LYS B 422 -20.34 1.52 -25.37
C LYS B 422 -20.22 3.04 -25.60
N TYR B 423 -21.30 3.67 -26.06
CA TYR B 423 -21.41 5.14 -26.24
C TYR B 423 -21.00 5.82 -24.92
N ASN B 424 -21.49 5.28 -23.80
CA ASN B 424 -21.25 5.80 -22.43
C ASN B 424 -19.74 5.75 -22.15
N GLN B 425 -19.07 4.64 -22.50
CA GLN B 425 -17.62 4.44 -22.26
C GLN B 425 -16.86 5.46 -23.10
N LEU B 426 -17.33 5.68 -24.34
CA LEU B 426 -16.73 6.65 -25.29
C LEU B 426 -16.84 8.05 -24.70
N ILE B 427 -17.98 8.35 -24.09
CA ILE B 427 -18.19 9.69 -23.49
C ILE B 427 -17.20 9.85 -22.34
N ARG B 428 -16.97 8.80 -21.53
CA ARG B 428 -16.09 8.86 -20.33
C ARG B 428 -14.68 9.12 -20.83
N ILE B 429 -14.22 8.30 -21.78
CA ILE B 429 -12.86 8.37 -22.40
C ILE B 429 -12.62 9.77 -22.97
N GLU B 430 -13.56 10.33 -23.74
CA GLU B 430 -13.40 11.65 -24.42
C GLU B 430 -13.28 12.75 -23.35
N GLU B 431 -13.98 12.61 -22.24
CA GLU B 431 -13.91 13.55 -21.09
C GLU B 431 -12.45 13.63 -20.57
N ALA B 432 -11.77 12.48 -20.47
CA ALA B 432 -10.39 12.38 -19.96
C ALA B 432 -9.42 12.97 -21.00
N LEU B 433 -9.48 12.51 -22.25
CA LEU B 433 -8.44 12.75 -23.28
C LEU B 433 -8.66 14.06 -24.04
N GLY B 434 -9.88 14.59 -24.09
CA GLY B 434 -10.18 15.77 -24.95
C GLY B 434 -9.59 15.66 -26.35
N GLU B 435 -8.81 16.66 -26.78
CA GLU B 435 -8.30 16.77 -28.17
C GLU B 435 -7.08 15.85 -28.38
N LYS B 436 -6.57 15.18 -27.33
CA LYS B 436 -5.60 14.06 -27.48
C LYS B 436 -6.28 12.92 -28.26
N ALA B 437 -7.62 12.86 -28.20
CA ALA B 437 -8.45 11.87 -28.92
C ALA B 437 -9.43 12.61 -29.83
N PRO B 438 -8.95 13.17 -30.95
CA PRO B 438 -9.81 13.94 -31.84
C PRO B 438 -10.92 13.06 -32.41
N TYR B 439 -12.09 13.64 -32.68
CA TYR B 439 -13.14 13.07 -33.58
C TYR B 439 -12.86 13.59 -34.99
N ASN B 440 -12.41 12.76 -35.92
CA ASN B 440 -11.95 13.28 -37.24
C ASN B 440 -13.09 13.30 -38.27
N GLY B 441 -14.26 12.77 -37.93
CA GLY B 441 -15.45 12.83 -38.81
C GLY B 441 -15.24 12.10 -40.12
N ARG B 442 -15.66 12.72 -41.24
CA ARG B 442 -15.94 12.00 -42.52
C ARG B 442 -14.64 11.44 -43.11
N LYS B 443 -13.51 12.09 -42.79
CA LYS B 443 -12.17 11.75 -43.35
C LYS B 443 -11.70 10.37 -42.85
N GLU B 444 -12.36 9.76 -41.85
CA GLU B 444 -12.05 8.39 -41.35
C GLU B 444 -12.53 7.36 -42.39
N ILE B 445 -13.60 7.67 -43.13
CA ILE B 445 -14.36 6.74 -44.02
C ILE B 445 -13.61 6.59 -45.34
N LYS B 446 -13.40 5.35 -45.79
CA LYS B 446 -12.71 5.05 -47.08
C LYS B 446 -13.48 5.66 -48.26
N GLY B 447 -12.78 6.42 -49.12
CA GLY B 447 -13.39 7.04 -50.31
C GLY B 447 -13.82 8.47 -50.07
N GLN B 448 -13.45 9.13 -48.96
CA GLN B 448 -13.62 10.59 -48.78
C GLN B 448 -12.23 11.24 -48.67
N GLN C 11 -12.34 -0.38 -7.99
CA GLN C 11 -12.92 0.41 -6.86
C GLN C 11 -11.81 0.82 -5.87
N GLN C 12 -10.74 0.04 -5.64
CA GLN C 12 -9.43 0.65 -5.21
C GLN C 12 -8.47 0.84 -6.41
N MET C 13 -8.04 2.09 -6.67
CA MET C 13 -7.04 2.42 -7.72
C MET C 13 -5.62 2.24 -7.16
N GLY C 14 -4.76 1.46 -7.83
CA GLY C 14 -3.38 1.19 -7.36
C GLY C 14 -2.51 2.45 -7.30
N ARG C 15 -1.39 2.41 -6.57
CA ARG C 15 -0.40 3.54 -6.53
C ARG C 15 0.20 3.78 -7.93
N GLY C 16 0.37 2.71 -8.72
CA GLY C 16 0.84 2.79 -10.12
C GLY C 16 0.09 3.86 -10.89
N SER C 17 -1.21 4.01 -10.63
CA SER C 17 -2.12 4.94 -11.36
C SER C 17 -1.85 6.40 -10.98
N MET C 18 -1.19 6.68 -9.85
CA MET C 18 -0.88 8.06 -9.41
C MET C 18 0.51 8.43 -9.95
N SER C 19 0.58 8.62 -11.25
CA SER C 19 1.82 8.84 -12.04
C SER C 19 1.97 10.32 -12.42
N LYS C 20 1.23 11.21 -11.76
CA LYS C 20 1.40 12.68 -11.85
C LYS C 20 2.71 13.08 -11.14
N ILE C 21 3.49 13.97 -11.77
CA ILE C 21 4.78 14.50 -11.25
C ILE C 21 4.46 15.47 -10.11
N VAL C 22 5.13 15.33 -8.96
CA VAL C 22 4.93 16.21 -7.75
C VAL C 22 6.21 17.03 -7.48
N LYS C 23 7.36 16.59 -7.99
CA LYS C 23 8.64 17.29 -7.73
C LYS C 23 9.65 16.89 -8.78
N ILE C 24 10.56 17.80 -9.07
CA ILE C 24 11.75 17.56 -9.92
C ILE C 24 12.92 18.28 -9.25
N ILE C 25 13.98 17.54 -8.91
CA ILE C 25 15.21 18.04 -8.23
C ILE C 25 16.38 17.82 -9.19
N GLY C 26 17.02 18.89 -9.61
CA GLY C 26 18.30 18.82 -10.31
C GLY C 26 19.44 19.19 -9.37
N ARG C 27 20.63 18.66 -9.64
CA ARG C 27 21.86 18.91 -8.86
C ARG C 27 23.07 18.66 -9.77
N GLU C 28 24.19 19.24 -9.38
CA GLU C 28 25.47 19.20 -10.10
C GLU C 28 26.25 18.01 -9.54
N ILE C 29 26.46 16.98 -10.35
CA ILE C 29 27.36 15.83 -10.01
C ILE C 29 28.57 15.89 -10.94
N ILE C 30 29.45 14.88 -10.81
CA ILE C 30 30.76 14.82 -11.49
C ILE C 30 30.73 13.62 -12.45
N ASP C 31 31.16 13.87 -13.69
CA ASP C 31 31.35 12.86 -14.76
C ASP C 31 32.74 12.22 -14.61
N SER C 32 33.04 11.24 -15.48
CA SER C 32 34.18 10.31 -15.36
C SER C 32 35.47 11.07 -15.66
N ARG C 33 35.39 12.31 -16.13
CA ARG C 33 36.60 13.12 -16.42
C ARG C 33 36.84 14.17 -15.33
N GLY C 34 35.93 14.31 -14.36
CA GLY C 34 36.04 15.28 -13.25
C GLY C 34 35.30 16.58 -13.56
N ASN C 35 34.48 16.61 -14.60
CA ASN C 35 33.73 17.81 -15.02
C ASN C 35 32.29 17.72 -14.54
N PRO C 36 31.69 18.83 -14.05
CA PRO C 36 30.30 18.81 -13.62
C PRO C 36 29.37 18.36 -14.74
N THR C 37 28.34 17.57 -14.43
CA THR C 37 27.17 17.34 -15.33
C THR C 37 25.88 17.43 -14.51
N VAL C 38 24.73 17.37 -15.20
CA VAL C 38 23.39 17.64 -14.62
C VAL C 38 22.76 16.29 -14.26
N GLU C 39 22.47 16.06 -12.98
CA GLU C 39 21.66 14.91 -12.52
C GLU C 39 20.29 15.48 -12.16
N ALA C 40 19.21 14.72 -12.42
CA ALA C 40 17.80 15.09 -12.16
C ALA C 40 17.07 13.94 -11.47
N GLU C 41 16.14 14.26 -10.57
CA GLU C 41 15.18 13.30 -9.95
C GLU C 41 13.77 13.72 -10.34
N VAL C 42 12.92 12.77 -10.71
CA VAL C 42 11.47 12.99 -11.02
C VAL C 42 10.69 12.17 -9.99
N HIS C 43 9.84 12.83 -9.19
CA HIS C 43 9.00 12.20 -8.15
C HIS C 43 7.53 12.27 -8.53
N LEU C 44 6.85 11.14 -8.43
CA LEU C 44 5.45 10.96 -8.79
C LEU C 44 4.65 10.88 -7.49
N GLU C 45 3.38 11.27 -7.53
CA GLU C 45 2.45 11.30 -6.38
C GLU C 45 2.46 9.93 -5.68
N GLY C 46 2.51 8.82 -6.43
CA GLY C 46 2.43 7.44 -5.89
C GLY C 46 3.68 7.01 -5.14
N GLY C 47 4.73 7.82 -5.16
CA GLY C 47 5.98 7.59 -4.42
C GLY C 47 7.04 6.92 -5.26
N PHE C 48 6.91 7.02 -6.59
CA PHE C 48 7.93 6.54 -7.55
C PHE C 48 8.96 7.63 -7.85
N VAL C 49 10.25 7.27 -7.84
CA VAL C 49 11.39 8.18 -8.16
C VAL C 49 12.13 7.62 -9.38
N GLY C 50 12.55 8.51 -10.27
CA GLY C 50 13.51 8.21 -11.34
C GLY C 50 14.68 9.16 -11.29
N MET C 51 15.90 8.66 -11.33
CA MET C 51 17.13 9.49 -11.32
C MET C 51 17.97 9.14 -12.56
N ALA C 52 18.58 10.15 -13.19
CA ALA C 52 19.43 10.00 -14.40
C ALA C 52 20.30 11.25 -14.59
N ALA C 53 21.42 11.08 -15.32
CA ALA C 53 22.46 12.11 -15.52
C ALA C 53 22.74 12.24 -17.01
N ALA C 54 23.12 13.42 -17.43
CA ALA C 54 23.51 13.70 -18.82
C ALA C 54 25.00 13.40 -18.94
N PRO C 55 25.43 12.65 -20.00
CA PRO C 55 26.84 12.51 -20.32
C PRO C 55 27.34 13.77 -21.04
N SER C 56 28.62 13.80 -21.39
CA SER C 56 29.28 14.97 -22.02
C SER C 56 30.33 14.50 -23.01
N GLY C 57 30.26 15.01 -24.24
CA GLY C 57 31.29 14.82 -25.27
C GLY C 57 32.57 15.58 -24.96
N ALA C 58 33.73 14.95 -25.18
CA ALA C 58 35.06 15.60 -25.18
C ALA C 58 35.18 16.48 -26.42
N SER C 59 34.79 15.97 -27.60
CA SER C 59 34.66 16.77 -28.84
C SER C 59 33.27 16.57 -29.47
N THR C 60 32.46 17.63 -29.47
CA THR C 60 31.05 17.61 -29.94
C THR C 60 30.98 17.99 -31.42
N GLY C 61 30.13 17.32 -32.20
CA GLY C 61 29.75 17.75 -33.56
C GLY C 61 29.16 19.15 -33.52
N SER C 62 29.26 19.89 -34.63
CA SER C 62 28.92 21.35 -34.72
C SER C 62 27.43 21.53 -34.45
N ARG C 63 26.61 20.54 -34.81
CA ARG C 63 25.13 20.66 -34.88
C ARG C 63 24.48 19.86 -33.74
N GLU C 64 25.25 19.47 -32.72
CA GLU C 64 24.71 18.87 -31.48
C GLU C 64 23.88 19.95 -30.79
N ALA C 65 22.83 19.57 -30.05
CA ALA C 65 22.09 20.46 -29.15
C ALA C 65 23.04 21.03 -28.08
N LEU C 66 22.84 22.29 -27.69
CA LEU C 66 23.76 23.08 -26.84
C LEU C 66 23.79 22.44 -25.45
N GLU C 67 24.97 22.03 -25.04
CA GLU C 67 25.30 21.67 -23.64
C GLU C 67 25.57 22.96 -22.84
N LEU C 68 24.74 23.29 -21.84
CA LEU C 68 24.80 24.62 -21.18
C LEU C 68 25.73 24.58 -19.97
N ARG C 69 26.74 25.46 -19.99
CA ARG C 69 27.84 25.56 -18.98
C ARG C 69 27.95 27.02 -18.50
N ASP C 70 28.37 27.20 -17.26
CA ASP C 70 28.23 28.48 -16.51
C ASP C 70 29.15 29.54 -17.12
N GLY C 71 30.38 29.13 -17.44
CA GLY C 71 31.46 30.02 -17.92
C GLY C 71 31.97 30.89 -16.80
N ASP C 72 31.97 30.37 -15.58
CA ASP C 72 32.42 31.10 -14.36
C ASP C 72 33.82 30.60 -13.97
N LYS C 73 34.87 31.29 -14.42
CA LYS C 73 36.30 30.88 -14.30
C LYS C 73 36.66 30.44 -12.87
N SER C 74 35.91 30.89 -11.85
CA SER C 74 36.18 30.58 -10.42
C SER C 74 35.74 29.15 -10.02
N ARG C 75 34.82 28.52 -10.77
CA ARG C 75 34.24 27.18 -10.44
C ARG C 75 34.52 26.18 -11.57
N PHE C 76 35.30 25.13 -11.29
CA PHE C 76 35.51 23.95 -12.18
C PHE C 76 36.01 24.41 -13.55
N LEU C 77 36.88 25.44 -13.55
CA LEU C 77 37.47 26.09 -14.76
C LEU C 77 36.36 26.48 -15.76
N GLY C 78 35.24 27.01 -15.27
CA GLY C 78 34.15 27.57 -16.09
C GLY C 78 33.20 26.51 -16.62
N LYS C 79 33.35 25.26 -16.18
CA LYS C 79 32.57 24.11 -16.70
C LYS C 79 31.45 23.70 -15.71
N GLY C 80 31.15 24.51 -14.68
CA GLY C 80 29.99 24.28 -13.80
C GLY C 80 28.71 24.15 -14.60
N VAL C 81 27.65 23.54 -14.04
CA VAL C 81 26.32 23.52 -14.72
C VAL C 81 25.19 23.95 -13.76
N THR C 82 25.39 25.02 -12.99
CA THR C 82 24.37 25.60 -12.07
C THR C 82 23.19 26.19 -12.85
N LYS C 83 23.44 26.83 -14.01
CA LYS C 83 22.40 27.46 -14.87
C LYS C 83 21.45 26.38 -15.42
N ALA C 84 22.00 25.29 -15.94
CA ALA C 84 21.20 24.14 -16.42
C ALA C 84 20.39 23.55 -15.26
N VAL C 85 21.01 23.44 -14.07
CA VAL C 85 20.41 22.87 -12.81
C VAL C 85 19.26 23.77 -12.35
N ALA C 86 19.50 25.08 -12.31
CA ALA C 86 18.47 26.11 -11.99
C ALA C 86 17.28 25.90 -12.93
N ALA C 87 17.53 25.62 -14.21
CA ALA C 87 16.48 25.41 -15.25
C ALA C 87 15.67 24.15 -14.93
N VAL C 88 16.30 23.14 -14.31
CA VAL C 88 15.56 21.91 -13.91
C VAL C 88 14.65 22.26 -12.73
N ASN C 89 15.21 22.95 -11.72
CA ASN C 89 14.56 23.23 -10.41
C ASN C 89 13.45 24.28 -10.54
N GLY C 90 13.59 25.25 -11.46
CA GLY C 90 12.61 26.31 -11.69
C GLY C 90 11.70 25.99 -12.86
N PRO C 91 11.98 26.57 -14.05
CA PRO C 91 11.02 26.61 -15.16
C PRO C 91 10.42 25.25 -15.57
N ILE C 92 11.29 24.22 -15.70
CA ILE C 92 10.99 22.83 -16.14
C ILE C 92 10.14 22.11 -15.08
N ALA C 93 10.58 22.11 -13.81
CA ALA C 93 9.81 21.59 -12.66
C ALA C 93 8.40 22.15 -12.72
N GLN C 94 8.29 23.48 -12.85
CA GLN C 94 7.00 24.19 -12.79
C GLN C 94 6.11 23.75 -13.97
N ALA C 95 6.70 23.51 -15.13
CA ALA C 95 5.93 23.20 -16.35
C ALA C 95 5.43 21.75 -16.31
N LEU C 96 6.09 20.90 -15.51
CA LEU C 96 5.90 19.43 -15.49
C LEU C 96 5.10 18.96 -14.25
N ILE C 97 5.16 19.66 -13.11
CA ILE C 97 4.33 19.27 -11.93
C ILE C 97 2.88 19.07 -12.40
N GLY C 98 2.23 17.94 -12.08
CA GLY C 98 0.82 17.66 -12.43
C GLY C 98 0.65 16.87 -13.72
N LYS C 99 1.69 16.80 -14.56
CA LYS C 99 1.65 16.07 -15.87
C LYS C 99 2.01 14.60 -15.65
N ASP C 100 1.39 13.71 -16.42
CA ASP C 100 1.56 12.24 -16.32
C ASP C 100 2.90 11.84 -16.98
N ALA C 101 3.87 11.35 -16.20
CA ALA C 101 5.20 10.88 -16.62
C ALA C 101 5.08 9.79 -17.68
N LYS C 102 4.03 8.94 -17.58
CA LYS C 102 3.80 7.81 -18.51
C LYS C 102 3.74 8.29 -19.98
N ASP C 103 3.29 9.52 -20.22
CA ASP C 103 3.19 10.13 -21.57
C ASP C 103 4.53 10.80 -21.86
N GLN C 104 5.56 9.98 -22.14
CA GLN C 104 6.97 10.41 -22.39
C GLN C 104 7.02 11.48 -23.48
N ALA C 105 6.27 11.28 -24.58
CA ALA C 105 6.28 12.23 -25.73
C ALA C 105 5.74 13.58 -25.25
N GLY C 106 4.61 13.58 -24.51
CA GLY C 106 3.97 14.76 -23.91
C GLY C 106 4.93 15.53 -23.01
N ILE C 107 5.69 14.82 -22.16
CA ILE C 107 6.66 15.40 -21.17
C ILE C 107 7.79 16.08 -21.94
N ASP C 108 8.37 15.38 -22.92
CA ASP C 108 9.51 15.87 -23.74
C ASP C 108 9.04 17.10 -24.53
N LYS C 109 7.88 16.98 -25.19
CA LYS C 109 7.20 18.07 -25.97
C LYS C 109 7.16 19.33 -25.11
N ILE C 110 6.70 19.25 -23.86
CA ILE C 110 6.53 20.45 -22.99
C ILE C 110 7.89 21.15 -22.83
N MET C 111 8.97 20.40 -22.61
CA MET C 111 10.33 20.94 -22.34
C MET C 111 10.91 21.56 -23.63
N ILE C 112 10.66 20.91 -24.77
CA ILE C 112 11.13 21.36 -26.11
C ILE C 112 10.45 22.70 -26.44
N ASP C 113 9.10 22.73 -26.35
CA ASP C 113 8.24 23.92 -26.55
C ASP C 113 8.65 24.99 -25.52
N LEU C 114 8.75 24.66 -24.24
CA LEU C 114 9.06 25.70 -23.22
C LEU C 114 10.42 26.33 -23.51
N ASP C 115 11.43 25.52 -23.84
CA ASP C 115 12.79 26.06 -24.13
C ASP C 115 12.70 27.06 -25.29
N GLY C 116 11.91 26.75 -26.33
CA GLY C 116 11.62 27.64 -27.48
C GLY C 116 12.64 27.56 -28.62
N THR C 117 13.92 27.28 -28.34
CA THR C 117 15.02 27.29 -29.34
C THR C 117 15.24 25.91 -30.00
N GLU C 118 15.73 25.93 -31.25
CA GLU C 118 16.05 24.77 -32.10
C GLU C 118 16.97 23.82 -31.33
N ASN C 119 18.06 24.37 -30.78
CA ASN C 119 19.21 23.63 -30.21
C ASN C 119 19.18 23.58 -28.67
N LYS C 120 18.01 23.77 -28.03
CA LYS C 120 17.80 23.69 -26.56
C LYS C 120 18.82 24.57 -25.83
N SER C 121 19.06 25.78 -26.33
CA SER C 121 20.08 26.74 -25.85
C SER C 121 19.63 27.49 -24.58
N LYS C 122 18.31 27.52 -24.26
CA LYS C 122 17.75 28.34 -23.15
C LYS C 122 18.00 27.64 -21.80
N PHE C 123 17.58 26.38 -21.69
CA PHE C 123 17.72 25.55 -20.47
C PHE C 123 19.00 24.69 -20.56
N GLY C 124 19.43 24.36 -21.79
CA GLY C 124 20.54 23.41 -22.05
C GLY C 124 19.99 22.03 -22.38
N ALA C 125 20.57 21.33 -23.33
CA ALA C 125 20.16 19.94 -23.64
C ALA C 125 20.55 19.04 -22.46
N ASN C 126 21.58 19.40 -21.67
CA ASN C 126 22.02 18.59 -20.50
C ASN C 126 20.94 18.66 -19.40
N ALA C 127 20.28 19.81 -19.24
CA ALA C 127 19.11 19.97 -18.34
C ALA C 127 17.94 19.12 -18.83
N ILE C 128 17.53 19.29 -20.08
CA ILE C 128 16.28 18.69 -20.62
C ILE C 128 16.41 17.16 -20.66
N LEU C 129 17.55 16.63 -21.12
CA LEU C 129 17.78 15.16 -21.20
C LEU C 129 17.73 14.53 -19.82
N ALA C 130 18.46 15.04 -18.84
CA ALA C 130 18.44 14.50 -17.48
C ALA C 130 16.99 14.31 -17.05
N VAL C 131 16.15 15.31 -17.26
CA VAL C 131 14.73 15.23 -16.82
C VAL C 131 13.98 14.21 -17.69
N SER C 132 14.19 14.20 -19.00
CA SER C 132 13.59 13.24 -19.95
C SER C 132 13.82 11.80 -19.47
N LEU C 133 15.07 11.49 -19.08
CA LEU C 133 15.53 10.13 -18.69
C LEU C 133 15.00 9.80 -17.29
N ALA C 134 15.19 10.70 -16.33
CA ALA C 134 14.59 10.50 -14.99
C ALA C 134 13.08 10.25 -15.15
N ASN C 135 12.39 11.02 -16.02
CA ASN C 135 10.92 10.87 -16.15
C ASN C 135 10.60 9.41 -16.57
N ALA C 136 11.28 8.88 -17.59
CA ALA C 136 11.04 7.52 -18.14
C ALA C 136 11.22 6.46 -17.05
N LYS C 137 12.29 6.57 -16.25
CA LYS C 137 12.58 5.66 -15.11
C LYS C 137 11.43 5.68 -14.10
N ALA C 138 11.01 6.86 -13.64
CA ALA C 138 9.82 7.05 -12.77
C ALA C 138 8.57 6.39 -13.37
N ALA C 139 8.33 6.54 -14.67
CA ALA C 139 7.17 5.94 -15.37
C ALA C 139 7.27 4.41 -15.34
N ALA C 140 8.39 3.87 -15.82
CA ALA C 140 8.76 2.43 -15.71
C ALA C 140 8.39 1.89 -14.32
N ALA C 141 8.76 2.61 -13.25
CA ALA C 141 8.50 2.17 -11.86
C ALA C 141 6.98 2.19 -11.59
N ALA C 142 6.32 3.31 -11.93
CA ALA C 142 4.86 3.49 -11.76
C ALA C 142 4.08 2.39 -12.52
N LYS C 143 4.63 1.83 -13.60
CA LYS C 143 3.98 0.79 -14.42
C LYS C 143 4.40 -0.59 -13.91
N GLY C 144 5.21 -0.64 -12.86
CA GLY C 144 5.80 -1.87 -12.29
C GLY C 144 6.56 -2.70 -13.32
N MET C 145 7.51 -2.10 -14.05
CA MET C 145 8.34 -2.84 -15.03
C MET C 145 9.73 -2.22 -15.09
N PRO C 146 10.73 -3.04 -15.47
CA PRO C 146 12.09 -2.53 -15.61
C PRO C 146 12.14 -1.51 -16.76
N LEU C 147 13.23 -0.76 -16.88
CA LEU C 147 13.25 0.38 -17.83
C LEU C 147 13.20 -0.15 -19.27
N TYR C 148 13.92 -1.24 -19.55
CA TYR C 148 14.04 -1.81 -20.92
C TYR C 148 12.67 -2.18 -21.48
N GLU C 149 11.74 -2.55 -20.60
CA GLU C 149 10.37 -3.03 -20.94
C GLU C 149 9.46 -1.82 -21.19
N HIS C 150 9.52 -0.78 -20.35
CA HIS C 150 8.84 0.52 -20.61
C HIS C 150 9.33 1.05 -21.97
N ILE C 151 10.64 1.03 -22.20
CA ILE C 151 11.26 1.65 -23.42
C ILE C 151 10.68 0.94 -24.65
N ALA C 152 10.61 -0.39 -24.64
CA ALA C 152 10.01 -1.19 -25.74
C ALA C 152 8.58 -0.71 -26.01
N GLU C 153 7.84 -0.40 -24.95
CA GLU C 153 6.44 0.10 -25.05
C GLU C 153 6.51 1.53 -25.59
N LEU C 154 7.36 2.40 -25.04
CA LEU C 154 7.48 3.80 -25.52
C LEU C 154 7.88 3.79 -27.00
N ASN C 155 8.48 2.70 -27.47
CA ASN C 155 9.17 2.59 -28.79
C ASN C 155 8.21 2.04 -29.87
N GLY C 156 6.99 1.68 -29.51
CA GLY C 156 6.04 1.02 -30.41
C GLY C 156 6.43 -0.42 -30.73
N THR C 157 7.29 -1.07 -29.95
CA THR C 157 7.78 -2.45 -30.23
C THR C 157 7.68 -3.28 -28.97
N PRO C 158 6.46 -3.52 -28.45
CA PRO C 158 6.28 -4.15 -27.13
C PRO C 158 6.95 -5.52 -27.11
N GLY C 159 7.65 -5.86 -26.05
CA GLY C 159 8.21 -7.21 -25.79
C GLY C 159 9.16 -7.70 -26.87
N LYS C 160 9.69 -6.81 -27.70
CA LYS C 160 10.69 -7.16 -28.72
C LYS C 160 12.08 -6.69 -28.23
N TYR C 161 12.96 -7.62 -27.86
CA TYR C 161 14.27 -7.27 -27.26
C TYR C 161 15.40 -7.96 -28.01
N SER C 162 16.61 -7.40 -27.95
CA SER C 162 17.90 -8.09 -28.27
C SER C 162 18.95 -7.65 -27.26
N MET C 163 19.99 -8.47 -27.06
CA MET C 163 21.25 -8.06 -26.37
C MET C 163 22.18 -7.51 -27.43
N PRO C 164 22.66 -6.25 -27.28
CA PRO C 164 23.47 -5.61 -28.30
C PRO C 164 24.86 -6.27 -28.48
N VAL C 165 25.36 -6.22 -29.71
CA VAL C 165 26.76 -6.57 -30.04
C VAL C 165 27.59 -5.35 -29.71
N PRO C 166 28.52 -5.42 -28.73
CA PRO C 166 29.30 -4.26 -28.33
C PRO C 166 30.57 -4.09 -29.18
N MET C 167 30.88 -2.85 -29.55
CA MET C 167 32.18 -2.46 -30.17
C MET C 167 32.95 -1.73 -29.06
N MET C 168 34.08 -2.31 -28.64
CA MET C 168 34.80 -1.94 -27.39
C MET C 168 36.09 -1.21 -27.72
N ASN C 169 36.24 0.05 -27.27
CA ASN C 169 37.39 0.93 -27.58
C ASN C 169 38.58 0.59 -26.67
N ILE C 170 39.53 -0.22 -27.14
CA ILE C 170 40.69 -0.71 -26.32
C ILE C 170 42.05 -0.11 -26.77
N ILE C 171 42.13 0.60 -27.90
CA ILE C 171 43.27 1.54 -28.18
C ILE C 171 42.69 2.92 -28.49
N ASN C 172 42.78 3.85 -27.53
CA ASN C 172 42.23 5.22 -27.66
C ASN C 172 43.24 6.02 -28.48
N GLY C 173 42.85 7.21 -28.95
CA GLY C 173 43.77 8.33 -29.21
C GLY C 173 43.44 9.12 -30.47
N GLY C 174 43.24 10.43 -30.34
CA GLY C 174 43.23 11.39 -31.46
C GLY C 174 42.54 12.68 -31.07
N GLU C 175 43.30 13.63 -30.50
CA GLU C 175 42.80 14.81 -29.75
C GLU C 175 41.68 14.32 -28.82
N HIS C 176 41.89 13.16 -28.19
CA HIS C 176 40.97 12.45 -27.26
C HIS C 176 41.77 11.30 -26.63
N ALA C 177 42.39 11.57 -25.48
CA ALA C 177 43.43 10.75 -24.78
C ALA C 177 44.83 11.13 -25.30
N ASP C 178 45.83 11.11 -24.41
CA ASP C 178 47.15 11.81 -24.55
C ASP C 178 48.23 10.85 -25.10
N ASN C 179 48.42 10.83 -26.42
CA ASN C 179 49.29 9.84 -27.14
C ASN C 179 49.54 10.40 -28.54
N ASN C 180 50.03 9.61 -29.51
CA ASN C 180 50.45 10.11 -30.85
C ASN C 180 49.59 9.51 -31.98
N VAL C 181 48.38 9.03 -31.67
CA VAL C 181 47.52 8.26 -32.62
C VAL C 181 46.36 9.15 -33.11
N ASP C 182 46.09 9.11 -34.42
CA ASP C 182 45.18 10.05 -35.14
C ASP C 182 43.73 9.51 -35.16
N ILE C 183 43.51 8.30 -35.66
CA ILE C 183 42.23 7.54 -35.49
C ILE C 183 41.90 7.52 -33.99
N GLN C 184 40.71 7.99 -33.60
CA GLN C 184 40.26 8.25 -32.20
C GLN C 184 40.08 6.95 -31.38
N GLU C 185 39.55 5.89 -32.00
CA GLU C 185 39.08 4.65 -31.32
C GLU C 185 39.35 3.42 -32.22
N PHE C 186 40.11 2.45 -31.73
CA PHE C 186 40.18 1.10 -32.29
C PHE C 186 39.34 0.20 -31.40
N MET C 187 38.41 -0.54 -31.98
CA MET C 187 37.39 -1.30 -31.23
C MET C 187 37.42 -2.76 -31.65
N ILE C 188 37.16 -3.69 -30.72
CA ILE C 188 36.88 -5.14 -31.01
C ILE C 188 35.37 -5.41 -30.87
N GLN C 189 34.89 -6.44 -31.56
CA GLN C 189 33.46 -6.88 -31.58
C GLN C 189 33.43 -8.39 -31.42
N PRO C 190 33.04 -8.93 -30.23
CA PRO C 190 32.94 -10.37 -30.04
C PRO C 190 31.64 -10.90 -30.67
N VAL C 191 31.64 -10.92 -32.01
CA VAL C 191 30.53 -11.44 -32.86
C VAL C 191 30.42 -12.96 -32.70
N GLY C 192 31.50 -13.60 -32.24
CA GLY C 192 31.57 -15.07 -32.05
C GLY C 192 30.69 -15.53 -30.90
N ALA C 193 30.39 -14.64 -29.95
CA ALA C 193 29.68 -14.93 -28.68
C ALA C 193 28.26 -15.39 -29.00
N LYS C 194 27.69 -16.25 -28.15
CA LYS C 194 26.28 -16.72 -28.26
C LYS C 194 25.40 -15.94 -27.29
N THR C 195 25.99 -15.29 -26.27
CA THR C 195 25.34 -14.41 -25.26
C THR C 195 26.15 -13.11 -25.09
N VAL C 196 25.60 -12.06 -24.49
CA VAL C 196 26.36 -10.81 -24.20
C VAL C 196 27.27 -11.01 -22.98
N LYS C 197 26.89 -11.90 -22.06
CA LYS C 197 27.76 -12.34 -20.92
C LYS C 197 29.10 -12.84 -21.46
N GLU C 198 29.03 -13.80 -22.39
CA GLU C 198 30.19 -14.36 -23.16
C GLU C 198 30.91 -13.25 -23.95
N ALA C 199 30.18 -12.31 -24.54
CA ALA C 199 30.78 -11.21 -25.34
C ALA C 199 31.62 -10.35 -24.40
N ILE C 200 31.14 -10.13 -23.19
CA ILE C 200 31.83 -9.26 -22.18
C ILE C 200 33.08 -9.97 -21.70
N ARG C 201 33.00 -11.29 -21.53
CA ARG C 201 34.14 -12.09 -21.02
C ARG C 201 35.26 -12.04 -22.06
N MET C 202 34.89 -12.32 -23.32
CA MET C 202 35.80 -12.32 -24.48
C MET C 202 36.54 -10.99 -24.60
N GLY C 203 35.85 -9.85 -24.43
CA GLY C 203 36.45 -8.50 -24.44
C GLY C 203 37.42 -8.32 -23.30
N SER C 204 37.01 -8.70 -22.09
CA SER C 204 37.84 -8.69 -20.85
C SER C 204 39.14 -9.42 -21.15
N GLU C 205 39.05 -10.64 -21.64
CA GLU C 205 40.21 -11.54 -21.90
C GLU C 205 41.18 -10.91 -22.92
N VAL C 206 40.69 -10.36 -24.05
CA VAL C 206 41.51 -9.68 -25.09
C VAL C 206 42.12 -8.43 -24.44
N PHE C 207 41.34 -7.69 -23.65
CA PHE C 207 41.79 -6.42 -23.01
C PHE C 207 43.04 -6.70 -22.15
N HIS C 208 42.98 -7.78 -21.39
CA HIS C 208 44.06 -8.19 -20.45
C HIS C 208 45.29 -8.62 -21.25
N HIS C 209 45.11 -9.50 -22.22
CA HIS C 209 46.21 -10.00 -23.08
C HIS C 209 46.83 -8.83 -23.83
N LEU C 210 46.08 -7.74 -24.08
CA LEU C 210 46.63 -6.55 -24.81
C LEU C 210 47.61 -5.78 -23.91
N ALA C 211 47.39 -5.77 -22.59
CA ALA C 211 48.32 -5.21 -21.58
C ALA C 211 49.67 -5.96 -21.63
N LYS C 212 49.64 -7.29 -21.72
CA LYS C 212 50.86 -8.14 -21.74
C LYS C 212 51.67 -7.85 -23.03
N VAL C 213 51.00 -7.79 -24.18
CA VAL C 213 51.57 -7.41 -25.51
C VAL C 213 52.24 -6.03 -25.39
N LEU C 214 51.54 -5.05 -24.86
CA LEU C 214 52.09 -3.67 -24.74
C LEU C 214 53.27 -3.64 -23.75
N LYS C 215 53.14 -4.24 -22.55
CA LYS C 215 54.24 -4.27 -21.53
C LYS C 215 55.48 -4.85 -22.20
N ALA C 216 55.31 -5.96 -22.92
CA ALA C 216 56.38 -6.72 -23.62
C ALA C 216 57.06 -5.86 -24.70
N LYS C 217 56.41 -4.83 -25.22
CA LYS C 217 57.01 -3.88 -26.19
C LYS C 217 57.46 -2.59 -25.48
N GLY C 218 57.48 -2.56 -24.14
CA GLY C 218 57.85 -1.36 -23.34
C GLY C 218 56.88 -0.20 -23.53
N MET C 219 55.60 -0.47 -23.86
CA MET C 219 54.57 0.57 -24.12
C MET C 219 53.67 0.78 -22.89
N ASN C 220 52.97 1.91 -22.87
CA ASN C 220 52.24 2.44 -21.69
C ASN C 220 50.83 1.84 -21.61
N THR C 221 50.57 1.13 -20.52
CA THR C 221 49.27 0.48 -20.21
C THR C 221 48.41 1.35 -19.27
N ALA C 222 48.70 2.63 -19.11
CA ALA C 222 47.71 3.59 -18.59
C ALA C 222 46.60 3.73 -19.64
N VAL C 223 45.43 4.19 -19.21
CA VAL C 223 44.19 4.26 -20.04
C VAL C 223 43.73 5.73 -20.17
N GLY C 224 43.01 6.02 -21.27
CA GLY C 224 42.34 7.30 -21.54
C GLY C 224 40.90 7.26 -21.08
N ASP C 225 40.03 8.05 -21.71
CA ASP C 225 38.72 8.44 -21.14
C ASP C 225 37.76 7.25 -21.17
N GLU C 226 38.00 6.32 -22.10
CA GLU C 226 37.08 5.18 -22.39
C GLU C 226 37.72 3.86 -21.92
N GLY C 227 38.85 3.92 -21.19
CA GLY C 227 39.37 2.76 -20.41
C GLY C 227 40.19 1.80 -21.27
N GLY C 228 40.49 2.22 -22.49
CA GLY C 228 41.46 1.57 -23.39
C GLY C 228 42.84 2.20 -23.22
N TYR C 229 43.87 1.48 -23.63
CA TYR C 229 45.29 1.94 -23.58
C TYR C 229 45.53 3.04 -24.61
N ALA C 230 46.37 4.00 -24.24
CA ALA C 230 46.80 5.12 -25.10
C ALA C 230 48.33 5.07 -25.20
N PRO C 231 48.92 4.03 -25.83
CA PRO C 231 50.37 4.00 -26.05
C PRO C 231 50.80 4.90 -27.22
N ASN C 232 52.10 5.16 -27.33
CA ASN C 232 52.67 5.89 -28.50
C ASN C 232 53.05 4.80 -29.51
N LEU C 233 52.52 4.89 -30.73
CA LEU C 233 52.57 3.80 -31.72
C LEU C 233 53.15 4.33 -33.04
N GLY C 234 53.90 3.49 -33.77
CA GLY C 234 54.62 3.87 -35.01
C GLY C 234 53.69 4.57 -35.98
N SER C 235 52.66 3.87 -36.45
CA SER C 235 51.55 4.36 -37.31
C SER C 235 50.17 4.02 -36.72
N ASN C 236 49.11 4.66 -37.27
CA ASN C 236 47.70 4.31 -37.01
C ASN C 236 47.51 2.80 -37.17
N ALA C 237 48.19 2.19 -38.15
CA ALA C 237 48.09 0.75 -38.50
C ALA C 237 48.48 -0.14 -37.31
N GLU C 238 49.62 0.13 -36.67
CA GLU C 238 50.20 -0.69 -35.55
C GLU C 238 49.13 -0.94 -34.47
N ALA C 239 48.24 0.03 -34.21
CA ALA C 239 47.07 -0.12 -33.30
C ALA C 239 46.34 -1.42 -33.64
N LEU C 240 46.13 -1.69 -34.94
CA LEU C 240 45.40 -2.89 -35.46
C LEU C 240 46.28 -4.14 -35.30
N ALA C 241 47.59 -4.00 -35.48
CA ALA C 241 48.61 -5.06 -35.33
C ALA C 241 48.69 -5.61 -33.89
N VAL C 242 48.73 -4.72 -32.87
CA VAL C 242 48.85 -5.12 -31.43
C VAL C 242 47.53 -5.71 -30.94
N ILE C 243 46.39 -5.26 -31.49
CA ILE C 243 45.03 -5.83 -31.24
C ILE C 243 45.02 -7.27 -31.79
N ALA C 244 45.51 -7.49 -33.02
CA ALA C 244 45.54 -8.81 -33.70
C ALA C 244 46.32 -9.80 -32.83
N GLU C 245 47.46 -9.34 -32.29
CA GLU C 245 48.31 -10.12 -31.36
C GLU C 245 47.50 -10.49 -30.12
N ALA C 246 46.83 -9.51 -29.52
CA ALA C 246 46.06 -9.68 -28.27
C ALA C 246 44.95 -10.70 -28.49
N VAL C 247 44.28 -10.65 -29.64
CA VAL C 247 43.18 -11.62 -29.98
C VAL C 247 43.74 -13.04 -30.04
N LYS C 248 44.93 -13.21 -30.64
CA LYS C 248 45.56 -14.53 -30.89
C LYS C 248 46.04 -15.10 -29.55
N ALA C 249 46.78 -14.28 -28.79
CA ALA C 249 47.23 -14.58 -27.41
C ALA C 249 46.09 -15.08 -26.53
N ALA C 250 44.85 -14.58 -26.72
CA ALA C 250 43.65 -14.96 -25.94
C ALA C 250 43.00 -16.21 -26.55
N GLY C 251 43.64 -16.74 -27.59
CA GLY C 251 43.20 -17.96 -28.30
C GLY C 251 41.85 -17.74 -28.95
N TYR C 252 41.51 -16.51 -29.35
CA TYR C 252 40.36 -16.25 -30.25
C TYR C 252 40.91 -16.05 -31.66
N GLU C 253 40.02 -16.20 -32.64
CA GLU C 253 40.33 -16.15 -34.08
C GLU C 253 39.83 -14.81 -34.65
N LEU C 254 40.75 -13.91 -34.96
CA LEU C 254 40.44 -12.69 -35.72
C LEU C 254 39.57 -13.08 -36.92
N GLY C 255 38.49 -12.33 -37.19
CA GLY C 255 37.56 -12.59 -38.30
C GLY C 255 36.35 -13.38 -37.83
N LYS C 256 36.57 -14.61 -37.35
CA LYS C 256 35.52 -15.57 -36.92
C LYS C 256 34.88 -15.13 -35.60
N ASP C 257 35.68 -15.01 -34.54
CA ASP C 257 35.20 -14.74 -33.16
C ASP C 257 35.10 -13.22 -32.94
N ILE C 258 36.03 -12.47 -33.50
CA ILE C 258 36.23 -11.02 -33.20
C ILE C 258 36.50 -10.25 -34.50
N THR C 259 35.63 -9.29 -34.81
CA THR C 259 35.82 -8.32 -35.92
C THR C 259 36.33 -7.04 -35.26
N LEU C 260 36.73 -6.06 -36.07
CA LEU C 260 37.27 -4.78 -35.60
C LEU C 260 36.39 -3.66 -36.14
N ALA C 261 36.35 -2.53 -35.44
CA ALA C 261 35.65 -1.29 -35.83
C ALA C 261 36.54 -0.10 -35.50
N MET C 262 36.31 1.02 -36.17
CA MET C 262 37.00 2.28 -35.87
C MET C 262 35.98 3.42 -35.72
N ASP C 263 36.34 4.45 -34.95
CA ASP C 263 35.82 5.83 -35.08
C ASP C 263 37.02 6.71 -35.45
N CYS C 264 37.07 7.24 -36.69
CA CYS C 264 38.21 8.09 -37.16
C CYS C 264 38.07 9.49 -36.59
N ALA C 265 36.83 9.93 -36.36
CA ALA C 265 36.45 11.29 -35.91
C ALA C 265 37.21 12.29 -36.79
N ALA C 266 37.10 12.14 -38.11
CA ALA C 266 37.99 12.77 -39.12
C ALA C 266 37.81 14.30 -39.14
N SER C 267 36.65 14.81 -38.68
CA SER C 267 36.38 16.24 -38.35
C SER C 267 37.60 16.88 -37.67
N GLU C 268 38.22 16.15 -36.74
CA GLU C 268 39.32 16.62 -35.84
C GLU C 268 40.66 16.76 -36.58
N PHE C 269 40.85 16.19 -37.78
CA PHE C 269 42.13 16.32 -38.53
C PHE C 269 41.87 16.82 -39.97
N TYR C 270 40.77 17.54 -40.17
CA TYR C 270 40.40 18.22 -41.43
C TYR C 270 40.89 19.68 -41.37
N LYS C 271 41.62 20.14 -42.40
CA LYS C 271 42.26 21.50 -42.48
C LYS C 271 42.55 21.84 -43.96
N ASP C 272 41.91 22.90 -44.48
CA ASP C 272 42.00 23.37 -45.89
C ASP C 272 41.50 22.28 -46.83
N GLY C 273 40.39 21.64 -46.45
CA GLY C 273 39.71 20.60 -47.25
C GLY C 273 40.58 19.36 -47.48
N LYS C 274 41.58 19.08 -46.63
CA LYS C 274 42.40 17.84 -46.68
C LYS C 274 42.47 17.18 -45.29
N TYR C 275 42.60 15.86 -45.25
CA TYR C 275 42.70 15.06 -44.00
C TYR C 275 44.18 14.85 -43.68
N VAL C 276 44.67 15.46 -42.60
CA VAL C 276 46.11 15.51 -42.18
C VAL C 276 46.32 14.66 -40.92
N LEU C 277 47.23 13.66 -40.97
CA LEU C 277 47.53 12.70 -39.87
C LEU C 277 48.81 13.09 -39.11
N ALA C 278 48.72 13.92 -38.07
CA ALA C 278 49.89 14.51 -37.34
C ALA C 278 50.59 13.46 -36.47
N GLY C 279 51.08 12.37 -37.06
CA GLY C 279 51.51 11.16 -36.33
C GLY C 279 51.96 10.07 -37.27
N GLU C 280 51.47 10.10 -38.52
CA GLU C 280 52.06 9.48 -39.73
C GLU C 280 52.73 10.57 -40.60
N GLY C 281 53.55 11.42 -39.95
CA GLY C 281 54.42 12.42 -40.59
C GLY C 281 53.64 13.53 -41.28
N ASN C 282 52.66 14.11 -40.59
CA ASN C 282 51.69 15.10 -41.14
C ASN C 282 51.41 14.84 -42.63
N LYS C 283 51.08 13.61 -43.04
CA LYS C 283 50.70 13.28 -44.45
C LYS C 283 49.24 13.69 -44.69
N ALA C 284 48.99 14.41 -45.78
CA ALA C 284 47.67 14.99 -46.12
C ALA C 284 47.01 14.19 -47.26
N PHE C 285 45.67 14.10 -47.24
CA PHE C 285 44.86 13.28 -48.17
C PHE C 285 43.66 14.11 -48.65
N THR C 286 43.24 13.96 -49.91
CA THR C 286 41.89 14.37 -50.38
C THR C 286 40.85 13.47 -49.70
N SER C 287 39.56 13.81 -49.80
CA SER C 287 38.43 12.95 -49.40
C SER C 287 38.55 11.58 -50.07
N GLU C 288 38.82 11.57 -51.37
CA GLU C 288 38.97 10.28 -52.09
C GLU C 288 40.14 9.53 -51.48
N GLU C 289 41.28 10.19 -51.30
CA GLU C 289 42.55 9.52 -50.94
C GLU C 289 42.36 8.82 -49.59
N PHE C 290 41.91 9.58 -48.58
CA PHE C 290 41.67 9.05 -47.21
C PHE C 290 40.68 7.87 -47.25
N THR C 291 39.66 7.91 -48.13
CA THR C 291 38.76 6.76 -48.37
C THR C 291 39.64 5.57 -48.83
N HIS C 292 40.60 5.79 -49.72
CA HIS C 292 41.47 4.71 -50.27
C HIS C 292 42.32 4.15 -49.12
N PHE C 293 42.77 5.03 -48.24
CA PHE C 293 43.60 4.68 -47.07
C PHE C 293 42.77 3.74 -46.19
N LEU C 294 41.54 4.14 -45.87
CA LEU C 294 40.65 3.32 -45.01
C LEU C 294 40.36 2.00 -45.72
N GLU C 295 40.02 2.04 -47.01
CA GLU C 295 39.80 0.81 -47.84
C GLU C 295 40.99 -0.17 -47.68
N GLU C 296 42.22 0.31 -47.80
CA GLU C 296 43.44 -0.53 -47.70
C GLU C 296 43.39 -1.26 -46.35
N LEU C 297 43.14 -0.54 -45.25
CA LEU C 297 43.10 -1.12 -43.88
C LEU C 297 42.05 -2.23 -43.82
N THR C 298 40.95 -2.12 -44.56
CA THR C 298 39.86 -3.14 -44.57
C THR C 298 40.30 -4.40 -45.32
N LYS C 299 41.39 -4.34 -46.09
CA LYS C 299 41.94 -5.50 -46.86
C LYS C 299 42.94 -6.27 -45.96
N GLN C 300 43.72 -5.57 -45.14
CA GLN C 300 44.71 -6.18 -44.20
C GLN C 300 43.98 -6.82 -43.01
N TYR C 301 43.03 -6.11 -42.39
CA TYR C 301 42.34 -6.52 -41.12
C TYR C 301 40.84 -6.68 -41.37
N PRO C 302 40.14 -7.50 -40.54
CA PRO C 302 38.68 -7.59 -40.58
C PRO C 302 37.97 -6.39 -39.93
N ILE C 303 38.11 -5.19 -40.50
CA ILE C 303 37.33 -3.98 -40.12
C ILE C 303 35.98 -4.08 -40.83
N VAL C 304 34.90 -4.23 -40.06
CA VAL C 304 33.52 -4.37 -40.60
C VAL C 304 32.70 -3.11 -40.30
N SER C 305 33.22 -2.15 -39.52
CA SER C 305 32.54 -0.87 -39.20
C SER C 305 33.53 0.28 -39.10
N ILE C 306 33.25 1.36 -39.81
CA ILE C 306 34.07 2.61 -39.79
C ILE C 306 33.07 3.74 -39.51
N GLU C 307 33.41 4.55 -38.51
CA GLU C 307 32.57 5.67 -38.03
C GLU C 307 33.29 6.98 -38.35
N ASP C 308 32.54 7.97 -38.85
CA ASP C 308 33.04 9.34 -39.11
C ASP C 308 34.37 9.24 -39.85
N GLY C 309 34.37 8.52 -40.98
CA GLY C 309 35.52 8.35 -41.89
C GLY C 309 35.98 9.66 -42.53
N LEU C 310 35.10 10.69 -42.55
CA LEU C 310 35.35 12.05 -43.10
C LEU C 310 34.67 13.08 -42.20
N ASP C 311 34.89 14.36 -42.49
CA ASP C 311 34.37 15.53 -41.74
C ASP C 311 32.84 15.57 -41.82
N GLU C 312 32.20 16.13 -40.78
CA GLU C 312 30.73 16.15 -40.57
C GLU C 312 29.99 16.88 -41.69
N SER C 313 30.65 17.81 -42.36
CA SER C 313 30.06 18.60 -43.47
C SER C 313 30.58 18.13 -44.84
N ASP C 314 31.47 17.14 -44.89
CA ASP C 314 32.00 16.60 -46.18
C ASP C 314 31.02 15.56 -46.75
N TRP C 315 29.82 15.99 -47.16
CA TRP C 315 28.76 15.13 -47.72
C TRP C 315 29.14 14.57 -49.10
N ASP C 316 29.92 15.29 -49.91
CA ASP C 316 30.45 14.77 -51.20
C ASP C 316 31.39 13.63 -50.89
N GLY C 317 32.30 13.85 -49.94
CA GLY C 317 33.21 12.80 -49.44
C GLY C 317 32.45 11.53 -49.06
N PHE C 318 31.45 11.69 -48.19
CA PHE C 318 30.67 10.57 -47.62
C PHE C 318 29.99 9.81 -48.76
N ALA C 319 29.41 10.52 -49.74
CA ALA C 319 28.70 9.94 -50.92
C ALA C 319 29.61 8.93 -51.62
N TYR C 320 30.84 9.36 -51.89
CA TYR C 320 31.96 8.55 -52.43
C TYR C 320 32.30 7.37 -51.48
N GLN C 321 32.63 7.65 -50.22
CA GLN C 321 33.02 6.61 -49.23
C GLN C 321 31.93 5.53 -49.17
N THR C 322 30.64 5.90 -49.35
CA THR C 322 29.49 4.96 -49.32
C THR C 322 29.52 4.15 -50.60
N LYS C 323 29.76 4.78 -51.76
CA LYS C 323 29.90 4.06 -53.04
C LYS C 323 30.98 2.98 -52.89
N VAL C 324 32.19 3.41 -52.55
CA VAL C 324 33.42 2.56 -52.42
C VAL C 324 33.19 1.42 -51.42
N LEU C 325 32.77 1.73 -50.18
CA LEU C 325 32.87 0.82 -49.01
C LEU C 325 31.51 0.30 -48.52
N GLY C 326 30.38 0.94 -48.87
CA GLY C 326 29.04 0.74 -48.25
C GLY C 326 28.41 -0.65 -48.36
N ASP C 327 28.71 -1.43 -49.40
CA ASP C 327 28.15 -2.79 -49.63
C ASP C 327 28.81 -3.83 -48.73
N LYS C 328 30.08 -3.59 -48.37
CA LYS C 328 31.00 -4.50 -47.63
C LYS C 328 31.15 -4.07 -46.16
N ILE C 329 31.00 -2.77 -45.86
CA ILE C 329 31.40 -2.10 -44.58
C ILE C 329 30.25 -1.27 -43.98
N GLN C 330 30.05 -1.38 -42.67
CA GLN C 330 29.11 -0.49 -41.94
C GLN C 330 29.78 0.87 -41.79
N LEU C 331 29.08 1.93 -42.19
CA LEU C 331 29.62 3.30 -42.20
C LEU C 331 28.76 4.16 -41.29
N VAL C 332 29.31 4.56 -40.14
CA VAL C 332 28.49 5.11 -39.04
C VAL C 332 28.70 6.61 -39.04
N GLY C 333 27.59 7.36 -39.10
CA GLY C 333 27.57 8.81 -38.84
C GLY C 333 27.34 9.13 -37.37
N ASP C 334 28.28 9.84 -36.73
CA ASP C 334 28.17 10.39 -35.35
C ASP C 334 28.05 11.93 -35.46
N ASP C 335 29.18 12.64 -35.66
CA ASP C 335 29.18 14.09 -35.93
C ASP C 335 28.33 14.34 -37.18
N LEU C 336 28.28 13.40 -38.10
CA LEU C 336 27.57 13.52 -39.41
C LEU C 336 26.07 13.77 -39.21
N PHE C 337 25.43 13.08 -38.25
CA PHE C 337 23.96 13.11 -38.04
C PHE C 337 23.57 13.72 -36.69
N VAL C 338 24.44 13.68 -35.68
CA VAL C 338 24.16 14.14 -34.29
C VAL C 338 22.71 13.80 -33.86
N THR C 339 22.27 12.56 -34.08
CA THR C 339 21.03 11.91 -33.56
C THR C 339 19.82 12.81 -33.88
N ASN C 340 19.90 13.45 -35.03
CA ASN C 340 18.95 14.50 -35.47
C ASN C 340 18.23 14.01 -36.71
N THR C 341 16.92 13.76 -36.60
CA THR C 341 16.08 13.19 -37.67
C THR C 341 16.07 14.12 -38.89
N LYS C 342 16.09 15.44 -38.68
CA LYS C 342 16.14 16.44 -39.79
C LYS C 342 17.35 16.09 -40.68
N ILE C 343 18.51 15.83 -40.08
CA ILE C 343 19.79 15.62 -40.81
C ILE C 343 19.86 14.17 -41.32
N LEU C 344 19.44 13.19 -40.51
CA LEU C 344 19.49 11.77 -40.93
C LEU C 344 18.65 11.58 -42.19
N LYS C 345 17.49 12.26 -42.24
CA LYS C 345 16.50 12.21 -43.36
C LYS C 345 17.19 12.60 -44.68
N GLU C 346 17.84 13.76 -44.71
CA GLU C 346 18.66 14.26 -45.87
C GLU C 346 19.78 13.26 -46.18
N GLY C 347 20.50 12.76 -45.17
CA GLY C 347 21.49 11.69 -45.34
C GLY C 347 20.94 10.49 -46.09
N ILE C 348 19.77 10.02 -45.69
CA ILE C 348 19.13 8.80 -46.28
C ILE C 348 18.76 9.06 -47.74
N GLU C 349 18.06 10.17 -47.99
CA GLU C 349 17.61 10.59 -49.34
C GLU C 349 18.82 10.68 -50.28
N LYS C 350 19.98 11.15 -49.79
CA LYS C 350 21.17 11.38 -50.65
C LYS C 350 22.18 10.23 -50.59
N GLY C 351 21.81 9.05 -50.08
CA GLY C 351 22.63 7.82 -50.06
C GLY C 351 23.96 7.98 -49.32
N ILE C 352 23.94 8.63 -48.16
CA ILE C 352 25.12 8.93 -47.32
C ILE C 352 25.14 7.97 -46.11
N ALA C 353 26.19 7.16 -45.98
CA ALA C 353 26.39 6.18 -44.89
C ALA C 353 25.26 5.14 -44.87
N ASN C 354 25.28 4.22 -43.89
CA ASN C 354 24.28 3.14 -43.74
C ASN C 354 24.08 2.82 -42.25
N SER C 355 24.49 3.72 -41.35
CA SER C 355 24.44 3.51 -39.88
C SER C 355 24.51 4.83 -39.13
N ILE C 356 23.96 4.86 -37.92
CA ILE C 356 23.93 6.09 -37.07
C ILE C 356 24.26 5.72 -35.62
N LEU C 357 25.19 6.45 -35.01
CA LEU C 357 25.54 6.46 -33.57
C LEU C 357 24.51 7.29 -32.82
N ILE C 358 23.70 6.62 -32.00
CA ILE C 358 22.61 7.22 -31.19
C ILE C 358 23.14 7.69 -29.82
N LYS C 359 23.16 9.02 -29.65
CA LYS C 359 23.49 9.71 -28.38
C LYS C 359 22.30 10.59 -28.03
N PHE C 360 21.58 10.25 -26.97
CA PHE C 360 20.39 11.04 -26.53
C PHE C 360 20.84 12.45 -26.13
N ASN C 361 22.10 12.69 -25.75
CA ASN C 361 22.52 14.07 -25.40
C ASN C 361 22.85 14.92 -26.66
N GLN C 362 22.89 14.32 -27.86
CA GLN C 362 23.16 15.05 -29.13
C GLN C 362 21.89 15.80 -29.58
N ILE C 363 20.72 15.30 -29.19
CA ILE C 363 19.40 15.90 -29.57
C ILE C 363 18.65 16.35 -28.30
N GLY C 364 18.70 15.57 -27.22
CA GLY C 364 18.42 16.08 -25.86
C GLY C 364 17.06 15.68 -25.30
N SER C 365 16.38 14.70 -25.87
CA SER C 365 15.24 14.04 -25.22
C SER C 365 15.22 12.57 -25.61
N LEU C 366 14.46 11.75 -24.88
CA LEU C 366 14.29 10.32 -25.21
C LEU C 366 13.41 10.18 -26.45
N THR C 367 12.35 10.98 -26.58
CA THR C 367 11.34 10.80 -27.66
C THR C 367 12.02 11.05 -29.01
N GLU C 368 12.90 12.05 -29.09
CA GLU C 368 13.65 12.44 -30.32
C GLU C 368 14.69 11.36 -30.64
N THR C 369 15.36 10.79 -29.62
CA THR C 369 16.29 9.64 -29.75
C THR C 369 15.57 8.44 -30.41
N LEU C 370 14.40 8.08 -29.91
CA LEU C 370 13.59 6.97 -30.45
C LEU C 370 13.21 7.25 -31.91
N ALA C 371 12.88 8.51 -32.26
CA ALA C 371 12.49 8.90 -33.64
C ALA C 371 13.67 8.67 -34.58
N ALA C 372 14.91 8.96 -34.15
CA ALA C 372 16.16 8.73 -34.91
C ALA C 372 16.40 7.23 -35.13
N ILE C 373 16.09 6.40 -34.13
CA ILE C 373 16.30 4.94 -34.21
C ILE C 373 15.28 4.40 -35.23
N LYS C 374 14.03 4.83 -35.17
CA LYS C 374 12.95 4.32 -36.06
C LYS C 374 13.24 4.76 -37.50
N MET C 375 13.66 6.00 -37.70
CA MET C 375 13.99 6.53 -39.05
C MET C 375 15.09 5.66 -39.67
N ALA C 376 16.14 5.37 -38.89
CA ALA C 376 17.29 4.53 -39.27
C ALA C 376 16.80 3.16 -39.72
N LYS C 377 16.15 2.42 -38.82
CA LYS C 377 15.71 1.02 -39.10
C LYS C 377 14.75 0.98 -40.29
N ASP C 378 13.88 2.00 -40.47
CA ASP C 378 12.92 2.12 -41.60
C ASP C 378 13.67 2.20 -42.94
N ALA C 379 14.73 3.00 -43.04
CA ALA C 379 15.59 3.11 -44.24
C ALA C 379 16.64 1.98 -44.34
N GLY C 380 16.63 0.97 -43.45
CA GLY C 380 17.57 -0.16 -43.51
C GLY C 380 18.97 0.18 -43.01
N TYR C 381 19.17 1.37 -42.42
CA TYR C 381 20.39 1.74 -41.67
C TYR C 381 20.38 1.03 -40.32
N THR C 382 21.55 0.86 -39.71
CA THR C 382 21.69 0.27 -38.35
C THR C 382 21.86 1.43 -37.36
N ALA C 383 21.47 1.18 -36.12
CA ALA C 383 21.60 2.11 -34.99
C ALA C 383 22.55 1.49 -33.97
N VAL C 384 23.58 2.22 -33.58
CA VAL C 384 24.57 1.81 -32.54
C VAL C 384 24.36 2.72 -31.34
N ILE C 385 23.80 2.23 -30.23
CA ILE C 385 23.58 3.09 -29.04
C ILE C 385 24.95 3.36 -28.46
N SER C 386 25.26 4.61 -28.08
CA SER C 386 26.63 5.06 -27.71
C SER C 386 26.64 5.80 -26.37
N HIS C 387 27.74 5.65 -25.61
CA HIS C 387 28.15 6.57 -24.52
C HIS C 387 28.65 7.91 -25.10
N ARG C 388 29.11 8.81 -24.23
CA ARG C 388 30.06 9.89 -24.58
C ARG C 388 31.35 9.66 -23.78
N SER C 389 32.43 10.42 -24.08
CA SER C 389 33.75 10.38 -23.38
C SER C 389 33.54 10.68 -21.90
N GLY C 390 32.71 11.68 -21.64
CA GLY C 390 32.28 12.05 -20.28
C GLY C 390 31.05 11.26 -19.90
N GLU C 391 31.21 10.25 -19.02
CA GLU C 391 30.11 9.36 -18.56
C GLU C 391 29.91 9.51 -17.05
N THR C 392 28.88 8.84 -16.52
CA THR C 392 28.57 8.69 -15.08
C THR C 392 28.31 7.21 -14.81
N GLU C 393 27.93 6.89 -13.57
CA GLU C 393 27.51 5.54 -13.10
C GLU C 393 26.16 5.15 -13.74
N ASP C 394 25.42 6.12 -14.28
CA ASP C 394 24.20 5.92 -15.09
C ASP C 394 24.37 4.82 -16.15
N ALA C 395 23.41 3.92 -16.30
CA ALA C 395 23.51 2.72 -17.18
C ALA C 395 22.32 2.66 -18.15
N THR C 396 21.59 3.77 -18.32
CA THR C 396 20.39 3.88 -19.17
C THR C 396 20.60 3.34 -20.60
N ILE C 397 21.77 3.56 -21.24
CA ILE C 397 21.96 3.15 -22.66
C ILE C 397 21.94 1.61 -22.79
N ALA C 398 22.25 0.86 -21.73
CA ALA C 398 22.02 -0.61 -21.69
C ALA C 398 20.52 -0.86 -21.90
N ASP C 399 19.68 -0.24 -21.09
CA ASP C 399 18.21 -0.46 -21.17
C ASP C 399 17.71 0.01 -22.53
N LEU C 400 18.30 1.09 -23.06
CA LEU C 400 17.88 1.69 -24.36
C LEU C 400 18.26 0.68 -25.45
N ALA C 401 19.45 0.09 -25.34
CA ALA C 401 19.97 -0.80 -26.40
C ALA C 401 19.05 -2.01 -26.51
N VAL C 402 18.66 -2.56 -25.36
CA VAL C 402 17.84 -3.80 -25.27
C VAL C 402 16.40 -3.49 -25.69
N GLY C 403 15.86 -2.35 -25.23
CA GLY C 403 14.43 -2.02 -25.30
C GLY C 403 13.99 -1.59 -26.69
N THR C 404 14.95 -1.13 -27.49
CA THR C 404 14.76 -0.70 -28.90
C THR C 404 15.25 -1.81 -29.83
N ALA C 405 15.72 -2.93 -29.27
CA ALA C 405 16.38 -4.01 -30.03
C ALA C 405 17.34 -3.41 -31.05
N ALA C 406 18.11 -2.38 -30.68
CA ALA C 406 19.02 -1.62 -31.59
C ALA C 406 19.94 -2.58 -32.34
N GLY C 407 20.56 -3.53 -31.63
CA GLY C 407 21.38 -4.64 -32.17
C GLY C 407 22.86 -4.45 -31.85
N GLN C 408 23.26 -3.19 -31.57
CA GLN C 408 24.68 -2.79 -31.38
C GLN C 408 24.77 -1.74 -30.27
N ILE C 409 25.92 -1.68 -29.59
CA ILE C 409 26.24 -0.71 -28.52
C ILE C 409 27.72 -0.38 -28.58
N LYS C 410 28.03 0.89 -28.36
CA LYS C 410 29.38 1.43 -28.14
C LYS C 410 29.37 2.06 -26.76
N THR C 411 29.93 1.37 -25.78
CA THR C 411 29.97 1.88 -24.40
C THR C 411 31.32 1.61 -23.73
N GLY C 412 32.37 1.26 -24.49
CA GLY C 412 33.76 1.49 -24.03
C GLY C 412 34.61 0.22 -23.95
N SER C 413 35.85 0.41 -23.51
CA SER C 413 36.81 -0.66 -23.16
C SER C 413 36.25 -1.44 -21.97
N MET C 414 36.96 -2.49 -21.54
CA MET C 414 36.53 -3.35 -20.41
C MET C 414 37.22 -2.87 -19.13
N SER C 415 37.30 -1.54 -18.95
CA SER C 415 38.01 -0.90 -17.82
C SER C 415 37.31 0.43 -17.54
N ARG C 416 37.28 0.88 -16.28
CA ARG C 416 36.57 2.09 -15.77
C ARG C 416 35.07 1.77 -15.64
N SER C 417 34.49 1.90 -14.44
CA SER C 417 33.07 1.55 -14.18
C SER C 417 32.13 2.48 -14.94
N ASP C 418 32.62 3.65 -15.41
CA ASP C 418 31.83 4.55 -16.29
C ASP C 418 31.45 3.80 -17.58
N ARG C 419 32.28 2.83 -17.98
CA ARG C 419 32.04 1.88 -19.09
C ARG C 419 31.41 0.58 -18.53
N VAL C 420 31.98 0.00 -17.48
CA VAL C 420 31.67 -1.41 -17.12
C VAL C 420 30.28 -1.49 -16.49
N ALA C 421 29.80 -0.40 -15.88
CA ALA C 421 28.43 -0.34 -15.33
C ALA C 421 27.43 -0.71 -16.42
N LYS C 422 27.69 -0.29 -17.65
CA LYS C 422 26.78 -0.57 -18.79
C LYS C 422 26.78 -2.08 -19.12
N TYR C 423 27.97 -2.71 -19.14
CA TYR C 423 28.19 -4.16 -19.36
C TYR C 423 27.46 -4.90 -18.22
N ASN C 424 27.62 -4.42 -16.98
CA ASN C 424 26.99 -5.07 -15.80
C ASN C 424 25.46 -5.05 -15.99
N GLN C 425 24.90 -3.90 -16.35
CA GLN C 425 23.45 -3.75 -16.64
C GLN C 425 23.00 -4.71 -17.76
N LEU C 426 23.84 -4.96 -18.77
CA LEU C 426 23.52 -5.89 -19.89
C LEU C 426 23.52 -7.30 -19.34
N ILE C 427 24.45 -7.60 -18.42
CA ILE C 427 24.51 -8.93 -17.75
C ILE C 427 23.21 -9.12 -16.95
N ARG C 428 22.80 -8.16 -16.17
CA ARG C 428 21.57 -8.30 -15.32
C ARG C 428 20.38 -8.53 -16.26
N ILE C 429 20.27 -7.75 -17.33
CA ILE C 429 19.09 -7.81 -18.23
C ILE C 429 19.02 -9.22 -18.85
N GLU C 430 20.17 -9.74 -19.30
CA GLU C 430 20.20 -11.00 -20.08
C GLU C 430 19.85 -12.16 -19.15
N GLU C 431 20.28 -12.05 -17.91
CA GLU C 431 19.91 -12.96 -16.80
C GLU C 431 18.38 -13.02 -16.65
N ALA C 432 17.66 -11.91 -16.77
CA ALA C 432 16.18 -11.92 -16.66
C ALA C 432 15.54 -12.46 -17.94
N LEU C 433 16.05 -12.10 -19.13
CA LEU C 433 15.34 -12.30 -20.42
C LEU C 433 15.76 -13.61 -21.06
N GLY C 434 17.00 -14.04 -20.86
CA GLY C 434 17.57 -15.15 -21.63
C GLY C 434 17.24 -15.01 -23.11
N GLU C 435 16.69 -16.05 -23.73
CA GLU C 435 16.53 -16.13 -25.21
C GLU C 435 15.30 -15.33 -25.67
N LYS C 436 14.63 -14.57 -24.78
CA LYS C 436 13.69 -13.49 -25.18
C LYS C 436 14.52 -12.30 -25.69
N ALA C 437 15.81 -12.27 -25.37
CA ALA C 437 16.80 -11.26 -25.86
C ALA C 437 17.99 -11.93 -26.53
N PRO C 438 17.83 -12.46 -27.76
CA PRO C 438 18.95 -13.09 -28.44
C PRO C 438 20.13 -12.13 -28.64
N TYR C 439 21.32 -12.69 -28.52
CA TYR C 439 22.58 -12.09 -29.03
C TYR C 439 22.69 -12.57 -30.48
N ASN C 440 22.64 -11.68 -31.47
CA ASN C 440 22.53 -12.18 -32.88
C ASN C 440 23.89 -12.13 -33.57
N GLY C 441 24.96 -11.80 -32.86
CA GLY C 441 26.34 -11.84 -33.42
C GLY C 441 26.43 -11.07 -34.74
N ARG C 442 27.34 -11.48 -35.64
CA ARG C 442 27.78 -10.60 -36.77
C ARG C 442 26.60 -10.11 -37.60
N LYS C 443 25.47 -10.83 -37.64
CA LYS C 443 24.35 -10.46 -38.57
C LYS C 443 23.78 -9.06 -38.26
N GLU C 444 24.02 -8.47 -37.10
CA GLU C 444 23.51 -7.11 -36.76
C GLU C 444 24.26 -6.06 -37.59
N ILE C 445 25.53 -6.33 -37.92
CA ILE C 445 26.47 -5.34 -38.52
C ILE C 445 26.12 -5.22 -39.99
N LYS C 446 25.77 -4.01 -40.44
CA LYS C 446 25.53 -3.66 -41.86
C LYS C 446 26.73 -4.08 -42.72
N GLY C 447 26.47 -4.88 -43.74
CA GLY C 447 27.47 -5.38 -44.71
C GLY C 447 27.70 -6.87 -44.55
N GLN C 448 27.10 -7.49 -43.52
CA GLN C 448 27.20 -8.97 -43.27
C GLN C 448 25.85 -9.62 -43.60
N GLN D 11 -2.91 -2.60 15.00
CA GLN D 11 -4.02 -3.43 14.44
C GLN D 11 -3.74 -3.80 12.97
N GLN D 12 -3.04 -2.96 12.17
CA GLN D 12 -2.48 -3.39 10.83
C GLN D 12 -0.94 -3.41 10.82
N MET D 13 -0.36 -4.56 10.43
CA MET D 13 1.10 -4.75 10.25
C MET D 13 1.54 -4.10 8.93
N GLY D 14 2.37 -3.06 9.00
CA GLY D 14 3.09 -2.51 7.83
C GLY D 14 4.06 -3.51 7.19
N ARG D 15 4.47 -3.24 5.95
CA ARG D 15 5.37 -4.12 5.16
C ARG D 15 6.82 -3.94 5.64
N GLY D 16 7.16 -2.78 6.22
CA GLY D 16 8.44 -2.51 6.90
C GLY D 16 8.79 -3.54 7.98
N SER D 17 7.83 -4.26 8.53
CA SER D 17 8.05 -5.32 9.54
C SER D 17 8.28 -6.70 8.91
N MET D 18 8.01 -6.87 7.60
CA MET D 18 8.23 -8.18 6.90
C MET D 18 9.64 -8.21 6.29
N SER D 19 10.66 -8.11 7.16
CA SER D 19 12.09 -7.95 6.82
C SER D 19 12.81 -9.30 6.81
N LYS D 20 12.07 -10.41 6.93
CA LYS D 20 12.62 -11.77 6.78
C LYS D 20 13.07 -11.98 5.33
N ILE D 21 14.26 -12.53 5.13
CA ILE D 21 14.85 -12.79 3.78
C ILE D 21 14.03 -13.86 3.04
N VAL D 22 13.60 -13.60 1.81
CA VAL D 22 12.83 -14.61 1.01
C VAL D 22 13.69 -15.15 -0.15
N LYS D 23 14.64 -14.38 -0.68
CA LYS D 23 15.53 -14.82 -1.79
C LYS D 23 16.90 -14.12 -1.66
N ILE D 24 17.99 -14.80 -2.03
CA ILE D 24 19.34 -14.18 -2.25
C ILE D 24 19.88 -14.64 -3.60
N ILE D 25 20.31 -13.72 -4.46
CA ILE D 25 20.79 -14.00 -5.85
C ILE D 25 22.23 -13.48 -5.92
N GLY D 26 23.17 -14.33 -6.28
CA GLY D 26 24.54 -13.91 -6.62
C GLY D 26 24.70 -13.97 -8.12
N ARG D 27 25.53 -13.08 -8.68
CA ARG D 27 25.95 -13.12 -10.09
C ARG D 27 27.39 -12.62 -10.19
N GLU D 28 28.06 -13.04 -11.24
CA GLU D 28 29.40 -12.57 -11.65
C GLU D 28 29.18 -11.30 -12.46
N ILE D 29 29.71 -10.16 -12.00
CA ILE D 29 29.80 -8.89 -12.77
C ILE D 29 31.29 -8.56 -12.92
N ILE D 30 31.59 -7.41 -13.51
CA ILE D 30 32.97 -7.00 -13.87
C ILE D 30 33.31 -5.77 -13.04
N ASP D 31 34.57 -5.71 -12.55
CA ASP D 31 35.12 -4.58 -11.75
C ASP D 31 35.79 -3.57 -12.70
N SER D 32 36.31 -2.48 -12.14
CA SER D 32 36.83 -1.32 -12.91
C SER D 32 38.15 -1.68 -13.61
N ARG D 33 38.70 -2.88 -13.39
CA ARG D 33 39.96 -3.34 -14.03
C ARG D 33 39.66 -4.43 -15.06
N GLY D 34 38.37 -4.75 -15.27
CA GLY D 34 37.84 -5.79 -16.17
C GLY D 34 37.91 -7.19 -15.58
N ASN D 35 38.07 -7.36 -14.26
CA ASN D 35 38.12 -8.71 -13.61
C ASN D 35 36.79 -8.98 -12.93
N PRO D 36 36.31 -10.24 -12.92
CA PRO D 36 35.04 -10.55 -12.30
C PRO D 36 35.04 -10.22 -10.81
N THR D 37 33.91 -9.77 -10.30
CA THR D 37 33.66 -9.74 -8.85
C THR D 37 32.23 -10.20 -8.61
N VAL D 38 31.87 -10.37 -7.34
CA VAL D 38 30.58 -10.94 -6.90
C VAL D 38 29.65 -9.78 -6.60
N GLU D 39 28.46 -9.81 -7.20
CA GLU D 39 27.29 -8.99 -6.81
C GLU D 39 26.23 -9.88 -6.16
N ALA D 40 25.59 -9.42 -5.09
CA ALA D 40 24.48 -10.10 -4.39
C ALA D 40 23.24 -9.20 -4.36
N GLU D 41 22.05 -9.80 -4.50
CA GLU D 41 20.74 -9.18 -4.21
C GLU D 41 20.12 -9.88 -3.00
N VAL D 42 19.67 -9.13 -2.01
CA VAL D 42 18.88 -9.72 -0.88
C VAL D 42 17.45 -9.19 -1.03
N HIS D 43 16.47 -10.08 -1.12
CA HIS D 43 15.02 -9.79 -1.21
C HIS D 43 14.32 -10.12 0.12
N LEU D 44 13.51 -9.21 0.65
CA LEU D 44 12.72 -9.44 1.89
C LEU D 44 11.24 -9.71 1.55
N GLU D 45 10.48 -10.17 2.54
CA GLU D 45 9.08 -10.63 2.36
C GLU D 45 8.23 -9.44 1.94
N GLY D 46 8.39 -8.28 2.55
CA GLY D 46 7.63 -7.06 2.24
C GLY D 46 8.02 -6.41 0.91
N GLY D 47 8.89 -7.04 0.13
CA GLY D 47 9.22 -6.59 -1.24
C GLY D 47 10.36 -5.59 -1.28
N PHE D 48 11.21 -5.55 -0.26
CA PHE D 48 12.43 -4.71 -0.20
C PHE D 48 13.62 -5.48 -0.80
N VAL D 49 14.44 -4.77 -1.58
CA VAL D 49 15.64 -5.35 -2.24
C VAL D 49 16.85 -4.52 -1.82
N GLY D 50 18.01 -5.17 -1.68
CA GLY D 50 19.33 -4.54 -1.54
C GLY D 50 20.30 -5.27 -2.43
N MET D 51 21.12 -4.51 -3.16
CA MET D 51 22.16 -5.02 -4.11
C MET D 51 23.50 -4.36 -3.77
N ALA D 52 24.56 -5.16 -3.67
CA ALA D 52 25.94 -4.67 -3.42
C ALA D 52 26.94 -5.55 -4.14
N ALA D 53 28.16 -5.03 -4.32
CA ALA D 53 29.29 -5.70 -4.99
C ALA D 53 30.51 -5.64 -4.10
N ALA D 54 31.32 -6.68 -4.17
CA ALA D 54 32.62 -6.82 -3.47
C ALA D 54 33.67 -6.15 -4.32
N PRO D 55 34.50 -5.26 -3.73
CA PRO D 55 35.71 -4.78 -4.39
C PRO D 55 36.85 -5.81 -4.28
N SER D 56 38.00 -5.52 -4.88
CA SER D 56 39.14 -6.47 -5.05
C SER D 56 40.47 -5.72 -5.12
N GLY D 57 41.43 -6.07 -4.26
CA GLY D 57 42.79 -5.48 -4.24
C GLY D 57 43.66 -5.86 -5.44
N ALA D 58 44.47 -4.93 -5.94
CA ALA D 58 45.56 -5.17 -6.93
C ALA D 58 46.66 -5.97 -6.24
N SER D 59 47.26 -5.40 -5.21
CA SER D 59 48.16 -6.12 -4.28
C SER D 59 47.47 -6.13 -2.90
N THR D 60 47.23 -7.34 -2.37
CA THR D 60 46.55 -7.61 -1.07
C THR D 60 47.63 -7.87 0.00
N GLY D 61 47.48 -7.28 1.20
CA GLY D 61 48.22 -7.71 2.41
C GLY D 61 48.04 -9.21 2.65
N SER D 62 49.00 -9.87 3.29
CA SER D 62 49.11 -11.35 3.34
C SER D 62 48.11 -11.96 4.34
N ARG D 63 47.58 -11.14 5.26
CA ARG D 63 46.69 -11.58 6.37
C ARG D 63 45.23 -11.24 6.08
N GLU D 64 44.93 -10.70 4.89
CA GLU D 64 43.56 -10.35 4.42
C GLU D 64 42.72 -11.63 4.32
N ALA D 65 41.42 -11.53 4.61
CA ALA D 65 40.42 -12.57 4.27
C ALA D 65 40.58 -12.91 2.79
N LEU D 66 40.53 -14.21 2.47
CA LEU D 66 40.79 -14.80 1.13
C LEU D 66 39.54 -14.60 0.28
N GLU D 67 39.79 -14.05 -0.88
CA GLU D 67 38.91 -13.97 -2.07
C GLU D 67 38.80 -15.37 -2.67
N LEU D 68 37.60 -15.84 -3.02
CA LEU D 68 37.42 -17.12 -3.75
C LEU D 68 37.32 -16.86 -5.26
N ARG D 69 38.33 -17.34 -6.01
CA ARG D 69 38.46 -17.33 -7.48
C ARG D 69 38.46 -18.76 -8.04
N ASP D 70 38.09 -18.88 -9.31
CA ASP D 70 37.77 -20.18 -9.94
C ASP D 70 39.07 -20.93 -10.31
N GLY D 71 40.15 -20.20 -10.62
CA GLY D 71 41.44 -20.74 -11.10
C GLY D 71 41.36 -21.38 -12.48
N ASP D 72 40.29 -21.15 -13.25
CA ASP D 72 40.03 -21.77 -14.58
C ASP D 72 40.67 -20.87 -15.66
N LYS D 73 41.82 -21.30 -16.19
CA LYS D 73 42.68 -20.52 -17.11
C LYS D 73 41.91 -20.14 -18.38
N SER D 74 40.91 -20.93 -18.79
CA SER D 74 40.04 -20.70 -20.00
C SER D 74 38.91 -19.68 -19.77
N ARG D 75 38.88 -18.98 -18.63
CA ARG D 75 37.83 -17.98 -18.25
C ARG D 75 38.48 -16.89 -17.41
N PHE D 76 38.56 -15.67 -17.97
CA PHE D 76 39.02 -14.44 -17.28
C PHE D 76 40.41 -14.67 -16.66
N LEU D 77 41.23 -15.53 -17.29
CA LEU D 77 42.65 -15.78 -16.91
C LEU D 77 42.66 -16.37 -15.50
N GLY D 78 41.69 -17.23 -15.19
CA GLY D 78 41.57 -17.93 -13.90
C GLY D 78 40.90 -17.10 -12.81
N LYS D 79 40.36 -15.92 -13.14
CA LYS D 79 39.91 -14.94 -12.11
C LYS D 79 38.38 -14.96 -12.02
N GLY D 80 37.70 -15.89 -12.68
CA GLY D 80 36.22 -15.98 -12.60
C GLY D 80 35.79 -16.07 -11.14
N VAL D 81 34.54 -15.79 -10.81
CA VAL D 81 34.08 -15.95 -9.40
C VAL D 81 32.81 -16.80 -9.37
N THR D 82 32.66 -17.74 -10.32
CA THR D 82 31.49 -18.66 -10.39
C THR D 82 31.35 -19.45 -9.08
N LYS D 83 32.44 -19.90 -8.46
CA LYS D 83 32.35 -20.77 -7.25
C LYS D 83 31.80 -19.95 -6.08
N ALA D 84 32.28 -18.71 -5.89
CA ALA D 84 31.77 -17.69 -4.92
C ALA D 84 30.30 -17.35 -5.18
N VAL D 85 29.91 -17.28 -6.45
CA VAL D 85 28.49 -17.05 -6.83
C VAL D 85 27.64 -18.24 -6.38
N ALA D 86 28.13 -19.48 -6.58
CA ALA D 86 27.41 -20.71 -6.19
C ALA D 86 27.26 -20.74 -4.66
N ALA D 87 28.23 -20.25 -3.91
CA ALA D 87 28.16 -20.12 -2.44
C ALA D 87 26.96 -19.24 -2.10
N VAL D 88 26.82 -18.11 -2.79
CA VAL D 88 25.73 -17.12 -2.53
C VAL D 88 24.39 -17.78 -2.85
N ASN D 89 24.28 -18.39 -4.03
CA ASN D 89 23.02 -18.98 -4.55
C ASN D 89 22.61 -20.24 -3.78
N GLY D 90 23.56 -20.96 -3.18
CA GLY D 90 23.33 -22.26 -2.50
C GLY D 90 23.46 -22.12 -0.98
N PRO D 91 24.59 -22.58 -0.40
CA PRO D 91 24.73 -22.71 1.06
C PRO D 91 24.33 -21.47 1.87
N ILE D 92 24.73 -20.27 1.42
CA ILE D 92 24.49 -18.98 2.13
C ILE D 92 23.01 -18.63 2.03
N ALA D 93 22.47 -18.65 0.82
CA ALA D 93 21.02 -18.48 0.56
C ALA D 93 20.22 -19.34 1.56
N GLN D 94 20.50 -20.65 1.63
CA GLN D 94 19.68 -21.63 2.40
C GLN D 94 19.76 -21.35 3.90
N ALA D 95 20.90 -20.88 4.37
CA ALA D 95 21.17 -20.51 5.78
C ALA D 95 20.45 -19.22 6.20
N LEU D 96 20.14 -18.30 5.28
CA LEU D 96 19.69 -16.92 5.62
C LEU D 96 18.20 -16.76 5.29
N ILE D 97 17.61 -17.62 4.43
CA ILE D 97 16.15 -17.52 4.10
C ILE D 97 15.40 -17.64 5.43
N GLY D 98 14.54 -16.68 5.75
CA GLY D 98 13.66 -16.70 6.92
C GLY D 98 14.30 -16.04 8.12
N LYS D 99 15.52 -15.50 8.00
CA LYS D 99 16.20 -14.68 9.05
C LYS D 99 15.94 -13.19 8.79
N ASP D 100 15.93 -12.39 9.86
CA ASP D 100 15.58 -10.94 9.83
C ASP D 100 16.78 -10.11 9.38
N ALA D 101 16.73 -9.57 8.17
CA ALA D 101 17.78 -8.69 7.61
C ALA D 101 18.16 -7.58 8.59
N LYS D 102 17.24 -7.05 9.41
CA LYS D 102 17.50 -5.91 10.33
C LYS D 102 18.57 -6.26 11.37
N ASP D 103 18.74 -7.56 11.68
CA ASP D 103 19.74 -8.08 12.65
C ASP D 103 21.08 -8.32 11.92
N GLN D 104 21.88 -7.28 11.67
CA GLN D 104 23.04 -7.37 10.75
C GLN D 104 24.05 -8.36 11.33
N ALA D 105 24.26 -8.26 12.65
CA ALA D 105 25.28 -9.08 13.34
C ALA D 105 24.88 -10.56 13.28
N GLY D 106 23.59 -10.90 13.39
CA GLY D 106 23.17 -12.31 13.30
C GLY D 106 23.43 -12.87 11.91
N ILE D 107 23.07 -12.08 10.89
CA ILE D 107 23.24 -12.44 9.45
C ILE D 107 24.74 -12.71 9.24
N ASP D 108 25.58 -11.76 9.63
CA ASP D 108 27.05 -11.91 9.45
C ASP D 108 27.50 -13.17 10.23
N LYS D 109 27.09 -13.31 11.48
CA LYS D 109 27.49 -14.45 12.35
C LYS D 109 27.10 -15.79 11.70
N ILE D 110 25.92 -15.90 11.06
CA ILE D 110 25.48 -17.16 10.39
C ILE D 110 26.42 -17.51 9.23
N MET D 111 26.84 -16.52 8.44
CA MET D 111 27.75 -16.71 7.27
C MET D 111 29.16 -17.05 7.79
N ILE D 112 29.62 -16.31 8.80
CA ILE D 112 30.96 -16.53 9.42
C ILE D 112 31.04 -17.99 9.91
N ASP D 113 30.09 -18.41 10.75
CA ASP D 113 30.01 -19.78 11.32
C ASP D 113 29.88 -20.81 10.18
N LEU D 114 29.04 -20.57 9.19
CA LEU D 114 28.77 -21.54 8.10
C LEU D 114 30.01 -21.72 7.20
N ASP D 115 30.76 -20.66 6.90
CA ASP D 115 32.09 -20.79 6.24
C ASP D 115 33.01 -21.63 7.14
N GLY D 116 33.16 -21.24 8.40
CA GLY D 116 33.79 -22.05 9.47
C GLY D 116 35.28 -21.79 9.61
N THR D 117 35.89 -21.07 8.65
CA THR D 117 37.36 -20.87 8.50
C THR D 117 37.75 -19.50 9.02
N GLU D 118 39.04 -19.33 9.33
CA GLU D 118 39.60 -18.10 9.94
C GLU D 118 39.48 -16.95 8.92
N ASN D 119 39.71 -17.25 7.62
CA ASN D 119 39.83 -16.25 6.53
C ASN D 119 38.76 -16.43 5.45
N LYS D 120 37.60 -17.00 5.79
CA LYS D 120 36.46 -17.13 4.84
C LYS D 120 36.98 -17.78 3.56
N SER D 121 37.79 -18.84 3.67
CA SER D 121 38.38 -19.59 2.52
C SER D 121 37.40 -20.64 1.99
N LYS D 122 36.29 -20.95 2.66
CA LYS D 122 35.31 -21.92 2.08
C LYS D 122 34.43 -21.21 1.04
N PHE D 123 33.69 -20.16 1.40
CA PHE D 123 32.71 -19.52 0.50
C PHE D 123 33.34 -18.34 -0.22
N GLY D 124 34.40 -17.78 0.35
CA GLY D 124 35.10 -16.59 -0.16
C GLY D 124 34.64 -15.38 0.60
N ALA D 125 35.58 -14.50 1.00
CA ALA D 125 35.28 -13.17 1.59
C ALA D 125 34.46 -12.32 0.58
N ASN D 126 34.65 -12.51 -0.73
CA ASN D 126 33.94 -11.77 -1.81
C ASN D 126 32.44 -12.14 -1.80
N ALA D 127 32.11 -13.40 -1.55
CA ALA D 127 30.71 -13.91 -1.55
C ALA D 127 30.02 -13.45 -0.27
N ILE D 128 30.69 -13.62 0.87
CA ILE D 128 30.15 -13.24 2.20
C ILE D 128 29.91 -11.73 2.23
N LEU D 129 30.89 -10.92 1.81
CA LEU D 129 30.83 -9.45 1.98
C LEU D 129 29.67 -8.91 1.14
N ALA D 130 29.56 -9.30 -0.14
CA ALA D 130 28.52 -8.80 -1.07
C ALA D 130 27.13 -9.05 -0.45
N VAL D 131 26.93 -10.21 0.18
CA VAL D 131 25.67 -10.57 0.88
C VAL D 131 25.54 -9.71 2.15
N SER D 132 26.62 -9.50 2.90
CA SER D 132 26.60 -8.63 4.13
C SER D 132 26.11 -7.21 3.81
N LEU D 133 26.57 -6.66 2.68
CA LEU D 133 26.28 -5.26 2.28
C LEU D 133 24.87 -5.20 1.70
N ALA D 134 24.45 -6.17 0.89
CA ALA D 134 23.13 -6.19 0.21
C ALA D 134 22.04 -6.32 1.26
N ASN D 135 22.29 -7.21 2.22
CA ASN D 135 21.43 -7.42 3.41
C ASN D 135 21.21 -6.07 4.11
N ALA D 136 22.30 -5.33 4.41
CA ALA D 136 22.26 -4.02 5.10
C ALA D 136 21.38 -3.01 4.31
N LYS D 137 21.42 -3.09 2.98
CA LYS D 137 20.68 -2.17 2.06
C LYS D 137 19.19 -2.53 2.05
N ALA D 138 18.88 -3.82 2.03
CA ALA D 138 17.49 -4.32 2.08
C ALA D 138 16.87 -3.95 3.44
N ALA D 139 17.65 -4.04 4.51
CA ALA D 139 17.19 -3.73 5.87
C ALA D 139 16.87 -2.24 5.94
N ALA D 140 17.73 -1.38 5.38
CA ALA D 140 17.58 0.10 5.44
C ALA D 140 16.22 0.47 4.86
N ALA D 141 15.91 -0.14 3.71
CA ALA D 141 14.69 0.07 2.92
C ALA D 141 13.47 -0.37 3.74
N ALA D 142 13.59 -1.55 4.36
CA ALA D 142 12.57 -2.12 5.25
C ALA D 142 12.31 -1.15 6.41
N LYS D 143 13.35 -0.47 6.88
CA LYS D 143 13.28 0.51 8.01
C LYS D 143 12.92 1.90 7.47
N GLY D 144 12.72 2.02 6.15
CA GLY D 144 12.29 3.27 5.49
C GLY D 144 13.27 4.40 5.73
N MET D 145 14.58 4.13 5.66
CA MET D 145 15.67 5.12 5.86
C MET D 145 16.79 4.87 4.86
N PRO D 146 17.60 5.90 4.52
CA PRO D 146 18.78 5.71 3.66
C PRO D 146 19.91 4.93 4.37
N LEU D 147 20.82 4.36 3.59
CA LEU D 147 21.87 3.45 4.14
C LEU D 147 22.72 4.14 5.22
N TYR D 148 23.12 5.39 5.04
CA TYR D 148 23.98 6.09 6.05
C TYR D 148 23.25 6.10 7.42
N GLU D 149 21.93 6.25 7.42
CA GLU D 149 21.12 6.32 8.67
C GLU D 149 21.05 4.93 9.33
N HIS D 150 20.82 3.88 8.54
CA HIS D 150 20.78 2.48 9.07
C HIS D 150 22.16 2.11 9.63
N ILE D 151 23.25 2.45 8.92
CA ILE D 151 24.64 2.14 9.38
C ILE D 151 24.87 2.82 10.74
N ALA D 152 24.49 4.09 10.90
CA ALA D 152 24.69 4.81 12.18
C ALA D 152 24.05 3.99 13.31
N GLU D 153 22.86 3.40 13.09
CA GLU D 153 22.12 2.56 14.08
C GLU D 153 22.81 1.21 14.28
N LEU D 154 23.21 0.51 13.22
CA LEU D 154 24.03 -0.73 13.32
C LEU D 154 25.33 -0.48 14.13
N ASN D 155 25.84 0.76 14.11
CA ASN D 155 27.19 1.13 14.63
C ASN D 155 27.12 1.50 16.12
N GLY D 156 25.90 1.57 16.67
CA GLY D 156 25.65 2.05 18.05
C GLY D 156 25.87 3.55 18.19
N THR D 157 25.75 4.31 17.10
CA THR D 157 25.92 5.78 17.12
C THR D 157 24.78 6.43 16.32
N PRO D 158 23.50 6.28 16.76
CA PRO D 158 22.35 6.79 16.01
C PRO D 158 22.41 8.30 15.75
N GLY D 159 21.98 8.75 14.57
CA GLY D 159 21.89 10.18 14.21
C GLY D 159 23.22 10.91 14.17
N LYS D 160 24.36 10.24 14.37
CA LYS D 160 25.69 10.89 14.43
C LYS D 160 26.37 10.81 13.06
N TYR D 161 26.58 11.96 12.41
CA TYR D 161 27.04 12.04 11.01
C TYR D 161 28.19 13.05 10.88
N SER D 162 29.21 12.73 10.09
CA SER D 162 30.11 13.75 9.46
C SER D 162 30.22 13.48 7.97
N MET D 163 30.53 14.50 7.18
CA MET D 163 31.03 14.33 5.79
C MET D 163 32.55 14.11 5.90
N PRO D 164 33.10 13.04 5.29
CA PRO D 164 34.54 12.73 5.42
C PRO D 164 35.43 13.69 4.63
N VAL D 165 36.62 13.91 5.17
CA VAL D 165 37.70 14.65 4.45
C VAL D 165 38.39 13.64 3.56
N PRO D 166 38.29 13.84 2.21
CA PRO D 166 38.86 12.93 1.23
C PRO D 166 40.35 13.16 0.98
N MET D 167 41.12 12.09 0.94
CA MET D 167 42.51 12.07 0.40
C MET D 167 42.49 11.44 -1.00
N MET D 168 42.83 12.23 -2.02
CA MET D 168 42.61 11.97 -3.47
C MET D 168 43.93 11.57 -4.16
N ASN D 169 44.00 10.32 -4.66
CA ASN D 169 45.23 9.74 -5.25
C ASN D 169 45.44 10.26 -6.67
N ILE D 170 46.14 11.40 -6.83
CA ILE D 170 46.35 12.06 -8.15
C ILE D 170 47.77 11.86 -8.73
N ILE D 171 48.74 11.28 -8.02
CA ILE D 171 49.99 10.77 -8.68
C ILE D 171 50.26 9.33 -8.19
N ASN D 172 49.91 8.35 -9.05
CA ASN D 172 50.09 6.90 -8.82
C ASN D 172 51.60 6.64 -9.06
N GLY D 173 52.21 5.62 -8.42
CA GLY D 173 53.68 5.38 -8.42
C GLY D 173 54.13 3.94 -8.18
N GLY D 174 53.21 2.95 -8.12
CA GLY D 174 53.53 1.51 -8.03
C GLY D 174 53.56 0.85 -9.40
N ASP D 178 54.95 2.72 -12.60
CA ASP D 178 55.39 2.82 -14.03
C ASP D 178 56.56 3.82 -14.14
N ASN D 179 57.46 3.87 -13.14
CA ASN D 179 58.48 4.94 -12.97
C ASN D 179 59.58 4.47 -12.02
N ASP D 182 58.28 5.03 -6.97
CA ASP D 182 58.32 4.04 -5.85
C ASP D 182 57.03 4.13 -5.02
N ILE D 183 56.92 5.19 -4.21
CA ILE D 183 55.72 5.52 -3.38
C ILE D 183 54.46 5.31 -4.24
N GLN D 184 53.51 4.49 -3.75
CA GLN D 184 52.35 3.98 -4.51
C GLN D 184 51.33 5.10 -4.79
N GLU D 185 51.13 6.05 -3.88
CA GLU D 185 50.08 7.12 -4.02
C GLU D 185 50.54 8.43 -3.39
N PHE D 186 50.38 9.53 -4.11
CA PHE D 186 50.45 10.90 -3.58
C PHE D 186 49.04 11.48 -3.66
N MET D 187 48.49 11.89 -2.51
CA MET D 187 47.08 12.35 -2.39
C MET D 187 47.08 13.82 -1.93
N ILE D 188 46.06 14.56 -2.34
CA ILE D 188 45.77 15.93 -1.86
C ILE D 188 44.53 15.81 -0.96
N GLN D 189 44.42 16.63 0.09
CA GLN D 189 43.27 16.71 1.03
C GLN D 189 42.79 18.16 1.08
N PRO D 190 41.61 18.48 0.52
CA PRO D 190 41.10 19.85 0.57
C PRO D 190 40.53 20.20 1.96
N VAL D 191 41.40 20.29 2.96
CA VAL D 191 41.06 20.65 4.38
C VAL D 191 40.42 22.04 4.48
N GLY D 192 40.85 22.99 3.64
CA GLY D 192 40.37 24.37 3.60
C GLY D 192 38.91 24.49 3.18
N ALA D 193 38.31 23.45 2.62
CA ALA D 193 36.90 23.44 2.16
C ALA D 193 35.94 23.52 3.35
N LYS D 194 34.79 24.19 3.21
CA LYS D 194 33.69 24.28 4.23
C LYS D 194 32.74 23.08 4.08
N THR D 195 32.46 22.63 2.85
CA THR D 195 31.54 21.49 2.52
C THR D 195 32.29 20.43 1.70
N VAL D 196 31.78 19.20 1.68
CA VAL D 196 32.34 18.08 0.87
C VAL D 196 32.13 18.44 -0.59
N LYS D 197 30.99 19.08 -0.91
CA LYS D 197 30.73 19.65 -2.25
C LYS D 197 31.92 20.50 -2.69
N GLU D 198 32.35 21.45 -1.85
CA GLU D 198 33.47 22.36 -2.14
C GLU D 198 34.79 21.56 -2.22
N ALA D 199 35.00 20.56 -1.34
CA ALA D 199 36.26 19.78 -1.29
C ALA D 199 36.42 18.99 -2.61
N ILE D 200 35.31 18.50 -3.16
CA ILE D 200 35.28 17.72 -4.43
C ILE D 200 35.60 18.64 -5.60
N ARG D 201 35.06 19.87 -5.62
CA ARG D 201 35.31 20.91 -6.66
C ARG D 201 36.79 21.29 -6.62
N MET D 202 37.31 21.46 -5.39
CA MET D 202 38.74 21.77 -5.12
C MET D 202 39.63 20.68 -5.73
N GLY D 203 39.30 19.40 -5.47
CA GLY D 203 40.00 18.23 -6.03
C GLY D 203 39.94 18.21 -7.57
N SER D 204 38.79 18.52 -8.15
CA SER D 204 38.59 18.55 -9.62
C SER D 204 39.49 19.62 -10.24
N GLU D 205 39.48 20.83 -9.66
CA GLU D 205 40.26 22.00 -10.16
C GLU D 205 41.75 21.64 -10.15
N VAL D 206 42.28 21.15 -9.02
CA VAL D 206 43.72 20.79 -8.90
C VAL D 206 44.05 19.72 -9.95
N PHE D 207 43.23 18.68 -10.00
CA PHE D 207 43.38 17.50 -10.89
C PHE D 207 43.48 18.00 -12.34
N HIS D 208 42.57 18.88 -12.77
CA HIS D 208 42.56 19.44 -14.14
C HIS D 208 43.83 20.28 -14.35
N HIS D 209 44.23 21.13 -13.39
CA HIS D 209 45.44 22.00 -13.54
C HIS D 209 46.65 21.07 -13.59
N LEU D 210 46.69 19.96 -12.83
CA LEU D 210 47.87 19.04 -12.86
C LEU D 210 48.02 18.45 -14.28
N ALA D 211 46.93 18.24 -15.03
CA ALA D 211 47.00 17.69 -16.41
C ALA D 211 47.69 18.70 -17.32
N LYS D 212 47.50 20.01 -17.07
CA LYS D 212 48.11 21.12 -17.85
C LYS D 212 49.61 21.19 -17.54
N VAL D 213 50.00 20.91 -16.29
CA VAL D 213 51.41 20.94 -15.80
C VAL D 213 52.16 19.76 -16.41
N LEU D 214 51.64 18.55 -16.23
CA LEU D 214 52.22 17.32 -16.86
C LEU D 214 52.31 17.49 -18.39
N LYS D 215 51.35 18.12 -19.06
CA LYS D 215 51.32 18.37 -20.54
C LYS D 215 52.43 19.35 -20.95
N ALA D 216 52.48 20.52 -20.30
CA ALA D 216 53.53 21.54 -20.49
C ALA D 216 54.94 20.92 -20.37
N LYS D 217 55.18 19.93 -19.47
CA LYS D 217 56.49 19.22 -19.28
C LYS D 217 56.64 18.01 -20.22
N GLY D 218 55.66 17.79 -21.12
CA GLY D 218 55.58 16.66 -22.07
C GLY D 218 55.38 15.29 -21.41
N MET D 219 54.74 15.22 -20.24
CA MET D 219 54.59 13.95 -19.47
C MET D 219 53.22 13.31 -19.77
N ASN D 220 53.10 12.02 -19.43
CA ASN D 220 51.90 11.17 -19.68
C ASN D 220 50.72 11.62 -18.80
N THR D 221 49.53 11.84 -19.40
CA THR D 221 48.27 12.21 -18.67
C THR D 221 47.20 11.12 -18.80
N ALA D 222 47.52 9.94 -19.29
CA ALA D 222 46.67 8.74 -19.09
C ALA D 222 46.66 8.44 -17.58
N VAL D 223 45.73 7.60 -17.13
CA VAL D 223 45.46 7.42 -15.68
C VAL D 223 45.55 5.93 -15.34
N GLY D 224 45.80 5.62 -14.06
CA GLY D 224 45.82 4.25 -13.52
C GLY D 224 44.49 3.86 -12.88
N ASP D 225 44.50 2.70 -12.21
CA ASP D 225 43.33 2.08 -11.53
C ASP D 225 42.53 3.11 -10.74
N GLU D 226 43.19 4.09 -10.08
CA GLU D 226 42.56 5.02 -9.11
C GLU D 226 42.25 6.38 -9.75
N GLY D 227 42.52 6.54 -11.05
CA GLY D 227 42.04 7.67 -11.85
C GLY D 227 43.00 8.83 -11.75
N GLY D 228 44.18 8.55 -11.20
CA GLY D 228 45.27 9.53 -11.13
C GLY D 228 46.30 9.30 -12.23
N TYR D 229 47.12 10.31 -12.48
CA TYR D 229 48.23 10.31 -13.46
C TYR D 229 49.38 9.39 -12.99
N ALA D 230 50.04 8.72 -13.94
CA ALA D 230 51.17 7.79 -13.69
C ALA D 230 52.35 8.14 -14.58
N PRO D 231 52.82 9.42 -14.57
CA PRO D 231 53.88 9.89 -15.46
C PRO D 231 55.26 9.41 -14.98
N ASN D 232 56.24 9.47 -15.87
CA ASN D 232 57.67 9.19 -15.55
C ASN D 232 58.26 10.43 -14.88
N LEU D 233 58.74 10.28 -13.66
CA LEU D 233 59.27 11.41 -12.85
C LEU D 233 60.70 11.07 -12.44
N GLY D 234 61.55 12.08 -12.27
CA GLY D 234 62.94 11.93 -11.81
C GLY D 234 63.00 11.12 -10.54
N SER D 235 62.65 11.76 -9.42
CA SER D 235 62.70 11.16 -8.06
C SER D 235 61.27 11.06 -7.52
N ASN D 236 61.11 10.56 -6.29
CA ASN D 236 59.81 10.53 -5.58
C ASN D 236 59.45 11.98 -5.22
N ALA D 237 60.44 12.80 -4.85
CA ALA D 237 60.29 14.24 -4.51
C ALA D 237 59.62 15.06 -5.61
N GLU D 238 59.77 14.69 -6.89
CA GLU D 238 59.25 15.46 -8.06
C GLU D 238 57.73 15.25 -8.17
N ALA D 239 57.20 14.09 -7.76
CA ALA D 239 55.74 13.87 -7.58
C ALA D 239 55.16 15.05 -6.79
N LEU D 240 55.78 15.37 -5.65
CA LEU D 240 55.33 16.44 -4.71
C LEU D 240 55.49 17.83 -5.37
N ALA D 241 56.56 18.04 -6.12
CA ALA D 241 56.86 19.31 -6.82
C ALA D 241 55.77 19.63 -7.87
N VAL D 242 55.35 18.66 -8.68
CA VAL D 242 54.32 18.90 -9.75
C VAL D 242 52.95 19.09 -9.08
N ILE D 243 52.73 18.40 -7.97
CA ILE D 243 51.47 18.55 -7.18
C ILE D 243 51.37 20.01 -6.66
N ALA D 244 52.46 20.53 -6.08
CA ALA D 244 52.54 21.91 -5.51
C ALA D 244 52.26 22.96 -6.59
N GLU D 245 52.73 22.71 -7.80
CA GLU D 245 52.59 23.62 -8.97
C GLU D 245 51.11 23.61 -9.44
N ALA D 246 50.51 22.42 -9.48
CA ALA D 246 49.06 22.25 -9.76
C ALA D 246 48.26 23.10 -8.77
N VAL D 247 48.49 22.87 -7.47
CA VAL D 247 47.77 23.57 -6.36
C VAL D 247 47.85 25.09 -6.58
N LYS D 248 49.04 25.63 -6.82
CA LYS D 248 49.26 27.08 -7.09
C LYS D 248 48.47 27.51 -8.35
N ALA D 249 48.50 26.69 -9.41
CA ALA D 249 47.88 27.01 -10.71
C ALA D 249 46.35 27.11 -10.55
N ALA D 250 45.76 26.26 -9.70
CA ALA D 250 44.31 26.28 -9.39
C ALA D 250 43.98 27.42 -8.43
N GLY D 251 44.98 28.13 -7.91
CA GLY D 251 44.81 29.32 -7.07
C GLY D 251 44.50 28.96 -5.63
N TYR D 252 45.02 27.83 -5.16
CA TYR D 252 44.89 27.36 -3.76
C TYR D 252 46.28 27.44 -3.12
N GLU D 253 46.29 27.67 -1.82
CA GLU D 253 47.50 27.83 -0.99
C GLU D 253 47.78 26.47 -0.37
N LEU D 254 48.87 25.81 -0.78
CA LEU D 254 49.41 24.57 -0.16
C LEU D 254 49.59 24.83 1.34
N GLY D 255 49.35 23.84 2.21
CA GLY D 255 49.39 24.02 3.66
C GLY D 255 48.05 24.48 4.23
N LYS D 256 47.56 25.66 3.87
CA LYS D 256 46.29 26.23 4.42
C LYS D 256 45.09 25.57 3.74
N ASP D 257 45.01 25.59 2.41
CA ASP D 257 43.83 25.13 1.63
C ASP D 257 43.90 23.63 1.36
N ILE D 258 45.11 23.09 1.13
CA ILE D 258 45.35 21.68 0.70
C ILE D 258 46.57 21.13 1.41
N THR D 259 46.42 19.99 2.09
CA THR D 259 47.53 19.20 2.69
C THR D 259 47.73 17.94 1.85
N LEU D 260 48.87 17.27 2.00
CA LEU D 260 49.27 16.13 1.17
C LEU D 260 49.30 14.89 2.06
N ALA D 261 49.02 13.74 1.46
CA ALA D 261 49.09 12.42 2.11
C ALA D 261 49.78 11.45 1.15
N MET D 262 50.29 10.35 1.67
CA MET D 262 50.97 9.32 0.86
C MET D 262 50.53 7.96 1.36
N ASP D 263 50.49 6.97 0.46
CA ASP D 263 50.54 5.52 0.80
C ASP D 263 51.83 4.97 0.17
N CYS D 264 52.82 4.66 1.00
CA CYS D 264 54.15 4.19 0.56
C CYS D 264 54.02 2.75 0.05
N ALA D 265 53.09 1.98 0.60
CA ALA D 265 52.99 0.51 0.41
C ALA D 265 54.39 -0.07 0.53
N ALA D 266 55.13 0.37 1.55
CA ALA D 266 56.54 0.01 1.82
C ALA D 266 56.76 -1.51 1.76
N SER D 267 55.75 -2.32 2.12
CA SER D 267 55.80 -3.79 1.93
C SER D 267 56.37 -4.08 0.52
N GLU D 268 55.91 -3.33 -0.49
CA GLU D 268 56.18 -3.59 -1.93
C GLU D 268 57.69 -3.49 -2.24
N PHE D 269 58.44 -2.62 -1.55
CA PHE D 269 59.89 -2.41 -1.79
C PHE D 269 60.72 -2.74 -0.52
N TYR D 270 60.53 -3.93 0.05
CA TYR D 270 61.23 -4.41 1.28
C TYR D 270 61.85 -5.78 1.00
N LYS D 271 63.19 -5.86 0.95
CA LYS D 271 63.92 -7.12 0.63
C LYS D 271 65.11 -7.25 1.58
N ASP D 272 65.07 -8.24 2.49
CA ASP D 272 66.16 -8.55 3.45
C ASP D 272 66.38 -7.36 4.39
N GLY D 273 65.35 -6.98 5.15
CA GLY D 273 65.43 -6.00 6.25
C GLY D 273 65.84 -4.60 5.81
N LYS D 274 65.79 -4.31 4.50
CA LYS D 274 66.11 -2.96 3.95
C LYS D 274 65.06 -2.57 2.89
N TYR D 275 64.69 -1.28 2.88
CA TYR D 275 63.72 -0.66 1.92
C TYR D 275 64.51 -0.09 0.73
N VAL D 276 64.25 -0.60 -0.48
CA VAL D 276 65.04 -0.37 -1.73
C VAL D 276 64.19 0.43 -2.74
N LEU D 277 64.52 1.70 -2.98
CA LEU D 277 63.73 2.59 -3.88
C LEU D 277 64.27 2.47 -5.32
N ALA D 278 63.63 1.64 -6.16
CA ALA D 278 64.04 1.32 -7.56
C ALA D 278 63.82 2.51 -8.52
N GLY D 279 64.40 3.68 -8.20
CA GLY D 279 64.19 4.93 -8.95
C GLY D 279 64.63 6.19 -8.20
N GLU D 280 65.46 6.06 -7.16
CA GLU D 280 66.14 7.18 -6.44
C GLU D 280 67.65 7.16 -6.77
N ASN D 282 68.34 3.51 -6.95
CA ASN D 282 68.20 2.13 -6.41
C ASN D 282 68.69 2.10 -4.94
N LYS D 283 68.75 3.24 -4.25
CA LYS D 283 69.36 3.37 -2.89
C LYS D 283 68.52 2.58 -1.85
N ALA D 284 69.21 1.92 -0.90
CA ALA D 284 68.64 1.05 0.15
C ALA D 284 68.65 1.81 1.49
N PHE D 285 67.68 1.52 2.37
CA PHE D 285 67.57 2.10 3.73
C PHE D 285 67.32 0.98 4.75
N THR D 286 67.56 1.29 6.02
CA THR D 286 67.04 0.54 7.20
C THR D 286 65.74 1.22 7.68
N SER D 287 65.05 0.57 8.63
CA SER D 287 63.74 1.01 9.21
C SER D 287 63.84 2.44 9.75
N GLU D 288 64.94 2.72 10.44
CA GLU D 288 65.24 4.06 11.03
C GLU D 288 65.64 5.03 9.91
N GLU D 289 66.36 4.56 8.87
CA GLU D 289 66.86 5.43 7.76
C GLU D 289 65.63 5.87 6.95
N PHE D 290 64.77 4.93 6.55
CA PHE D 290 63.55 5.25 5.75
C PHE D 290 62.65 6.19 6.57
N THR D 291 62.45 5.88 7.85
CA THR D 291 61.68 6.77 8.78
C THR D 291 62.17 8.22 8.63
N HIS D 292 63.49 8.43 8.58
CA HIS D 292 64.09 9.79 8.53
C HIS D 292 63.86 10.38 7.12
N PHE D 293 64.04 9.57 6.07
CA PHE D 293 63.79 9.97 4.66
C PHE D 293 62.37 10.53 4.52
N LEU D 294 61.39 9.90 5.20
CA LEU D 294 59.96 10.34 5.23
C LEU D 294 59.85 11.61 6.08
N GLU D 295 60.41 11.59 7.29
CA GLU D 295 60.45 12.76 8.21
C GLU D 295 60.87 13.99 7.40
N GLU D 296 61.93 13.86 6.60
CA GLU D 296 62.55 15.01 5.88
C GLU D 296 61.52 15.56 4.88
N LEU D 297 60.76 14.69 4.22
CA LEU D 297 59.65 15.09 3.30
C LEU D 297 58.60 15.88 4.09
N THR D 298 58.33 15.47 5.33
CA THR D 298 57.38 16.14 6.26
C THR D 298 57.72 17.63 6.42
N LYS D 299 59.01 18.00 6.28
CA LYS D 299 59.49 19.39 6.09
C LYS D 299 59.82 19.62 4.62
N GLN D 300 59.63 20.86 4.14
CA GLN D 300 59.57 21.26 2.70
C GLN D 300 58.10 21.15 2.24
N TYR D 301 57.48 19.97 2.39
CA TYR D 301 56.09 19.67 1.92
C TYR D 301 55.19 19.37 3.11
N PRO D 302 53.96 19.95 3.18
CA PRO D 302 53.02 19.73 4.29
C PRO D 302 52.27 18.38 4.20
N ILE D 303 53.04 17.29 4.22
CA ILE D 303 52.54 15.88 4.26
C ILE D 303 52.10 15.58 5.68
N VAL D 304 50.79 15.40 5.90
CA VAL D 304 50.15 15.28 7.24
C VAL D 304 49.71 13.83 7.50
N SER D 305 49.75 12.94 6.49
CA SER D 305 49.36 11.51 6.66
C SER D 305 50.25 10.59 5.81
N ILE D 306 50.83 9.57 6.46
CA ILE D 306 51.74 8.56 5.81
C ILE D 306 51.25 7.15 6.17
N GLU D 307 50.78 6.42 5.16
CA GLU D 307 50.12 5.09 5.25
C GLU D 307 51.10 3.99 4.85
N ASP D 308 51.21 2.93 5.65
CA ASP D 308 52.15 1.81 5.40
C ASP D 308 53.51 2.43 5.10
N GLY D 309 54.05 3.20 6.05
CA GLY D 309 55.40 3.80 5.97
C GLY D 309 56.51 2.75 6.06
N LEU D 310 56.20 1.56 6.56
CA LEU D 310 57.13 0.40 6.73
C LEU D 310 56.38 -0.89 6.41
N ASP D 311 57.07 -2.02 6.47
CA ASP D 311 56.54 -3.34 6.04
C ASP D 311 55.56 -3.85 7.11
N GLU D 312 54.56 -4.62 6.67
CA GLU D 312 53.41 -5.08 7.51
C GLU D 312 53.90 -5.95 8.68
N SER D 313 55.14 -6.43 8.63
CA SER D 313 55.73 -7.34 9.64
C SER D 313 56.88 -6.68 10.42
N ASP D 314 57.24 -5.45 10.06
CA ASP D 314 58.36 -4.70 10.68
C ASP D 314 57.82 -3.85 11.83
N TRP D 315 57.35 -4.50 12.90
CA TRP D 315 56.60 -3.82 14.00
C TRP D 315 57.57 -2.97 14.82
N ASP D 316 58.80 -3.45 15.05
CA ASP D 316 59.90 -2.68 15.71
C ASP D 316 60.12 -1.36 14.96
N GLY D 317 60.08 -1.41 13.61
CA GLY D 317 60.16 -0.23 12.74
C GLY D 317 59.02 0.75 12.97
N PHE D 318 57.78 0.24 13.07
CA PHE D 318 56.57 1.09 13.17
C PHE D 318 56.57 1.79 14.53
N ALA D 319 56.81 1.01 15.60
CA ALA D 319 57.05 1.48 16.98
C ALA D 319 57.94 2.73 16.98
N TYR D 320 59.12 2.63 16.35
CA TYR D 320 60.09 3.75 16.18
C TYR D 320 59.42 4.89 15.39
N GLN D 321 58.92 4.60 14.18
CA GLN D 321 58.29 5.61 13.28
C GLN D 321 57.21 6.38 14.06
N THR D 322 56.43 5.70 14.91
CA THR D 322 55.32 6.29 15.71
C THR D 322 55.90 7.22 16.78
N LYS D 323 56.97 6.81 17.47
CA LYS D 323 57.68 7.67 18.46
C LYS D 323 58.13 8.95 17.73
N VAL D 324 58.84 8.80 16.60
CA VAL D 324 59.41 9.92 15.80
C VAL D 324 58.27 10.84 15.32
N LEU D 325 57.32 10.34 14.52
CA LEU D 325 56.36 11.15 13.72
C LEU D 325 54.97 11.22 14.35
N GLY D 326 54.63 10.27 15.25
CA GLY D 326 53.25 9.99 15.68
C GLY D 326 52.58 11.15 16.40
N ASP D 327 53.30 12.21 16.79
CA ASP D 327 52.73 13.39 17.50
C ASP D 327 52.23 14.40 16.47
N LYS D 328 53.00 14.56 15.40
CA LYS D 328 52.80 15.59 14.34
C LYS D 328 52.05 15.00 13.15
N ILE D 329 52.21 13.68 12.88
CA ILE D 329 51.80 13.03 11.60
C ILE D 329 50.81 11.88 11.83
N GLN D 330 49.81 11.78 10.94
CA GLN D 330 48.87 10.63 10.86
C GLN D 330 49.62 9.47 10.20
N LEU D 331 49.76 8.36 10.93
CA LEU D 331 50.39 7.09 10.46
C LEU D 331 49.32 6.03 10.36
N VAL D 332 49.06 5.56 9.12
CA VAL D 332 47.86 4.75 8.76
C VAL D 332 48.31 3.33 8.44
N GLY D 333 47.83 2.36 9.21
CA GLY D 333 47.98 0.94 8.89
C GLY D 333 46.96 0.53 7.85
N ASP D 334 47.43 -0.06 6.74
CA ASP D 334 46.58 -0.68 5.68
C ASP D 334 46.92 -2.17 5.72
N ASP D 335 48.02 -2.58 5.06
CA ASP D 335 48.53 -3.97 5.11
C ASP D 335 48.81 -4.30 6.58
N LEU D 336 49.12 -3.29 7.42
CA LEU D 336 49.61 -3.45 8.81
C LEU D 336 48.51 -4.06 9.70
N PHE D 337 47.25 -3.73 9.41
CA PHE D 337 46.06 -4.11 10.24
C PHE D 337 45.04 -4.92 9.44
N VAL D 338 45.04 -4.83 8.10
CA VAL D 338 44.02 -5.43 7.17
C VAL D 338 42.62 -5.42 7.79
N THR D 339 42.17 -4.25 8.29
CA THR D 339 40.81 -4.04 8.83
C THR D 339 40.46 -5.18 9.81
N ASN D 340 41.40 -5.60 10.66
CA ASN D 340 41.24 -6.79 11.54
C ASN D 340 41.40 -6.42 13.03
N THR D 341 40.32 -6.49 13.80
CA THR D 341 40.31 -6.14 15.26
C THR D 341 41.45 -6.89 15.97
N LYS D 342 41.71 -8.16 15.66
CA LYS D 342 42.77 -8.99 16.31
C LYS D 342 44.12 -8.28 16.18
N ILE D 343 44.52 -7.97 14.95
CA ILE D 343 45.79 -7.26 14.67
C ILE D 343 45.72 -5.85 15.28
N LEU D 344 44.65 -5.09 15.06
CA LEU D 344 44.62 -3.66 15.52
C LEU D 344 44.82 -3.61 17.04
N LYS D 345 44.24 -4.57 17.77
CA LYS D 345 44.27 -4.65 19.26
C LYS D 345 45.74 -4.66 19.71
N GLU D 346 46.52 -5.63 19.23
CA GLU D 346 47.99 -5.75 19.45
C GLU D 346 48.67 -4.41 19.11
N GLY D 347 48.40 -3.83 17.93
CA GLY D 347 49.01 -2.57 17.48
C GLY D 347 48.67 -1.39 18.39
N ILE D 348 47.45 -1.32 18.92
CA ILE D 348 47.05 -0.26 19.89
C ILE D 348 47.85 -0.47 21.19
N GLU D 349 47.97 -1.74 21.62
CA GLU D 349 48.61 -2.17 22.90
C GLU D 349 50.11 -1.88 22.84
N LYS D 350 50.72 -1.88 21.66
CA LYS D 350 52.19 -1.69 21.50
C LYS D 350 52.51 -0.30 20.97
N GLY D 351 51.50 0.59 20.87
CA GLY D 351 51.68 2.00 20.44
C GLY D 351 52.23 2.08 19.02
N ILE D 352 51.53 1.45 18.07
CA ILE D 352 51.93 1.28 16.65
C ILE D 352 50.90 1.98 15.75
N ALA D 353 51.36 3.00 15.01
CA ALA D 353 50.56 3.90 14.15
C ALA D 353 49.50 4.58 15.02
N ASN D 354 48.72 5.49 14.43
CA ASN D 354 47.64 6.22 15.15
C ASN D 354 46.36 6.28 14.28
N SER D 355 46.23 5.35 13.33
CA SER D 355 45.19 5.39 12.26
C SER D 355 45.13 4.03 11.57
N ILE D 356 43.94 3.66 11.08
CA ILE D 356 43.68 2.42 10.28
C ILE D 356 42.92 2.80 9.01
N LEU D 357 43.25 2.12 7.91
CA LEU D 357 42.52 2.22 6.62
C LEU D 357 41.52 1.07 6.64
N ILE D 358 40.23 1.39 6.49
CA ILE D 358 39.09 0.46 6.66
C ILE D 358 38.62 0.00 5.28
N LYS D 359 38.65 -1.31 5.08
CA LYS D 359 38.33 -2.01 3.82
C LYS D 359 37.48 -3.21 4.20
N PHE D 360 36.17 -3.12 4.02
CA PHE D 360 35.26 -4.20 4.47
C PHE D 360 35.64 -5.54 3.79
N ASN D 361 36.29 -5.54 2.61
CA ASN D 361 36.67 -6.82 1.95
C ASN D 361 38.00 -7.38 2.50
N GLN D 362 38.74 -6.63 3.31
CA GLN D 362 39.95 -7.14 4.04
C GLN D 362 39.53 -8.12 5.15
N ILE D 363 38.33 -7.98 5.71
CA ILE D 363 37.84 -8.86 6.81
C ILE D 363 36.59 -9.62 6.34
N GLY D 364 35.69 -8.98 5.59
CA GLY D 364 34.68 -9.68 4.75
C GLY D 364 33.23 -9.56 5.22
N SER D 365 32.93 -8.70 6.20
CA SER D 365 31.55 -8.48 6.72
C SER D 365 31.40 -7.05 7.24
N LEU D 366 30.21 -6.49 7.17
CA LEU D 366 29.93 -5.15 7.71
C LEU D 366 30.15 -5.14 9.23
N THR D 367 29.73 -6.19 9.94
CA THR D 367 29.77 -6.27 11.43
C THR D 367 31.20 -6.17 11.94
N GLU D 368 32.14 -6.96 11.39
CA GLU D 368 33.59 -6.98 11.75
C GLU D 368 34.23 -5.64 11.36
N THR D 369 33.74 -5.01 10.28
CA THR D 369 34.20 -3.69 9.77
C THR D 369 33.82 -2.61 10.81
N LEU D 370 32.62 -2.67 11.35
CA LEU D 370 32.16 -1.68 12.37
C LEU D 370 32.93 -1.89 13.68
N ALA D 371 33.26 -3.15 13.99
CA ALA D 371 34.11 -3.57 15.15
C ALA D 371 35.53 -2.98 15.02
N ALA D 372 36.07 -2.86 13.82
CA ALA D 372 37.41 -2.24 13.60
C ALA D 372 37.31 -0.72 13.78
N ILE D 373 36.20 -0.08 13.37
CA ILE D 373 36.02 1.41 13.45
C ILE D 373 35.82 1.80 14.93
N LYS D 374 35.06 1.01 15.68
CA LYS D 374 34.86 1.22 17.14
C LYS D 374 36.23 1.11 17.86
N MET D 375 36.96 0.00 17.68
CA MET D 375 38.27 -0.26 18.35
C MET D 375 39.28 0.86 18.04
N ALA D 376 39.28 1.39 16.84
CA ALA D 376 40.13 2.53 16.46
C ALA D 376 39.76 3.76 17.28
N LYS D 377 38.55 4.29 17.12
CA LYS D 377 38.09 5.54 17.78
C LYS D 377 38.27 5.43 19.30
N ASP D 378 38.05 4.25 19.87
CA ASP D 378 38.12 3.99 21.34
C ASP D 378 39.55 4.24 21.81
N ALA D 379 40.53 3.93 20.98
CA ALA D 379 41.96 4.12 21.29
C ALA D 379 42.44 5.52 20.84
N GLY D 380 41.55 6.34 20.26
CA GLY D 380 41.95 7.65 19.71
C GLY D 380 42.73 7.51 18.40
N TYR D 381 42.61 6.38 17.69
CA TYR D 381 43.08 6.24 16.28
C TYR D 381 42.00 6.87 15.39
N THR D 382 42.38 7.51 14.29
CA THR D 382 41.40 7.94 13.26
C THR D 382 41.04 6.73 12.39
N ALA D 383 39.87 6.75 11.75
CA ALA D 383 39.45 5.71 10.79
C ALA D 383 39.36 6.36 9.42
N VAL D 384 40.00 5.75 8.41
CA VAL D 384 39.90 6.20 6.99
C VAL D 384 39.18 5.10 6.21
N ILE D 385 37.95 5.39 5.78
CA ILE D 385 37.15 4.50 4.87
C ILE D 385 37.80 4.47 3.49
N SER D 386 38.06 3.28 2.93
CA SER D 386 38.81 3.11 1.66
C SER D 386 38.06 2.24 0.64
N HIS D 387 38.29 2.58 -0.63
CA HIS D 387 38.14 1.68 -1.79
C HIS D 387 39.25 0.62 -1.82
N ARG D 388 39.17 -0.26 -2.80
CA ARG D 388 40.31 -1.02 -3.32
C ARG D 388 40.58 -0.51 -4.72
N SER D 389 41.65 -0.99 -5.32
CA SER D 389 42.05 -0.61 -6.69
C SER D 389 40.98 -1.14 -7.63
N GLY D 390 40.54 -2.40 -7.45
CA GLY D 390 39.44 -3.00 -8.22
C GLY D 390 38.07 -2.62 -7.65
N GLU D 391 37.39 -1.60 -8.24
CA GLU D 391 36.11 -1.02 -7.75
C GLU D 391 34.95 -1.34 -8.72
N THR D 392 33.73 -1.00 -8.31
CA THR D 392 32.48 -1.01 -9.10
C THR D 392 31.66 0.29 -8.90
N GLU D 393 30.49 0.34 -9.55
CA GLU D 393 29.52 1.47 -9.53
C GLU D 393 28.95 1.62 -8.12
N ASP D 394 29.15 0.60 -7.26
CA ASP D 394 28.78 0.56 -5.81
C ASP D 394 29.39 1.76 -5.08
N ALA D 395 28.58 2.49 -4.31
CA ALA D 395 29.00 3.72 -3.60
C ALA D 395 28.83 3.56 -2.09
N THR D 396 28.76 2.32 -1.59
CA THR D 396 28.54 1.96 -0.17
C THR D 396 29.55 2.63 0.77
N ILE D 397 30.82 2.81 0.41
CA ILE D 397 31.85 3.35 1.37
C ILE D 397 31.50 4.82 1.68
N ALA D 398 30.85 5.54 0.76
CA ALA D 398 30.30 6.89 1.02
C ALA D 398 29.38 6.82 2.26
N ASP D 399 28.29 6.06 2.16
CA ASP D 399 27.30 5.86 3.27
C ASP D 399 27.98 5.33 4.53
N LEU D 400 28.93 4.42 4.38
CA LEU D 400 29.69 3.85 5.52
C LEU D 400 30.45 4.98 6.22
N ALA D 401 31.11 5.86 5.47
CA ALA D 401 31.99 6.91 6.01
C ALA D 401 31.13 7.83 6.86
N VAL D 402 29.99 8.23 6.31
CA VAL D 402 29.08 9.25 6.90
C VAL D 402 28.38 8.68 8.14
N GLY D 403 27.76 7.50 8.02
CA GLY D 403 27.00 6.83 9.09
C GLY D 403 27.84 6.41 10.29
N THR D 404 29.16 6.27 10.15
CA THR D 404 30.10 5.91 11.25
C THR D 404 30.84 7.18 11.72
N ALA D 405 30.55 8.30 11.06
CA ALA D 405 31.21 9.60 11.32
C ALA D 405 32.70 9.37 11.33
N ALA D 406 33.25 8.69 10.33
CA ALA D 406 34.68 8.28 10.32
C ALA D 406 35.58 9.51 10.26
N GLY D 407 35.26 10.47 9.39
CA GLY D 407 35.93 11.78 9.32
C GLY D 407 36.86 11.88 8.13
N GLN D 408 37.18 10.75 7.49
CA GLN D 408 38.13 10.68 6.34
C GLN D 408 37.72 9.59 5.35
N ILE D 409 38.10 9.75 4.09
CA ILE D 409 37.83 8.75 3.01
C ILE D 409 38.98 8.76 2.00
N LYS D 410 39.32 7.57 1.47
CA LYS D 410 40.25 7.37 0.33
C LYS D 410 39.46 6.61 -0.74
N THR D 411 38.93 7.33 -1.72
CA THR D 411 38.13 6.72 -2.79
C THR D 411 38.55 7.29 -4.15
N GLY D 412 39.83 7.67 -4.31
CA GLY D 412 40.48 7.78 -5.63
C GLY D 412 40.67 9.22 -6.09
N SER D 413 41.19 9.36 -7.29
CA SER D 413 41.37 10.66 -7.98
C SER D 413 40.00 11.17 -8.42
N MET D 414 39.96 12.32 -9.11
CA MET D 414 38.67 12.95 -9.54
C MET D 414 38.46 12.62 -11.01
N SER D 415 38.59 11.32 -11.32
CA SER D 415 38.43 10.70 -12.64
C SER D 415 38.11 9.22 -12.43
N ARG D 416 37.35 8.64 -13.38
CA ARG D 416 36.81 7.25 -13.40
C ARG D 416 35.60 7.22 -12.48
N SER D 417 34.41 6.86 -12.99
CA SER D 417 33.17 6.81 -12.16
C SER D 417 33.32 5.77 -11.03
N ASP D 418 34.22 4.78 -11.17
CA ASP D 418 34.56 3.81 -10.09
C ASP D 418 34.93 4.58 -8.81
N ARG D 419 35.53 5.78 -8.96
CA ARG D 419 35.88 6.71 -7.87
C ARG D 419 34.74 7.71 -7.70
N VAL D 420 34.37 8.35 -8.80
CA VAL D 420 33.56 9.60 -8.80
C VAL D 420 32.16 9.25 -8.32
N ALA D 421 31.68 8.02 -8.53
CA ALA D 421 30.37 7.56 -7.99
C ALA D 421 30.36 7.67 -6.44
N LYS D 422 31.50 7.55 -5.75
CA LYS D 422 31.50 7.77 -4.28
C LYS D 422 31.37 9.27 -3.95
N TYR D 423 32.10 10.14 -4.68
CA TYR D 423 32.01 11.62 -4.46
C TYR D 423 30.58 12.05 -4.76
N ASN D 424 29.93 11.50 -5.79
CA ASN D 424 28.55 11.91 -6.17
C ASN D 424 27.57 11.56 -5.04
N GLN D 425 27.78 10.41 -4.45
CA GLN D 425 26.96 9.88 -3.35
C GLN D 425 27.19 10.73 -2.09
N LEU D 426 28.40 11.23 -1.88
CA LEU D 426 28.66 12.21 -0.78
C LEU D 426 27.84 13.48 -1.07
N ILE D 427 27.83 13.95 -2.33
CA ILE D 427 27.18 15.23 -2.72
C ILE D 427 25.70 15.07 -2.44
N ARG D 428 25.14 13.89 -2.75
CA ARG D 428 23.70 13.56 -2.59
C ARG D 428 23.32 13.47 -1.11
N ILE D 429 24.21 12.94 -0.27
CA ILE D 429 23.96 12.78 1.19
C ILE D 429 24.04 14.15 1.83
N GLU D 430 25.07 14.95 1.53
CA GLU D 430 25.29 16.29 2.15
C GLU D 430 24.18 17.27 1.73
N GLU D 431 23.56 17.05 0.58
CA GLU D 431 22.36 17.81 0.16
C GLU D 431 21.20 17.50 1.11
N ALA D 432 21.07 16.26 1.56
CA ALA D 432 19.97 15.82 2.46
C ALA D 432 20.24 16.28 3.90
N LEU D 433 21.48 16.12 4.40
CA LEU D 433 21.82 16.28 5.84
C LEU D 433 22.21 17.72 6.14
N GLY D 434 22.97 18.38 5.26
CA GLY D 434 23.52 19.72 5.52
C GLY D 434 24.43 19.72 6.74
N GLU D 435 24.21 20.67 7.66
CA GLU D 435 25.11 20.96 8.82
C GLU D 435 24.94 19.89 9.91
N LYS D 436 23.88 19.07 9.83
CA LYS D 436 23.72 17.79 10.60
C LYS D 436 24.91 16.87 10.30
N ALA D 437 25.50 17.04 9.12
CA ALA D 437 26.73 16.33 8.69
C ALA D 437 27.84 17.35 8.39
N PRO D 438 28.53 17.83 9.46
CA PRO D 438 29.63 18.76 9.28
C PRO D 438 30.83 18.16 8.52
N TYR D 439 31.39 18.97 7.62
CA TYR D 439 32.74 18.80 7.04
C TYR D 439 33.73 19.45 8.00
N ASN D 440 34.45 18.67 8.82
CA ASN D 440 35.19 19.24 9.98
C ASN D 440 36.57 19.74 9.54
N GLY D 441 37.01 19.41 8.32
CA GLY D 441 38.31 19.86 7.78
C GLY D 441 39.48 19.25 8.56
N ARG D 442 40.61 19.96 8.60
CA ARG D 442 41.94 19.43 9.04
C ARG D 442 41.83 18.65 10.36
N LYS D 443 40.96 19.07 11.30
CA LYS D 443 40.94 18.55 12.68
C LYS D 443 40.61 17.05 12.67
N GLU D 444 40.06 16.52 11.57
CA GLU D 444 39.79 15.05 11.44
C GLU D 444 41.12 14.29 11.44
N ILE D 445 42.19 14.92 10.95
CA ILE D 445 43.51 14.26 10.68
C ILE D 445 44.33 14.26 11.96
N LYS D 446 44.74 13.08 12.42
CA LYS D 446 45.55 12.87 13.64
C LYS D 446 46.86 13.66 13.52
N GLY D 447 47.18 14.49 14.52
CA GLY D 447 48.40 15.32 14.54
C GLY D 447 48.09 16.81 14.45
N GLN D 448 46.87 17.19 14.04
CA GLN D 448 46.44 18.61 13.91
C GLN D 448 45.69 19.04 15.18
N GLN E 11 -10.39 -2.30 -9.76
CA GLN E 11 -9.60 -3.38 -10.44
C GLN E 11 -8.52 -3.94 -9.48
N GLN E 12 -8.06 -3.18 -8.47
CA GLN E 12 -7.14 -3.68 -7.38
C GLN E 12 -7.89 -3.97 -6.07
N MET E 13 -7.60 -5.14 -5.50
CA MET E 13 -8.14 -5.62 -4.20
C MET E 13 -7.27 -5.07 -3.05
N GLY E 14 -7.80 -4.10 -2.28
CA GLY E 14 -7.29 -3.63 -0.98
C GLY E 14 -7.14 -4.75 0.06
N ARG E 15 -6.23 -4.57 1.02
CA ARG E 15 -5.98 -5.51 2.16
C ARG E 15 -7.24 -5.64 3.01
N GLY E 16 -7.96 -4.53 3.23
CA GLY E 16 -9.23 -4.49 3.98
C GLY E 16 -10.14 -5.62 3.57
N SER E 17 -10.13 -6.02 2.29
CA SER E 17 -11.00 -7.10 1.74
C SER E 17 -10.45 -8.51 2.07
N MET E 18 -9.21 -8.63 2.55
CA MET E 18 -8.56 -9.93 2.84
C MET E 18 -8.67 -10.21 4.33
N SER E 19 -9.90 -10.33 4.80
CA SER E 19 -10.30 -10.33 6.23
C SER E 19 -10.49 -11.77 6.70
N LYS E 20 -10.07 -12.75 5.89
CA LYS E 20 -10.12 -14.18 6.29
C LYS E 20 -9.12 -14.43 7.42
N ILE E 21 -9.50 -15.25 8.39
CA ILE E 21 -8.67 -15.53 9.60
C ILE E 21 -7.56 -16.50 9.17
N VAL E 22 -6.30 -16.12 9.38
CA VAL E 22 -5.12 -16.98 9.05
C VAL E 22 -4.55 -17.62 10.34
N LYS E 23 -4.46 -16.87 11.45
CA LYS E 23 -3.83 -17.37 12.69
C LYS E 23 -4.61 -16.92 13.93
N ILE E 24 -4.90 -17.84 14.83
CA ILE E 24 -5.47 -17.52 16.17
C ILE E 24 -4.48 -18.01 17.22
N ILE E 25 -3.93 -17.08 18.04
CA ILE E 25 -2.97 -17.36 19.15
C ILE E 25 -3.65 -17.12 20.50
N GLY E 26 -3.81 -18.17 21.31
CA GLY E 26 -4.21 -18.04 22.73
C GLY E 26 -3.01 -18.12 23.66
N ARG E 27 -2.93 -17.23 24.68
CA ARG E 27 -1.90 -17.25 25.76
C ARG E 27 -2.52 -17.02 27.16
N GLU E 28 -1.79 -17.44 28.18
CA GLU E 28 -1.95 -17.11 29.63
C GLU E 28 -1.38 -15.71 29.85
N ILE E 29 -2.20 -14.77 30.33
CA ILE E 29 -1.77 -13.49 30.96
C ILE E 29 -2.42 -13.37 32.36
N ILE E 30 -2.25 -12.21 33.01
CA ILE E 30 -2.57 -11.99 34.45
C ILE E 30 -3.57 -10.83 34.60
N ASP E 31 -4.61 -11.04 35.41
CA ASP E 31 -5.69 -10.03 35.68
C ASP E 31 -5.24 -9.10 36.83
N SER E 32 -6.16 -8.22 37.25
CA SER E 32 -5.89 -7.12 38.21
C SER E 32 -5.87 -7.67 39.65
N ARG E 33 -6.11 -8.97 39.82
CA ARG E 33 -6.03 -9.70 41.12
C ARG E 33 -4.91 -10.75 41.07
N GLY E 34 -4.07 -10.74 40.02
CA GLY E 34 -2.86 -11.57 39.91
C GLY E 34 -3.17 -13.00 39.47
N ASN E 35 -4.38 -13.23 38.93
CA ASN E 35 -4.82 -14.58 38.49
C ASN E 35 -4.67 -14.69 36.97
N PRO E 36 -4.37 -15.90 36.45
CA PRO E 36 -4.33 -16.13 35.00
C PRO E 36 -5.70 -15.91 34.35
N THR E 37 -5.77 -15.15 33.26
CA THR E 37 -6.93 -15.18 32.33
C THR E 37 -6.42 -15.52 30.91
N VAL E 38 -7.36 -15.74 29.99
CA VAL E 38 -7.11 -16.03 28.54
C VAL E 38 -6.94 -14.70 27.80
N GLU E 39 -5.92 -14.59 26.94
CA GLU E 39 -5.79 -13.51 25.93
C GLU E 39 -5.68 -14.18 24.57
N ALA E 40 -6.31 -13.59 23.56
CA ALA E 40 -6.36 -14.15 22.19
C ALA E 40 -5.89 -13.07 21.23
N GLU E 41 -5.10 -13.46 20.20
CA GLU E 41 -4.84 -12.65 18.98
C GLU E 41 -5.54 -13.34 17.80
N VAL E 42 -6.29 -12.58 16.99
CA VAL E 42 -6.85 -13.03 15.69
C VAL E 42 -6.08 -12.28 14.58
N HIS E 43 -5.48 -13.04 13.65
CA HIS E 43 -4.70 -12.52 12.49
C HIS E 43 -5.46 -12.77 11.18
N LEU E 44 -5.68 -11.71 10.42
CA LEU E 44 -6.37 -11.76 9.11
C LEU E 44 -5.30 -11.75 8.01
N GLU E 45 -5.62 -12.42 6.90
CA GLU E 45 -4.76 -12.54 5.69
C GLU E 45 -4.16 -11.18 5.31
N GLY E 46 -4.91 -10.08 5.42
CA GLY E 46 -4.45 -8.73 5.03
C GLY E 46 -3.47 -8.11 6.02
N GLY E 47 -3.15 -8.81 7.11
CA GLY E 47 -2.19 -8.33 8.13
C GLY E 47 -2.87 -7.48 9.20
N PHE E 48 -4.14 -7.76 9.48
CA PHE E 48 -4.92 -7.11 10.55
C PHE E 48 -4.96 -8.02 11.77
N VAL E 49 -4.76 -7.43 12.94
CA VAL E 49 -4.68 -8.14 14.25
C VAL E 49 -5.62 -7.45 15.24
N GLY E 50 -6.34 -8.28 15.98
CA GLY E 50 -7.08 -7.91 17.19
C GLY E 50 -6.60 -8.75 18.34
N MET E 51 -6.43 -8.13 19.50
CA MET E 51 -6.11 -8.80 20.78
C MET E 51 -7.16 -8.40 21.84
N ALA E 52 -7.50 -9.31 22.74
CA ALA E 52 -8.55 -9.14 23.77
C ALA E 52 -8.37 -10.20 24.86
N ALA E 53 -8.62 -9.80 26.11
CA ALA E 53 -8.59 -10.70 27.29
C ALA E 53 -9.99 -10.78 27.92
N ALA E 54 -10.36 -12.00 28.33
CA ALA E 54 -11.49 -12.33 29.23
C ALA E 54 -11.27 -11.73 30.62
N PRO E 55 -12.30 -11.12 31.24
CA PRO E 55 -12.26 -10.78 32.66
C PRO E 55 -12.74 -11.98 33.49
N SER E 56 -12.82 -11.82 34.81
CA SER E 56 -13.15 -12.92 35.75
C SER E 56 -13.91 -12.38 36.97
N GLY E 57 -15.06 -13.01 37.24
CA GLY E 57 -15.89 -12.72 38.43
C GLY E 57 -15.17 -13.19 39.68
N ALA E 58 -15.28 -12.43 40.77
CA ALA E 58 -14.93 -12.88 42.14
C ALA E 58 -16.03 -13.83 42.64
N SER E 59 -17.28 -13.43 42.50
CA SER E 59 -18.45 -14.30 42.78
C SER E 59 -19.37 -14.30 41.55
N THR E 60 -19.38 -15.42 40.86
CA THR E 60 -20.17 -15.68 39.63
C THR E 60 -21.61 -16.06 40.01
N GLY E 61 -22.62 -15.60 39.29
CA GLY E 61 -23.96 -16.22 39.31
C GLY E 61 -23.86 -17.72 39.06
N SER E 62 -24.82 -18.52 39.53
CA SER E 62 -24.73 -20.00 39.46
C SER E 62 -24.96 -20.48 38.02
N ARG E 63 -25.56 -19.64 37.18
CA ARG E 63 -26.04 -20.00 35.80
C ARG E 63 -25.13 -19.37 34.72
N GLU E 64 -24.07 -18.66 35.11
CA GLU E 64 -23.04 -18.11 34.17
C GLU E 64 -22.52 -19.24 33.27
N ALA E 65 -22.14 -18.91 32.03
CA ALA E 65 -21.35 -19.77 31.12
C ALA E 65 -20.02 -20.10 31.82
N LEU E 66 -19.62 -21.37 31.81
CA LEU E 66 -18.48 -21.91 32.61
C LEU E 66 -17.16 -21.23 32.22
N GLU E 67 -16.53 -20.53 33.16
CA GLU E 67 -15.11 -20.10 33.13
C GLU E 67 -14.22 -21.31 33.46
N LEU E 68 -13.38 -21.76 32.50
CA LEU E 68 -12.63 -23.05 32.54
C LEU E 68 -11.23 -22.83 33.11
N ARG E 69 -11.03 -23.34 34.33
CA ARG E 69 -9.78 -23.31 35.13
C ARG E 69 -9.19 -24.73 35.18
N ASP E 70 -7.88 -24.84 35.38
CA ASP E 70 -7.16 -26.14 35.34
C ASP E 70 -7.52 -26.97 36.58
N GLY E 71 -7.54 -26.36 37.77
CA GLY E 71 -7.81 -27.04 39.05
C GLY E 71 -6.56 -27.72 39.60
N ASP E 72 -5.38 -27.27 39.15
CA ASP E 72 -4.05 -27.81 39.51
C ASP E 72 -3.46 -26.93 40.63
N LYS E 73 -3.61 -27.39 41.89
CA LYS E 73 -3.24 -26.68 43.13
C LYS E 73 -1.76 -26.28 43.14
N SER E 74 -0.89 -26.99 42.42
CA SER E 74 0.57 -26.67 42.31
C SER E 74 0.81 -25.38 41.49
N ARG E 75 -0.15 -24.98 40.63
CA ARG E 75 -0.02 -23.89 39.63
C ARG E 75 -1.04 -22.78 39.87
N PHE E 76 -0.56 -21.55 40.12
CA PHE E 76 -1.40 -20.34 40.35
C PHE E 76 -2.57 -20.67 41.29
N LEU E 77 -2.33 -21.53 42.31
CA LEU E 77 -3.37 -21.99 43.27
C LEU E 77 -4.62 -22.50 42.51
N GLY E 78 -4.41 -23.36 41.50
CA GLY E 78 -5.47 -24.11 40.80
C GLY E 78 -6.16 -23.31 39.71
N LYS E 79 -5.78 -22.05 39.51
CA LYS E 79 -6.53 -21.04 38.71
C LYS E 79 -5.84 -20.82 37.35
N GLY E 80 -5.04 -21.78 36.90
CA GLY E 80 -4.44 -21.73 35.56
C GLY E 80 -5.52 -21.92 34.51
N VAL E 81 -5.25 -21.46 33.28
CA VAL E 81 -6.20 -21.54 32.13
C VAL E 81 -5.50 -22.17 30.92
N THR E 82 -4.62 -23.15 31.13
CA THR E 82 -3.89 -23.84 30.03
C THR E 82 -4.88 -24.72 29.28
N LYS E 83 -5.89 -25.28 29.93
CA LYS E 83 -6.91 -26.08 29.17
C LYS E 83 -7.65 -25.19 28.16
N ALA E 84 -7.98 -23.96 28.55
CA ALA E 84 -8.74 -22.98 27.74
C ALA E 84 -7.86 -22.43 26.61
N VAL E 85 -6.55 -22.26 26.86
CA VAL E 85 -5.57 -21.71 25.87
C VAL E 85 -5.35 -22.77 24.78
N ALA E 86 -5.27 -24.03 25.17
CA ALA E 86 -5.27 -25.23 24.29
C ALA E 86 -6.47 -25.22 23.34
N ALA E 87 -7.66 -24.87 23.84
CA ALA E 87 -8.92 -24.80 23.05
C ALA E 87 -8.77 -23.69 22.00
N VAL E 88 -8.10 -22.60 22.35
CA VAL E 88 -7.91 -21.43 21.42
C VAL E 88 -6.98 -21.89 20.29
N ASN E 89 -5.89 -22.56 20.65
CA ASN E 89 -4.75 -22.87 19.74
C ASN E 89 -5.11 -24.03 18.82
N GLY E 90 -5.89 -24.99 19.32
CA GLY E 90 -6.23 -26.20 18.58
C GLY E 90 -7.59 -26.06 17.93
N PRO E 91 -8.66 -26.58 18.59
CA PRO E 91 -9.97 -26.76 17.96
C PRO E 91 -10.67 -25.49 17.47
N ILE E 92 -10.50 -24.39 18.21
CA ILE E 92 -11.09 -23.06 17.85
C ILE E 92 -10.36 -22.54 16.61
N ALA E 93 -9.04 -22.34 16.70
CA ALA E 93 -8.18 -21.88 15.57
C ALA E 93 -8.58 -22.67 14.31
N GLN E 94 -8.47 -23.99 14.37
CA GLN E 94 -8.73 -24.91 13.23
C GLN E 94 -10.09 -24.58 12.63
N ALA E 95 -11.12 -24.39 13.45
CA ALA E 95 -12.52 -24.25 12.99
C ALA E 95 -12.72 -22.88 12.33
N LEU E 96 -11.88 -21.89 12.66
CA LEU E 96 -12.10 -20.47 12.27
C LEU E 96 -11.23 -20.05 11.09
N ILE E 97 -10.09 -20.74 10.82
CA ILE E 97 -9.13 -20.45 9.69
C ILE E 97 -9.90 -20.33 8.36
N GLY E 98 -9.64 -19.28 7.59
CA GLY E 98 -10.34 -19.04 6.30
C GLY E 98 -11.78 -18.54 6.44
N LYS E 99 -12.32 -18.37 7.66
CA LYS E 99 -13.66 -17.78 7.85
C LYS E 99 -13.46 -16.27 7.96
N ASP E 100 -14.42 -15.48 7.45
CA ASP E 100 -14.29 -14.00 7.37
C ASP E 100 -14.63 -13.38 8.73
N ALA E 101 -13.72 -12.55 9.28
CA ALA E 101 -13.86 -11.94 10.64
C ALA E 101 -14.98 -10.89 10.62
N LYS E 102 -15.33 -10.36 9.46
CA LYS E 102 -16.39 -9.34 9.33
C LYS E 102 -17.71 -9.94 9.80
N ASP E 103 -17.89 -11.24 9.66
CA ASP E 103 -19.16 -11.94 10.00
C ASP E 103 -19.09 -12.45 11.45
N GLN E 104 -19.09 -11.51 12.41
CA GLN E 104 -19.03 -11.76 13.88
C GLN E 104 -20.03 -12.87 14.26
N ALA E 105 -21.29 -12.72 13.87
CA ALA E 105 -22.34 -13.71 14.19
C ALA E 105 -21.91 -15.10 13.69
N GLY E 106 -21.36 -15.18 12.47
CA GLY E 106 -20.89 -16.42 11.83
C GLY E 106 -19.77 -17.08 12.61
N ILE E 107 -18.83 -16.27 13.15
CA ILE E 107 -17.61 -16.70 13.90
C ILE E 107 -18.05 -17.27 15.24
N ASP E 108 -18.79 -16.46 15.99
CA ASP E 108 -19.33 -16.83 17.33
C ASP E 108 -20.08 -18.17 17.17
N LYS E 109 -21.04 -18.26 16.23
CA LYS E 109 -21.87 -19.46 15.96
C LYS E 109 -21.01 -20.72 15.77
N ILE E 110 -19.91 -20.63 15.01
CA ILE E 110 -18.98 -21.77 14.77
C ILE E 110 -18.44 -22.23 16.12
N MET E 111 -17.90 -21.32 16.94
CA MET E 111 -17.35 -21.63 18.31
C MET E 111 -18.47 -22.17 19.23
N ILE E 112 -19.67 -21.61 19.19
CA ILE E 112 -20.81 -22.10 20.01
C ILE E 112 -21.13 -23.54 19.59
N ASP E 113 -21.23 -23.80 18.27
CA ASP E 113 -21.67 -25.10 17.69
C ASP E 113 -20.60 -26.16 17.89
N LEU E 114 -19.32 -25.79 17.73
CA LEU E 114 -18.13 -26.67 17.93
C LEU E 114 -18.06 -27.12 19.39
N ASP E 115 -18.37 -26.25 20.34
CA ASP E 115 -18.25 -26.58 21.79
C ASP E 115 -19.43 -27.51 22.15
N GLY E 116 -20.62 -27.24 21.61
CA GLY E 116 -21.77 -28.17 21.59
C GLY E 116 -22.59 -28.19 22.88
N THR E 117 -22.11 -27.56 23.95
CA THR E 117 -22.71 -27.55 25.33
C THR E 117 -23.40 -26.21 25.62
N GLU E 118 -24.40 -26.21 26.49
CA GLU E 118 -25.26 -25.05 26.83
C GLU E 118 -24.41 -23.94 27.44
N ASN E 119 -23.36 -24.27 28.18
CA ASN E 119 -22.64 -23.28 29.03
C ASN E 119 -21.16 -23.19 28.65
N LYS E 120 -20.80 -23.59 27.44
CA LYS E 120 -19.40 -23.49 26.95
C LYS E 120 -18.45 -24.25 27.90
N SER E 121 -18.88 -25.42 28.41
CA SER E 121 -18.14 -26.26 29.40
C SER E 121 -16.97 -26.99 28.71
N LYS E 122 -17.07 -27.23 27.41
CA LYS E 122 -15.99 -27.91 26.65
C LYS E 122 -14.74 -27.02 26.57
N PHE E 123 -14.77 -25.91 25.84
CA PHE E 123 -13.58 -25.05 25.58
C PHE E 123 -13.43 -23.98 26.66
N GLY E 124 -14.52 -23.61 27.33
CA GLY E 124 -14.53 -22.48 28.29
C GLY E 124 -14.98 -21.16 27.65
N ALA E 125 -15.95 -20.48 28.28
CA ALA E 125 -16.45 -19.15 27.91
C ALA E 125 -15.31 -18.13 27.97
N ASN E 126 -14.24 -18.38 28.74
CA ASN E 126 -13.09 -17.44 28.79
C ASN E 126 -12.36 -17.54 27.44
N ALA E 127 -12.24 -18.76 26.91
CA ALA E 127 -11.58 -19.03 25.62
C ALA E 127 -12.39 -18.35 24.52
N ILE E 128 -13.64 -18.83 24.35
CA ILE E 128 -14.57 -18.42 23.26
C ILE E 128 -14.69 -16.89 23.24
N LEU E 129 -14.90 -16.24 24.39
CA LEU E 129 -15.08 -14.76 24.49
C LEU E 129 -13.80 -14.04 24.01
N ALA E 130 -12.64 -14.44 24.50
CA ALA E 130 -11.34 -13.80 24.14
C ALA E 130 -11.22 -13.74 22.60
N VAL E 131 -11.41 -14.88 21.95
CA VAL E 131 -11.41 -14.96 20.46
C VAL E 131 -12.50 -14.03 19.91
N SER E 132 -13.75 -14.12 20.41
CA SER E 132 -14.95 -13.35 19.93
C SER E 132 -14.61 -11.85 19.86
N LEU E 133 -13.94 -11.33 20.90
CA LEU E 133 -13.66 -9.88 21.05
C LEU E 133 -12.47 -9.52 20.17
N ALA E 134 -11.45 -10.39 20.12
CA ALA E 134 -10.26 -10.21 19.25
C ALA E 134 -10.66 -10.27 17.77
N ASN E 135 -11.55 -11.20 17.41
CA ASN E 135 -12.11 -11.31 16.03
C ASN E 135 -12.73 -9.98 15.60
N ALA E 136 -13.51 -9.35 16.50
CA ALA E 136 -14.24 -8.08 16.27
C ALA E 136 -13.25 -6.93 16.10
N LYS E 137 -12.19 -6.89 16.90
CA LYS E 137 -11.22 -5.76 16.79
C LYS E 137 -10.48 -5.84 15.45
N ALA E 138 -10.19 -7.07 15.00
CA ALA E 138 -9.49 -7.38 13.73
C ALA E 138 -10.35 -6.91 12.53
N ALA E 139 -11.62 -7.31 12.52
CA ALA E 139 -12.67 -6.91 11.53
C ALA E 139 -12.78 -5.39 11.48
N ALA E 140 -12.93 -4.72 12.63
CA ALA E 140 -12.89 -3.25 12.75
C ALA E 140 -11.69 -2.67 11.97
N ALA E 141 -10.49 -3.17 12.23
CA ALA E 141 -9.25 -2.74 11.55
C ALA E 141 -9.37 -3.00 10.04
N ALA E 142 -9.85 -4.18 9.68
CA ALA E 142 -10.00 -4.57 8.27
C ALA E 142 -10.98 -3.61 7.57
N LYS E 143 -11.97 -3.06 8.29
CA LYS E 143 -13.01 -2.17 7.72
C LYS E 143 -12.61 -0.70 7.86
N GLY E 144 -11.38 -0.45 8.33
CA GLY E 144 -10.86 0.92 8.47
C GLY E 144 -11.69 1.76 9.42
N MET E 145 -12.05 1.23 10.60
CA MET E 145 -12.89 2.00 11.55
C MET E 145 -12.62 1.62 13.01
N PRO E 146 -12.76 2.58 13.96
CA PRO E 146 -12.60 2.28 15.38
C PRO E 146 -13.67 1.28 15.86
N LEU E 147 -13.41 0.63 16.99
CA LEU E 147 -14.22 -0.53 17.45
C LEU E 147 -15.66 -0.12 17.70
N TYR E 148 -15.90 1.08 18.25
CA TYR E 148 -17.26 1.56 18.67
C TYR E 148 -18.14 1.67 17.42
N GLU E 149 -17.54 2.00 16.28
CA GLU E 149 -18.26 2.20 14.99
C GLU E 149 -18.65 0.83 14.40
N HIS E 150 -17.70 -0.11 14.38
CA HIS E 150 -17.93 -1.52 13.95
C HIS E 150 -18.98 -2.15 14.86
N ILE E 151 -18.83 -2.05 16.19
CA ILE E 151 -19.84 -2.56 17.15
C ILE E 151 -21.22 -2.01 16.74
N ALA E 152 -21.37 -0.69 16.55
CA ALA E 152 -22.66 -0.09 16.11
C ALA E 152 -23.19 -0.80 14.85
N GLU E 153 -22.32 -1.12 13.86
CA GLU E 153 -22.76 -1.79 12.61
C GLU E 153 -23.16 -3.23 12.94
N LEU E 154 -22.40 -3.90 13.81
CA LEU E 154 -22.71 -5.29 14.23
C LEU E 154 -24.05 -5.29 14.96
N ASN E 155 -24.43 -4.16 15.57
CA ASN E 155 -25.60 -4.04 16.48
C ASN E 155 -26.88 -3.72 15.69
N GLY E 156 -26.77 -3.46 14.38
CA GLY E 156 -27.91 -3.03 13.56
C GLY E 156 -28.29 -1.57 13.77
N THR E 157 -27.41 -0.75 14.37
CA THR E 157 -27.67 0.68 14.72
C THR E 157 -26.54 1.56 14.21
N PRO E 158 -26.31 1.65 12.88
CA PRO E 158 -25.14 2.36 12.37
C PRO E 158 -25.09 3.86 12.66
N GLY E 159 -23.96 4.27 13.24
CA GLY E 159 -23.66 5.67 13.54
C GLY E 159 -24.51 6.20 14.67
N LYS E 160 -25.14 5.34 15.50
CA LYS E 160 -25.96 5.72 16.70
C LYS E 160 -25.16 5.46 17.97
N TYR E 161 -24.62 6.53 18.57
CA TYR E 161 -23.69 6.52 19.74
C TYR E 161 -24.24 7.37 20.89
N SER E 162 -23.98 6.95 22.14
CA SER E 162 -24.10 7.77 23.39
C SER E 162 -22.84 7.55 24.26
N MET E 163 -22.40 8.59 24.95
CA MET E 163 -21.47 8.46 26.10
C MET E 163 -22.26 7.96 27.31
N PRO E 164 -21.92 6.81 27.92
CA PRO E 164 -22.74 6.26 28.99
C PRO E 164 -22.63 7.11 30.25
N VAL E 165 -23.64 7.04 31.13
CA VAL E 165 -23.59 7.61 32.50
C VAL E 165 -22.98 6.58 33.44
N PRO E 166 -21.79 6.85 34.01
CA PRO E 166 -21.10 5.87 34.83
C PRO E 166 -21.61 5.83 36.27
N MET E 167 -21.77 4.63 36.83
CA MET E 167 -21.93 4.38 38.29
C MET E 167 -20.60 3.82 38.83
N MET E 168 -19.94 4.57 39.73
CA MET E 168 -18.54 4.34 40.19
C MET E 168 -18.53 3.81 41.63
N ASN E 169 -17.97 2.61 41.84
CA ASN E 169 -18.02 1.84 43.11
C ASN E 169 -16.97 2.40 44.07
N ILE E 170 -17.30 3.39 44.91
CA ILE E 170 -16.30 4.11 45.77
C ILE E 170 -16.35 3.67 47.25
N ILE E 171 -17.32 2.87 47.68
CA ILE E 171 -17.28 2.13 48.98
C ILE E 171 -17.64 0.67 48.73
N ASN E 172 -16.66 -0.24 48.88
CA ASN E 172 -16.78 -1.72 48.65
C ASN E 172 -17.29 -2.31 49.98
N GLY E 173 -17.99 -3.46 50.00
CA GLY E 173 -18.62 -3.99 51.24
C GLY E 173 -18.93 -5.50 51.30
N GLY E 174 -18.34 -6.34 50.42
CA GLY E 174 -18.54 -7.81 50.39
C GLY E 174 -17.24 -8.62 50.34
N GLU E 175 -16.10 -7.98 50.04
CA GLU E 175 -14.75 -8.59 49.88
C GLU E 175 -13.68 -7.48 49.88
N ASP E 178 -15.26 -5.94 54.68
CA ASP E 178 -14.75 -6.26 56.04
C ASP E 178 -15.28 -5.20 57.01
N ASN E 179 -16.61 -5.05 57.05
CA ASN E 179 -17.28 -3.73 57.27
C ASN E 179 -18.34 -3.87 58.39
N ASP E 182 -22.30 -5.10 54.42
CA ASP E 182 -23.05 -6.26 53.86
C ASP E 182 -23.27 -6.05 52.36
N ILE E 183 -23.94 -4.94 52.00
CA ILE E 183 -24.07 -4.42 50.61
C ILE E 183 -22.68 -4.46 49.96
N GLN E 184 -22.56 -5.08 48.78
CA GLN E 184 -21.28 -5.28 48.06
C GLN E 184 -20.73 -3.95 47.48
N GLU E 185 -21.58 -3.05 46.97
CA GLU E 185 -21.11 -1.80 46.32
C GLU E 185 -22.07 -0.65 46.63
N PHE E 186 -21.50 0.53 46.86
CA PHE E 186 -22.15 1.87 46.86
C PHE E 186 -21.47 2.71 45.80
N MET E 187 -22.25 3.32 44.92
CA MET E 187 -21.72 4.00 43.72
C MET E 187 -22.26 5.43 43.69
N ILE E 188 -21.57 6.31 42.99
CA ILE E 188 -22.08 7.66 42.64
C ILE E 188 -22.36 7.68 41.13
N GLN E 189 -23.26 8.55 40.68
CA GLN E 189 -23.59 8.79 39.25
C GLN E 189 -23.55 10.29 39.01
N PRO E 190 -22.53 10.82 38.30
CA PRO E 190 -22.48 12.24 38.01
C PRO E 190 -23.44 12.60 36.86
N VAL E 191 -24.74 12.60 37.15
CA VAL E 191 -25.84 12.81 36.17
C VAL E 191 -25.88 14.28 35.76
N GLY E 192 -25.38 15.18 36.61
CA GLY E 192 -25.35 16.63 36.39
C GLY E 192 -24.42 17.05 35.27
N ALA E 193 -23.43 16.22 34.93
CA ALA E 193 -22.42 16.52 33.89
C ALA E 193 -23.09 16.69 32.53
N LYS E 194 -22.53 17.54 31.67
CA LYS E 194 -22.93 17.71 30.24
C LYS E 194 -22.08 16.83 29.31
N THR E 195 -20.87 16.42 29.70
CA THR E 195 -20.00 15.46 28.97
C THR E 195 -19.52 14.35 29.91
N VAL E 196 -19.07 13.22 29.36
CA VAL E 196 -18.48 12.10 30.15
C VAL E 196 -17.13 12.58 30.74
N LYS E 197 -16.40 13.43 30.01
CA LYS E 197 -15.13 14.08 30.45
C LYS E 197 -15.36 14.70 31.84
N GLU E 198 -16.33 15.60 31.90
CA GLU E 198 -16.80 16.31 33.11
C GLU E 198 -17.30 15.29 34.14
N ALA E 199 -18.07 14.29 33.73
CA ALA E 199 -18.61 13.26 34.66
C ALA E 199 -17.46 12.52 35.34
N ILE E 200 -16.37 12.25 34.60
CA ILE E 200 -15.16 11.55 35.11
C ILE E 200 -14.39 12.49 36.05
N ARG E 201 -14.35 13.80 35.75
CA ARG E 201 -13.76 14.79 36.69
C ARG E 201 -14.52 14.74 38.03
N MET E 202 -15.84 14.87 37.95
CA MET E 202 -16.73 14.92 39.14
C MET E 202 -16.48 13.68 40.00
N GLY E 203 -16.30 12.52 39.37
CA GLY E 203 -16.13 11.24 40.07
C GLY E 203 -14.81 11.18 40.81
N SER E 204 -13.75 11.58 40.12
CA SER E 204 -12.41 11.80 40.70
C SER E 204 -12.54 12.70 41.93
N GLU E 205 -13.18 13.87 41.75
CA GLU E 205 -13.24 14.94 42.78
C GLU E 205 -13.87 14.39 44.07
N VAL E 206 -15.01 13.70 43.95
CA VAL E 206 -15.72 13.07 45.10
C VAL E 206 -14.83 11.96 45.69
N PHE E 207 -14.29 11.07 44.86
CA PHE E 207 -13.37 9.97 45.28
C PHE E 207 -12.29 10.54 46.24
N HIS E 208 -11.69 11.68 45.90
CA HIS E 208 -10.52 12.25 46.62
C HIS E 208 -10.99 12.83 47.95
N HIS E 209 -12.04 13.64 47.95
CA HIS E 209 -12.67 14.23 49.17
C HIS E 209 -13.10 13.11 50.11
N LEU E 210 -13.51 11.97 49.57
CA LEU E 210 -13.97 10.79 50.35
C LEU E 210 -12.79 10.27 51.17
N ALA E 211 -11.60 10.25 50.57
CA ALA E 211 -10.33 9.89 51.22
C ALA E 211 -10.12 10.78 52.46
N LYS E 212 -10.30 12.09 52.30
CA LYS E 212 -10.13 13.13 53.35
C LYS E 212 -11.17 12.95 54.46
N VAL E 213 -12.38 12.55 54.12
CA VAL E 213 -13.46 12.26 55.10
C VAL E 213 -13.07 11.02 55.92
N LEU E 214 -12.67 9.94 55.24
CA LEU E 214 -12.36 8.63 55.88
C LEU E 214 -11.08 8.72 56.74
N LYS E 215 -10.07 9.49 56.33
CA LYS E 215 -8.86 9.78 57.17
C LYS E 215 -9.36 10.52 58.41
N ALA E 216 -10.14 11.60 58.22
CA ALA E 216 -10.71 12.51 59.26
C ALA E 216 -11.45 11.71 60.34
N LYS E 217 -11.94 10.51 60.02
CA LYS E 217 -12.68 9.60 60.94
C LYS E 217 -11.80 8.43 61.41
N GLY E 218 -10.52 8.40 61.02
CA GLY E 218 -9.52 7.38 61.43
C GLY E 218 -9.63 6.07 60.64
N MET E 219 -10.39 6.05 59.55
CA MET E 219 -10.70 4.81 58.79
C MET E 219 -9.72 4.63 57.63
N ASN E 220 -9.69 3.38 57.12
CA ASN E 220 -8.69 2.79 56.20
C ASN E 220 -9.01 3.15 54.73
N THR E 221 -8.12 3.92 54.08
CA THR E 221 -8.29 4.41 52.68
C THR E 221 -7.53 3.51 51.67
N ALA E 222 -7.11 2.30 52.06
CA ALA E 222 -6.62 1.27 51.12
C ALA E 222 -7.83 0.74 50.33
N VAL E 223 -7.61 0.32 49.08
CA VAL E 223 -8.71 0.01 48.11
C VAL E 223 -8.83 -1.51 47.89
N GLY E 224 -10.04 -1.96 47.52
CA GLY E 224 -10.30 -3.33 47.06
C GLY E 224 -10.13 -3.48 45.55
N ASP E 225 -10.67 -4.59 45.04
CA ASP E 225 -10.62 -5.03 43.62
C ASP E 225 -11.04 -3.90 42.65
N GLU E 226 -12.09 -3.14 42.94
CA GLU E 226 -12.66 -2.17 41.97
C GLU E 226 -12.15 -0.76 42.29
N GLY E 227 -11.14 -0.65 43.16
CA GLY E 227 -10.40 0.61 43.40
C GLY E 227 -11.15 1.59 44.30
N GLY E 228 -12.10 1.06 45.08
CA GLY E 228 -12.92 1.82 46.05
C GLY E 228 -12.48 1.52 47.46
N TYR E 229 -12.80 2.41 48.41
CA TYR E 229 -12.41 2.29 49.83
C TYR E 229 -13.21 1.17 50.51
N ALA E 230 -12.52 0.43 51.38
CA ALA E 230 -13.04 -0.78 52.08
C ALA E 230 -12.99 -0.56 53.59
N PRO E 231 -13.37 0.63 54.12
CA PRO E 231 -13.29 0.86 55.56
C PRO E 231 -14.26 -0.03 56.36
N ASN E 232 -13.96 -0.18 57.65
CA ASN E 232 -14.83 -0.87 58.64
C ASN E 232 -15.77 0.23 59.15
N LEU E 233 -17.04 0.16 58.73
CA LEU E 233 -18.13 1.11 59.08
C LEU E 233 -19.07 0.42 60.07
N GLY E 234 -19.76 1.19 60.92
CA GLY E 234 -20.80 0.67 61.83
C GLY E 234 -21.86 -0.11 61.08
N SER E 235 -22.79 0.60 60.43
CA SER E 235 -23.95 0.00 59.70
C SER E 235 -23.80 0.28 58.20
N ASN E 236 -24.56 -0.47 57.40
CA ASN E 236 -24.66 -0.37 55.91
C ASN E 236 -25.04 1.08 55.53
N ALA E 237 -25.91 1.72 56.30
CA ALA E 237 -26.39 3.11 56.06
C ALA E 237 -25.20 4.09 56.08
N GLU E 238 -24.29 3.98 57.06
CA GLU E 238 -23.14 4.91 57.30
C GLU E 238 -22.32 5.06 56.00
N ALA E 239 -22.14 3.96 55.27
CA ALA E 239 -21.61 3.92 53.87
C ALA E 239 -22.16 5.09 53.05
N LEU E 240 -23.50 5.28 53.06
CA LEU E 240 -24.20 6.35 52.29
C LEU E 240 -23.90 7.70 52.94
N ALA E 241 -23.76 7.71 54.28
CA ALA E 241 -23.53 8.94 55.07
C ALA E 241 -22.19 9.54 54.64
N VAL E 242 -21.13 8.72 54.62
CA VAL E 242 -19.72 9.17 54.32
C VAL E 242 -19.63 9.66 52.87
N ILE E 243 -20.41 9.08 51.94
CA ILE E 243 -20.43 9.44 50.50
C ILE E 243 -21.04 10.83 50.37
N ALA E 244 -22.18 11.07 51.05
CA ALA E 244 -22.92 12.37 51.02
C ALA E 244 -21.98 13.48 51.50
N GLU E 245 -21.32 13.25 52.65
CA GLU E 245 -20.26 14.12 53.23
C GLU E 245 -19.28 14.50 52.12
N ALA E 246 -18.74 13.51 51.40
CA ALA E 246 -17.73 13.69 50.33
C ALA E 246 -18.30 14.57 49.20
N VAL E 247 -19.52 14.27 48.73
CA VAL E 247 -20.21 15.00 47.64
C VAL E 247 -20.25 16.49 47.98
N LYS E 248 -20.67 16.80 49.22
CA LYS E 248 -20.81 18.16 49.79
C LYS E 248 -19.43 18.84 49.75
N ALA E 249 -18.40 18.16 50.27
CA ALA E 249 -16.99 18.60 50.18
C ALA E 249 -16.60 18.83 48.69
N ALA E 250 -16.01 19.99 48.41
CA ALA E 250 -15.87 20.61 47.06
C ALA E 250 -17.10 20.32 46.18
N GLY E 251 -18.29 20.54 46.75
CA GLY E 251 -19.27 21.54 46.26
C GLY E 251 -20.25 21.04 45.22
N TYR E 252 -20.64 19.77 45.26
CA TYR E 252 -21.74 19.23 44.43
C TYR E 252 -22.95 18.92 45.33
N GLU E 253 -24.12 18.95 44.69
CA GLU E 253 -25.44 18.80 45.34
C GLU E 253 -25.94 17.38 45.09
N LEU E 254 -25.92 16.54 46.13
CA LEU E 254 -26.56 15.20 46.19
C LEU E 254 -28.02 15.33 45.70
N GLY E 255 -28.41 14.55 44.70
CA GLY E 255 -29.75 14.62 44.09
C GLY E 255 -29.77 15.35 42.75
N LYS E 256 -29.25 16.58 42.67
CA LYS E 256 -29.22 17.33 41.38
C LYS E 256 -27.97 16.96 40.58
N ASP E 257 -26.80 16.91 41.21
CA ASP E 257 -25.49 16.74 40.52
C ASP E 257 -25.16 15.25 40.50
N ILE E 258 -25.39 14.57 41.63
CA ILE E 258 -24.91 13.17 41.82
C ILE E 258 -26.00 12.35 42.51
N THR E 259 -26.44 11.29 41.85
CA THR E 259 -27.41 10.31 42.41
C THR E 259 -26.62 9.12 42.91
N LEU E 260 -27.24 8.18 43.61
CA LEU E 260 -26.49 7.02 44.16
C LEU E 260 -27.08 5.73 43.61
N ALA E 261 -26.28 4.68 43.61
CA ALA E 261 -26.65 3.32 43.16
C ALA E 261 -26.00 2.31 44.10
N MET E 262 -26.57 1.12 44.20
CA MET E 262 -25.99 0.05 45.01
C MET E 262 -26.06 -1.23 44.20
N ASP E 263 -25.10 -2.13 44.42
CA ASP E 263 -25.23 -3.60 44.18
C ASP E 263 -25.23 -4.26 45.56
N CYS E 264 -26.34 -4.88 45.91
CA CYS E 264 -26.53 -5.57 47.20
C CYS E 264 -25.77 -6.89 47.10
N ALA E 265 -25.84 -7.54 45.95
CA ALA E 265 -25.35 -8.92 45.74
C ALA E 265 -25.96 -9.79 46.86
N ALA E 266 -27.27 -9.61 47.09
CA ALA E 266 -28.02 -10.22 48.21
C ALA E 266 -27.95 -11.76 48.19
N SER E 267 -27.61 -12.41 47.06
CA SER E 267 -27.39 -13.88 46.98
C SER E 267 -26.34 -14.25 48.05
N GLU E 268 -25.34 -13.38 48.27
CA GLU E 268 -24.19 -13.61 49.19
C GLU E 268 -24.64 -13.74 50.66
N PHE E 269 -25.71 -13.05 51.10
CA PHE E 269 -26.17 -13.05 52.52
C PHE E 269 -27.60 -13.63 52.68
N TYR E 270 -27.96 -14.57 51.81
CA TYR E 270 -29.27 -15.27 51.80
C TYR E 270 -29.02 -16.65 52.39
N LYS E 271 -29.74 -17.04 53.45
CA LYS E 271 -29.65 -18.42 54.01
C LYS E 271 -31.02 -18.86 54.55
N ASP E 272 -31.51 -20.02 54.09
CA ASP E 272 -32.78 -20.67 54.52
C ASP E 272 -33.93 -19.67 54.34
N GLY E 273 -34.02 -19.04 53.17
CA GLY E 273 -35.13 -18.16 52.76
C GLY E 273 -35.19 -16.85 53.53
N LYS E 274 -34.09 -16.42 54.18
CA LYS E 274 -34.00 -15.11 54.88
C LYS E 274 -32.65 -14.44 54.58
N TYR E 275 -32.68 -13.11 54.39
CA TYR E 275 -31.53 -12.24 54.08
C TYR E 275 -30.93 -11.77 55.41
N VAL E 276 -29.73 -12.27 55.75
CA VAL E 276 -29.05 -12.10 57.08
C VAL E 276 -27.91 -11.09 56.92
N LEU E 277 -27.96 -9.97 57.64
CA LEU E 277 -26.97 -8.86 57.53
C LEU E 277 -26.01 -8.92 58.72
N ALA E 278 -24.84 -9.56 58.57
CA ALA E 278 -23.82 -9.73 59.64
C ALA E 278 -23.21 -8.36 60.04
N GLY E 279 -24.03 -7.36 60.42
CA GLY E 279 -23.57 -5.97 60.67
C GLY E 279 -24.67 -4.91 60.60
N GLU E 280 -25.94 -5.27 60.82
CA GLU E 280 -27.08 -4.37 61.22
C GLU E 280 -27.89 -5.11 62.29
N GLY E 281 -27.19 -5.62 63.31
CA GLY E 281 -27.74 -6.48 64.39
C GLY E 281 -27.53 -7.96 64.11
N ASN E 282 -26.92 -8.29 62.98
CA ASN E 282 -26.90 -9.67 62.41
C ASN E 282 -28.35 -10.15 62.24
N LYS E 283 -29.30 -9.22 62.02
CA LYS E 283 -30.77 -9.50 62.03
C LYS E 283 -31.18 -10.03 60.65
N ALA E 284 -32.22 -10.88 60.63
CA ALA E 284 -32.72 -11.61 59.43
C ALA E 284 -33.98 -10.91 58.89
N PHE E 285 -34.10 -10.84 57.56
CA PHE E 285 -35.25 -10.23 56.86
C PHE E 285 -35.85 -11.26 55.90
N THR E 286 -37.18 -11.27 55.78
CA THR E 286 -37.88 -11.95 54.66
C THR E 286 -37.63 -11.10 53.41
N SER E 287 -37.90 -11.66 52.24
CA SER E 287 -37.91 -10.94 50.95
C SER E 287 -38.54 -9.56 51.13
N GLU E 288 -39.83 -9.49 51.50
CA GLU E 288 -40.57 -8.21 51.66
C GLU E 288 -39.81 -7.28 52.61
N GLU E 289 -39.43 -7.80 53.78
CA GLU E 289 -38.81 -7.00 54.87
C GLU E 289 -37.54 -6.33 54.33
N PHE E 290 -36.69 -7.09 53.64
CA PHE E 290 -35.44 -6.56 53.01
C PHE E 290 -35.79 -5.48 51.98
N THR E 291 -36.80 -5.75 51.14
CA THR E 291 -37.37 -4.79 50.15
C THR E 291 -37.77 -3.49 50.87
N HIS E 292 -38.31 -3.61 52.08
CA HIS E 292 -38.71 -2.45 52.93
C HIS E 292 -37.46 -1.74 53.43
N PHE E 293 -36.42 -2.50 53.81
CA PHE E 293 -35.11 -1.95 54.30
C PHE E 293 -34.41 -1.12 53.22
N LEU E 294 -34.40 -1.59 51.95
CA LEU E 294 -33.87 -0.86 50.77
C LEU E 294 -34.71 0.39 50.51
N GLU E 295 -36.03 0.23 50.51
CA GLU E 295 -36.98 1.34 50.31
C GLU E 295 -36.65 2.46 51.30
N GLU E 296 -36.45 2.11 52.58
CA GLU E 296 -36.15 3.11 53.64
C GLU E 296 -34.94 3.90 53.15
N LEU E 297 -33.87 3.21 52.73
CA LEU E 297 -32.63 3.87 52.24
C LEU E 297 -32.94 4.78 51.06
N THR E 298 -33.88 4.44 50.18
CA THR E 298 -34.24 5.30 49.02
C THR E 298 -34.94 6.58 49.51
N LYS E 299 -35.53 6.55 50.70
CA LYS E 299 -36.18 7.75 51.31
C LYS E 299 -35.11 8.65 51.94
N GLN E 300 -34.09 8.11 52.63
CA GLN E 300 -33.05 8.92 53.32
C GLN E 300 -32.04 9.52 52.32
N TYR E 301 -31.75 8.84 51.21
CA TYR E 301 -30.71 9.25 50.21
C TYR E 301 -31.26 9.07 48.80
N PRO E 302 -30.78 9.86 47.82
CA PRO E 302 -31.20 9.75 46.42
C PRO E 302 -30.60 8.59 45.60
N ILE E 303 -30.76 7.37 46.12
CA ILE E 303 -30.52 6.05 45.47
C ILE E 303 -31.53 5.84 44.36
N VAL E 304 -31.08 5.83 43.11
CA VAL E 304 -31.94 5.68 41.90
C VAL E 304 -31.72 4.30 41.26
N SER E 305 -30.76 3.50 41.74
CA SER E 305 -30.47 2.17 41.12
C SER E 305 -30.06 1.16 42.17
N ILE E 306 -30.74 0.02 42.17
CA ILE E 306 -30.44 -1.07 43.13
C ILE E 306 -30.28 -2.36 42.32
N GLU E 307 -29.11 -2.97 42.42
CA GLU E 307 -28.74 -4.18 41.65
C GLU E 307 -28.82 -5.44 42.55
N ASP E 308 -29.31 -6.55 41.98
CA ASP E 308 -29.42 -7.88 42.68
C ASP E 308 -29.88 -7.70 44.13
N GLY E 309 -30.96 -6.94 44.33
CA GLY E 309 -31.49 -6.61 45.66
C GLY E 309 -32.10 -7.82 46.36
N LEU E 310 -32.14 -8.99 45.69
CA LEU E 310 -32.58 -10.28 46.28
C LEU E 310 -31.78 -11.41 45.62
N ASP E 311 -31.82 -12.62 46.18
CA ASP E 311 -31.11 -13.83 45.69
C ASP E 311 -31.54 -14.10 44.25
N GLU E 312 -30.63 -14.65 43.44
CA GLU E 312 -30.81 -14.91 41.99
C GLU E 312 -32.06 -15.78 41.78
N SER E 313 -32.37 -16.65 42.74
CA SER E 313 -33.48 -17.65 42.65
C SER E 313 -34.81 -17.13 43.25
N ASP E 314 -34.80 -16.04 44.03
CA ASP E 314 -36.01 -15.48 44.70
C ASP E 314 -36.85 -14.67 43.70
N TRP E 315 -37.45 -15.36 42.72
CA TRP E 315 -38.19 -14.69 41.63
C TRP E 315 -39.50 -14.12 42.17
N ASP E 316 -40.13 -14.75 43.17
CA ASP E 316 -41.32 -14.16 43.83
C ASP E 316 -40.93 -12.83 44.47
N GLY E 317 -39.79 -12.83 45.16
CA GLY E 317 -39.27 -11.67 45.88
C GLY E 317 -39.07 -10.49 44.95
N PHE E 318 -38.45 -10.75 43.79
CA PHE E 318 -38.14 -9.73 42.77
C PHE E 318 -39.46 -9.20 42.18
N ALA E 319 -40.44 -10.09 41.95
CA ALA E 319 -41.81 -9.72 41.52
C ALA E 319 -42.34 -8.63 42.45
N TYR E 320 -42.25 -8.89 43.76
CA TYR E 320 -42.71 -7.98 44.83
C TYR E 320 -41.92 -6.67 44.78
N GLN E 321 -40.59 -6.77 44.75
CA GLN E 321 -39.66 -5.60 44.79
C GLN E 321 -39.87 -4.73 43.55
N THR E 322 -40.28 -5.31 42.42
CA THR E 322 -40.55 -4.56 41.17
C THR E 322 -41.87 -3.79 41.31
N LYS E 323 -42.92 -4.46 41.82
CA LYS E 323 -44.21 -3.82 42.20
C LYS E 323 -43.93 -2.61 43.11
N VAL E 324 -43.19 -2.81 44.20
CA VAL E 324 -42.98 -1.74 45.23
C VAL E 324 -42.17 -0.60 44.61
N LEU E 325 -40.95 -0.87 44.13
CA LEU E 325 -39.92 0.14 43.79
C LEU E 325 -39.81 0.43 42.29
N GLY E 326 -40.30 -0.44 41.39
CA GLY E 326 -39.91 -0.47 39.95
C GLY E 326 -40.36 0.75 39.15
N ASP E 327 -41.27 1.56 39.68
CA ASP E 327 -41.80 2.79 39.03
C ASP E 327 -40.83 3.95 39.26
N LYS E 328 -40.14 3.96 40.41
CA LYS E 328 -39.30 5.10 40.89
C LYS E 328 -37.81 4.76 40.80
N ILE E 329 -37.44 3.49 40.98
CA ILE E 329 -36.04 2.97 41.09
C ILE E 329 -35.72 1.98 39.93
N GLN E 330 -34.65 2.21 39.19
CA GLN E 330 -34.05 1.18 38.30
C GLN E 330 -33.65 -0.06 39.14
N LEU E 331 -34.12 -1.24 38.76
CA LEU E 331 -33.81 -2.49 39.49
C LEU E 331 -33.04 -3.39 38.54
N VAL E 332 -31.76 -3.67 38.85
CA VAL E 332 -30.78 -4.26 37.89
C VAL E 332 -30.54 -5.74 38.22
N GLY E 333 -30.85 -6.64 37.30
CA GLY E 333 -30.47 -8.05 37.41
C GLY E 333 -29.03 -8.26 36.99
N ASP E 334 -28.22 -8.89 37.86
CA ASP E 334 -26.81 -9.24 37.55
C ASP E 334 -26.72 -10.76 37.58
N ASP E 335 -26.49 -11.33 38.76
CA ASP E 335 -26.59 -12.78 39.03
C ASP E 335 -27.95 -13.27 38.52
N LEU E 336 -28.98 -12.42 38.59
CA LEU E 336 -30.40 -12.73 38.21
C LEU E 336 -30.50 -13.17 36.75
N PHE E 337 -29.85 -12.46 35.82
CA PHE E 337 -30.05 -12.65 34.35
C PHE E 337 -28.80 -13.25 33.71
N VAL E 338 -27.61 -13.02 34.29
CA VAL E 338 -26.28 -13.48 33.77
C VAL E 338 -26.24 -13.33 32.24
N THR E 339 -26.63 -12.15 31.77
CA THR E 339 -26.48 -11.70 30.37
C THR E 339 -26.99 -12.80 29.43
N ASN E 340 -28.03 -13.51 29.85
CA ASN E 340 -28.56 -14.68 29.11
C ASN E 340 -29.99 -14.39 28.68
N THR E 341 -30.24 -14.33 27.36
CA THR E 341 -31.56 -13.98 26.78
C THR E 341 -32.65 -15.01 27.19
N LYS E 342 -32.27 -16.26 27.45
CA LYS E 342 -33.26 -17.30 27.84
C LYS E 342 -33.84 -16.93 29.21
N ILE E 343 -33.01 -16.43 30.11
CA ILE E 343 -33.45 -16.02 31.47
C ILE E 343 -34.10 -14.63 31.40
N LEU E 344 -33.53 -13.66 30.67
CA LEU E 344 -34.06 -12.28 30.59
C LEU E 344 -35.48 -12.29 29.99
N LYS E 345 -35.75 -13.13 29.00
CA LYS E 345 -37.11 -13.31 28.40
C LYS E 345 -38.11 -13.73 29.49
N GLU E 346 -37.75 -14.70 30.33
CA GLU E 346 -38.64 -15.24 31.39
C GLU E 346 -38.88 -14.10 32.39
N GLY E 347 -37.81 -13.41 32.81
CA GLY E 347 -37.90 -12.21 33.65
C GLY E 347 -38.89 -11.18 33.07
N ILE E 348 -38.66 -10.73 31.84
CA ILE E 348 -39.54 -9.72 31.17
C ILE E 348 -40.99 -10.17 31.26
N GLU E 349 -41.30 -11.40 30.81
CA GLU E 349 -42.67 -12.00 30.72
C GLU E 349 -43.34 -12.05 32.11
N LYS E 350 -42.58 -12.05 33.21
CA LYS E 350 -43.08 -12.16 34.61
C LYS E 350 -42.89 -10.85 35.39
N GLY E 351 -42.68 -9.72 34.69
CA GLY E 351 -42.46 -8.37 35.24
C GLY E 351 -41.34 -8.29 36.28
N ILE E 352 -40.22 -8.96 36.08
CA ILE E 352 -39.11 -9.07 37.07
C ILE E 352 -38.02 -8.05 36.72
N ALA E 353 -37.78 -7.06 37.57
CA ALA E 353 -36.73 -6.03 37.40
C ALA E 353 -37.07 -5.12 36.20
N ASN E 354 -36.22 -4.15 35.91
CA ASN E 354 -36.43 -3.22 34.78
C ASN E 354 -35.08 -2.85 34.12
N SER E 355 -34.04 -3.65 34.36
CA SER E 355 -32.63 -3.34 34.01
C SER E 355 -31.80 -4.60 34.10
N ILE E 356 -30.77 -4.70 33.24
CA ILE E 356 -29.81 -5.84 33.16
C ILE E 356 -28.37 -5.29 33.15
N LEU E 357 -27.49 -5.91 33.93
CA LEU E 357 -26.04 -5.61 33.94
C LEU E 357 -25.35 -6.56 32.94
N ILE E 358 -24.84 -6.00 31.83
CA ILE E 358 -24.31 -6.75 30.65
C ILE E 358 -22.80 -6.99 30.89
N LYS E 359 -22.43 -8.25 31.10
CA LYS E 359 -21.01 -8.73 31.15
C LYS E 359 -20.87 -9.78 30.05
N PHE E 360 -19.95 -9.58 29.11
CA PHE E 360 -19.90 -10.44 27.90
C PHE E 360 -19.40 -11.85 28.29
N ASN E 361 -18.63 -11.97 29.37
CA ASN E 361 -18.10 -13.30 29.81
C ASN E 361 -19.12 -14.08 30.66
N GLN E 362 -20.34 -13.58 30.89
CA GLN E 362 -21.42 -14.34 31.56
C GLN E 362 -22.11 -15.22 30.53
N ILE E 363 -22.07 -14.83 29.26
CA ILE E 363 -22.68 -15.65 28.18
C ILE E 363 -21.59 -16.07 27.19
N GLY E 364 -20.57 -15.24 27.02
CA GLY E 364 -19.27 -15.64 26.47
C GLY E 364 -19.09 -15.37 24.99
N SER E 365 -19.98 -14.60 24.35
CA SER E 365 -19.75 -14.16 22.95
C SER E 365 -20.23 -12.73 22.77
N LEU E 366 -19.68 -12.02 21.79
CA LEU E 366 -20.17 -10.66 21.45
C LEU E 366 -21.60 -10.74 20.89
N THR E 367 -21.88 -11.70 20.01
CA THR E 367 -23.18 -11.81 19.31
C THR E 367 -24.30 -12.02 20.34
N GLU E 368 -24.09 -12.88 21.35
CA GLU E 368 -25.09 -13.19 22.40
C GLU E 368 -25.17 -11.98 23.34
N THR E 369 -24.08 -11.24 23.51
CA THR E 369 -24.05 -10.04 24.39
C THR E 369 -25.02 -9.01 23.79
N LEU E 370 -24.86 -8.67 22.51
CA LEU E 370 -25.72 -7.71 21.77
C LEU E 370 -27.18 -8.18 21.77
N ALA E 371 -27.44 -9.48 21.56
CA ALA E 371 -28.81 -10.05 21.57
C ALA E 371 -29.53 -9.74 22.91
N ALA E 372 -28.77 -9.70 24.02
CA ALA E 372 -29.25 -9.43 25.39
C ALA E 372 -29.51 -7.92 25.55
N ILE E 373 -28.59 -7.08 25.09
CA ILE E 373 -28.81 -5.60 25.07
C ILE E 373 -30.09 -5.28 24.26
N LYS E 374 -30.30 -5.94 23.12
CA LYS E 374 -31.44 -5.66 22.21
C LYS E 374 -32.74 -6.11 22.91
N MET E 375 -32.72 -7.27 23.56
CA MET E 375 -33.91 -7.82 24.26
C MET E 375 -34.33 -6.84 25.38
N ALA E 376 -33.39 -6.36 26.20
CA ALA E 376 -33.61 -5.33 27.24
C ALA E 376 -34.31 -4.12 26.60
N LYS E 377 -33.66 -3.44 25.65
CA LYS E 377 -34.13 -2.11 25.15
C LYS E 377 -35.52 -2.26 24.53
N ASP E 378 -35.76 -3.32 23.76
CA ASP E 378 -37.07 -3.66 23.16
C ASP E 378 -38.17 -3.75 24.23
N ALA E 379 -37.88 -4.23 25.43
CA ALA E 379 -38.87 -4.36 26.53
C ALA E 379 -38.88 -3.12 27.45
N GLY E 380 -38.23 -2.02 27.04
CA GLY E 380 -38.11 -0.82 27.88
C GLY E 380 -37.18 -1.01 29.07
N TYR E 381 -36.48 -2.14 29.24
CA TYR E 381 -35.44 -2.32 30.29
C TYR E 381 -34.21 -1.50 29.89
N THR E 382 -33.40 -1.04 30.86
CA THR E 382 -32.08 -0.39 30.60
C THR E 382 -30.97 -1.44 30.64
N ALA E 383 -29.87 -1.16 29.95
CA ALA E 383 -28.71 -2.06 29.83
C ALA E 383 -27.46 -1.32 30.31
N VAL E 384 -26.88 -1.78 31.42
CA VAL E 384 -25.69 -1.17 32.07
C VAL E 384 -24.50 -2.03 31.70
N ILE E 385 -23.62 -1.59 30.82
CA ILE E 385 -22.40 -2.37 30.48
C ILE E 385 -21.54 -2.45 31.75
N SER E 386 -21.00 -3.62 32.08
CA SER E 386 -20.29 -3.87 33.36
C SER E 386 -18.91 -4.46 33.13
N HIS E 387 -17.94 -4.03 33.96
CA HIS E 387 -16.69 -4.78 34.24
C HIS E 387 -16.98 -6.12 34.96
N ARG E 388 -15.93 -6.92 35.25
CA ARG E 388 -15.91 -7.95 36.33
C ARG E 388 -14.89 -7.49 37.40
N SER E 389 -14.84 -8.16 38.55
CA SER E 389 -13.98 -7.76 39.69
C SER E 389 -12.53 -7.95 39.23
N GLY E 390 -12.28 -9.06 38.53
CA GLY E 390 -11.02 -9.36 37.84
C GLY E 390 -11.02 -8.80 36.42
N GLU E 391 -10.29 -7.70 36.21
CA GLU E 391 -10.17 -7.00 34.91
C GLU E 391 -8.74 -7.13 34.34
N THR E 392 -8.47 -6.44 33.23
CA THR E 392 -7.16 -6.29 32.54
C THR E 392 -7.07 -4.84 32.03
N GLU E 393 -6.00 -4.48 31.34
CA GLU E 393 -5.80 -3.14 30.70
C GLU E 393 -6.74 -2.98 29.48
N ASP E 394 -7.40 -4.05 29.07
CA ASP E 394 -8.41 -4.06 27.99
C ASP E 394 -9.52 -3.05 28.32
N ALA E 395 -10.05 -2.33 27.34
CA ALA E 395 -11.07 -1.27 27.57
C ALA E 395 -12.26 -1.46 26.63
N THR E 396 -12.41 -2.67 26.06
CA THR E 396 -13.49 -3.09 25.13
C THR E 396 -14.87 -2.60 25.60
N ILE E 397 -15.14 -2.60 26.92
CA ILE E 397 -16.50 -2.24 27.42
C ILE E 397 -16.80 -0.77 27.12
N ALA E 398 -15.79 0.11 27.05
CA ALA E 398 -16.00 1.54 26.70
C ALA E 398 -16.56 1.64 25.28
N ASP E 399 -15.98 0.91 24.33
CA ASP E 399 -16.40 0.96 22.91
C ASP E 399 -17.76 0.27 22.79
N LEU E 400 -17.92 -0.84 23.51
CA LEU E 400 -19.21 -1.60 23.57
C LEU E 400 -20.35 -0.68 24.03
N ALA E 401 -20.16 0.07 25.13
CA ALA E 401 -21.17 0.99 25.71
C ALA E 401 -21.56 2.07 24.69
N VAL E 402 -20.58 2.78 24.11
CA VAL E 402 -20.80 3.81 23.04
C VAL E 402 -21.44 3.15 21.80
N GLY E 403 -20.88 2.03 21.34
CA GLY E 403 -21.32 1.34 20.10
C GLY E 403 -22.75 0.86 20.17
N THR E 404 -23.27 0.53 21.35
CA THR E 404 -24.66 0.00 21.50
C THR E 404 -25.57 1.09 22.05
N ALA E 405 -25.01 2.29 22.28
CA ALA E 405 -25.69 3.43 22.94
C ALA E 405 -26.46 2.89 24.16
N ALA E 406 -25.82 2.02 24.92
CA ALA E 406 -26.40 1.38 26.14
C ALA E 406 -26.92 2.45 27.10
N GLY E 407 -26.19 3.53 27.32
CA GLY E 407 -26.68 4.67 28.12
C GLY E 407 -26.01 4.75 29.49
N GLN E 408 -25.43 3.64 29.96
CA GLN E 408 -24.88 3.50 31.33
C GLN E 408 -23.71 2.50 31.33
N ILE E 409 -22.81 2.64 32.31
CA ILE E 409 -21.63 1.74 32.47
C ILE E 409 -21.25 1.63 33.95
N LYS E 410 -20.96 0.41 34.39
CA LYS E 410 -20.32 0.12 35.69
C LYS E 410 -18.90 -0.39 35.42
N THR E 411 -17.89 0.45 35.62
CA THR E 411 -16.48 0.06 35.37
C THR E 411 -15.60 0.58 36.49
N GLY E 412 -16.14 0.72 37.70
CA GLY E 412 -15.35 0.82 38.94
C GLY E 412 -15.16 2.21 39.47
N SER E 413 -14.42 2.30 40.58
CA SER E 413 -13.95 3.53 41.25
C SER E 413 -13.09 4.33 40.29
N MET E 414 -12.55 5.46 40.77
CA MET E 414 -11.61 6.34 40.00
C MET E 414 -10.18 6.07 40.48
N SER E 415 -9.85 4.80 40.71
CA SER E 415 -8.54 4.31 41.18
C SER E 415 -8.31 2.89 40.61
N ARG E 416 -7.07 2.57 40.22
CA ARG E 416 -6.67 1.31 39.52
C ARG E 416 -6.89 1.44 38.01
N SER E 417 -5.87 1.16 37.22
CA SER E 417 -5.91 1.30 35.73
C SER E 417 -6.76 0.18 35.13
N ASP E 418 -6.94 -0.94 35.85
CA ASP E 418 -7.94 -1.99 35.48
C ASP E 418 -9.36 -1.39 35.41
N ARG E 419 -9.59 -0.22 36.05
CA ARG E 419 -10.85 0.57 35.96
C ARG E 419 -10.66 1.82 35.07
N VAL E 420 -9.60 2.60 35.32
CA VAL E 420 -9.44 3.98 34.78
C VAL E 420 -9.09 3.96 33.28
N ALA E 421 -8.67 2.81 32.73
CA ALA E 421 -8.42 2.59 31.28
C ALA E 421 -9.73 2.74 30.48
N LYS E 422 -10.83 2.18 30.99
CA LYS E 422 -12.20 2.38 30.47
C LYS E 422 -12.58 3.87 30.54
N TYR E 423 -12.27 4.59 31.62
CA TYR E 423 -12.62 6.02 31.76
C TYR E 423 -11.76 6.81 30.77
N ASN E 424 -10.50 6.41 30.59
CA ASN E 424 -9.55 7.07 29.66
C ASN E 424 -10.07 6.87 28.24
N GLN E 425 -10.50 5.65 27.90
CA GLN E 425 -11.01 5.32 26.55
C GLN E 425 -12.30 6.13 26.29
N LEU E 426 -13.20 6.31 27.27
CA LEU E 426 -14.44 7.07 27.00
C LEU E 426 -14.08 8.53 26.70
N ILE E 427 -13.09 9.07 27.39
CA ILE E 427 -12.60 10.46 27.14
C ILE E 427 -12.17 10.57 25.67
N ARG E 428 -11.41 9.59 25.20
CA ARG E 428 -10.85 9.59 23.82
C ARG E 428 -11.98 9.52 22.80
N ILE E 429 -12.98 8.64 23.01
CA ILE E 429 -14.10 8.44 22.05
C ILE E 429 -14.95 9.71 22.02
N GLU E 430 -15.21 10.33 23.16
CA GLU E 430 -15.96 11.61 23.23
C GLU E 430 -15.14 12.73 22.58
N GLU E 431 -13.82 12.68 22.72
CA GLU E 431 -12.95 13.66 22.01
C GLU E 431 -13.22 13.55 20.50
N ALA E 432 -13.36 12.35 19.96
CA ALA E 432 -13.60 12.10 18.52
C ALA E 432 -15.02 12.53 18.12
N LEU E 433 -16.02 12.01 18.83
CA LEU E 433 -17.41 12.03 18.36
C LEU E 433 -18.08 13.36 18.73
N GLY E 434 -17.71 13.96 19.87
CA GLY E 434 -18.38 15.13 20.45
C GLY E 434 -19.87 14.92 20.60
N GLU E 435 -20.69 15.79 19.98
CA GLU E 435 -22.18 15.77 20.11
C GLU E 435 -22.81 14.66 19.26
N LYS E 436 -22.05 13.97 18.40
CA LYS E 436 -22.50 12.70 17.79
C LYS E 436 -22.66 11.64 18.88
N ALA E 437 -22.08 11.85 20.08
CA ALA E 437 -22.28 10.96 21.26
C ALA E 437 -22.75 11.76 22.48
N PRO E 438 -24.04 12.14 22.54
CA PRO E 438 -24.53 12.90 23.69
C PRO E 438 -24.27 12.15 24.98
N TYR E 439 -24.03 12.88 26.07
CA TYR E 439 -24.14 12.42 27.47
C TYR E 439 -25.52 12.85 28.01
N ASN E 440 -26.49 11.93 28.00
CA ASN E 440 -27.92 12.26 28.24
C ASN E 440 -28.23 12.43 29.75
N GLY E 441 -27.38 11.94 30.65
CA GLY E 441 -27.53 12.19 32.09
C GLY E 441 -28.68 11.39 32.67
N ARG E 442 -29.38 11.94 33.67
CA ARG E 442 -30.32 11.18 34.52
C ARG E 442 -31.37 10.48 33.67
N LYS E 443 -31.80 11.05 32.55
CA LYS E 443 -32.90 10.44 31.75
C LYS E 443 -32.51 9.03 31.23
N GLU E 444 -31.24 8.62 31.30
CA GLU E 444 -30.80 7.25 30.93
C GLU E 444 -31.32 6.24 31.95
N ILE E 445 -31.38 6.65 33.22
CA ILE E 445 -31.72 5.77 34.38
C ILE E 445 -33.24 5.50 34.31
N LYS E 446 -33.63 4.24 34.27
CA LYS E 446 -35.03 3.77 34.46
C LYS E 446 -35.61 4.39 35.74
N GLY E 447 -36.77 5.07 35.59
CA GLY E 447 -37.57 5.68 36.68
C GLY E 447 -37.61 7.20 36.64
N GLN E 448 -36.89 7.86 35.73
CA GLN E 448 -36.75 9.35 35.67
C GLN E 448 -37.50 9.87 34.41
N GLN F 11 13.06 2.73 -6.38
CA GLN F 11 12.25 3.49 -7.34
C GLN F 11 10.83 3.68 -6.78
N GLN F 12 10.29 2.81 -5.92
CA GLN F 12 9.14 3.14 -5.01
C GLN F 12 9.56 3.34 -3.55
N MET F 13 9.17 4.48 -2.98
CA MET F 13 9.36 4.93 -1.58
C MET F 13 8.29 4.29 -0.65
N GLY F 14 8.70 3.37 0.25
CA GLY F 14 7.86 2.82 1.33
C GLY F 14 7.20 3.89 2.19
N ARG F 15 6.05 3.57 2.79
CA ARG F 15 5.31 4.47 3.73
C ARG F 15 6.20 4.79 4.94
N GLY F 16 6.96 3.81 5.43
CA GLY F 16 7.94 3.94 6.54
C GLY F 16 8.90 5.11 6.38
N SER F 17 9.20 5.50 5.14
CA SER F 17 10.15 6.60 4.82
C SER F 17 9.52 7.96 5.14
N MET F 18 8.19 8.04 5.14
CA MET F 18 7.44 9.30 5.36
C MET F 18 7.20 9.49 6.85
N SER F 19 8.26 9.78 7.61
CA SER F 19 8.22 9.80 9.09
C SER F 19 8.34 11.25 9.61
N LYS F 20 8.01 12.23 8.76
CA LYS F 20 7.71 13.61 9.23
C LYS F 20 6.49 13.55 10.14
N ILE F 21 6.50 14.39 11.18
CA ILE F 21 5.37 14.71 12.10
C ILE F 21 4.39 15.63 11.36
N VAL F 22 3.10 15.27 11.35
CA VAL F 22 2.03 16.08 10.66
C VAL F 22 1.02 16.60 11.69
N LYS F 23 0.94 16.00 12.89
CA LYS F 23 0.01 16.42 13.95
C LYS F 23 0.52 15.89 15.28
N ILE F 24 0.39 16.70 16.34
CA ILE F 24 0.55 16.21 17.73
C ILE F 24 -0.64 16.68 18.57
N ILE F 25 -1.29 15.73 19.25
CA ILE F 25 -2.44 15.98 20.16
C ILE F 25 -2.02 15.65 21.60
N GLY F 26 -2.20 16.61 22.49
CA GLY F 26 -2.17 16.36 23.95
C GLY F 26 -3.58 16.35 24.51
N ARG F 27 -3.79 15.58 25.57
CA ARG F 27 -5.08 15.51 26.30
C ARG F 27 -4.86 15.12 27.76
N GLU F 28 -5.88 15.40 28.56
CA GLU F 28 -5.93 15.09 30.00
C GLU F 28 -6.66 13.73 30.15
N ILE F 29 -5.98 12.74 30.73
CA ILE F 29 -6.54 11.41 31.11
C ILE F 29 -6.28 11.25 32.61
N ILE F 30 -6.50 10.05 33.16
CA ILE F 30 -6.53 9.80 34.63
C ILE F 30 -5.55 8.67 34.94
N ASP F 31 -4.71 8.88 35.98
CA ASP F 31 -3.68 7.92 36.47
C ASP F 31 -4.36 6.94 37.43
N SER F 32 -3.59 6.05 38.08
CA SER F 32 -4.13 4.86 38.80
C SER F 32 -4.57 5.29 40.19
N ARG F 33 -4.40 6.57 40.50
CA ARG F 33 -4.72 7.21 41.81
C ARG F 33 -5.87 8.21 41.63
N GLY F 34 -6.36 8.37 40.40
CA GLY F 34 -7.49 9.27 40.06
C GLY F 34 -7.05 10.71 39.83
N ASN F 35 -5.74 10.97 39.78
CA ASN F 35 -5.20 12.31 39.46
C ASN F 35 -4.99 12.41 37.95
N PRO F 36 -5.16 13.60 37.32
CA PRO F 36 -4.83 13.78 35.91
C PRO F 36 -3.34 13.59 35.58
N THR F 37 -3.10 13.25 34.32
CA THR F 37 -1.75 13.24 33.71
C THR F 37 -1.94 13.62 32.23
N VAL F 38 -0.84 13.75 31.49
CA VAL F 38 -0.78 14.20 30.08
C VAL F 38 -0.62 12.98 29.17
N GLU F 39 -1.50 12.86 28.19
CA GLU F 39 -1.38 11.86 27.11
C GLU F 39 -1.10 12.60 25.82
N ALA F 40 -0.14 12.10 25.02
CA ALA F 40 0.27 12.69 23.71
C ALA F 40 0.05 11.67 22.59
N GLU F 41 -0.41 12.14 21.43
CA GLU F 41 -0.45 11.39 20.15
C GLU F 41 0.48 12.09 19.17
N VAL F 42 1.45 11.38 18.61
CA VAL F 42 2.32 11.90 17.50
C VAL F 42 1.88 11.17 16.24
N HIS F 43 1.54 11.93 15.19
CA HIS F 43 1.07 11.39 13.88
C HIS F 43 2.13 11.67 12.80
N LEU F 44 2.51 10.66 12.03
CA LEU F 44 3.51 10.78 10.93
C LEU F 44 2.80 10.82 9.58
N GLU F 45 3.29 11.66 8.65
CA GLU F 45 2.87 11.76 7.22
C GLU F 45 2.40 10.41 6.64
N GLY F 46 3.18 9.33 6.84
CA GLY F 46 2.90 8.01 6.26
C GLY F 46 1.87 7.21 7.04
N GLY F 47 1.12 7.83 7.98
CA GLY F 47 -0.02 7.21 8.69
C GLY F 47 0.36 6.32 9.87
N PHE F 48 1.42 6.68 10.60
CA PHE F 48 1.88 5.97 11.83
C PHE F 48 1.48 6.82 13.03
N VAL F 49 0.98 6.21 14.10
CA VAL F 49 0.59 6.92 15.34
C VAL F 49 1.31 6.29 16.53
N GLY F 50 1.91 7.12 17.37
CA GLY F 50 2.34 6.74 18.73
C GLY F 50 1.53 7.53 19.74
N MET F 51 1.17 6.86 20.84
CA MET F 51 0.40 7.42 21.98
C MET F 51 1.10 7.04 23.29
N ALA F 52 1.36 8.00 24.19
CA ALA F 52 2.03 7.73 25.49
C ALA F 52 1.53 8.68 26.58
N ALA F 53 1.55 8.24 27.84
CA ALA F 53 1.18 9.03 29.04
C ALA F 53 2.36 9.09 30.00
N ALA F 54 2.58 10.27 30.61
CA ALA F 54 3.45 10.50 31.78
C ALA F 54 2.87 9.81 33.02
N PRO F 55 3.69 9.13 33.85
CA PRO F 55 3.26 8.75 35.19
C PRO F 55 3.47 9.95 36.13
N SER F 56 3.08 9.81 37.40
CA SER F 56 3.25 10.83 38.48
C SER F 56 3.66 10.17 39.80
N GLY F 57 4.69 10.72 40.45
CA GLY F 57 5.18 10.23 41.76
C GLY F 57 4.33 10.75 42.91
N ALA F 58 4.07 9.90 43.92
CA ALA F 58 3.36 10.24 45.19
C ALA F 58 4.24 11.10 46.11
N SER F 59 5.56 10.85 46.14
CA SER F 59 6.59 11.73 46.78
C SER F 59 7.83 11.84 45.87
N THR F 60 7.93 12.97 45.18
CA THR F 60 8.99 13.29 44.19
C THR F 60 10.26 13.65 44.98
N GLY F 61 11.44 13.12 44.60
CA GLY F 61 12.76 13.67 44.98
C GLY F 61 12.81 15.16 44.69
N SER F 62 13.58 15.96 45.44
CA SER F 62 13.51 17.45 45.38
C SER F 62 14.17 18.00 44.09
N ARG F 63 14.98 17.17 43.40
CA ARG F 63 15.78 17.56 42.21
C ARG F 63 15.19 16.98 40.91
N GLU F 64 14.00 16.38 40.96
CA GLU F 64 13.20 15.91 39.78
C GLU F 64 12.84 17.10 38.89
N ALA F 65 12.65 16.86 37.58
CA ALA F 65 12.14 17.84 36.59
C ALA F 65 10.67 18.14 36.92
N LEU F 66 10.20 19.37 36.66
CA LEU F 66 8.90 19.87 37.19
C LEU F 66 7.74 19.13 36.53
N GLU F 67 6.92 18.46 37.34
CA GLU F 67 5.52 18.08 36.99
C GLU F 67 4.62 19.32 37.05
N LEU F 68 4.26 19.88 35.89
CA LEU F 68 3.42 21.10 35.77
C LEU F 68 1.95 20.75 36.02
N ARG F 69 1.41 21.23 37.14
CA ARG F 69 -0.04 21.17 37.48
C ARG F 69 -0.66 22.55 37.31
N ASP F 70 -1.98 22.63 37.21
CA ASP F 70 -2.74 23.88 36.92
C ASP F 70 -2.95 24.70 38.20
N GLY F 71 -2.92 24.08 39.39
CA GLY F 71 -3.23 24.69 40.71
C GLY F 71 -4.62 25.35 40.77
N ASP F 72 -5.59 24.95 39.93
CA ASP F 72 -6.98 25.50 39.85
C ASP F 72 -7.90 24.72 40.79
N LYS F 73 -8.18 25.28 41.98
CA LYS F 73 -8.92 24.61 43.09
C LYS F 73 -10.23 23.97 42.54
N SER F 74 -10.92 24.64 41.60
CA SER F 74 -12.26 24.25 41.08
C SER F 74 -12.20 23.09 40.05
N ARG F 75 -11.03 22.45 39.88
CA ARG F 75 -10.80 21.22 39.06
C ARG F 75 -9.81 20.31 39.78
N PHE F 76 -10.16 19.03 39.89
CA PHE F 76 -9.29 17.90 40.34
C PHE F 76 -8.48 18.28 41.59
N LEU F 77 -9.02 19.15 42.46
CA LEU F 77 -8.36 19.69 43.67
C LEU F 77 -7.05 20.40 43.26
N GLY F 78 -7.08 21.17 42.17
CA GLY F 78 -5.90 21.96 41.71
C GLY F 78 -4.88 21.14 40.91
N LYS F 79 -5.06 19.82 40.78
CA LYS F 79 -4.11 18.88 40.12
C LYS F 79 -4.47 18.65 38.64
N GLY F 80 -5.20 19.57 37.99
CA GLY F 80 -5.38 19.55 36.52
C GLY F 80 -4.04 19.54 35.79
N VAL F 81 -4.00 19.26 34.49
CA VAL F 81 -2.75 19.35 33.69
C VAL F 81 -3.04 20.00 32.32
N THR F 82 -4.07 20.87 32.26
CA THR F 82 -4.53 21.57 31.02
C THR F 82 -3.44 22.54 30.52
N LYS F 83 -2.56 23.01 31.41
CA LYS F 83 -1.47 23.96 31.06
C LYS F 83 -0.39 23.19 30.28
N ALA F 84 0.02 22.02 30.78
CA ALA F 84 0.93 21.05 30.10
C ALA F 84 0.32 20.55 28.75
N VAL F 85 -0.97 20.20 28.70
CA VAL F 85 -1.73 19.83 27.47
C VAL F 85 -1.70 20.98 26.45
N ALA F 86 -1.90 22.23 26.87
CA ALA F 86 -1.95 23.40 25.96
C ALA F 86 -0.57 23.60 25.33
N ALA F 87 0.48 23.22 26.07
CA ALA F 87 1.90 23.29 25.64
C ALA F 87 2.15 22.23 24.57
N VAL F 88 1.66 21.00 24.80
CA VAL F 88 1.71 19.94 23.77
C VAL F 88 1.03 20.47 22.51
N ASN F 89 -0.15 21.09 22.63
CA ASN F 89 -1.05 21.39 21.48
C ASN F 89 -0.55 22.61 20.69
N GLY F 90 0.27 23.50 21.27
CA GLY F 90 0.64 24.77 20.61
C GLY F 90 2.14 24.90 20.36
N PRO F 91 2.94 25.28 21.39
CA PRO F 91 4.37 25.48 21.19
C PRO F 91 5.18 24.26 20.73
N ILE F 92 4.96 23.11 21.37
CA ILE F 92 5.69 21.85 21.09
C ILE F 92 5.20 21.25 19.75
N ALA F 93 3.90 21.29 19.47
CA ALA F 93 3.30 20.82 18.20
C ALA F 93 3.91 21.62 17.05
N GLN F 94 3.87 22.95 17.14
CA GLN F 94 4.26 23.87 16.04
C GLN F 94 5.77 23.80 15.80
N ALA F 95 6.58 23.42 16.80
CA ALA F 95 8.05 23.27 16.70
C ALA F 95 8.47 21.92 16.10
N LEU F 96 7.58 20.92 16.11
CA LEU F 96 7.89 19.50 15.75
C LEU F 96 7.20 19.11 14.44
N ILE F 97 6.20 19.85 13.96
CA ILE F 97 5.62 19.54 12.62
C ILE F 97 6.78 19.55 11.61
N GLY F 98 6.87 18.55 10.72
CA GLY F 98 7.81 18.53 9.59
C GLY F 98 9.21 18.02 9.95
N LYS F 99 9.43 17.69 11.23
CA LYS F 99 10.69 17.13 11.76
C LYS F 99 10.59 15.62 11.78
N ASP F 100 11.73 14.93 11.80
CA ASP F 100 11.80 13.48 11.49
C ASP F 100 11.75 12.75 12.83
N ALA F 101 10.64 12.05 13.07
CA ALA F 101 10.34 11.29 14.32
C ALA F 101 11.45 10.27 14.61
N LYS F 102 12.03 9.69 13.56
CA LYS F 102 13.10 8.67 13.67
C LYS F 102 14.34 9.22 14.38
N ASP F 103 14.58 10.54 14.35
CA ASP F 103 15.69 11.25 15.06
C ASP F 103 15.24 11.58 16.50
N GLN F 104 15.13 10.58 17.38
CA GLN F 104 14.65 10.75 18.78
C GLN F 104 15.42 11.88 19.45
N ALA F 105 16.76 11.85 19.37
CA ALA F 105 17.67 12.76 20.09
C ALA F 105 17.40 14.21 19.68
N GLY F 106 17.10 14.42 18.41
CA GLY F 106 16.79 15.75 17.86
C GLY F 106 15.41 16.25 18.30
N ILE F 107 14.39 15.37 18.27
CA ILE F 107 13.02 15.72 18.70
C ILE F 107 13.16 16.19 20.16
N ASP F 108 13.81 15.36 20.97
CA ASP F 108 13.95 15.61 22.43
C ASP F 108 14.69 16.94 22.60
N LYS F 109 15.62 17.27 21.69
CA LYS F 109 16.49 18.47 21.78
C LYS F 109 15.67 19.73 21.46
N ILE F 110 14.79 19.67 20.46
CA ILE F 110 13.96 20.84 20.04
C ILE F 110 13.05 21.24 21.20
N MET F 111 12.58 20.26 21.96
CA MET F 111 11.66 20.47 23.10
C MET F 111 12.44 21.04 24.30
N ILE F 112 13.58 20.44 24.65
CA ILE F 112 14.43 20.89 25.79
C ILE F 112 14.87 22.35 25.60
N ASP F 113 15.20 22.72 24.35
CA ASP F 113 15.66 24.08 23.97
C ASP F 113 14.47 25.05 23.95
N LEU F 114 13.34 24.65 23.39
CA LEU F 114 12.13 25.54 23.29
C LEU F 114 11.60 25.88 24.70
N ASP F 115 11.52 24.87 25.59
CA ASP F 115 11.19 25.04 27.03
C ASP F 115 12.23 25.97 27.67
N GLY F 116 13.50 25.69 27.42
CA GLY F 116 14.62 26.61 27.70
C GLY F 116 14.96 26.73 29.18
N THR F 117 14.37 25.94 30.06
CA THR F 117 14.68 25.92 31.51
C THR F 117 15.45 24.63 31.86
N GLU F 118 16.03 24.58 33.06
CA GLU F 118 16.87 23.45 33.54
C GLU F 118 15.95 22.28 33.92
N ASN F 119 14.79 22.54 34.52
CA ASN F 119 13.90 21.49 35.11
C ASN F 119 12.60 21.35 34.30
N LYS F 120 12.59 21.88 33.08
CA LYS F 120 11.45 21.84 32.13
C LYS F 120 10.25 22.56 32.76
N SER F 121 10.49 23.68 33.44
CA SER F 121 9.50 24.39 34.30
C SER F 121 8.53 25.22 33.46
N LYS F 122 8.80 25.45 32.17
CA LYS F 122 7.90 26.23 31.28
C LYS F 122 6.73 25.36 30.79
N PHE F 123 6.98 24.33 29.96
CA PHE F 123 5.93 23.46 29.35
C PHE F 123 5.53 22.35 30.33
N GLY F 124 6.49 21.90 31.14
CA GLY F 124 6.36 20.79 32.10
C GLY F 124 6.91 19.47 31.59
N ALA F 125 7.69 18.77 32.42
CA ALA F 125 8.31 17.44 32.17
C ALA F 125 7.26 16.43 31.70
N ASN F 126 6.04 16.54 32.24
CA ASN F 126 4.89 15.64 31.94
C ASN F 126 4.41 15.88 30.49
N ALA F 127 4.43 17.13 30.00
CA ALA F 127 4.13 17.47 28.59
C ALA F 127 5.20 16.82 27.69
N ILE F 128 6.43 17.30 27.86
CA ILE F 128 7.62 16.90 27.03
C ILE F 128 7.74 15.38 27.04
N LEU F 129 7.69 14.72 28.21
CA LEU F 129 7.89 13.25 28.26
C LEU F 129 6.82 12.52 27.42
N ALA F 130 5.53 12.81 27.62
CA ALA F 130 4.44 12.19 26.84
C ALA F 130 4.66 12.33 25.31
N VAL F 131 5.15 13.48 24.82
CA VAL F 131 5.46 13.68 23.37
C VAL F 131 6.67 12.84 22.95
N SER F 132 7.76 12.93 23.72
CA SER F 132 9.01 12.12 23.59
C SER F 132 8.69 10.62 23.38
N LEU F 133 7.87 10.04 24.25
CA LEU F 133 7.59 8.57 24.26
C LEU F 133 6.64 8.24 23.12
N ALA F 134 5.68 9.11 22.84
CA ALA F 134 4.72 8.95 21.73
C ALA F 134 5.51 8.99 20.42
N ASN F 135 6.47 9.90 20.32
CA ASN F 135 7.31 10.08 19.12
C ASN F 135 8.04 8.75 18.83
N ALA F 136 8.69 8.17 19.84
CA ALA F 136 9.45 6.90 19.78
C ALA F 136 8.58 5.77 19.22
N LYS F 137 7.37 5.62 19.77
CA LYS F 137 6.36 4.63 19.30
C LYS F 137 6.05 4.88 17.82
N ALA F 138 5.91 6.13 17.40
CA ALA F 138 5.60 6.52 16.01
C ALA F 138 6.76 6.08 15.11
N ALA F 139 7.98 6.45 15.48
CA ALA F 139 9.22 6.05 14.77
C ALA F 139 9.27 4.52 14.68
N ALA F 140 9.06 3.82 15.79
CA ALA F 140 9.22 2.35 15.87
C ALA F 140 8.31 1.72 14.80
N ALA F 141 7.08 2.21 14.72
CA ALA F 141 6.05 1.76 13.76
C ALA F 141 6.55 2.05 12.35
N ALA F 142 7.03 3.27 12.13
CA ALA F 142 7.57 3.78 10.85
C ALA F 142 8.71 2.86 10.40
N LYS F 143 9.58 2.47 11.34
CA LYS F 143 10.76 1.60 11.09
C LYS F 143 10.32 0.13 11.03
N GLY F 144 9.05 -0.17 11.27
CA GLY F 144 8.50 -1.54 11.09
C GLY F 144 9.00 -2.52 12.14
N MET F 145 9.26 -2.04 13.36
CA MET F 145 9.73 -2.88 14.51
C MET F 145 8.92 -2.57 15.77
N PRO F 146 8.90 -3.49 16.76
CA PRO F 146 8.30 -3.19 18.05
C PRO F 146 9.18 -2.16 18.77
N LEU F 147 8.71 -1.65 19.92
CA LEU F 147 9.36 -0.51 20.61
C LEU F 147 10.65 -0.98 21.29
N TYR F 148 10.68 -2.21 21.80
CA TYR F 148 11.91 -2.77 22.45
C TYR F 148 13.06 -2.82 21.44
N GLU F 149 12.75 -3.11 20.17
CA GLU F 149 13.76 -3.17 19.07
C GLU F 149 14.17 -1.73 18.68
N HIS F 150 13.23 -0.80 18.58
CA HIS F 150 13.56 0.61 18.28
C HIS F 150 14.41 1.19 19.42
N ILE F 151 14.09 0.90 20.69
CA ILE F 151 14.82 1.46 21.88
C ILE F 151 16.27 0.96 21.85
N ALA F 152 16.46 -0.35 21.65
CA ALA F 152 17.79 -0.99 21.56
C ALA F 152 18.70 -0.20 20.61
N GLU F 153 18.19 0.14 19.42
CA GLU F 153 18.89 0.97 18.39
C GLU F 153 19.12 2.39 18.92
N LEU F 154 18.11 3.07 19.47
CA LEU F 154 18.26 4.43 20.06
C LEU F 154 19.32 4.44 21.19
N ASN F 155 19.53 3.29 21.83
CA ASN F 155 20.37 3.09 23.05
C ASN F 155 21.83 2.79 22.67
N GLY F 156 22.10 2.57 21.37
CA GLY F 156 23.42 2.20 20.85
C GLY F 156 23.75 0.72 21.06
N THR F 157 22.74 -0.15 21.23
CA THR F 157 22.92 -1.59 21.58
C THR F 157 21.95 -2.43 20.75
N PRO F 158 22.07 -2.37 19.41
CA PRO F 158 21.12 -3.03 18.53
C PRO F 158 21.05 -4.53 18.84
N GLY F 159 19.86 -5.11 18.89
CA GLY F 159 19.67 -6.57 18.97
C GLY F 159 20.18 -7.21 20.27
N LYS F 160 20.43 -6.43 21.32
CA LYS F 160 20.92 -6.90 22.65
C LYS F 160 19.77 -6.77 23.68
N TYR F 161 19.21 -7.90 24.11
CA TYR F 161 17.98 -7.95 24.93
C TYR F 161 18.11 -8.94 26.10
N SER F 162 17.49 -8.60 27.23
CA SER F 162 17.20 -9.53 28.37
C SER F 162 15.79 -9.26 28.90
N MET F 163 15.09 -10.31 29.33
CA MET F 163 13.91 -10.20 30.22
C MET F 163 14.39 -9.78 31.62
N PRO F 164 13.92 -8.64 32.17
CA PRO F 164 14.39 -8.13 33.45
C PRO F 164 13.99 -9.06 34.63
N VAL F 165 14.77 -9.05 35.72
CA VAL F 165 14.43 -9.74 37.00
C VAL F 165 13.67 -8.74 37.86
N PRO F 166 12.35 -9.00 38.11
CA PRO F 166 11.48 -8.06 38.85
C PRO F 166 11.54 -8.10 40.39
N MET F 167 11.61 -6.91 41.00
CA MET F 167 11.41 -6.67 42.46
C MET F 167 9.99 -6.13 42.68
N MET F 168 9.09 -7.01 43.15
CA MET F 168 7.62 -6.73 43.27
C MET F 168 7.30 -6.23 44.69
N ASN F 169 6.65 -5.07 44.82
CA ASN F 169 6.37 -4.37 46.12
C ASN F 169 5.13 -4.98 46.80
N ILE F 170 5.29 -6.06 47.61
CA ILE F 170 4.15 -6.85 48.19
C ILE F 170 3.88 -6.54 49.67
N ILE F 171 4.62 -5.64 50.33
CA ILE F 171 4.21 -4.99 51.62
C ILE F 171 4.56 -3.49 51.52
N ASN F 172 3.58 -2.64 51.21
CA ASN F 172 3.80 -1.18 51.04
C ASN F 172 4.06 -0.60 52.45
N GLY F 173 4.52 0.66 52.53
CA GLY F 173 4.80 1.44 53.77
C GLY F 173 4.76 2.94 53.49
N ASP F 182 6.58 2.03 57.82
CA ASP F 182 7.73 2.97 58.02
C ASP F 182 8.71 2.88 56.85
N ILE F 183 9.30 1.69 56.61
CA ILE F 183 10.03 1.31 55.34
C ILE F 183 8.96 1.29 54.23
N GLN F 184 9.19 2.05 53.13
CA GLN F 184 8.18 2.29 52.08
C GLN F 184 7.81 0.94 51.39
N GLU F 185 8.77 0.17 50.88
CA GLU F 185 8.46 -1.06 50.09
C GLU F 185 9.27 -2.24 50.64
N PHE F 186 8.67 -3.43 50.64
CA PHE F 186 9.35 -4.74 50.83
C PHE F 186 9.03 -5.63 49.61
N MET F 187 10.05 -5.96 48.79
CA MET F 187 9.88 -6.58 47.46
C MET F 187 10.45 -8.01 47.43
N ILE F 188 9.87 -8.88 46.60
CA ILE F 188 10.40 -10.25 46.31
C ILE F 188 10.96 -10.27 44.88
N GLN F 189 12.05 -11.03 44.67
CA GLN F 189 12.82 -11.15 43.40
C GLN F 189 12.92 -12.63 43.04
N PRO F 190 12.08 -13.13 42.10
CA PRO F 190 12.08 -14.55 41.75
C PRO F 190 13.27 -14.92 40.84
N VAL F 191 14.47 -14.95 41.44
CA VAL F 191 15.82 -15.10 40.81
C VAL F 191 16.04 -16.55 40.35
N GLY F 192 15.38 -17.51 41.01
CA GLY F 192 15.45 -18.95 40.70
C GLY F 192 14.51 -19.37 39.58
N ALA F 193 13.85 -18.42 38.92
CA ALA F 193 13.05 -18.69 37.70
C ALA F 193 13.99 -18.69 36.49
N LYS F 194 13.64 -19.50 35.48
CA LYS F 194 14.38 -19.64 34.18
C LYS F 194 13.83 -18.63 33.16
N THR F 195 12.52 -18.30 33.21
CA THR F 195 11.84 -17.32 32.30
C THR F 195 11.14 -16.25 33.15
N VAL F 196 10.77 -15.11 32.57
CA VAL F 196 9.98 -14.04 33.25
C VAL F 196 8.52 -14.51 33.46
N LYS F 197 7.98 -15.37 32.58
CA LYS F 197 6.64 -16.05 32.73
C LYS F 197 6.63 -16.89 34.02
N GLU F 198 7.71 -17.63 34.28
CA GLU F 198 7.93 -18.43 35.51
C GLU F 198 8.19 -17.51 36.71
N ALA F 199 8.93 -16.40 36.54
CA ALA F 199 9.17 -15.39 37.61
C ALA F 199 7.85 -14.75 38.04
N ILE F 200 6.98 -14.44 37.08
CA ILE F 200 5.63 -13.84 37.30
C ILE F 200 4.72 -14.83 38.04
N ARG F 201 4.76 -16.11 37.66
CA ARG F 201 3.96 -17.19 38.29
C ARG F 201 4.34 -17.38 39.77
N MET F 202 5.65 -17.34 40.07
CA MET F 202 6.20 -17.37 41.45
C MET F 202 5.65 -16.15 42.21
N GLY F 203 5.83 -14.94 41.67
CA GLY F 203 5.31 -13.69 42.27
C GLY F 203 3.82 -13.78 42.59
N SER F 204 3.00 -14.27 41.63
CA SER F 204 1.54 -14.50 41.79
C SER F 204 1.29 -15.41 43.01
N GLU F 205 1.99 -16.55 43.06
CA GLU F 205 1.77 -17.61 44.07
C GLU F 205 2.18 -17.09 45.44
N VAL F 206 3.32 -16.41 45.59
CA VAL F 206 3.73 -15.82 46.90
C VAL F 206 2.70 -14.75 47.34
N PHE F 207 2.26 -13.89 46.42
CA PHE F 207 1.31 -12.78 46.69
C PHE F 207 -0.03 -13.34 47.25
N HIS F 208 -0.54 -14.45 46.70
CA HIS F 208 -1.82 -15.07 47.10
C HIS F 208 -1.67 -15.88 48.40
N HIS F 209 -0.48 -16.42 48.66
CA HIS F 209 -0.15 -17.15 49.91
C HIS F 209 0.04 -16.12 51.03
N LEU F 210 0.59 -14.95 50.71
CA LEU F 210 0.76 -13.85 51.70
C LEU F 210 -0.60 -13.38 52.21
N ALA F 211 -1.66 -13.44 51.40
CA ALA F 211 -3.02 -12.97 51.76
C ALA F 211 -3.58 -13.91 52.83
N LYS F 212 -3.35 -15.20 52.65
CA LYS F 212 -3.83 -16.29 53.53
C LYS F 212 -3.12 -16.21 54.89
N VAL F 213 -1.83 -15.86 54.91
CA VAL F 213 -1.05 -15.58 56.15
C VAL F 213 -1.61 -14.36 56.90
N LEU F 214 -1.84 -13.24 56.20
CA LEU F 214 -2.40 -11.97 56.77
C LEU F 214 -3.85 -12.15 57.27
N LYS F 215 -4.66 -12.94 56.57
CA LYS F 215 -6.08 -13.26 56.93
C LYS F 215 -6.08 -14.14 58.20
N ALA F 216 -5.17 -15.11 58.29
CA ALA F 216 -5.00 -16.06 59.43
C ALA F 216 -4.57 -15.30 60.69
N LYS F 217 -3.84 -14.19 60.54
CA LYS F 217 -3.39 -13.28 61.65
C LYS F 217 -4.33 -12.06 61.78
N GLY F 218 -5.44 -12.04 61.03
CA GLY F 218 -6.53 -11.05 61.15
C GLY F 218 -6.14 -9.70 60.58
N MET F 219 -5.02 -9.62 59.86
CA MET F 219 -4.52 -8.34 59.33
C MET F 219 -5.20 -8.05 58.00
N ASN F 220 -5.22 -6.77 57.62
CA ASN F 220 -5.96 -6.17 56.46
C ASN F 220 -5.29 -6.63 55.15
N THR F 221 -6.07 -6.98 54.12
CA THR F 221 -5.55 -7.41 52.79
C THR F 221 -6.02 -6.48 51.65
N ALA F 222 -6.62 -5.32 51.96
CA ALA F 222 -6.75 -4.20 51.00
C ALA F 222 -5.36 -3.85 50.47
N VAL F 223 -5.27 -2.97 49.46
CA VAL F 223 -4.00 -2.70 48.72
C VAL F 223 -3.76 -1.19 48.60
N GLY F 224 -2.48 -0.78 48.57
CA GLY F 224 -2.03 0.60 48.29
C GLY F 224 -1.78 0.82 46.80
N ASP F 225 -1.12 1.93 46.45
CA ASP F 225 -0.94 2.39 45.05
C ASP F 225 -0.32 1.29 44.18
N GLU F 226 0.63 0.51 44.70
CA GLU F 226 1.45 -0.42 43.90
C GLU F 226 0.91 -1.86 44.03
N GLY F 227 -0.31 -2.04 44.56
CA GLY F 227 -1.03 -3.32 44.51
C GLY F 227 -0.53 -4.35 45.50
N GLY F 228 0.27 -3.91 46.47
CA GLY F 228 0.66 -4.72 47.64
C GLY F 228 -0.13 -4.35 48.88
N TYR F 229 -0.15 -5.25 49.86
CA TYR F 229 -0.85 -5.10 51.17
C TYR F 229 -0.18 -4.01 52.04
N ALA F 230 -0.96 -3.32 52.87
CA ALA F 230 -0.51 -2.20 53.74
C ALA F 230 -0.89 -2.46 55.19
N PRO F 231 -0.84 -3.73 55.66
CA PRO F 231 -1.46 -4.13 56.92
C PRO F 231 -0.69 -3.47 58.06
N ASN F 232 -1.32 -3.28 59.23
CA ASN F 232 -0.57 -2.73 60.38
C ASN F 232 0.25 -3.90 60.96
N LEU F 233 1.56 -3.70 61.02
CA LEU F 233 2.57 -4.68 61.53
C LEU F 233 3.27 -4.06 62.75
N GLY F 234 3.73 -4.93 63.68
CA GLY F 234 4.36 -4.52 64.95
C GLY F 234 5.60 -3.67 64.70
N SER F 235 6.60 -4.26 64.05
CA SER F 235 7.87 -3.59 63.66
C SER F 235 8.04 -3.70 62.14
N ASN F 236 8.94 -2.87 61.59
CA ASN F 236 9.44 -2.98 60.20
C ASN F 236 9.77 -4.45 59.93
N ALA F 237 10.58 -5.08 60.80
CA ALA F 237 11.10 -6.46 60.72
C ALA F 237 9.99 -7.48 60.40
N GLU F 238 8.82 -7.37 61.03
CA GLU F 238 7.71 -8.36 60.92
C GLU F 238 7.23 -8.42 59.46
N ALA F 239 7.28 -7.31 58.73
CA ALA F 239 7.05 -7.26 57.27
C ALA F 239 7.84 -8.37 56.58
N LEU F 240 9.10 -8.61 57.01
CA LEU F 240 10.03 -9.63 56.43
C LEU F 240 9.60 -11.04 56.85
N ALA F 241 9.24 -11.22 58.13
CA ALA F 241 8.80 -12.49 58.72
C ALA F 241 7.62 -13.06 57.90
N VAL F 242 6.56 -12.25 57.74
CA VAL F 242 5.31 -12.68 57.02
C VAL F 242 5.66 -13.03 55.58
N ILE F 243 6.51 -12.24 54.92
CA ILE F 243 6.97 -12.52 53.55
C ILE F 243 7.57 -13.92 53.52
N ALA F 244 8.42 -14.25 54.50
CA ALA F 244 9.14 -15.55 54.62
C ALA F 244 8.16 -16.72 54.79
N GLU F 245 7.09 -16.53 55.58
CA GLU F 245 6.01 -17.54 55.78
C GLU F 245 5.35 -17.85 54.43
N ALA F 246 4.98 -16.80 53.69
CA ALA F 246 4.27 -16.84 52.40
C ALA F 246 5.11 -17.66 51.42
N VAL F 247 6.36 -17.24 51.25
CA VAL F 247 7.33 -17.93 50.36
C VAL F 247 7.24 -19.44 50.69
N LYS F 248 7.34 -19.80 51.97
CA LYS F 248 7.43 -21.22 52.39
C LYS F 248 6.10 -21.92 52.09
N ALA F 249 4.97 -21.25 52.28
CA ALA F 249 3.61 -21.81 52.03
C ALA F 249 3.38 -22.01 50.51
N ALA F 250 4.00 -21.15 49.68
CA ALA F 250 4.02 -21.27 48.21
C ALA F 250 4.89 -22.45 47.74
N GLY F 251 5.70 -23.02 48.64
CA GLY F 251 6.60 -24.15 48.35
C GLY F 251 7.85 -23.69 47.60
N TYR F 252 8.38 -22.52 47.95
CA TYR F 252 9.58 -21.90 47.32
C TYR F 252 10.59 -21.50 48.41
N GLU F 253 11.86 -21.82 48.20
CA GLU F 253 12.92 -21.72 49.23
C GLU F 253 13.46 -20.29 49.24
N LEU F 254 13.23 -19.56 50.33
CA LEU F 254 13.87 -18.23 50.62
C LEU F 254 15.39 -18.35 50.45
N GLY F 255 16.03 -17.33 49.87
CA GLY F 255 17.49 -17.29 49.60
C GLY F 255 17.85 -17.83 48.22
N LYS F 256 17.38 -19.05 47.86
CA LYS F 256 17.68 -19.77 46.59
C LYS F 256 16.67 -19.38 45.50
N ASP F 257 15.37 -19.61 45.72
CA ASP F 257 14.31 -19.33 44.72
C ASP F 257 13.98 -17.85 44.69
N ILE F 258 13.94 -17.20 45.85
CA ILE F 258 13.42 -15.82 46.00
C ILE F 258 14.35 -15.05 46.92
N THR F 259 14.70 -13.82 46.54
CA THR F 259 15.50 -12.89 47.39
C THR F 259 14.61 -11.69 47.70
N LEU F 260 14.99 -10.90 48.72
CA LEU F 260 14.22 -9.71 49.16
C LEU F 260 15.02 -8.46 48.81
N ALA F 261 14.28 -7.36 48.69
CA ALA F 261 14.74 -6.02 48.32
C ALA F 261 13.81 -5.04 49.03
N MET F 262 14.33 -3.87 49.40
CA MET F 262 13.53 -2.78 50.03
C MET F 262 13.88 -1.46 49.38
N ASP F 263 12.96 -0.49 49.47
CA ASP F 263 13.20 0.96 49.31
C ASP F 263 12.73 1.64 50.59
N CYS F 264 13.67 2.09 51.40
CA CYS F 264 13.42 2.71 52.72
C CYS F 264 12.80 4.11 52.55
N ALA F 265 12.93 4.71 51.35
CA ALA F 265 12.53 6.10 51.03
C ALA F 265 12.90 6.98 52.24
N ALA F 266 14.10 6.74 52.79
CA ALA F 266 14.60 7.29 54.07
C ALA F 266 14.46 8.83 54.12
N SER F 267 14.51 9.55 53.00
CA SER F 267 14.34 11.04 52.97
C SER F 267 13.07 11.40 53.74
N GLU F 268 12.06 10.52 53.75
CA GLU F 268 10.74 10.75 54.39
C GLU F 268 10.90 10.81 55.93
N PHE F 269 11.59 9.85 56.57
CA PHE F 269 11.73 9.79 58.05
C PHE F 269 13.08 10.37 58.53
N TYR F 270 13.50 11.50 57.95
CA TYR F 270 14.77 12.21 58.27
C TYR F 270 14.46 13.63 58.72
N LYS F 271 14.82 13.97 59.95
CA LYS F 271 14.77 15.36 60.49
C LYS F 271 16.03 15.54 61.35
N ASP F 272 16.67 16.72 61.29
CA ASP F 272 17.82 17.12 62.14
C ASP F 272 18.75 15.91 62.30
N GLY F 273 19.51 15.60 61.23
CA GLY F 273 20.66 14.67 61.21
C GLY F 273 20.37 13.27 61.76
N LYS F 274 19.09 12.90 61.90
CA LYS F 274 18.67 11.61 62.50
C LYS F 274 17.49 11.02 61.73
N TYR F 275 17.46 9.67 61.69
CA TYR F 275 16.42 8.81 61.04
C TYR F 275 15.56 8.21 62.17
N VAL F 276 14.23 8.39 62.08
CA VAL F 276 13.23 8.13 63.17
C VAL F 276 12.13 7.17 62.66
N LEU F 277 11.96 6.01 63.33
CA LEU F 277 11.00 4.91 62.99
C LEU F 277 9.94 4.72 64.09
N ALA F 278 8.69 5.11 63.84
CA ALA F 278 7.53 4.91 64.73
C ALA F 278 7.84 3.85 65.80
N ASN F 282 10.06 4.39 68.41
CA ASN F 282 10.20 5.77 67.86
C ASN F 282 11.65 6.26 68.01
N LYS F 283 12.64 5.40 67.70
CA LYS F 283 14.07 5.61 68.00
C LYS F 283 14.69 6.61 67.02
N PHE F 285 18.03 7.29 65.10
CA PHE F 285 19.33 6.77 64.61
C PHE F 285 20.12 7.87 63.88
N THR F 286 21.46 7.78 63.92
CA THR F 286 22.42 8.55 63.06
C THR F 286 22.64 7.80 61.73
N SER F 287 23.28 8.45 60.75
CA SER F 287 23.59 7.87 59.41
C SER F 287 24.23 6.49 59.59
N GLU F 288 25.26 6.42 60.44
CA GLU F 288 26.08 5.21 60.69
C GLU F 288 25.23 4.18 61.42
N GLU F 289 24.43 4.61 62.40
CA GLU F 289 23.58 3.69 63.19
C GLU F 289 22.55 3.04 62.25
N PHE F 290 21.89 3.82 61.38
CA PHE F 290 20.82 3.35 60.48
C PHE F 290 21.39 2.36 59.45
N THR F 291 22.58 2.66 58.91
CA THR F 291 23.39 1.76 58.05
C THR F 291 23.56 0.38 58.72
N HIS F 292 23.84 0.36 60.02
CA HIS F 292 24.14 -0.87 60.82
C HIS F 292 22.83 -1.64 61.12
N PHE F 293 21.70 -0.94 61.29
CA PHE F 293 20.33 -1.53 61.42
C PHE F 293 20.02 -2.30 60.13
N LEU F 294 20.26 -1.67 58.97
CA LEU F 294 20.05 -2.26 57.60
C LEU F 294 21.02 -3.43 57.40
N GLU F 295 22.29 -3.22 57.80
CA GLU F 295 23.34 -4.26 57.80
C GLU F 295 22.88 -5.48 58.62
N GLU F 296 22.31 -5.26 59.80
CA GLU F 296 21.86 -6.39 60.66
C GLU F 296 20.80 -7.19 59.87
N LEU F 297 19.80 -6.51 59.30
CA LEU F 297 18.68 -7.14 58.54
C LEU F 297 19.22 -8.03 57.42
N THR F 298 20.39 -7.66 56.85
CA THR F 298 21.18 -8.36 55.80
C THR F 298 21.60 -9.78 56.23
N LYS F 299 21.70 -10.05 57.54
CA LYS F 299 21.69 -11.42 58.11
C LYS F 299 20.32 -11.67 58.77
N GLN F 300 19.92 -12.93 58.91
CA GLN F 300 18.56 -13.43 59.30
C GLN F 300 17.58 -13.33 58.10
N TYR F 301 17.79 -12.44 57.13
CA TYR F 301 16.94 -12.34 55.90
C TYR F 301 17.82 -12.08 54.67
N PRO F 302 17.67 -12.86 53.56
CA PRO F 302 18.45 -12.62 52.34
C PRO F 302 18.06 -11.33 51.60
N ILE F 303 18.22 -10.17 52.25
CA ILE F 303 18.07 -8.81 51.61
C ILE F 303 19.33 -8.56 50.78
N VAL F 304 19.17 -8.52 49.46
CA VAL F 304 20.27 -8.42 48.47
C VAL F 304 20.28 -7.05 47.78
N SER F 305 19.26 -6.21 48.00
CA SER F 305 19.16 -4.84 47.41
C SER F 305 18.45 -3.90 48.38
N ILE F 306 19.02 -2.71 48.60
CA ILE F 306 18.44 -1.65 49.45
C ILE F 306 18.48 -0.31 48.70
N GLU F 307 17.31 0.33 48.59
CA GLU F 307 17.06 1.56 47.80
C GLU F 307 16.77 2.76 48.72
N ASP F 308 17.29 3.96 48.37
CA ASP F 308 17.26 5.15 49.25
C ASP F 308 17.37 4.69 50.70
N GLY F 309 18.50 4.09 51.07
CA GLY F 309 18.83 3.69 52.45
C GLY F 309 18.98 4.89 53.40
N LEU F 310 19.27 6.07 52.86
CA LEU F 310 19.51 7.33 53.62
C LEU F 310 18.89 8.49 52.84
N ASP F 311 18.91 9.69 53.41
CA ASP F 311 18.29 10.91 52.82
C ASP F 311 18.97 11.20 51.47
N GLU F 312 18.26 11.87 50.57
CA GLU F 312 18.78 12.28 49.24
C GLU F 312 19.96 13.23 49.42
N SER F 313 20.03 13.98 50.53
CA SER F 313 21.04 15.06 50.75
C SER F 313 22.12 14.63 51.77
N ASP F 314 22.14 13.36 52.19
CA ASP F 314 23.14 12.80 53.15
C ASP F 314 24.21 12.01 52.38
N TRP F 315 25.10 12.70 51.65
CA TRP F 315 26.10 12.10 50.71
C TRP F 315 27.26 11.47 51.49
N ASP F 316 27.61 12.08 52.63
CA ASP F 316 28.59 11.55 53.61
C ASP F 316 28.13 10.16 54.07
N GLY F 317 26.88 10.06 54.52
CA GLY F 317 26.23 8.80 54.95
C GLY F 317 26.37 7.70 53.91
N PHE F 318 25.86 7.94 52.70
CA PHE F 318 25.86 6.97 51.57
C PHE F 318 27.30 6.49 51.33
N ALA F 319 28.26 7.42 51.30
CA ALA F 319 29.70 7.12 51.14
C ALA F 319 30.05 5.98 52.11
N TYR F 320 29.63 6.12 53.37
CA TYR F 320 29.90 5.14 54.47
C TYR F 320 29.14 3.83 54.22
N GLN F 321 27.85 3.92 53.85
CA GLN F 321 26.92 2.76 53.61
C GLN F 321 27.41 1.92 52.42
N THR F 322 28.02 2.58 51.42
CA THR F 322 28.59 1.96 50.20
C THR F 322 29.90 1.25 50.55
N LYS F 323 30.70 1.83 51.46
CA LYS F 323 31.90 1.18 52.07
C LYS F 323 31.47 -0.06 52.87
N VAL F 324 30.41 0.05 53.65
CA VAL F 324 30.00 -1.06 54.58
C VAL F 324 29.29 -2.17 53.80
N LEU F 325 28.39 -1.86 52.85
CA LEU F 325 27.45 -2.82 52.20
C LEU F 325 27.70 -2.96 50.67
N GLY F 326 28.46 -2.03 50.07
CA GLY F 326 28.64 -1.89 48.62
C GLY F 326 29.21 -3.10 47.91
N ASP F 327 29.83 -4.05 48.62
CA ASP F 327 30.45 -5.26 48.01
C ASP F 327 29.48 -6.46 48.04
N LYS F 328 28.62 -6.52 49.04
CA LYS F 328 27.69 -7.67 49.29
C LYS F 328 26.26 -7.32 48.84
N ILE F 329 25.90 -6.03 48.77
CA ILE F 329 24.50 -5.52 48.65
C ILE F 329 24.42 -4.45 47.55
N GLN F 330 23.48 -4.64 46.61
CA GLN F 330 23.00 -3.60 45.65
C GLN F 330 22.38 -2.45 46.46
N LEU F 331 22.93 -1.24 46.29
CA LEU F 331 22.47 0.01 46.94
C LEU F 331 22.00 0.98 45.84
N VAL F 332 20.69 1.21 45.76
CA VAL F 332 20.02 1.90 44.61
C VAL F 332 19.71 3.35 45.01
N GLY F 333 20.10 4.30 44.16
CA GLY F 333 19.74 5.71 44.32
C GLY F 333 18.46 5.99 43.55
N ASP F 334 17.42 6.47 44.23
CA ASP F 334 16.14 6.90 43.61
C ASP F 334 16.07 8.45 43.71
N ASP F 335 15.62 9.01 44.84
CA ASP F 335 15.61 10.47 45.11
C ASP F 335 17.03 11.05 45.04
N LEU F 336 18.02 10.19 45.32
CA LEU F 336 19.49 10.48 45.40
C LEU F 336 20.03 10.98 44.06
N PHE F 337 19.57 10.37 42.97
CA PHE F 337 20.08 10.54 41.58
C PHE F 337 19.04 11.18 40.64
N VAL F 338 17.74 11.00 40.90
CA VAL F 338 16.56 11.42 40.04
C VAL F 338 16.90 11.32 38.56
N THR F 339 17.34 10.14 38.12
CA THR F 339 17.55 9.76 36.70
C THR F 339 18.22 10.95 35.99
N ASN F 340 19.20 11.59 36.66
CA ASN F 340 19.91 12.83 36.21
C ASN F 340 21.43 12.57 36.08
N THR F 341 21.96 12.60 34.85
CA THR F 341 23.38 12.29 34.48
C THR F 341 24.30 13.20 35.32
N LYS F 342 23.94 14.47 35.51
CA LYS F 342 24.71 15.46 36.31
C LYS F 342 24.90 14.95 37.74
N ILE F 343 23.86 14.42 38.36
CA ILE F 343 23.90 13.97 39.77
C ILE F 343 24.59 12.60 39.84
N LEU F 344 24.22 11.66 38.96
CA LEU F 344 24.79 10.28 38.98
C LEU F 344 26.33 10.36 38.82
N LYS F 345 26.82 11.32 38.01
CA LYS F 345 28.25 11.44 37.66
C LYS F 345 29.05 11.78 38.93
N GLU F 346 28.64 12.86 39.61
CA GLU F 346 29.16 13.30 40.94
C GLU F 346 29.16 12.07 41.86
N GLY F 347 28.06 11.29 41.84
CA GLY F 347 27.86 10.09 42.67
C GLY F 347 28.74 8.90 42.29
N ILE F 348 29.04 8.68 41.01
CA ILE F 348 30.05 7.66 40.59
C ILE F 348 31.43 8.09 41.10
N GLU F 349 31.80 9.38 40.90
CA GLU F 349 33.13 10.00 41.23
C GLU F 349 33.47 9.82 42.72
N LYS F 350 32.47 9.90 43.60
CA LYS F 350 32.63 9.92 45.08
C LYS F 350 32.26 8.57 45.71
N GLY F 351 32.12 7.49 44.91
CA GLY F 351 31.85 6.11 45.38
C GLY F 351 30.49 5.92 46.05
N ILE F 352 29.43 6.53 45.51
CA ILE F 352 28.05 6.65 46.09
C ILE F 352 27.08 5.68 45.39
N ALA F 353 26.57 4.69 46.12
CA ALA F 353 25.64 3.64 45.67
C ALA F 353 26.34 2.74 44.65
N ASN F 354 25.67 1.71 44.15
CA ASN F 354 26.17 0.87 43.03
C ASN F 354 25.01 0.49 42.08
N SER F 355 24.04 1.39 41.90
CA SER F 355 22.73 1.11 41.24
C SER F 355 21.89 2.40 41.11
N ILE F 356 21.05 2.48 40.08
CA ILE F 356 20.13 3.64 39.90
C ILE F 356 18.72 3.15 39.51
N LEU F 357 17.72 3.84 40.03
CA LEU F 357 16.30 3.65 39.65
C LEU F 357 16.04 4.56 38.47
N ILE F 358 15.62 3.96 37.36
CA ILE F 358 15.38 4.68 36.07
C ILE F 358 13.88 4.98 35.97
N LYS F 359 13.56 6.27 36.00
CA LYS F 359 12.20 6.84 35.86
C LYS F 359 12.27 7.98 34.86
N PHE F 360 11.82 7.72 33.63
CA PHE F 360 11.93 8.68 32.51
C PHE F 360 11.32 10.02 32.95
N ASN F 361 10.30 10.04 33.83
CA ASN F 361 9.58 11.30 34.17
C ASN F 361 10.35 12.09 35.24
N GLN F 362 11.39 11.49 35.87
CA GLN F 362 12.32 12.20 36.81
C GLN F 362 13.13 13.26 36.05
N ILE F 363 13.51 13.01 34.77
CA ILE F 363 14.33 13.95 33.93
C ILE F 363 13.49 14.53 32.77
N GLY F 364 12.67 13.70 32.11
CA GLY F 364 11.51 14.15 31.30
C GLY F 364 11.61 13.87 29.80
N SER F 365 12.64 13.16 29.32
CA SER F 365 12.79 12.78 27.89
C SER F 365 13.41 11.39 27.81
N LEU F 366 13.16 10.68 26.71
CA LEU F 366 13.74 9.34 26.45
C LEU F 366 15.27 9.47 26.28
N THR F 367 15.74 10.47 25.56
CA THR F 367 17.19 10.59 25.22
C THR F 367 17.98 10.62 26.55
N GLU F 368 17.62 11.54 27.48
CA GLU F 368 18.27 11.77 28.81
C GLU F 368 18.18 10.52 29.71
N THR F 369 17.06 9.80 29.62
CA THR F 369 16.84 8.50 30.32
C THR F 369 17.86 7.45 29.86
N LEU F 370 18.12 7.34 28.55
CA LEU F 370 19.08 6.35 28.01
C LEU F 370 20.50 6.81 28.37
N ALA F 371 20.75 8.13 28.37
CA ALA F 371 22.02 8.70 28.89
C ALA F 371 22.33 8.07 30.27
N ALA F 372 21.42 8.21 31.22
CA ALA F 372 21.58 7.69 32.60
C ALA F 372 21.87 6.19 32.61
N ILE F 373 21.18 5.38 31.76
CA ILE F 373 21.33 3.89 31.72
C ILE F 373 22.76 3.54 31.27
N LYS F 374 23.31 4.33 30.33
CA LYS F 374 24.69 4.15 29.78
C LYS F 374 25.68 4.55 30.88
N MET F 375 25.60 5.77 31.42
CA MET F 375 26.54 6.27 32.46
C MET F 375 26.69 5.24 33.57
N ALA F 376 25.55 4.75 34.07
CA ALA F 376 25.50 3.77 35.18
C ALA F 376 26.27 2.53 34.74
N LYS F 377 25.87 1.91 33.61
CA LYS F 377 26.41 0.61 33.12
C LYS F 377 27.91 0.74 32.81
N ASP F 378 28.32 1.91 32.29
CA ASP F 378 29.73 2.28 32.03
C ASP F 378 30.53 2.23 33.35
N ALA F 379 29.98 2.76 34.45
CA ALA F 379 30.66 2.78 35.77
C ALA F 379 30.48 1.45 36.53
N GLY F 380 29.78 0.44 35.97
CA GLY F 380 29.50 -0.85 36.63
C GLY F 380 28.28 -0.81 37.59
N TYR F 381 27.53 0.30 37.63
CA TYR F 381 26.24 0.43 38.37
C TYR F 381 25.15 -0.31 37.60
N THR F 382 24.28 -1.05 38.31
CA THR F 382 23.04 -1.65 37.72
C THR F 382 22.01 -0.53 37.52
N ALA F 383 21.17 -0.72 36.50
CA ALA F 383 20.00 0.14 36.19
C ALA F 383 18.76 -0.71 36.45
N VAL F 384 17.86 -0.20 37.27
CA VAL F 384 16.54 -0.81 37.62
C VAL F 384 15.47 0.07 37.00
N ILE F 385 14.71 -0.46 36.03
CA ILE F 385 13.65 0.34 35.35
C ILE F 385 12.40 0.32 36.26
N SER F 386 11.78 1.49 36.46
CA SER F 386 10.79 1.72 37.53
C SER F 386 9.57 2.49 37.01
N HIS F 387 8.40 2.01 37.45
CA HIS F 387 7.12 2.77 37.52
C HIS F 387 7.26 3.94 38.50
N ARG F 388 6.35 4.91 38.44
CA ARG F 388 5.97 5.77 39.59
C ARG F 388 4.73 5.18 40.27
N SER F 389 4.32 5.73 41.41
CA SER F 389 3.14 5.26 42.19
C SER F 389 1.90 5.47 41.32
N GLY F 390 1.81 6.67 40.75
CA GLY F 390 0.86 7.02 39.68
C GLY F 390 1.28 6.38 38.36
N GLU F 391 0.60 5.32 37.94
CA GLU F 391 0.85 4.69 36.62
C GLU F 391 -0.36 4.89 35.70
N THR F 392 -0.24 4.45 34.46
CA THR F 392 -1.37 4.34 33.50
C THR F 392 -1.31 2.94 32.88
N GLU F 393 -2.20 2.67 31.93
CA GLU F 393 -2.33 1.39 31.16
C GLU F 393 -1.10 1.26 30.24
N ASP F 394 -0.34 2.35 30.12
CA ASP F 394 0.92 2.46 29.37
C ASP F 394 1.88 1.37 29.88
N ALA F 395 2.53 0.61 28.98
CA ALA F 395 3.50 -0.45 29.33
C ALA F 395 4.91 -0.11 28.81
N THR F 396 5.21 1.14 28.52
CA THR F 396 6.51 1.58 27.94
C THR F 396 7.71 0.98 28.71
N ILE F 397 7.69 1.00 30.04
CA ILE F 397 8.88 0.58 30.85
C ILE F 397 9.18 -0.91 30.61
N ALA F 398 8.19 -1.75 30.25
CA ALA F 398 8.41 -3.18 29.88
C ALA F 398 9.36 -3.27 28.65
N ASP F 399 9.02 -2.59 27.54
CA ASP F 399 9.87 -2.44 26.32
C ASP F 399 11.22 -1.78 26.67
N LEU F 400 11.23 -0.72 27.49
CA LEU F 400 12.48 0.00 27.85
C LEU F 400 13.46 -1.02 28.46
N ALA F 401 13.00 -1.72 29.51
CA ALA F 401 13.80 -2.67 30.31
C ALA F 401 14.44 -3.73 29.41
N VAL F 402 13.66 -4.24 28.48
CA VAL F 402 14.11 -5.30 27.54
C VAL F 402 15.10 -4.70 26.55
N GLY F 403 14.80 -3.51 26.02
CA GLY F 403 15.51 -2.92 24.88
C GLY F 403 16.81 -2.27 25.32
N THR F 404 16.99 -2.05 26.62
CA THR F 404 18.26 -1.56 27.22
C THR F 404 19.00 -2.70 27.94
N ALA F 405 18.54 -3.95 27.78
CA ALA F 405 18.95 -5.11 28.61
C ALA F 405 19.35 -4.62 30.01
N ALA F 406 18.44 -3.93 30.72
CA ALA F 406 18.74 -3.26 32.00
C ALA F 406 18.96 -4.32 33.08
N GLY F 407 18.21 -5.42 33.01
CA GLY F 407 18.43 -6.63 33.82
C GLY F 407 17.46 -6.74 34.99
N GLN F 408 16.85 -5.63 35.41
CA GLN F 408 15.97 -5.56 36.59
C GLN F 408 14.83 -4.58 36.30
N ILE F 409 13.69 -4.78 36.95
CA ILE F 409 12.51 -3.88 36.85
C ILE F 409 11.77 -3.85 38.21
N LYS F 410 11.34 -2.66 38.60
CA LYS F 410 10.38 -2.43 39.70
C LYS F 410 9.07 -1.92 39.08
N THR F 411 8.12 -2.82 38.84
CA THR F 411 6.82 -2.46 38.19
C THR F 411 5.64 -3.00 39.01
N GLY F 412 5.84 -3.20 40.32
CA GLY F 412 4.76 -3.21 41.34
C GLY F 412 4.43 -4.61 41.82
N SER F 413 3.37 -4.74 42.61
CA SER F 413 2.86 -6.05 43.11
C SER F 413 2.20 -6.80 41.93
N MET F 414 1.78 -8.03 42.17
CA MET F 414 1.06 -8.85 41.18
C MET F 414 -0.44 -8.55 41.34
N SER F 415 -0.78 -7.26 41.45
CA SER F 415 -2.19 -6.77 41.54
C SER F 415 -2.28 -5.32 41.04
N ARG F 416 -3.45 -4.97 40.50
CA ARG F 416 -3.71 -3.71 39.73
C ARG F 416 -3.07 -3.81 38.33
N SER F 417 -3.87 -3.64 37.28
CA SER F 417 -3.41 -3.69 35.88
C SER F 417 -2.44 -2.53 35.62
N ASP F 418 -2.47 -1.46 36.43
CA ASP F 418 -1.45 -0.36 36.39
C ASP F 418 -0.05 -0.95 36.63
N ARG F 419 0.04 -2.11 37.28
CA ARG F 419 1.28 -2.90 37.47
C ARG F 419 1.29 -4.07 36.47
N VAL F 420 0.24 -4.90 36.46
CA VAL F 420 0.16 -6.20 35.74
C VAL F 420 0.15 -5.97 34.22
N ALA F 421 -0.17 -4.75 33.74
CA ALA F 421 -0.06 -4.41 32.29
C ALA F 421 1.40 -4.64 31.85
N LYS F 422 2.35 -4.25 32.70
CA LYS F 422 3.80 -4.35 32.44
C LYS F 422 4.22 -5.83 32.47
N TYR F 423 3.77 -6.60 33.46
CA TYR F 423 4.06 -8.05 33.52
C TYR F 423 3.43 -8.72 32.29
N ASN F 424 2.26 -8.24 31.84
CA ASN F 424 1.52 -8.81 30.67
C ASN F 424 2.33 -8.54 29.39
N GLN F 425 2.92 -7.34 29.25
CA GLN F 425 3.82 -6.94 28.13
C GLN F 425 5.11 -7.77 28.15
N LEU F 426 5.73 -7.98 29.32
CA LEU F 426 6.96 -8.81 29.45
C LEU F 426 6.66 -10.21 28.89
N ILE F 427 5.52 -10.81 29.23
CA ILE F 427 5.16 -12.20 28.80
C ILE F 427 5.11 -12.23 27.28
N ARG F 428 4.49 -11.21 26.66
CA ARG F 428 4.30 -11.12 25.19
C ARG F 428 5.65 -10.94 24.51
N ILE F 429 6.51 -10.11 25.09
CA ILE F 429 7.87 -9.85 24.55
C ILE F 429 8.64 -11.18 24.58
N GLU F 430 8.75 -11.79 25.75
CA GLU F 430 9.51 -13.07 25.94
C GLU F 430 8.95 -14.17 25.02
N GLU F 431 7.65 -14.15 24.70
CA GLU F 431 7.03 -15.13 23.78
C GLU F 431 7.60 -14.92 22.36
N ALA F 432 7.85 -13.66 21.99
CA ALA F 432 8.43 -13.24 20.72
C ALA F 432 9.93 -13.61 20.67
N LEU F 433 10.73 -13.15 21.65
CA LEU F 433 12.22 -13.24 21.63
C LEU F 433 12.75 -14.63 22.01
N GLY F 434 12.11 -15.33 22.96
CA GLY F 434 12.64 -16.57 23.57
C GLY F 434 14.05 -16.37 24.10
N GLU F 435 15.00 -17.25 23.75
CA GLU F 435 16.37 -17.23 24.34
C GLU F 435 17.21 -16.06 23.79
N LYS F 436 16.73 -15.32 22.78
CA LYS F 436 17.31 -13.99 22.35
C LYS F 436 17.09 -12.95 23.45
N ALA F 437 16.20 -13.21 24.41
CA ALA F 437 16.07 -12.37 25.61
C ALA F 437 16.14 -13.22 26.87
N PRO F 438 17.32 -13.69 27.29
CA PRO F 438 17.42 -14.60 28.43
C PRO F 438 16.98 -13.90 29.72
N TYR F 439 16.36 -14.67 30.62
CA TYR F 439 16.20 -14.33 32.05
C TYR F 439 17.48 -14.79 32.76
N ASN F 440 18.27 -13.87 33.31
CA ASN F 440 19.63 -14.15 33.84
C ASN F 440 19.58 -14.53 35.32
N GLY F 441 18.47 -14.20 36.00
CA GLY F 441 18.29 -14.41 37.44
C GLY F 441 19.21 -13.53 38.28
N ARG F 442 19.79 -14.14 39.33
CA ARG F 442 20.38 -13.44 40.50
C ARG F 442 21.60 -12.63 40.04
N LYS F 443 22.33 -13.13 39.01
CA LYS F 443 23.61 -12.52 38.57
C LYS F 443 23.39 -11.07 38.12
N GLU F 444 22.15 -10.68 37.78
CA GLU F 444 21.79 -9.30 37.35
C GLU F 444 21.98 -8.30 38.50
N ILE F 445 21.82 -8.79 39.75
CA ILE F 445 21.77 -7.98 41.01
C ILE F 445 23.21 -7.72 41.47
N LYS F 446 23.61 -6.45 41.55
CA LYS F 446 24.92 -5.98 42.07
C LYS F 446 25.27 -6.72 43.39
N GLY F 447 26.43 -7.40 43.44
CA GLY F 447 26.94 -8.09 44.64
C GLY F 447 26.75 -9.59 44.63
N GLN F 448 26.28 -10.21 43.54
CA GLN F 448 26.16 -11.70 43.42
C GLN F 448 27.00 -12.16 42.23
O1 TLA G . -40.50 3.03 -14.88
O11 TLA G . -42.00 4.07 -15.97
C1 TLA G . -41.66 3.36 -15.09
C2 TLA G . -42.72 2.93 -14.20
O2 TLA G . -42.27 3.43 -12.92
C3 TLA G . -42.82 1.40 -14.39
O3 TLA G . -41.56 0.78 -14.04
C4 TLA G . -43.92 0.87 -13.46
O4 TLA G . -45.11 1.18 -13.71
O41 TLA G . -43.61 0.17 -12.43
S SO4 H . -28.90 -24.26 -13.54
O1 SO4 H . -28.46 -25.08 -14.64
O2 SO4 H . -29.00 -22.89 -14.00
O3 SO4 H . -30.18 -24.73 -13.07
O4 SO4 H . -27.95 -24.34 -12.45
MG MG I . -45.69 0.16 -11.81
S SO4 J . -23.10 18.55 -26.82
O1 SO4 J . -21.85 18.91 -26.19
O2 SO4 J . -22.97 18.50 -28.25
O3 SO4 J . -24.08 19.54 -26.47
O4 SO4 J . -23.55 17.25 -26.35
C1 GOL K . -16.31 -12.41 -3.03
O1 GOL K . -15.38 -12.43 -1.95
C2 GOL K . -16.38 -11.06 -3.75
O2 GOL K . -15.34 -10.20 -3.27
C3 GOL K . -16.31 -11.18 -5.26
O3 GOL K . -15.72 -10.03 -5.87
O1 TLA L . -23.74 -10.38 -35.08
O11 TLA L . -25.51 -10.97 -36.29
C1 TLA L . -24.38 -10.51 -36.12
C2 TLA L . -23.72 -10.08 -37.33
O2 TLA L . -22.44 -10.54 -36.91
C3 TLA L . -23.96 -8.57 -37.51
O3 TLA L . -23.47 -7.69 -36.45
C4 TLA L . -23.31 -8.18 -38.82
O4 TLA L . -23.70 -8.69 -39.89
O41 TLA L . -22.37 -7.37 -38.78
MG MG M . -22.24 -7.69 -41.13
C1 GOL N . -11.96 -12.99 -3.41
O1 GOL N . -12.52 -13.62 -2.26
C2 GOL N . -12.89 -11.92 -3.96
O2 GOL N . -13.18 -10.99 -2.91
C3 GOL N . -12.32 -11.19 -5.17
O3 GOL N . -13.34 -10.59 -5.97
S SO4 O . 1.97 -0.40 -3.99
O1 SO4 O . 2.66 -0.04 -5.21
O2 SO4 O . 2.22 -1.78 -3.70
O3 SO4 O . 2.49 0.40 -2.91
O4 SO4 O . 0.54 -0.19 -4.15
S SO4 P . 30.52 -17.50 -20.11
O1 SO4 P . 30.73 -17.54 -21.54
O2 SO4 P . 31.44 -18.42 -19.50
O3 SO4 P . 30.79 -16.18 -19.59
O4 SO4 P . 29.15 -17.87 -19.80
MG MG Q . 32.21 9.27 -33.04
O1 TLA R . 33.05 10.33 -31.19
O11 TLA R . 32.17 8.59 -30.25
C1 TLA R . 32.43 9.80 -30.24
C2 TLA R . 31.90 10.61 -29.05
O2 TLA R . 31.58 11.99 -29.36
C3 TLA R . 32.88 10.69 -27.94
O3 TLA R . 34.22 10.70 -28.39
C4 TLA R . 32.64 12.00 -27.37
O4 TLA R . 33.42 12.91 -27.65
O41 TLA R . 31.64 12.14 -26.66
S SO4 S . 22.80 -5.64 -44.22
O1 SO4 S . 23.93 -4.86 -44.64
O2 SO4 S . 23.10 -7.04 -44.38
O3 SO4 S . 22.52 -5.38 -42.82
O4 SO4 S . 21.67 -5.27 -45.03
C1 GOL T . -8.87 7.47 -14.28
O1 GOL T . -8.74 8.14 -15.53
C2 GOL T . -9.75 6.24 -14.36
O2 GOL T . -8.94 5.10 -14.60
C3 GOL T . -10.59 6.00 -13.11
O3 GOL T . -11.96 5.74 -13.42
OAH KVM U . 44.73 -2.48 -1.30
PAG KVM U . 44.70 -1.87 -2.79
OAI KVM U . 45.35 -2.94 -3.77
OAJ KVM U . 43.32 -1.72 -3.29
CAF KVM U . 45.77 -0.40 -2.72
CAE KVM U . 44.72 0.61 -3.12
CAB KVM U . 44.54 1.40 -2.04
OAA KVM U . 43.74 2.32 -2.09
NAC KVM U . 45.46 1.12 -1.07
OAD KVM U . 45.80 1.74 0.27
CAK KVM U . 46.20 0.08 -1.43
OAL KVM U . 47.16 -0.30 -0.75
S SO4 V . 30.70 25.21 -4.24
O1 SO4 V . 30.55 26.53 -4.80
O2 SO4 V . 30.61 24.22 -5.29
O3 SO4 V . 32.00 25.11 -3.58
O4 SO4 V . 29.65 24.95 -3.28
S SO4 W . 2.59 -0.58 4.02
O1 SO4 W . 3.03 0.05 2.78
O2 SO4 W . 2.53 -2.01 3.82
O3 SO4 W . 3.50 -0.27 5.09
O4 SO4 W . 1.29 -0.11 4.36
MG MG X . 47.37 0.94 1.05
C1 GOL Y . 14.95 10.23 1.65
O1 GOL Y . 15.60 11.48 1.41
C2 GOL Y . 15.53 9.11 0.80
O2 GOL Y . 15.01 7.85 1.26
C3 GOL Y . 15.24 9.28 -0.68
O3 GOL Y . 16.32 8.80 -1.49
S SO4 Z . 25.56 -2.13 -7.14
O1 SO4 Z . 25.55 -1.59 -8.48
O2 SO4 Z . 26.39 -3.32 -7.08
O3 SO4 Z . 26.07 -1.13 -6.23
O4 SO4 Z . 24.21 -2.45 -6.77
S SO4 AA . -14.17 19.59 32.35
O1 SO4 AA . -14.82 19.65 31.07
O2 SO4 AA . -13.16 20.62 32.42
O3 SO4 AA . -15.14 19.79 33.39
O4 SO4 AA . -13.53 18.32 32.52
MG MG BA . -23.35 -7.57 40.86
OAH KVM CA . -19.77 -10.53 39.51
PAG KVM CA . -18.44 -9.73 39.90
OAI KVM CA . -17.58 -9.37 38.74
OAJ KVM CA . -17.60 -10.67 40.90
CAF KVM CA . -19.18 -8.32 40.86
CAE KVM CA . -18.64 -7.04 40.23
CAB KVM CA . -19.75 -6.36 39.80
OAA KVM CA . -19.63 -5.26 39.23
NAC KVM CA . -20.90 -7.00 40.15
OAD KVM CA . -22.34 -6.64 39.92
CAK KVM CA . -20.59 -8.15 40.75
OAL KVM CA . -21.47 -8.91 41.19
S SO4 DA . 4.88 -22.41 33.79
O1 SO4 DA . 5.15 -22.21 32.39
O2 SO4 DA . 6.07 -22.11 34.54
O3 SO4 DA . 4.46 -23.78 34.01
O4 SO4 DA . 3.83 -21.50 34.19
S SO4 EA . -3.77 -1.63 0.81
O1 SO4 EA . -3.62 -0.50 -0.08
O2 SO4 EA . -2.96 -2.71 0.33
O3 SO4 EA . -3.35 -1.25 2.16
O4 SO4 EA . -5.15 -2.01 0.81
MG MG FA . 11.83 4.63 45.41
OAH KVM GA . 6.57 6.79 44.90
PAG KVM GA . 7.16 7.41 43.62
OAI KVM GA . 6.15 7.07 42.42
OAJ KVM GA . 7.54 8.86 43.69
CAF KVM GA . 8.56 6.44 43.42
CAE KVM GA . 9.50 7.04 44.47
CAB KVM GA . 9.93 5.93 45.15
OAA KVM GA . 10.72 5.99 46.08
NAC KVM GA . 9.42 4.81 44.63
OAD KVM GA . 9.62 3.70 45.00
CAK KVM GA . 8.55 5.07 43.67
OAL KVM GA . 8.00 4.17 43.01
#